data_9GU1
#
_entry.id   9GU1
#
_cell.length_a   1.00
_cell.length_b   1.00
_cell.length_c   1.00
_cell.angle_alpha   90.00
_cell.angle_beta   90.00
_cell.angle_gamma   90.00
#
_symmetry.space_group_name_H-M   'P 1'
#
loop_
_entity.id
_entity.type
_entity.pdbx_description
1 polymer 'Acetylcholine receptor subunit alpha'
2 polymer 'Acetylcholine receptor subunit beta'
3 polymer 'Fab35 light chain'
4 polymer 'Acetylcholine receptor subunit delta'
5 polymer 'Acetylcholine receptor subunit epsilon,Green fluorescent protein'
6 polymer 'Fab35 heavy chain'
7 polymer Alpha-bungarotoxin
8 branched alpha-D-mannopyranose-(1-2)-alpha-D-mannopyranose-(1-3)-[alpha-D-mannopyranose-(1-6)]alpha-D-mannopyranose-(1-6)-[alpha-D-mannopyranose-(1-2)-alpha-D-mannopyranose-(1-3)]beta-D-mannopyranose-(1-4)-2-acetamido-2-deoxy-beta-D-glucopyranose-(1-4)-2-acetamido-2-deoxy-beta-D-glucopyranose
9 branched beta-D-mannopyranose-(1-4)-2-acetamido-2-deoxy-beta-D-glucopyranose-(1-4)-2-acetamido-2-deoxy-beta-D-glucopyranose
10 branched alpha-D-mannopyranose-(1-3)-alpha-D-mannopyranose-(1-6)-[alpha-D-mannopyranose-(1-3)]beta-D-mannopyranose-(1-4)-2-acetamido-2-deoxy-beta-D-glucopyranose-(1-4)-2-acetamido-2-deoxy-beta-D-glucopyranose
11 branched 2-acetamido-2-deoxy-beta-D-glucopyranose-(1-4)-2-acetamido-2-deoxy-beta-D-glucopyranose
12 branched alpha-D-mannopyranose-(1-3)-beta-D-mannopyranose-(1-4)-2-acetamido-2-deoxy-beta-D-glucopyranose-(1-4)-2-acetamido-2-deoxy-beta-D-glucopyranose
13 branched alpha-D-mannopyranose-(1-2)-alpha-D-mannopyranose-(1-3)-[alpha-D-mannopyranose-(1-6)]alpha-D-mannopyranose-(1-6)-[alpha-D-mannopyranose-(1-3)]beta-D-mannopyranose-(1-4)-2-acetamido-2-deoxy-beta-D-glucopyranose-(1-4)-2-acetamido-2-deoxy-beta-D-glucopyranose
14 non-polymer 2-acetamido-2-deoxy-beta-D-glucopyranose
15 non-polymer 'COPPER (II) ION'
16 water water
#
loop_
_entity_poly.entity_id
_entity_poly.type
_entity_poly.pdbx_seq_one_letter_code
_entity_poly.pdbx_strand_id
1 'polypeptide(L)'
;SEHETRLVAKLFKDYSSVVRPVEDHRQVVEVTVGLQLIQLINVDEVNQIVTTNVRLKQQWVDYNLKWNPDDYGGVKKIHI
PSEKIWRPDLVLYNNADGDFAIVKFTKVLLQYTGHITWTPPAIFKSYCEIIVTHFPFDEQNCSMKLGTWTYDGSVVAINP
ESDQPDLSNFMESGEWVIKESRGWKHSVTYSCCPDTPYLDITYHFVMQRLPLYFIVNVIIPCLLFSFLTGLVFYLPTDSG
EKMTLSISVLLSLTVFLLVIVELIPSTSSAVPLIGKYMLFTMVFVIASIIITVIVINTHHRSPSTHVMPNWVRKVFIDTI
PNIMFFSTMKRPSREKQDKKIFTEDIDISDISGKPGPPPMGFHSPLIKHPEVKSAIEGIKYIAETMKSDQESNNAAAEWK
YVAMVMDHILLGVFMLVCIIGTLAVFAGRLIELNQQG
;
A,L
2 'polypeptide(L)'
;SEAEGRLREKLFSGYDSSVRPAREVGDRVRVSVGLILAQLISLNEKDEEMSTKVYLDLEWTDYRLSWDPAEHDGIDSLRI
TAESVWLPDVVLLNNNDGNFDVALDISVVVSSDGSVRWQPPGIYRSSCSIQVTYFPFDWQNCTMVFSSYSYDSSEVSLQT
GLGPDGQGHQEIHIHEGTFIENGQWEIIHKPSRLIQPPGDPRGGREGQRQEVIFYLIIRRKPLFYLVNVIAPCILITLLA
IFVFYLPPDAGEKMGLSIFALLTLTVFLLLLADKVPETSLSVPIIIKYLMFTMVLVTFSVILSVVVLNLHHRSPHTHQMP
LWVRQIFIHKLPLYLRLKRPKPERDLMPEPPHCSSPGSGWGRGTDEYFIRKPPSDFLFPKPNRFQPELSAPDLRRFIDGP
NRAVALLPELREVVSSISYIARQLQEQEDHDALKEDWQFVAMVVDRLFLWTFIIFTSVGTLVIFLDATYHLPPPDPFP
;
B
3 'polypeptide(L)'
;DIVITQSPSLLSASVGDRVTLTCKGSQNIDNYLAWYQQKLGEAPKLLIYKTNSLQTGIPSRFSGSGSGTDYTLTISSLHS
EDLATYYCYQYINGYTFGTGTKLELKRADAAPTVSIFPPSTEQLATGGASVVCLMNNFYPRDISVKWKIDGTERRDGVLD
SVTDQDSKDSTYSMSSTLSLTKADYESHNLYTCEVVHKTSSSPVVKSFNRNEC
;
C,G
4 'polypeptide(L)'
;LNEEERLIRHLFQEKGYNKELRPVAHKEESVDVALALTLSNLISLKEVEETLTTNVWIEHGWTDNRLKWNAEEFGNISVL
RLPPDMVWLPEIVLENNNDGSFQISYSCNVLVYHYGFVYWLPPAIFRSSCPISVTYFPFDWQNCSLKFSSLKYTAKEITL
SLKQDAKENRTYPVEWIIIDPEGFTENGEWEIVHRPARVNVDPRAPLDSPSRQDITFYLIIRRKPLFYIINILVPCVLIS
FMVNLVFYLPADSGEKTSVAISVLLAQSVFLLLISKRLPATSMAIPLIGKFLLFGMVLVTMVVVICVIVLNIHFRTPSTH
VLSEGVKKLFLETLPELLHMSRPAEDGPSPGALVRRSSSLGYISKAEEYFLLKSRSDLMFEKQSERHGLARRLTTARRPP
ASSEQAQQELFNELKPAVDGANFIVNHMRDQNNYNEEKDSWNRVARTVDRLCLFVVTPVMVVGTAWIFLQGVYNQPPPQP
FPGDPYSYNVQDKRFI
;
D
5 'polypeptide(L)'
;KNEELRLYHHLFNNYDPGSRPVREPEDTVTISLKVTLTNLISLNEKEETLTTSVWIGIDWQDYRLNYSKDDFGGIETLRV
PSELVWLPEIVLENNIDGQFGVAYDANVLVYEGGSVTWLPPAIYRSVCAVEVTYFPFDWQNCSLIFRSQTYNAEEVEFTF
AVDNDGKTINKIDIDTEAYTENGEWAIDFCPGVIRRHHGGATDGPGETDVIYSLIIRRKPLFYVINIIVPCVLISGLVLL
AYFLPAQAGGQKCTVSINVLLAQTVFLFLIAQKIPETSLSVPLLGRFLIFVMVVATLIVMNCVIVLNVSQRTPTTHAMSP
RLRHVLLELLPRLLGSPPPPEAPRAPPVATMVSKGEELFTGVVPILVELDGDVNGHKFSVSGEGEGDATYGKLTLKFICT
TGKLPVPWPTLVTTLTYGVQCFSRYPDHMKQHDFFKSAMPEGYVQERTIFFKDDGNYKTRAEVKFEGDTLVNRIELKGID
FKEDGNILGHKLEYNYNSHNVYIMADKQKNGIKVNFKIRHNIEDGSVQLADHYQQNTPIGDGPVLLPDNHYLSTQSALSK
DPNEKRDHMVLLEFVTAAGITLGMDELYKAPRAASPPRRASSVGLLLRAEELILKKPRSELVFEGQRHRQGTWTAAFCQS
LGAAAPEVRCCVDAVNFVAESTRDQEATGEEVSDWVRMGNALDNICFWAALVLFSVGSSLIFLGAYFNRVPDLPYAPCIQ
P
;
E
6 'polypeptide(L)'
;EVQLQESGPGLVQPSETLSLTCTVSGFSLTSYSVSWLRQPSGKGPEWMGRMWDDGGTVYNSGLKSRLSISRDTSKNQVFL
KMNSLQTDDTGTYYCTRDERIRAINWFAYWGQGTLVTVSSAETTAPSVYPLAPGTALKSNSMVTLGCLVKGYFPEPVTVT
WNSGALSSGVHTFPAVLQSGLYTLTSSVTVPSSTWPSQTVTCNVAHPGQQHQRWTRKLC
;
F,H
7 'polypeptide(L)' IVCHTTATSPISAVTCPPGENLCYRKMWCDAFCSSRGKVVELGCAATCPSKKPYEEVTCCSTDKCNPHPKQRPG I,J
#
loop_
_chem_comp.id
_chem_comp.type
_chem_comp.name
_chem_comp.formula
BMA D-saccharide, beta linking beta-D-mannopyranose 'C6 H12 O6'
CU non-polymer 'COPPER (II) ION' 'Cu 2'
MAN D-saccharide, alpha linking alpha-D-mannopyranose 'C6 H12 O6'
NAG D-saccharide, beta linking 2-acetamido-2-deoxy-beta-D-glucopyranose 'C8 H15 N O6'
#
# COMPACT_ATOMS: atom_id res chain seq x y z
N SER A 1 -17.92 28.28 4.31
CA SER A 1 -17.35 27.45 3.25
C SER A 1 -16.36 28.23 2.41
N GLU A 2 -16.76 29.43 1.99
CA GLU A 2 -15.83 30.30 1.27
C GLU A 2 -14.66 30.70 2.16
N HIS A 3 -14.97 31.13 3.39
CA HIS A 3 -13.94 31.44 4.37
C HIS A 3 -13.06 30.22 4.65
N GLU A 4 -13.69 29.07 4.89
CA GLU A 4 -12.90 27.88 5.21
C GLU A 4 -12.10 27.38 4.02
N THR A 5 -12.61 27.55 2.80
CA THR A 5 -11.83 27.21 1.62
C THR A 5 -10.57 28.06 1.55
N ARG A 6 -10.73 29.37 1.76
CA ARG A 6 -9.60 30.27 1.77
C ARG A 6 -8.61 29.88 2.87
N LEU A 7 -9.12 29.56 4.06
CA LEU A 7 -8.28 29.21 5.18
C LEU A 7 -7.44 27.96 4.91
N VAL A 8 -8.08 26.90 4.40
CA VAL A 8 -7.34 25.67 4.14
C VAL A 8 -6.28 25.90 3.07
N ALA A 9 -6.64 26.63 2.01
CA ALA A 9 -5.66 26.93 0.97
C ALA A 9 -4.47 27.68 1.53
N LYS A 10 -4.72 28.64 2.42
CA LYS A 10 -3.61 29.44 2.95
C LYS A 10 -2.79 28.66 3.97
N LEU A 11 -3.41 27.77 4.73
CA LEU A 11 -2.66 26.98 5.70
C LEU A 11 -1.70 26.04 5.00
N PHE A 12 -2.13 25.37 3.94
CA PHE A 12 -1.32 24.29 3.41
C PHE A 12 -0.51 24.66 2.16
N LYS A 13 -0.42 25.94 1.82
CA LYS A 13 0.32 26.33 0.63
C LYS A 13 1.78 25.94 0.71
N ASP A 14 2.40 26.09 1.88
CA ASP A 14 3.82 25.79 2.06
C ASP A 14 4.07 24.86 3.23
N TYR A 15 3.07 24.11 3.65
CA TYR A 15 3.23 23.21 4.79
C TYR A 15 4.16 22.06 4.44
N SER A 16 5.02 21.70 5.38
CA SER A 16 5.88 20.52 5.26
C SER A 16 5.52 19.54 6.35
N SER A 17 5.11 18.34 5.97
CA SER A 17 4.80 17.29 6.93
C SER A 17 6.01 16.47 7.33
N VAL A 18 7.20 16.81 6.84
CA VAL A 18 8.39 16.02 7.14
C VAL A 18 8.98 16.44 8.49
N VAL A 19 9.18 17.73 8.70
CA VAL A 19 9.86 18.20 9.89
C VAL A 19 8.87 18.38 11.03
N ARG A 20 9.40 18.37 12.26
CA ARG A 20 8.56 18.50 13.44
C ARG A 20 7.92 19.89 13.50
N PRO A 21 6.72 19.99 14.04
CA PRO A 21 6.00 21.26 14.03
C PRO A 21 6.39 22.21 15.16
N VAL A 22 7.67 22.37 15.42
CA VAL A 22 8.14 23.31 16.42
C VAL A 22 8.63 24.58 15.75
N GLU A 23 8.70 25.65 16.54
CA GLU A 23 9.28 26.91 16.07
C GLU A 23 10.81 26.86 16.08
N ASP A 24 11.36 26.18 17.07
CA ASP A 24 12.80 26.07 17.28
C ASP A 24 13.13 24.59 17.40
N HIS A 25 14.17 24.16 16.69
CA HIS A 25 14.49 22.74 16.66
C HIS A 25 14.91 22.22 18.03
N ARG A 26 15.29 23.10 18.95
CA ARG A 26 15.61 22.68 20.31
C ARG A 26 14.38 22.44 21.17
N GLN A 27 13.20 22.87 20.74
CA GLN A 27 11.98 22.58 21.47
C GLN A 27 11.56 21.13 21.31
N VAL A 28 10.80 20.65 22.28
CA VAL A 28 10.23 19.31 22.27
C VAL A 28 8.76 19.41 21.89
N VAL A 29 8.32 18.61 20.93
CA VAL A 29 6.89 18.45 20.68
C VAL A 29 6.31 17.63 21.81
N GLU A 30 5.28 18.15 22.46
CA GLU A 30 4.62 17.45 23.55
C GLU A 30 3.29 16.89 23.05
N VAL A 31 3.16 15.58 23.08
CA VAL A 31 1.99 14.87 22.57
C VAL A 31 1.28 14.26 23.76
N THR A 32 -0.01 14.55 23.90
CA THR A 32 -0.86 13.87 24.86
C THR A 32 -1.50 12.67 24.19
N VAL A 33 -1.40 11.51 24.83
CA VAL A 33 -1.90 10.25 24.28
C VAL A 33 -2.94 9.68 25.22
N GLY A 34 -4.12 9.39 24.69
CA GLY A 34 -5.18 8.75 25.44
C GLY A 34 -5.70 7.53 24.72
N LEU A 35 -5.80 6.42 25.41
CA LEU A 35 -6.32 5.18 24.85
C LEU A 35 -7.77 5.01 25.30
N GLN A 36 -8.68 4.87 24.35
CA GLN A 36 -10.06 4.50 24.64
C GLN A 36 -10.26 3.08 24.17
N LEU A 37 -10.67 2.21 25.06
CA LEU A 37 -10.91 0.82 24.74
C LEU A 37 -12.40 0.65 24.45
N ILE A 38 -12.72 0.37 23.20
CA ILE A 38 -14.10 0.24 22.76
C ILE A 38 -14.62 -1.17 22.96
N GLN A 39 -13.79 -2.17 22.69
CA GLN A 39 -14.24 -3.55 22.78
C GLN A 39 -13.03 -4.46 22.87
N LEU A 40 -13.08 -5.41 23.80
CA LEU A 40 -12.08 -6.49 23.88
C LEU A 40 -12.52 -7.61 22.95
N ILE A 41 -11.95 -7.65 21.76
CA ILE A 41 -12.45 -8.54 20.71
C ILE A 41 -12.14 -9.99 21.01
N ASN A 42 -10.91 -10.30 21.39
CA ASN A 42 -10.56 -11.71 21.54
C ASN A 42 -9.38 -11.87 22.48
N VAL A 43 -9.30 -13.02 23.13
CA VAL A 43 -8.11 -13.48 23.83
C VAL A 43 -7.73 -14.85 23.27
N ASP A 44 -6.51 -14.97 22.79
CA ASP A 44 -5.97 -16.20 22.22
C ASP A 44 -4.88 -16.70 23.16
N GLU A 45 -5.24 -17.66 24.01
CA GLU A 45 -4.26 -18.23 24.93
C GLU A 45 -3.24 -19.10 24.21
N VAL A 46 -3.63 -19.69 23.09
CA VAL A 46 -2.73 -20.60 22.38
C VAL A 46 -1.60 -19.81 21.72
N ASN A 47 -1.94 -18.77 20.97
CA ASN A 47 -0.94 -17.93 20.36
C ASN A 47 -0.55 -16.73 21.22
N GLN A 48 -1.21 -16.56 22.37
CA GLN A 48 -0.89 -15.49 23.32
C GLN A 48 -1.07 -14.11 22.69
N ILE A 49 -2.24 -13.87 22.13
CA ILE A 49 -2.54 -12.61 21.44
C ILE A 49 -3.88 -12.07 21.93
N VAL A 50 -3.90 -10.79 22.29
CA VAL A 50 -5.12 -10.12 22.71
C VAL A 50 -5.52 -9.13 21.63
N THR A 51 -6.76 -9.26 21.14
CA THR A 51 -7.29 -8.45 20.06
C THR A 51 -8.27 -7.45 20.65
N THR A 52 -8.01 -6.16 20.47
CA THR A 52 -8.82 -5.12 21.05
C THR A 52 -9.14 -4.05 20.01
N ASN A 53 -10.32 -3.48 20.16
CA ASN A 53 -10.80 -2.35 19.36
C ASN A 53 -10.55 -1.08 20.16
N VAL A 54 -9.78 -0.15 19.60
CA VAL A 54 -9.40 1.04 20.36
C VAL A 54 -9.57 2.29 19.51
N ARG A 55 -9.69 3.42 20.20
CA ARG A 55 -9.53 4.74 19.62
C ARG A 55 -8.31 5.36 20.29
N LEU A 56 -7.34 5.80 19.50
CA LEU A 56 -6.09 6.29 20.07
C LEU A 56 -6.03 7.81 19.89
N LYS A 57 -6.61 8.53 20.85
CA LYS A 57 -6.60 9.98 20.77
C LYS A 57 -5.20 10.54 21.00
N GLN A 58 -4.78 11.41 20.10
CA GLN A 58 -3.51 12.11 20.19
C GLN A 58 -3.77 13.60 20.07
N GLN A 59 -3.12 14.39 20.91
CA GLN A 59 -3.29 15.83 20.90
C GLN A 59 -1.93 16.50 20.91
N TRP A 60 -1.74 17.48 20.05
CA TRP A 60 -0.50 18.24 20.08
C TRP A 60 -0.74 19.59 19.42
N VAL A 61 0.19 20.51 19.61
CA VAL A 61 0.11 21.83 19.00
C VAL A 61 1.08 21.89 17.82
N ASP A 62 0.56 22.25 16.67
CA ASP A 62 1.36 22.51 15.48
C ASP A 62 1.55 24.02 15.36
N TYR A 63 2.81 24.46 15.43
CA TYR A 63 3.10 25.88 15.47
C TYR A 63 2.64 26.61 14.20
N ASN A 64 2.70 25.95 13.06
CA ASN A 64 2.44 26.61 11.79
C ASN A 64 0.97 26.63 11.40
N LEU A 65 0.08 25.99 12.17
CA LEU A 65 -1.33 25.90 11.81
C LEU A 65 -2.21 26.82 12.65
N LYS A 66 -1.66 27.93 13.14
CA LYS A 66 -2.46 28.97 13.78
C LYS A 66 -3.14 29.86 12.74
N TRP A 67 -4.27 30.43 13.12
CA TRP A 67 -4.86 31.51 12.34
C TRP A 67 -5.65 32.43 13.26
N ASN A 68 -5.96 33.62 12.75
CA ASN A 68 -6.79 34.57 13.45
C ASN A 68 -8.24 34.37 13.01
N PRO A 69 -9.16 34.04 13.92
CA PRO A 69 -10.55 33.76 13.49
C PRO A 69 -11.20 34.93 12.78
N ASP A 70 -10.88 36.16 13.14
CA ASP A 70 -11.52 37.31 12.53
C ASP A 70 -11.15 37.48 11.07
N ASP A 71 -10.01 36.94 10.64
CA ASP A 71 -9.69 36.96 9.22
C ASP A 71 -10.61 36.05 8.42
N TYR A 72 -11.23 35.07 9.06
CA TYR A 72 -12.02 34.06 8.35
C TYR A 72 -13.42 33.96 8.91
N GLY A 73 -14.05 35.09 9.18
CA GLY A 73 -15.45 35.12 9.50
C GLY A 73 -15.86 34.46 10.79
N GLY A 74 -14.92 34.22 11.69
CA GLY A 74 -15.21 33.54 12.92
C GLY A 74 -15.02 32.05 12.91
N VAL A 75 -14.42 31.49 11.86
CA VAL A 75 -14.07 30.08 11.82
C VAL A 75 -13.06 29.79 12.92
N LYS A 76 -13.47 29.02 13.93
CA LYS A 76 -12.59 28.67 15.03
C LYS A 76 -12.03 27.26 14.96
N LYS A 77 -12.64 26.37 14.19
CA LYS A 77 -12.12 25.03 14.05
C LYS A 77 -12.47 24.48 12.68
N ILE A 78 -11.63 23.58 12.18
CA ILE A 78 -11.85 22.94 10.89
C ILE A 78 -11.47 21.46 11.02
N HIS A 79 -11.93 20.67 10.05
CA HIS A 79 -11.56 19.27 9.93
C HIS A 79 -10.74 19.07 8.67
N ILE A 80 -9.57 18.46 8.81
CA ILE A 80 -8.67 18.32 7.66
C ILE A 80 -8.22 16.87 7.52
N PRO A 81 -7.86 16.41 6.33
CA PRO A 81 -7.32 15.05 6.18
C PRO A 81 -5.99 14.92 6.92
N SER A 82 -5.88 13.86 7.73
CA SER A 82 -4.70 13.69 8.55
C SER A 82 -3.46 13.33 7.75
N GLU A 83 -3.60 12.91 6.49
CA GLU A 83 -2.44 12.60 5.68
C GLU A 83 -1.62 13.82 5.33
N LYS A 84 -2.18 15.02 5.44
CA LYS A 84 -1.49 16.23 5.01
C LYS A 84 -0.51 16.75 6.05
N ILE A 85 -0.72 16.45 7.32
CA ILE A 85 0.03 17.07 8.40
C ILE A 85 1.10 16.11 8.91
N TRP A 86 2.06 16.67 9.66
CA TRP A 86 2.97 15.87 10.45
C TRP A 86 2.22 15.18 11.57
N ARG A 87 2.59 13.95 11.85
CA ARG A 87 1.98 13.18 12.91
C ARG A 87 3.05 12.45 13.70
N PRO A 88 2.85 12.26 15.00
CA PRO A 88 3.73 11.36 15.75
C PRO A 88 3.55 9.93 15.29
N ASP A 89 4.66 9.21 15.18
CA ASP A 89 4.65 7.84 14.67
C ASP A 89 4.49 6.81 15.79
N LEU A 90 3.40 6.88 16.54
CA LEU A 90 3.16 5.91 17.59
C LEU A 90 3.07 4.50 17.02
N VAL A 91 3.83 3.60 17.62
CA VAL A 91 3.90 2.19 17.24
C VAL A 91 3.57 1.38 18.48
N LEU A 92 2.82 0.30 18.28
CA LEU A 92 2.54 -0.70 19.31
C LEU A 92 3.72 -1.66 19.38
N TYR A 93 4.55 -1.50 20.41
CA TYR A 93 5.83 -2.21 20.46
C TYR A 93 5.66 -3.71 20.56
N ASN A 94 4.65 -4.16 21.31
CA ASN A 94 4.39 -5.59 21.47
C ASN A 94 3.33 -6.09 20.51
N ASN A 95 3.30 -5.56 19.30
CA ASN A 95 2.42 -6.07 18.26
C ASN A 95 2.70 -7.55 18.00
N ALA A 96 1.65 -8.36 17.99
CA ALA A 96 1.83 -9.76 17.68
C ALA A 96 1.89 -9.99 16.18
N ASP A 97 0.76 -9.87 15.50
CA ASP A 97 0.75 -10.07 14.05
C ASP A 97 -0.22 -9.14 13.33
N GLY A 98 -0.62 -8.04 13.96
CA GLY A 98 -1.43 -7.03 13.33
C GLY A 98 -0.60 -5.91 12.75
N ASP A 99 -1.22 -4.75 12.61
CA ASP A 99 -0.52 -3.55 12.18
C ASP A 99 0.25 -2.94 13.35
N PHE A 100 1.48 -2.52 13.08
CA PHE A 100 2.29 -1.86 14.10
C PHE A 100 1.81 -0.46 14.39
N ALA A 101 1.36 0.27 13.36
CA ALA A 101 0.98 1.66 13.47
C ALA A 101 -0.49 1.84 13.12
N ILE A 102 -0.93 3.09 13.19
CA ILE A 102 -2.27 3.46 12.72
C ILE A 102 -2.32 3.35 11.20
N VAL A 103 -3.41 2.79 10.68
CA VAL A 103 -3.60 2.68 9.24
C VAL A 103 -4.89 3.33 8.76
N LYS A 104 -5.85 3.63 9.65
CA LYS A 104 -7.09 4.31 9.28
C LYS A 104 -6.91 5.80 9.53
N PHE A 105 -6.48 6.51 8.50
CA PHE A 105 -6.19 7.94 8.62
C PHE A 105 -7.48 8.74 8.50
N THR A 106 -8.14 8.92 9.63
CA THR A 106 -9.34 9.72 9.75
C THR A 106 -9.01 11.21 9.79
N LYS A 107 -10.05 12.03 9.88
CA LYS A 107 -9.87 13.47 9.90
C LYS A 107 -9.32 13.97 11.22
N VAL A 108 -8.55 15.05 11.14
CA VAL A 108 -8.00 15.75 12.29
C VAL A 108 -8.84 17.00 12.55
N LEU A 109 -9.21 17.21 13.81
CA LEU A 109 -9.82 18.48 14.23
C LEU A 109 -8.74 19.48 14.57
N LEU A 110 -8.70 20.59 13.86
CA LEU A 110 -7.69 21.62 14.04
C LEU A 110 -8.36 22.90 14.52
N GLN A 111 -7.87 23.45 15.62
CA GLN A 111 -8.39 24.68 16.19
C GLN A 111 -7.47 25.85 15.88
N TYR A 112 -8.02 27.06 15.98
CA TYR A 112 -7.31 28.26 15.57
C TYR A 112 -6.03 28.49 16.38
N THR A 113 -5.95 27.94 17.59
CA THR A 113 -4.75 28.01 18.39
C THR A 113 -3.66 27.07 17.92
N GLY A 114 -3.92 26.29 16.86
CA GLY A 114 -2.99 25.29 16.40
C GLY A 114 -3.12 23.95 17.08
N HIS A 115 -4.03 23.81 18.04
CA HIS A 115 -4.20 22.55 18.74
C HIS A 115 -4.87 21.54 17.83
N ILE A 116 -4.24 20.38 17.68
CA ILE A 116 -4.70 19.28 16.85
C ILE A 116 -5.14 18.14 17.75
N THR A 117 -6.34 17.62 17.49
CA THR A 117 -6.84 16.38 18.06
C THR A 117 -7.08 15.39 16.94
N TRP A 118 -6.47 14.21 17.06
CA TRP A 118 -6.66 13.11 16.12
C TRP A 118 -7.13 11.90 16.90
N THR A 119 -8.16 11.22 16.43
CA THR A 119 -8.70 10.08 17.16
C THR A 119 -8.90 8.90 16.22
N PRO A 120 -7.81 8.34 15.68
CA PRO A 120 -7.95 7.24 14.74
C PRO A 120 -8.43 5.99 15.44
N PRO A 121 -9.22 5.16 14.78
CA PRO A 121 -9.49 3.82 15.28
C PRO A 121 -8.35 2.87 14.95
N ALA A 122 -8.24 1.82 15.75
CA ALA A 122 -7.29 0.77 15.48
C ALA A 122 -7.80 -0.54 16.04
N ILE A 123 -7.28 -1.62 15.49
CA ILE A 123 -7.38 -2.94 16.09
C ILE A 123 -5.98 -3.36 16.50
N PHE A 124 -5.77 -3.55 17.79
CA PHE A 124 -4.47 -3.91 18.34
C PHE A 124 -4.47 -5.40 18.62
N LYS A 125 -3.52 -6.12 18.03
CA LYS A 125 -3.26 -7.52 18.40
C LYS A 125 -1.96 -7.55 19.20
N SER A 126 -2.09 -7.29 20.49
CA SER A 126 -0.91 -7.24 21.33
C SER A 126 -0.50 -8.63 21.79
N TYR A 127 0.78 -8.76 22.14
CA TYR A 127 1.35 -9.99 22.63
C TYR A 127 1.53 -9.88 24.15
N CYS A 128 1.03 -10.86 24.89
CA CYS A 128 1.21 -10.87 26.33
C CYS A 128 1.31 -12.29 26.83
N GLU A 129 2.06 -12.48 27.91
CA GLU A 129 2.20 -13.79 28.51
C GLU A 129 0.87 -14.24 29.11
N ILE A 130 0.43 -15.44 28.75
CA ILE A 130 -0.82 -16.02 29.24
C ILE A 130 -0.50 -17.08 30.28
N ILE A 131 -1.11 -16.98 31.45
CA ILE A 131 -0.92 -17.93 32.53
C ILE A 131 -2.16 -18.80 32.59
N VAL A 132 -2.04 -20.04 32.09
CA VAL A 132 -3.18 -20.94 31.92
C VAL A 132 -3.40 -21.89 33.09
N THR A 133 -2.56 -21.83 34.14
CA THR A 133 -2.55 -22.89 35.14
C THR A 133 -3.91 -23.05 35.83
N HIS A 134 -4.59 -21.96 36.14
CA HIS A 134 -5.85 -22.01 36.87
C HIS A 134 -7.07 -22.05 35.96
N PHE A 135 -6.86 -22.23 34.66
CA PHE A 135 -7.94 -22.17 33.68
C PHE A 135 -9.05 -23.14 34.08
N PRO A 136 -10.33 -22.72 34.02
CA PRO A 136 -10.83 -21.48 33.43
C PRO A 136 -10.92 -20.29 34.39
N PHE A 137 -10.54 -20.42 35.65
CA PHE A 137 -10.75 -19.36 36.63
C PHE A 137 -9.60 -18.37 36.69
N ASP A 138 -8.87 -18.20 35.60
CA ASP A 138 -7.65 -17.41 35.57
C ASP A 138 -7.94 -15.94 35.31
N GLU A 139 -6.94 -15.11 35.57
CA GLU A 139 -6.97 -13.68 35.27
C GLU A 139 -5.67 -13.29 34.58
N GLN A 140 -5.78 -12.41 33.60
CA GLN A 140 -4.65 -12.05 32.76
C GLN A 140 -4.36 -10.57 32.88
N ASN A 141 -3.09 -10.25 33.12
CA ASN A 141 -2.56 -8.89 33.08
C ASN A 141 -1.93 -8.71 31.71
N CYS A 142 -2.63 -8.04 30.80
CA CYS A 142 -2.12 -7.86 29.45
C CYS A 142 -2.03 -6.39 29.12
N SER A 143 -1.02 -6.03 28.33
CA SER A 143 -0.58 -4.65 28.22
C SER A 143 -0.38 -4.28 26.76
N MET A 144 -0.29 -2.97 26.54
CA MET A 144 -0.09 -2.36 25.23
C MET A 144 0.97 -1.30 25.44
N LYS A 145 2.17 -1.57 24.93
CA LYS A 145 3.29 -0.63 25.00
C LYS A 145 3.28 0.23 23.75
N LEU A 146 2.97 1.51 23.90
CA LEU A 146 2.92 2.47 22.81
C LEU A 146 4.10 3.42 22.90
N GLY A 147 4.72 3.72 21.77
CA GLY A 147 5.73 4.75 21.77
C GLY A 147 6.08 5.20 20.38
N THR A 148 6.68 6.38 20.30
CA THR A 148 7.19 6.86 19.02
C THR A 148 8.39 6.01 18.59
N TRP A 149 8.33 5.51 17.36
CA TRP A 149 9.30 4.53 16.90
C TRP A 149 10.65 5.15 16.61
N THR A 150 10.68 6.32 15.96
CA THR A 150 11.93 6.90 15.50
C THR A 150 12.32 8.18 16.22
N TYR A 151 11.43 8.79 16.98
CA TYR A 151 11.74 9.96 17.80
C TYR A 151 12.05 9.53 19.22
N ASP A 152 13.08 10.12 19.81
CA ASP A 152 13.42 9.89 21.20
C ASP A 152 12.82 10.99 22.06
N GLY A 153 12.92 10.81 23.37
CA GLY A 153 12.22 11.68 24.29
C GLY A 153 12.70 13.11 24.31
N SER A 154 13.83 13.40 23.67
CA SER A 154 14.34 14.77 23.61
C SER A 154 13.76 15.56 22.45
N VAL A 155 12.96 14.96 21.57
CA VAL A 155 12.41 15.70 20.44
C VAL A 155 10.90 15.59 20.40
N VAL A 156 10.35 14.48 20.90
CA VAL A 156 8.91 14.30 21.02
C VAL A 156 8.65 13.67 22.38
N ALA A 157 8.03 14.42 23.29
CA ALA A 157 7.63 13.90 24.59
C ALA A 157 6.16 13.52 24.56
N ILE A 158 5.86 12.30 24.97
CA ILE A 158 4.48 11.81 25.05
C ILE A 158 4.07 11.76 26.51
N ASN A 159 2.86 12.21 26.80
CA ASN A 159 2.33 12.25 28.15
C ASN A 159 0.94 11.62 28.16
N PRO A 160 0.64 10.77 29.14
CA PRO A 160 -0.68 10.16 29.20
C PRO A 160 -1.74 11.19 29.55
N GLU A 161 -2.88 11.11 28.85
CA GLU A 161 -3.97 12.03 29.10
C GLU A 161 -4.52 11.86 30.51
N SER A 162 -4.62 10.62 30.96
CA SER A 162 -5.07 10.32 32.31
C SER A 162 -4.35 9.08 32.78
N ASP A 163 -4.31 8.89 34.10
CA ASP A 163 -3.68 7.71 34.64
C ASP A 163 -4.47 6.43 34.38
N GLN A 164 -5.69 6.52 33.87
CA GLN A 164 -6.42 5.33 33.49
C GLN A 164 -6.90 5.41 32.05
N PRO A 165 -7.01 4.28 31.36
CA PRO A 165 -7.65 4.26 30.05
C PRO A 165 -9.11 4.69 30.10
N ASP A 166 -9.63 5.19 28.97
CA ASP A 166 -11.02 5.59 28.88
C ASP A 166 -11.90 4.38 28.59
N LEU A 167 -12.76 4.02 29.53
CA LEU A 167 -13.68 2.90 29.38
C LEU A 167 -15.14 3.34 29.27
N SER A 168 -15.40 4.61 29.02
CA SER A 168 -16.78 5.11 28.99
C SER A 168 -17.58 4.50 27.84
N ASN A 169 -16.94 4.19 26.72
CA ASN A 169 -17.61 3.59 25.58
C ASN A 169 -17.36 2.09 25.47
N PHE A 170 -16.82 1.47 26.51
CA PHE A 170 -16.45 0.06 26.43
C PHE A 170 -17.69 -0.82 26.35
N MET A 171 -17.74 -1.67 25.32
CA MET A 171 -18.77 -2.68 25.20
C MET A 171 -18.43 -3.87 26.09
N GLU A 172 -19.43 -4.36 26.83
CA GLU A 172 -19.20 -5.46 27.77
C GLU A 172 -18.87 -6.75 27.02
N SER A 173 -17.68 -7.29 27.28
CA SER A 173 -17.30 -8.59 26.73
C SER A 173 -18.10 -9.70 27.39
N GLY A 174 -18.45 -10.71 26.60
CA GLY A 174 -19.18 -11.84 27.13
C GLY A 174 -18.37 -12.93 27.78
N GLU A 175 -17.05 -12.79 27.89
CA GLU A 175 -16.25 -13.86 28.47
C GLU A 175 -15.19 -13.33 29.43
N TRP A 176 -14.90 -12.04 29.37
CA TRP A 176 -13.88 -11.44 30.20
C TRP A 176 -14.39 -10.16 30.83
N VAL A 177 -14.05 -9.95 32.10
CA VAL A 177 -14.37 -8.73 32.83
C VAL A 177 -13.06 -8.03 33.16
N ILE A 178 -12.97 -6.76 32.79
CA ILE A 178 -11.79 -5.96 33.13
C ILE A 178 -11.83 -5.60 34.61
N LYS A 179 -11.00 -6.29 35.39
CA LYS A 179 -10.94 -6.00 36.82
C LYS A 179 -10.39 -4.61 37.07
N GLU A 180 -9.30 -4.25 36.39
CA GLU A 180 -8.76 -2.91 36.54
C GLU A 180 -7.94 -2.55 35.31
N SER A 181 -7.55 -1.28 35.22
CA SER A 181 -6.72 -0.83 34.13
C SER A 181 -5.93 0.40 34.56
N ARG A 182 -4.83 0.65 33.88
CA ARG A 182 -3.94 1.74 34.31
C ARG A 182 -2.89 2.01 33.24
N GLY A 183 -2.54 3.28 33.05
CA GLY A 183 -1.45 3.63 32.15
C GLY A 183 -0.27 4.26 32.84
N TRP A 184 0.93 3.74 32.62
CA TRP A 184 2.16 4.28 33.18
C TRP A 184 3.11 4.74 32.09
N LYS A 185 3.59 5.97 32.20
CA LYS A 185 4.69 6.44 31.36
C LYS A 185 6.04 6.05 31.95
N HIS A 186 6.94 5.56 31.10
CA HIS A 186 8.27 5.14 31.48
C HIS A 186 9.32 5.87 30.64
N SER A 187 10.51 6.04 31.22
CA SER A 187 11.61 6.82 30.64
C SER A 187 12.91 6.07 30.86
N VAL A 188 13.26 5.22 29.90
CA VAL A 188 14.46 4.39 29.97
C VAL A 188 15.67 5.20 29.55
N THR A 189 16.81 4.87 30.16
CA THR A 189 18.10 5.50 29.89
C THR A 189 19.08 4.45 29.40
N TYR A 190 19.97 4.82 28.50
CA TYR A 190 20.93 3.90 27.92
C TYR A 190 22.34 4.43 28.08
N SER A 191 23.31 3.52 28.01
CA SER A 191 24.70 3.86 28.28
C SER A 191 25.34 4.70 27.18
N CYS A 192 24.75 4.75 25.99
CA CYS A 192 25.25 5.67 24.98
C CYS A 192 25.03 7.12 25.35
N CYS A 193 23.95 7.40 26.09
CA CYS A 193 23.29 8.69 26.00
C CYS A 193 22.74 9.04 27.37
N PRO A 194 23.54 9.69 28.21
CA PRO A 194 23.03 10.15 29.51
C PRO A 194 21.97 11.23 29.37
N ASP A 195 21.94 11.94 28.25
CA ASP A 195 21.06 13.10 28.12
C ASP A 195 19.67 12.74 27.62
N THR A 196 19.57 11.84 26.63
CA THR A 196 18.31 11.66 25.94
C THR A 196 17.56 10.48 26.52
N PRO A 197 16.39 10.69 27.10
CA PRO A 197 15.55 9.58 27.54
C PRO A 197 14.78 8.98 26.39
N TYR A 198 14.40 7.71 26.55
CA TYR A 198 13.47 7.07 25.63
C TYR A 198 12.18 6.78 26.36
N LEU A 199 11.06 7.24 25.81
CA LEU A 199 9.80 7.28 26.51
C LEU A 199 8.83 6.27 25.91
N ASP A 200 8.00 5.69 26.77
CA ASP A 200 6.89 4.90 26.29
C ASP A 200 5.74 5.06 27.26
N ILE A 201 4.54 4.78 26.80
CA ILE A 201 3.37 4.66 27.67
C ILE A 201 2.89 3.23 27.57
N THR A 202 2.89 2.53 28.69
CA THR A 202 2.38 1.17 28.74
C THR A 202 1.02 1.22 29.44
N TYR A 203 -0.03 0.96 28.68
CA TYR A 203 -1.34 0.72 29.25
C TYR A 203 -1.43 -0.75 29.62
N HIS A 204 -2.12 -1.05 30.70
CA HIS A 204 -2.33 -2.44 31.04
C HIS A 204 -3.74 -2.62 31.57
N PHE A 205 -4.26 -3.82 31.37
CA PHE A 205 -5.59 -4.18 31.79
C PHE A 205 -5.47 -5.52 32.50
N VAL A 206 -6.04 -5.59 33.69
CA VAL A 206 -6.18 -6.83 34.43
C VAL A 206 -7.62 -7.28 34.22
N MET A 207 -7.78 -8.35 33.46
CA MET A 207 -9.07 -8.86 33.04
C MET A 207 -9.25 -10.26 33.61
N GLN A 208 -10.48 -10.57 34.02
CA GLN A 208 -10.77 -11.85 34.63
C GLN A 208 -11.76 -12.64 33.77
N ARG A 209 -11.56 -13.95 33.68
CA ARG A 209 -12.45 -14.77 32.88
C ARG A 209 -13.78 -15.00 33.58
N LEU A 210 -14.82 -15.08 32.79
CA LEU A 210 -16.12 -15.54 33.27
C LEU A 210 -16.23 -17.03 33.00
N PRO A 211 -16.08 -17.87 34.01
CA PRO A 211 -15.85 -19.30 33.78
C PRO A 211 -17.11 -20.12 33.52
N LEU A 212 -18.30 -19.53 33.63
CA LEU A 212 -19.54 -20.30 33.62
C LEU A 212 -19.62 -21.24 32.43
N TYR A 213 -19.28 -20.74 31.24
CA TYR A 213 -19.38 -21.57 30.05
C TYR A 213 -18.56 -22.83 30.20
N PHE A 214 -17.30 -22.70 30.61
CA PHE A 214 -16.44 -23.86 30.72
C PHE A 214 -16.91 -24.77 31.85
N ILE A 215 -17.59 -24.22 32.85
CA ILE A 215 -18.22 -25.06 33.86
C ILE A 215 -19.27 -25.96 33.21
N VAL A 216 -20.15 -25.37 32.41
CA VAL A 216 -21.30 -26.13 31.90
C VAL A 216 -20.84 -27.14 30.85
N ASN A 217 -20.02 -26.71 29.90
CA ASN A 217 -19.71 -27.52 28.73
C ASN A 217 -18.55 -28.48 28.92
N VAL A 218 -17.72 -28.28 29.93
CA VAL A 218 -16.52 -29.11 30.08
C VAL A 218 -16.50 -29.77 31.45
N ILE A 219 -16.61 -28.97 32.50
CA ILE A 219 -16.42 -29.48 33.86
C ILE A 219 -17.53 -30.45 34.23
N ILE A 220 -18.78 -30.09 33.94
CA ILE A 220 -19.91 -30.92 34.36
C ILE A 220 -19.89 -32.31 33.71
N PRO A 221 -19.67 -32.46 32.40
CA PRO A 221 -19.57 -33.83 31.84
C PRO A 221 -18.45 -34.64 32.45
N CYS A 222 -17.27 -34.04 32.64
CA CYS A 222 -16.16 -34.76 33.26
C CYS A 222 -16.52 -35.21 34.68
N LEU A 223 -17.20 -34.34 35.43
CA LEU A 223 -17.65 -34.70 36.77
C LEU A 223 -18.63 -35.87 36.72
N LEU A 224 -19.54 -35.84 35.74
CA LEU A 224 -20.50 -36.95 35.59
C LEU A 224 -19.78 -38.26 35.29
N PHE A 225 -18.80 -38.23 34.39
CA PHE A 225 -18.05 -39.44 34.08
C PHE A 225 -17.27 -39.93 35.30
N SER A 226 -16.66 -39.01 36.05
CA SER A 226 -15.94 -39.40 37.26
C SER A 226 -16.88 -40.05 38.26
N PHE A 227 -18.09 -39.49 38.42
CA PHE A 227 -19.05 -40.06 39.36
C PHE A 227 -19.52 -41.44 38.90
N LEU A 228 -19.77 -41.59 37.59
CA LEU A 228 -20.15 -42.89 37.06
C LEU A 228 -19.02 -43.91 37.11
N THR A 229 -17.77 -43.46 37.27
CA THR A 229 -16.64 -44.38 37.26
C THR A 229 -16.72 -45.37 38.41
N GLY A 230 -16.88 -44.87 39.64
CA GLY A 230 -16.86 -45.74 40.80
C GLY A 230 -18.11 -46.59 40.97
N LEU A 231 -19.18 -46.25 40.26
CA LEU A 231 -20.45 -46.96 40.42
C LEU A 231 -20.33 -48.43 40.06
N VAL A 232 -19.33 -48.80 39.24
CA VAL A 232 -19.15 -50.20 38.85
C VAL A 232 -18.96 -51.12 40.06
N PHE A 233 -18.34 -50.61 41.13
CA PHE A 233 -18.09 -51.41 42.31
C PHE A 233 -19.35 -51.68 43.12
N TYR A 234 -20.43 -50.97 42.84
CA TYR A 234 -21.74 -51.28 43.40
C TYR A 234 -22.45 -52.36 42.59
N LEU A 235 -22.11 -52.50 41.32
CA LEU A 235 -22.72 -53.47 40.43
C LEU A 235 -22.32 -54.88 40.79
N PRO A 236 -23.26 -55.80 41.02
CA PRO A 236 -22.89 -57.17 41.38
C PRO A 236 -22.12 -57.88 40.27
N THR A 237 -21.23 -58.78 40.69
CA THR A 237 -20.47 -59.58 39.72
C THR A 237 -21.38 -60.53 38.95
N ASP A 238 -22.43 -61.04 39.59
CA ASP A 238 -23.37 -61.94 38.93
C ASP A 238 -24.03 -61.32 37.71
N SER A 239 -24.07 -59.98 37.63
CA SER A 239 -24.63 -59.34 36.44
C SER A 239 -23.76 -59.57 35.22
N GLY A 240 -22.44 -59.71 35.40
CA GLY A 240 -21.51 -59.77 34.30
C GLY A 240 -21.29 -58.48 33.55
N GLU A 241 -22.05 -57.43 33.86
CA GLU A 241 -21.97 -56.17 33.15
C GLU A 241 -20.91 -55.22 33.71
N LYS A 242 -20.14 -55.64 34.71
CA LYS A 242 -19.15 -54.76 35.32
C LYS A 242 -18.15 -54.26 34.28
N MET A 243 -17.57 -55.19 33.51
CA MET A 243 -16.61 -54.81 32.48
C MET A 243 -17.27 -53.97 31.39
N THR A 244 -18.47 -54.36 30.96
CA THR A 244 -19.17 -53.59 29.95
C THR A 244 -19.37 -52.14 30.38
N LEU A 245 -19.86 -51.95 31.61
CA LEU A 245 -20.05 -50.62 32.15
C LEU A 245 -18.74 -49.83 32.18
N SER A 246 -17.69 -50.41 32.77
CA SER A 246 -16.44 -49.67 32.91
C SER A 246 -15.85 -49.32 31.55
N ILE A 247 -15.83 -50.27 30.63
CA ILE A 247 -15.25 -50.04 29.31
C ILE A 247 -16.06 -49.01 28.53
N SER A 248 -17.39 -49.07 28.62
CA SER A 248 -18.21 -48.12 27.88
C SER A 248 -18.11 -46.71 28.48
N VAL A 249 -17.96 -46.59 29.80
CA VAL A 249 -17.69 -45.29 30.40
C VAL A 249 -16.34 -44.76 29.93
N LEU A 250 -15.34 -45.63 29.87
CA LEU A 250 -14.04 -45.24 29.32
C LEU A 250 -14.19 -44.72 27.90
N LEU A 251 -14.97 -45.42 27.08
CA LEU A 251 -15.15 -45.03 25.68
C LEU A 251 -15.87 -43.69 25.57
N SER A 252 -16.90 -43.47 26.39
CA SER A 252 -17.61 -42.20 26.36
C SER A 252 -16.70 -41.05 26.80
N LEU A 253 -15.87 -41.29 27.82
CA LEU A 253 -14.90 -40.28 28.22
C LEU A 253 -13.90 -40.01 27.11
N THR A 254 -13.49 -41.04 26.38
CA THR A 254 -12.56 -40.85 25.28
C THR A 254 -13.19 -40.02 24.16
N VAL A 255 -14.47 -40.28 23.86
CA VAL A 255 -15.17 -39.48 22.85
C VAL A 255 -15.32 -38.04 23.32
N PHE A 256 -15.65 -37.83 24.59
CA PHE A 256 -15.75 -36.47 25.12
C PHE A 256 -14.40 -35.77 25.16
N LEU A 257 -13.31 -36.53 25.20
CA LEU A 257 -11.98 -35.93 25.13
C LEU A 257 -11.79 -35.17 23.83
N LEU A 258 -12.44 -35.62 22.75
CA LEU A 258 -12.44 -34.86 21.50
C LEU A 258 -13.05 -33.48 21.70
N VAL A 259 -14.20 -33.41 22.38
CA VAL A 259 -14.84 -32.13 22.67
C VAL A 259 -13.92 -31.27 23.54
N ILE A 260 -13.30 -31.88 24.54
CA ILE A 260 -12.39 -31.15 25.42
C ILE A 260 -11.26 -30.51 24.60
N VAL A 261 -10.63 -31.30 23.73
CA VAL A 261 -9.54 -30.79 22.91
C VAL A 261 -10.05 -29.70 21.96
N GLU A 262 -11.28 -29.84 21.48
CA GLU A 262 -11.86 -28.82 20.62
C GLU A 262 -12.11 -27.52 21.38
N LEU A 263 -12.33 -27.59 22.69
CA LEU A 263 -12.71 -26.42 23.47
C LEU A 263 -11.54 -25.80 24.25
N ILE A 264 -10.77 -26.62 24.97
CA ILE A 264 -9.73 -26.10 25.86
C ILE A 264 -8.51 -25.65 25.04
N PRO A 265 -7.71 -24.71 25.54
CA PRO A 265 -6.49 -24.33 24.84
C PRO A 265 -5.48 -25.47 24.81
N SER A 266 -4.83 -25.63 23.66
CA SER A 266 -3.82 -26.67 23.48
C SER A 266 -2.43 -26.17 23.85
N THR A 267 -2.37 -25.24 24.81
CA THR A 267 -1.08 -24.68 25.24
C THR A 267 -0.20 -25.73 25.89
N SER A 268 1.10 -25.66 25.60
CA SER A 268 2.10 -26.52 26.22
C SER A 268 2.92 -25.82 27.29
N SER A 269 2.64 -24.54 27.55
CA SER A 269 3.37 -23.82 28.60
C SER A 269 3.13 -24.46 29.96
N ALA A 270 1.88 -24.82 30.26
CA ALA A 270 1.53 -25.52 31.48
C ALA A 270 0.19 -26.21 31.25
N VAL A 271 -0.09 -27.20 32.08
CA VAL A 271 -1.36 -27.91 31.97
C VAL A 271 -2.46 -27.05 32.60
N PRO A 272 -3.54 -26.77 31.89
CA PRO A 272 -4.69 -26.09 32.51
C PRO A 272 -5.31 -26.97 33.57
N LEU A 273 -5.95 -26.32 34.55
CA LEU A 273 -6.55 -27.06 35.67
C LEU A 273 -7.60 -28.05 35.17
N ILE A 274 -8.38 -27.66 34.16
CA ILE A 274 -9.31 -28.61 33.56
C ILE A 274 -8.56 -29.75 32.87
N GLY A 275 -7.36 -29.47 32.33
CA GLY A 275 -6.55 -30.55 31.79
C GLY A 275 -6.09 -31.52 32.85
N LYS A 276 -5.64 -30.99 33.99
CA LYS A 276 -5.35 -31.81 35.17
C LYS A 276 -6.55 -32.68 35.53
N TYR A 277 -7.72 -32.06 35.62
CA TYR A 277 -8.93 -32.79 36.02
C TYR A 277 -9.29 -33.88 35.00
N MET A 278 -9.14 -33.60 33.71
CA MET A 278 -9.40 -34.59 32.68
C MET A 278 -8.45 -35.77 32.81
N LEU A 279 -7.15 -35.49 32.95
CA LEU A 279 -6.19 -36.56 33.08
C LEU A 279 -6.43 -37.36 34.35
N PHE A 280 -6.76 -36.68 35.44
CA PHE A 280 -7.13 -37.35 36.67
C PHE A 280 -8.30 -38.31 36.47
N THR A 281 -9.35 -37.83 35.79
CA THR A 281 -10.51 -38.68 35.54
C THR A 281 -10.15 -39.87 34.65
N MET A 282 -9.33 -39.65 33.63
CA MET A 282 -8.94 -40.74 32.74
C MET A 282 -8.14 -41.80 33.51
N VAL A 283 -7.15 -41.36 34.28
CA VAL A 283 -6.37 -42.29 35.11
C VAL A 283 -7.28 -43.01 36.10
N PHE A 284 -8.25 -42.28 36.66
CA PHE A 284 -9.16 -42.87 37.64
C PHE A 284 -10.02 -43.96 37.00
N VAL A 285 -10.51 -43.73 35.78
CA VAL A 285 -11.28 -44.75 35.08
C VAL A 285 -10.41 -45.96 34.77
N ILE A 286 -9.18 -45.72 34.32
CA ILE A 286 -8.27 -46.82 33.99
C ILE A 286 -7.97 -47.66 35.23
N ALA A 287 -7.70 -46.99 36.35
CA ALA A 287 -7.48 -47.69 37.61
C ALA A 287 -8.72 -48.47 38.04
N SER A 288 -9.91 -47.88 37.87
CA SER A 288 -11.13 -48.60 38.19
C SER A 288 -11.30 -49.85 37.34
N ILE A 289 -10.88 -49.77 36.07
CA ILE A 289 -10.94 -50.93 35.20
C ILE A 289 -9.99 -52.01 35.70
N ILE A 290 -8.76 -51.62 36.05
CA ILE A 290 -7.79 -52.58 36.56
C ILE A 290 -8.32 -53.25 37.84
N ILE A 291 -8.87 -52.44 38.74
CA ILE A 291 -9.40 -52.96 40.00
C ILE A 291 -10.59 -53.87 39.76
N THR A 292 -11.44 -53.54 38.78
CA THR A 292 -12.55 -54.42 38.42
C THR A 292 -12.05 -55.77 37.91
N VAL A 293 -11.00 -55.75 37.08
CA VAL A 293 -10.42 -56.99 36.61
C VAL A 293 -9.87 -57.81 37.78
N ILE A 294 -9.20 -57.14 38.73
CA ILE A 294 -8.67 -57.84 39.89
C ILE A 294 -9.79 -58.45 40.72
N VAL A 295 -10.87 -57.70 40.93
CA VAL A 295 -12.00 -58.19 41.72
C VAL A 295 -12.66 -59.38 41.04
N ILE A 296 -12.81 -59.31 39.71
CA ILE A 296 -13.38 -60.43 38.97
C ILE A 296 -12.50 -61.66 39.10
N ASN A 297 -11.19 -61.49 38.96
CA ASN A 297 -10.26 -62.60 39.13
C ASN A 297 -10.35 -63.20 40.53
N THR A 298 -10.53 -62.34 41.54
CA THR A 298 -10.67 -62.81 42.91
C THR A 298 -11.95 -63.61 43.09
N HIS A 299 -13.05 -63.12 42.52
CA HIS A 299 -14.34 -63.81 42.67
C HIS A 299 -14.31 -65.19 42.04
N HIS A 300 -13.65 -65.33 40.90
CA HIS A 300 -13.48 -66.63 40.27
C HIS A 300 -12.28 -67.36 40.88
N TRP A 399 -13.84 -66.88 48.99
CA TRP A 399 -13.25 -65.79 48.21
C TRP A 399 -14.33 -64.86 47.67
N LYS A 400 -15.54 -65.40 47.52
CA LYS A 400 -16.67 -64.57 47.09
C LYS A 400 -16.99 -63.51 48.13
N TYR A 401 -17.02 -63.89 49.41
CA TYR A 401 -17.23 -62.91 50.47
C TYR A 401 -16.09 -61.91 50.53
N VAL A 402 -14.86 -62.38 50.34
CA VAL A 402 -13.71 -61.48 50.28
C VAL A 402 -13.88 -60.47 49.16
N ALA A 403 -14.26 -60.96 47.97
CA ALA A 403 -14.46 -60.06 46.84
C ALA A 403 -15.58 -59.06 47.10
N MET A 404 -16.66 -59.50 47.75
CA MET A 404 -17.76 -58.59 48.06
C MET A 404 -17.33 -57.52 49.06
N VAL A 405 -16.59 -57.90 50.09
CA VAL A 405 -16.09 -56.92 51.06
C VAL A 405 -15.13 -55.95 50.40
N MET A 406 -14.28 -56.45 49.50
CA MET A 406 -13.40 -55.58 48.74
C MET A 406 -14.20 -54.60 47.90
N ASP A 407 -15.27 -55.07 47.25
CA ASP A 407 -16.14 -54.19 46.48
C ASP A 407 -16.75 -53.11 47.36
N HIS A 408 -17.27 -53.49 48.53
CA HIS A 408 -17.89 -52.52 49.43
C HIS A 408 -16.89 -51.47 49.90
N ILE A 409 -15.65 -51.87 50.16
CA ILE A 409 -14.63 -50.91 50.58
C ILE A 409 -14.24 -50.01 49.41
N LEU A 410 -14.00 -50.61 48.24
CA LEU A 410 -13.51 -49.86 47.09
C LEU A 410 -14.55 -48.88 46.56
N LEU A 411 -15.84 -49.19 46.69
CA LEU A 411 -16.86 -48.23 46.29
C LEU A 411 -16.72 -46.92 47.06
N GLY A 412 -16.63 -47.02 48.39
CA GLY A 412 -16.42 -45.84 49.20
C GLY A 412 -15.11 -45.16 48.90
N VAL A 413 -14.04 -45.96 48.73
CA VAL A 413 -12.73 -45.39 48.44
C VAL A 413 -12.76 -44.57 47.15
N PHE A 414 -13.32 -45.15 46.09
CA PHE A 414 -13.35 -44.48 44.79
C PHE A 414 -14.24 -43.25 44.82
N MET A 415 -15.41 -43.34 45.47
CA MET A 415 -16.27 -42.16 45.53
C MET A 415 -15.64 -41.04 46.36
N LEU A 416 -14.93 -41.39 47.43
CA LEU A 416 -14.21 -40.39 48.21
C LEU A 416 -13.09 -39.78 47.41
N VAL A 417 -12.36 -40.59 46.64
CA VAL A 417 -11.29 -40.07 45.78
C VAL A 417 -11.87 -39.11 44.74
N CYS A 418 -13.03 -39.46 44.17
CA CYS A 418 -13.69 -38.58 43.21
C CYS A 418 -14.03 -37.23 43.84
N ILE A 419 -14.69 -37.25 45.00
CA ILE A 419 -15.09 -36.01 45.65
C ILE A 419 -13.87 -35.20 46.07
N ILE A 420 -12.86 -35.87 46.63
CA ILE A 420 -11.65 -35.20 47.08
C ILE A 420 -10.94 -34.54 45.91
N GLY A 421 -10.81 -35.26 44.79
CA GLY A 421 -10.17 -34.67 43.62
C GLY A 421 -10.93 -33.48 43.09
N THR A 422 -12.26 -33.59 43.00
CA THR A 422 -13.06 -32.47 42.53
C THR A 422 -12.88 -31.24 43.41
N LEU A 423 -12.91 -31.45 44.74
CA LEU A 423 -12.73 -30.32 45.64
C LEU A 423 -11.31 -29.75 45.56
N ALA A 424 -10.30 -30.62 45.61
CA ALA A 424 -8.91 -30.16 45.56
C ALA A 424 -8.62 -29.43 44.26
N VAL A 425 -9.37 -29.72 43.21
CA VAL A 425 -9.20 -29.00 41.95
C VAL A 425 -9.90 -27.64 42.00
N PHE A 426 -11.20 -27.63 42.31
CA PHE A 426 -11.97 -26.41 42.07
C PHE A 426 -12.20 -25.55 43.30
N ALA A 427 -12.37 -26.16 44.48
CA ALA A 427 -12.75 -25.42 45.67
C ALA A 427 -11.69 -24.40 46.07
N GLY A 428 -10.41 -24.76 45.96
CA GLY A 428 -9.36 -23.82 46.34
C GLY A 428 -9.39 -22.55 45.50
N ARG A 429 -9.54 -22.69 44.19
CA ARG A 429 -9.61 -21.53 43.33
C ARG A 429 -10.91 -20.76 43.54
N LEU A 430 -12.00 -21.47 43.84
CA LEU A 430 -13.26 -20.80 44.17
C LEU A 430 -13.12 -19.96 45.44
N ILE A 431 -12.38 -20.48 46.43
CA ILE A 431 -12.13 -19.74 47.66
C ILE A 431 -11.25 -18.52 47.37
N GLU A 432 -10.24 -18.69 46.52
CA GLU A 432 -9.44 -17.55 46.10
C GLU A 432 -10.31 -16.48 45.45
N LEU A 433 -11.25 -16.90 44.59
CA LEU A 433 -12.18 -15.95 43.98
C LEU A 433 -13.12 -15.34 45.01
N ASN A 434 -13.54 -16.12 46.01
CA ASN A 434 -14.41 -15.63 47.06
C ASN A 434 -13.69 -14.60 47.92
N SER B 1 -20.68 15.31 -25.18
CA SER B 1 -21.69 16.05 -24.42
C SER B 1 -21.18 17.44 -24.04
N GLU B 2 -21.37 18.40 -24.95
CA GLU B 2 -20.78 19.72 -24.81
C GLU B 2 -21.34 20.45 -23.59
N ALA B 3 -22.67 20.48 -23.46
CA ALA B 3 -23.28 21.21 -22.36
C ALA B 3 -22.99 20.57 -21.01
N GLU B 4 -23.00 19.23 -20.94
CA GLU B 4 -22.68 18.58 -19.68
C GLU B 4 -21.23 18.81 -19.31
N GLY B 5 -20.32 18.72 -20.28
CA GLY B 5 -18.93 18.98 -19.99
C GLY B 5 -18.69 20.38 -19.50
N ARG B 6 -19.35 21.36 -20.13
CA ARG B 6 -19.17 22.74 -19.71
C ARG B 6 -19.77 23.01 -18.34
N LEU B 7 -20.95 22.45 -18.05
CA LEU B 7 -21.54 22.62 -16.73
C LEU B 7 -20.69 21.96 -15.65
N ARG B 8 -20.22 20.74 -15.93
CA ARG B 8 -19.37 20.03 -14.98
C ARG B 8 -18.09 20.79 -14.70
N GLU B 9 -17.48 21.36 -15.74
CA GLU B 9 -16.29 22.17 -15.53
C GLU B 9 -16.60 23.45 -14.75
N LYS B 10 -17.78 24.02 -14.97
CA LYS B 10 -18.18 25.21 -14.23
C LYS B 10 -18.32 24.94 -12.74
N LEU B 11 -19.04 23.86 -12.39
CA LEU B 11 -19.38 23.65 -10.98
C LEU B 11 -18.15 23.42 -10.11
N PHE B 12 -17.16 22.72 -10.62
CA PHE B 12 -15.99 22.36 -9.82
C PHE B 12 -14.86 23.38 -9.89
N SER B 13 -15.08 24.53 -10.51
CA SER B 13 -14.10 25.61 -10.46
C SER B 13 -14.05 26.16 -9.04
N GLY B 14 -12.90 26.00 -8.38
CA GLY B 14 -12.74 26.48 -7.03
C GLY B 14 -13.45 25.69 -5.96
N TYR B 15 -14.02 24.54 -6.31
CA TYR B 15 -14.68 23.69 -5.33
C TYR B 15 -13.63 22.96 -4.50
N ASP B 16 -13.97 22.69 -3.24
CA ASP B 16 -13.08 21.98 -2.33
C ASP B 16 -13.90 20.91 -1.63
N SER B 17 -13.66 19.64 -2.00
CA SER B 17 -14.42 18.53 -1.44
C SER B 17 -14.09 18.27 0.02
N SER B 18 -13.05 18.87 0.56
CA SER B 18 -12.71 18.68 1.97
C SER B 18 -13.44 19.64 2.89
N VAL B 19 -14.14 20.63 2.37
CA VAL B 19 -14.80 21.66 3.16
C VAL B 19 -16.30 21.45 3.09
N ARG B 20 -16.95 21.36 4.25
CA ARG B 20 -18.38 21.10 4.27
C ARG B 20 -19.14 22.33 3.77
N PRO B 21 -20.32 22.13 3.17
CA PRO B 21 -20.99 23.24 2.49
C PRO B 21 -21.84 24.13 3.39
N ALA B 22 -21.29 24.58 4.51
CA ALA B 22 -22.01 25.52 5.37
C ALA B 22 -21.81 26.94 4.86
N ARG B 23 -22.89 27.61 4.50
CA ARG B 23 -22.79 28.95 3.94
C ARG B 23 -22.35 29.96 4.98
N GLU B 24 -23.11 30.09 6.06
CA GLU B 24 -22.70 30.86 7.22
C GLU B 24 -21.92 29.98 8.20
N VAL B 25 -21.15 30.63 9.06
CA VAL B 25 -20.29 29.90 9.99
C VAL B 25 -21.10 29.02 10.92
N GLY B 26 -22.23 29.50 11.39
CA GLY B 26 -23.07 28.71 12.28
C GLY B 26 -23.99 27.72 11.63
N ASP B 27 -24.00 27.62 10.30
CA ASP B 27 -24.95 26.76 9.61
C ASP B 27 -24.59 25.29 9.79
N ARG B 28 -25.62 24.45 9.88
CA ARG B 28 -25.49 23.01 9.96
C ARG B 28 -25.96 22.39 8.65
N VAL B 29 -25.25 21.35 8.21
CA VAL B 29 -25.67 20.57 7.05
C VAL B 29 -26.62 19.49 7.53
N ARG B 30 -27.87 19.54 7.08
CA ARG B 30 -28.83 18.48 7.37
C ARG B 30 -28.63 17.31 6.41
N VAL B 31 -28.44 16.13 6.97
CA VAL B 31 -28.25 14.90 6.19
C VAL B 31 -29.35 13.93 6.54
N SER B 32 -30.17 13.57 5.57
CA SER B 32 -31.12 12.49 5.71
C SER B 32 -30.44 11.15 5.48
N VAL B 33 -30.67 10.21 6.39
CA VAL B 33 -30.11 8.86 6.32
C VAL B 33 -31.24 7.87 6.15
N GLY B 34 -31.20 7.10 5.06
CA GLY B 34 -32.08 5.96 4.88
C GLY B 34 -31.30 4.70 4.63
N LEU B 35 -31.92 3.53 4.80
CA LEU B 35 -31.24 2.27 4.62
C LEU B 35 -32.11 1.32 3.82
N ILE B 36 -31.53 0.68 2.81
CA ILE B 36 -32.19 -0.39 2.06
C ILE B 36 -31.40 -1.67 2.32
N LEU B 37 -32.07 -2.70 2.81
CA LEU B 37 -31.41 -3.96 3.07
C LEU B 37 -31.52 -4.85 1.86
N ALA B 38 -30.38 -5.14 1.22
CA ALA B 38 -30.36 -6.01 0.05
C ALA B 38 -30.26 -7.47 0.45
N GLN B 39 -29.51 -7.78 1.50
CA GLN B 39 -29.37 -9.16 1.95
C GLN B 39 -28.90 -9.16 3.40
N LEU B 40 -29.62 -9.86 4.27
CA LEU B 40 -29.10 -10.23 5.57
C LEU B 40 -28.18 -11.42 5.36
N ILE B 41 -26.87 -11.15 5.27
CA ILE B 41 -25.93 -12.21 4.89
C ILE B 41 -25.87 -13.30 5.95
N SER B 42 -25.67 -12.92 7.21
CA SER B 42 -25.62 -13.94 8.25
C SER B 42 -25.72 -13.29 9.63
N LEU B 43 -25.97 -14.13 10.62
CA LEU B 43 -25.78 -13.79 12.02
C LEU B 43 -24.93 -14.87 12.65
N ASN B 44 -23.89 -14.47 13.37
CA ASN B 44 -22.94 -15.37 13.99
C ASN B 44 -23.03 -15.15 15.50
N GLU B 45 -23.46 -16.17 16.24
CA GLU B 45 -23.57 -16.06 17.68
C GLU B 45 -22.26 -16.32 18.40
N LYS B 46 -21.26 -16.90 17.73
CA LYS B 46 -19.95 -17.04 18.35
C LYS B 46 -19.21 -15.70 18.38
N ASP B 47 -19.23 -14.96 17.28
CA ASP B 47 -18.60 -13.65 17.23
C ASP B 47 -19.55 -12.53 17.63
N GLU B 48 -20.83 -12.84 17.88
CA GLU B 48 -21.84 -11.83 18.16
C GLU B 48 -21.86 -10.77 17.06
N GLU B 49 -21.91 -11.24 15.81
CA GLU B 49 -21.70 -10.35 14.68
C GLU B 49 -22.74 -10.62 13.60
N MET B 50 -23.39 -9.54 13.13
CA MET B 50 -24.38 -9.63 12.08
C MET B 50 -23.80 -9.01 10.80
N SER B 51 -23.84 -9.78 9.72
CA SER B 51 -23.30 -9.36 8.42
C SER B 51 -24.46 -9.07 7.48
N THR B 52 -24.46 -7.87 6.90
CA THR B 52 -25.53 -7.42 6.02
C THR B 52 -24.96 -6.74 4.79
N LYS B 53 -25.65 -6.89 3.67
CA LYS B 53 -25.42 -6.12 2.46
C LYS B 53 -26.51 -5.08 2.33
N VAL B 54 -26.14 -3.80 2.26
CA VAL B 54 -27.09 -2.71 2.29
C VAL B 54 -26.75 -1.70 1.21
N TYR B 55 -27.75 -0.89 0.87
CA TYR B 55 -27.54 0.39 0.21
C TYR B 55 -27.88 1.50 1.19
N LEU B 56 -26.95 2.41 1.41
CA LEU B 56 -27.31 3.62 2.11
C LEU B 56 -28.17 4.50 1.21
N ASP B 57 -28.81 5.49 1.81
CA ASP B 57 -29.54 6.49 1.03
C ASP B 57 -29.34 7.82 1.75
N LEU B 58 -28.29 8.53 1.39
CA LEU B 58 -27.90 9.77 2.05
C LEU B 58 -28.30 10.95 1.19
N GLU B 59 -28.94 11.93 1.79
CA GLU B 59 -29.35 13.13 1.05
C GLU B 59 -28.95 14.37 1.81
N TRP B 60 -28.41 15.36 1.10
CA TRP B 60 -28.06 16.62 1.73
C TRP B 60 -28.10 17.71 0.68
N THR B 61 -28.00 18.96 1.12
CA THR B 61 -27.92 20.10 0.21
C THR B 61 -26.52 20.67 0.22
N ASP B 62 -25.90 20.75 -0.96
CA ASP B 62 -24.64 21.45 -1.14
C ASP B 62 -24.93 22.66 -2.02
N TYR B 63 -24.96 23.84 -1.41
CA TYR B 63 -25.35 25.04 -2.15
C TYR B 63 -24.38 25.35 -3.29
N ARG B 64 -23.14 24.90 -3.18
CA ARG B 64 -22.15 25.14 -4.22
C ARG B 64 -22.46 24.41 -5.51
N LEU B 65 -23.31 23.39 -5.47
CA LEU B 65 -23.60 22.55 -6.62
C LEU B 65 -24.95 22.84 -7.27
N SER B 66 -25.53 24.01 -7.03
CA SER B 66 -26.75 24.40 -7.70
C SER B 66 -26.44 25.11 -9.01
N TRP B 67 -27.39 25.02 -9.96
CA TRP B 67 -27.27 25.74 -11.23
C TRP B 67 -28.65 25.96 -11.80
N ASP B 68 -28.74 26.89 -12.75
CA ASP B 68 -29.97 27.16 -13.47
C ASP B 68 -30.05 26.26 -14.69
N PRO B 69 -30.97 25.30 -14.76
CA PRO B 69 -30.99 24.38 -15.90
C PRO B 69 -31.34 25.05 -17.21
N ALA B 70 -32.15 26.11 -17.20
CA ALA B 70 -32.57 26.74 -18.45
C ALA B 70 -31.39 27.36 -19.19
N GLU B 71 -30.38 27.81 -18.46
CA GLU B 71 -29.17 28.32 -19.10
C GLU B 71 -28.30 27.19 -19.64
N HIS B 72 -28.15 26.11 -18.88
CA HIS B 72 -27.26 25.02 -19.27
C HIS B 72 -28.03 23.91 -20.01
N ASP B 73 -28.68 24.32 -21.11
CA ASP B 73 -29.25 23.39 -22.08
C ASP B 73 -30.28 22.43 -21.47
N GLY B 74 -30.97 22.87 -20.41
CA GLY B 74 -32.02 22.05 -19.83
C GLY B 74 -31.57 20.86 -19.02
N ILE B 75 -30.28 20.72 -18.74
CA ILE B 75 -29.79 19.64 -17.90
C ILE B 75 -30.31 19.86 -16.49
N ASP B 76 -31.15 18.95 -16.01
CA ASP B 76 -31.82 19.11 -14.73
C ASP B 76 -31.24 18.24 -13.62
N SER B 77 -30.39 17.27 -13.94
CA SER B 77 -29.66 16.54 -12.92
C SER B 77 -28.35 16.05 -13.53
N LEU B 78 -27.42 15.70 -12.65
CA LEU B 78 -26.05 15.41 -13.07
C LEU B 78 -25.52 14.25 -12.24
N ARG B 79 -24.73 13.38 -12.85
CA ARG B 79 -24.16 12.24 -12.14
C ARG B 79 -22.65 12.41 -12.04
N ILE B 80 -22.12 12.36 -10.81
CA ILE B 80 -20.76 12.80 -10.52
C ILE B 80 -20.09 11.76 -9.62
N THR B 81 -18.85 11.42 -9.92
CA THR B 81 -18.13 10.47 -9.08
C THR B 81 -17.98 11.01 -7.67
N ALA B 82 -18.30 10.18 -6.68
CA ALA B 82 -18.47 10.67 -5.31
C ALA B 82 -17.20 11.21 -4.71
N GLU B 83 -16.03 10.80 -5.20
CA GLU B 83 -14.77 11.31 -4.66
C GLU B 83 -14.63 12.81 -4.89
N SER B 84 -15.33 13.36 -5.87
CA SER B 84 -15.12 14.75 -6.27
C SER B 84 -16.01 15.75 -5.55
N VAL B 85 -17.02 15.30 -4.81
CA VAL B 85 -17.86 16.20 -4.02
C VAL B 85 -17.58 15.96 -2.55
N TRP B 86 -17.97 16.93 -1.72
CA TRP B 86 -17.93 16.74 -0.28
C TRP B 86 -18.94 15.68 0.14
N LEU B 87 -18.48 14.71 0.93
CA LEU B 87 -19.34 13.69 1.46
C LEU B 87 -19.35 13.76 2.98
N PRO B 88 -20.50 13.60 3.63
CA PRO B 88 -20.48 13.39 5.08
C PRO B 88 -19.80 12.07 5.41
N ASP B 89 -18.94 12.09 6.41
CA ASP B 89 -18.23 10.86 6.72
C ASP B 89 -19.12 9.96 7.57
N VAL B 90 -20.35 9.73 7.12
CA VAL B 90 -21.25 8.82 7.81
C VAL B 90 -20.64 7.43 7.77
N VAL B 91 -20.45 6.83 8.95
CA VAL B 91 -19.81 5.54 9.10
C VAL B 91 -20.64 4.73 10.08
N LEU B 92 -20.45 3.41 9.99
CA LEU B 92 -21.06 2.46 10.90
C LEU B 92 -20.22 2.42 12.17
N LEU B 93 -20.72 3.04 13.25
CA LEU B 93 -19.92 3.14 14.46
C LEU B 93 -19.75 1.80 15.15
N ASN B 94 -20.81 0.99 15.20
CA ASN B 94 -20.77 -0.26 15.95
C ASN B 94 -20.28 -1.43 15.10
N ASN B 95 -19.50 -1.17 14.07
CA ASN B 95 -18.89 -2.25 13.29
C ASN B 95 -17.96 -3.07 14.15
N ASN B 96 -17.77 -4.33 13.77
CA ASN B 96 -17.05 -5.29 14.58
C ASN B 96 -15.64 -5.57 14.07
N ASP B 97 -15.36 -5.31 12.79
CA ASP B 97 -14.10 -5.70 12.18
C ASP B 97 -13.22 -4.53 11.78
N GLY B 98 -13.58 -3.31 12.16
CA GLY B 98 -12.79 -2.15 11.80
C GLY B 98 -13.02 -1.62 10.40
N ASN B 99 -14.03 -2.12 9.70
CA ASN B 99 -14.44 -1.58 8.40
C ASN B 99 -15.56 -0.58 8.61
N PHE B 100 -15.22 0.71 8.61
CA PHE B 100 -16.22 1.75 8.83
C PHE B 100 -16.94 2.16 7.56
N ASP B 101 -16.27 2.10 6.41
CA ASP B 101 -16.70 2.79 5.21
C ASP B 101 -17.52 1.91 4.27
N VAL B 102 -18.16 2.57 3.29
CA VAL B 102 -18.95 1.89 2.28
C VAL B 102 -18.05 1.07 1.36
N ALA B 103 -18.66 0.07 0.71
CA ALA B 103 -17.92 -0.87 -0.12
C ALA B 103 -17.48 -0.29 -1.45
N LEU B 104 -18.19 0.71 -1.98
CA LEU B 104 -17.89 1.20 -3.31
C LEU B 104 -18.43 2.62 -3.44
N ASP B 105 -17.55 3.57 -3.77
CA ASP B 105 -17.94 4.97 -3.96
C ASP B 105 -18.52 5.18 -5.35
N ILE B 106 -19.76 4.72 -5.53
CA ILE B 106 -20.47 5.01 -6.77
C ILE B 106 -20.80 6.50 -6.83
N SER B 107 -21.24 6.94 -8.00
CA SER B 107 -21.55 8.35 -8.23
C SER B 107 -22.72 8.84 -7.37
N VAL B 108 -22.67 10.12 -7.02
CA VAL B 108 -23.81 10.83 -6.50
C VAL B 108 -24.64 11.40 -7.66
N VAL B 109 -25.90 11.69 -7.37
CA VAL B 109 -26.78 12.43 -8.26
C VAL B 109 -27.02 13.81 -7.67
N VAL B 110 -26.76 14.85 -8.46
CA VAL B 110 -26.93 16.23 -8.04
C VAL B 110 -28.10 16.82 -8.81
N SER B 111 -29.08 17.35 -8.08
CA SER B 111 -30.16 18.10 -8.69
C SER B 111 -29.74 19.55 -8.91
N SER B 112 -30.41 20.21 -9.86
CA SER B 112 -30.06 21.58 -10.20
C SER B 112 -30.19 22.54 -9.02
N ASP B 113 -31.03 22.22 -8.03
CA ASP B 113 -31.14 23.05 -6.84
C ASP B 113 -30.07 22.73 -5.79
N GLY B 114 -29.17 21.80 -6.06
CA GLY B 114 -28.11 21.48 -5.13
C GLY B 114 -28.38 20.30 -4.22
N SER B 115 -29.51 19.63 -4.36
CA SER B 115 -29.77 18.41 -3.61
C SER B 115 -28.85 17.30 -4.12
N VAL B 116 -28.02 16.77 -3.22
CA VAL B 116 -27.15 15.65 -3.53
C VAL B 116 -27.74 14.40 -2.90
N ARG B 117 -27.87 13.35 -3.71
CA ARG B 117 -28.36 12.06 -3.27
C ARG B 117 -27.31 11.01 -3.59
N TRP B 118 -27.00 10.17 -2.61
CA TRP B 118 -25.93 9.19 -2.72
C TRP B 118 -26.42 7.87 -2.15
N GLN B 119 -26.25 6.78 -2.91
CA GLN B 119 -26.77 5.47 -2.52
C GLN B 119 -25.69 4.40 -2.60
N PRO B 120 -24.62 4.53 -1.82
CA PRO B 120 -23.49 3.62 -1.95
C PRO B 120 -23.81 2.25 -1.39
N PRO B 121 -23.28 1.19 -1.98
CA PRO B 121 -23.40 -0.13 -1.36
C PRO B 121 -22.44 -0.29 -0.20
N GLY B 122 -22.84 -1.12 0.76
CA GLY B 122 -21.98 -1.48 1.86
C GLY B 122 -22.13 -2.92 2.30
N ILE B 123 -21.02 -3.58 2.58
CA ILE B 123 -21.02 -4.84 3.32
C ILE B 123 -20.57 -4.51 4.73
N TYR B 124 -21.39 -4.85 5.72
CA TYR B 124 -21.12 -4.47 7.09
C TYR B 124 -21.20 -5.66 8.01
N ARG B 125 -20.36 -5.65 9.05
CA ARG B 125 -20.34 -6.65 10.10
C ARG B 125 -20.46 -5.92 11.43
N SER B 126 -21.69 -5.67 11.85
CA SER B 126 -21.93 -4.97 13.10
C SER B 126 -21.88 -5.94 14.27
N SER B 127 -21.51 -5.43 15.43
CA SER B 127 -21.63 -6.20 16.66
C SER B 127 -23.08 -6.20 17.16
N CYS B 128 -23.51 -7.34 17.67
CA CYS B 128 -24.90 -7.52 18.10
C CYS B 128 -24.93 -8.42 19.33
N SER B 129 -25.43 -7.91 20.44
CA SER B 129 -25.57 -8.72 21.65
C SER B 129 -26.65 -9.77 21.45
N ILE B 130 -26.30 -11.03 21.74
CA ILE B 130 -27.14 -12.18 21.43
C ILE B 130 -27.90 -12.61 22.68
N GLN B 131 -29.22 -12.77 22.54
CA GLN B 131 -30.05 -13.32 23.61
C GLN B 131 -29.96 -14.84 23.59
N VAL B 132 -28.89 -15.35 24.20
CA VAL B 132 -28.59 -16.78 24.16
C VAL B 132 -29.60 -17.61 24.93
N THR B 133 -30.40 -16.98 25.80
CA THR B 133 -31.14 -17.72 26.83
C THR B 133 -32.11 -18.73 26.23
N TYR B 134 -32.80 -18.36 25.15
CA TYR B 134 -33.83 -19.21 24.58
C TYR B 134 -33.41 -19.86 23.26
N PHE B 135 -32.13 -19.78 22.92
CA PHE B 135 -31.61 -20.44 21.74
C PHE B 135 -31.98 -21.93 21.78
N PRO B 136 -32.50 -22.51 20.70
CA PRO B 136 -32.64 -21.95 19.34
C PRO B 136 -33.97 -21.27 19.03
N PHE B 137 -34.90 -21.13 19.98
CA PHE B 137 -36.17 -20.48 19.70
C PHE B 137 -36.10 -18.97 19.84
N ASP B 138 -34.90 -18.41 19.87
CA ASP B 138 -34.68 -17.03 20.24
C ASP B 138 -35.08 -16.07 19.11
N TRP B 139 -35.29 -14.82 19.48
CA TRP B 139 -35.30 -13.70 18.57
C TRP B 139 -34.19 -12.74 18.95
N GLN B 140 -33.66 -12.04 17.97
CA GLN B 140 -32.57 -11.11 18.19
C GLN B 140 -32.99 -9.72 17.77
N ASN B 141 -32.32 -8.73 18.36
CA ASN B 141 -32.60 -7.31 18.16
C ASN B 141 -31.26 -6.66 17.88
N CYS B 142 -30.83 -6.71 16.63
CA CYS B 142 -29.55 -6.14 16.24
C CYS B 142 -29.72 -4.71 15.76
N THR B 143 -28.67 -3.92 15.94
CA THR B 143 -28.69 -2.50 15.64
C THR B 143 -27.55 -2.16 14.69
N MET B 144 -27.80 -1.17 13.84
CA MET B 144 -26.77 -0.54 13.03
C MET B 144 -26.79 0.95 13.37
N VAL B 145 -25.66 1.46 13.84
CA VAL B 145 -25.53 2.83 14.31
C VAL B 145 -24.69 3.60 13.30
N PHE B 146 -25.31 4.56 12.63
CA PHE B 146 -24.64 5.37 11.63
C PHE B 146 -24.47 6.78 12.18
N SER B 147 -23.26 7.31 12.04
CA SER B 147 -23.00 8.68 12.48
C SER B 147 -21.79 9.22 11.75
N SER B 148 -21.67 10.54 11.70
CA SER B 148 -20.44 11.13 11.21
C SER B 148 -19.31 10.90 12.21
N TYR B 149 -18.19 10.38 11.72
CA TYR B 149 -17.03 10.18 12.58
C TYR B 149 -16.43 11.50 13.04
N SER B 150 -16.39 12.49 12.15
CA SER B 150 -15.73 13.76 12.43
C SER B 150 -16.69 14.79 13.03
N TYR B 151 -17.72 15.15 12.27
CA TYR B 151 -18.47 16.37 12.54
C TYR B 151 -19.37 16.23 13.76
N ASP B 152 -19.47 17.31 14.54
CA ASP B 152 -20.35 17.40 15.68
C ASP B 152 -21.80 17.63 15.24
N SER B 153 -22.72 17.52 16.20
CA SER B 153 -24.10 17.89 15.96
C SER B 153 -24.27 19.36 15.65
N SER B 154 -23.26 20.18 15.95
CA SER B 154 -23.28 21.59 15.57
C SER B 154 -22.79 21.82 14.15
N GLU B 155 -22.42 20.78 13.44
CA GLU B 155 -21.87 20.88 12.10
C GLU B 155 -22.65 20.06 11.09
N VAL B 156 -23.03 18.83 11.44
CA VAL B 156 -23.86 17.98 10.59
C VAL B 156 -25.01 17.46 11.44
N SER B 157 -26.22 17.66 10.95
CA SER B 157 -27.43 17.23 11.65
C SER B 157 -28.01 16.03 10.91
N LEU B 158 -28.12 14.91 11.60
CA LEU B 158 -28.71 13.72 11.00
C LEU B 158 -30.21 13.67 11.24
N GLN B 159 -30.91 13.02 10.32
CA GLN B 159 -32.33 12.74 10.47
C GLN B 159 -32.69 11.55 9.61
N THR B 160 -33.73 10.83 10.00
CA THR B 160 -34.17 9.67 9.25
C THR B 160 -34.84 10.08 7.94
N GLY B 161 -34.54 9.32 6.88
CA GLY B 161 -35.15 9.60 5.59
C GLY B 161 -36.65 9.32 5.59
N LEU B 162 -37.35 10.03 4.73
CA LEU B 162 -38.79 9.86 4.56
C LEU B 162 -39.10 8.73 3.57
N GLY B 163 -40.36 8.32 3.55
CA GLY B 163 -40.83 7.32 2.63
C GLY B 163 -41.19 7.91 1.28
N PRO B 164 -41.56 7.03 0.35
CA PRO B 164 -41.96 7.50 -0.99
C PRO B 164 -43.19 8.38 -0.97
N ASP B 165 -44.07 8.21 0.01
CA ASP B 165 -45.23 9.07 0.17
C ASP B 165 -44.91 10.36 0.91
N GLY B 166 -43.67 10.55 1.34
CA GLY B 166 -43.30 11.67 2.17
C GLY B 166 -43.65 11.50 3.64
N GLN B 167 -44.23 10.37 4.02
CA GLN B 167 -44.47 10.09 5.43
C GLN B 167 -43.16 9.86 6.15
N GLY B 168 -43.19 10.04 7.46
CA GLY B 168 -42.05 9.74 8.30
C GLY B 168 -41.78 8.25 8.40
N HIS B 169 -41.51 7.62 7.26
CA HIS B 169 -41.30 6.18 7.18
C HIS B 169 -39.93 5.82 7.77
N GLN B 170 -39.87 5.88 9.10
CA GLN B 170 -38.67 5.56 9.84
C GLN B 170 -38.44 4.05 9.89
N GLU B 171 -38.11 3.45 8.74
CA GLU B 171 -37.92 2.01 8.69
C GLU B 171 -36.78 1.66 7.76
N ILE B 172 -36.26 0.45 7.93
CA ILE B 172 -35.43 -0.16 6.90
C ILE B 172 -36.31 -0.54 5.73
N HIS B 173 -35.92 -0.13 4.52
CA HIS B 173 -36.68 -0.46 3.34
C HIS B 173 -36.31 -1.83 2.82
N ILE B 174 -37.32 -2.60 2.42
CA ILE B 174 -37.14 -3.96 1.90
C ILE B 174 -38.07 -4.17 0.72
N HIS B 175 -37.52 -4.17 -0.49
CA HIS B 175 -38.32 -4.44 -1.68
C HIS B 175 -38.65 -5.92 -1.76
N GLU B 176 -39.95 -6.23 -1.88
CA GLU B 176 -40.41 -7.61 -1.81
C GLU B 176 -39.81 -8.46 -2.92
N GLY B 177 -39.73 -7.91 -4.13
CA GLY B 177 -39.23 -8.69 -5.25
C GLY B 177 -37.74 -8.60 -5.49
N THR B 178 -36.99 -8.08 -4.52
CA THR B 178 -35.55 -7.91 -4.71
C THR B 178 -34.77 -8.46 -3.52
N PHE B 179 -35.36 -8.35 -2.33
CA PHE B 179 -34.68 -8.76 -1.10
C PHE B 179 -34.35 -10.25 -1.13
N ILE B 180 -33.10 -10.59 -0.84
CA ILE B 180 -32.63 -11.97 -0.80
C ILE B 180 -32.97 -12.52 0.59
N GLU B 181 -34.05 -13.29 0.67
CA GLU B 181 -34.51 -13.82 1.95
C GLU B 181 -33.50 -14.78 2.54
N ASN B 182 -33.43 -14.79 3.87
CA ASN B 182 -32.49 -15.61 4.61
C ASN B 182 -33.18 -16.90 5.05
N GLY B 183 -32.46 -18.01 4.94
CA GLY B 183 -33.04 -19.31 5.21
C GLY B 183 -33.27 -19.62 6.67
N GLN B 184 -32.66 -18.86 7.59
CA GLN B 184 -32.77 -19.15 9.01
C GLN B 184 -33.41 -18.03 9.83
N TRP B 185 -33.44 -16.81 9.31
CA TRP B 185 -33.93 -15.67 10.07
C TRP B 185 -35.06 -14.97 9.32
N GLU B 186 -36.10 -14.57 10.05
CA GLU B 186 -37.22 -13.82 9.50
C GLU B 186 -37.23 -12.42 10.10
N ILE B 187 -37.32 -11.41 9.23
CA ILE B 187 -37.36 -10.02 9.68
C ILE B 187 -38.79 -9.67 10.11
N ILE B 188 -38.93 -9.17 11.33
CA ILE B 188 -40.23 -8.84 11.92
C ILE B 188 -40.44 -7.33 11.99
N HIS B 189 -39.61 -6.65 12.77
CA HIS B 189 -39.66 -5.20 12.89
C HIS B 189 -38.36 -4.60 12.36
N LYS B 190 -38.48 -3.48 11.68
CA LYS B 190 -37.31 -2.86 11.06
C LYS B 190 -37.31 -1.34 11.20
N PRO B 191 -37.55 -0.79 12.39
CA PRO B 191 -37.69 0.66 12.51
C PRO B 191 -36.34 1.36 12.40
N SER B 192 -36.40 2.70 12.42
CA SER B 192 -35.21 3.51 12.62
C SER B 192 -35.55 4.64 13.60
N ARG B 193 -34.51 5.16 14.25
CA ARG B 193 -34.66 6.25 15.18
C ARG B 193 -33.47 7.20 15.11
N LEU B 194 -33.72 8.45 15.44
CA LEU B 194 -32.66 9.44 15.61
C LEU B 194 -32.39 9.63 17.10
N ILE B 195 -31.14 9.47 17.50
CA ILE B 195 -30.71 9.52 18.88
C ILE B 195 -29.93 10.80 19.09
N GLN B 196 -30.46 11.66 19.97
CA GLN B 196 -29.87 12.93 20.39
C GLN B 196 -28.78 12.67 21.44
N PRO B 197 -27.72 13.46 21.43
CA PRO B 197 -26.71 13.34 22.48
C PRO B 197 -27.26 13.80 23.82
N PRO B 198 -26.74 13.27 24.94
CA PRO B 198 -27.20 13.62 26.28
C PRO B 198 -27.11 15.11 26.59
N GLY B 207 -19.35 19.34 20.33
CA GLY B 207 -18.60 18.31 21.02
C GLY B 207 -19.31 16.97 21.13
N GLN B 208 -20.56 16.93 20.68
CA GLN B 208 -21.39 15.74 20.80
C GLN B 208 -22.08 15.48 19.46
N ARG B 209 -22.38 14.21 19.21
CA ARG B 209 -22.87 13.77 17.91
C ARG B 209 -24.21 13.07 18.05
N GLN B 210 -25.05 13.27 17.04
CA GLN B 210 -26.27 12.50 16.87
C GLN B 210 -25.97 11.17 16.22
N GLU B 211 -26.88 10.22 16.40
CA GLU B 211 -26.76 8.91 15.76
C GLU B 211 -28.08 8.55 15.11
N VAL B 212 -28.03 7.84 14.00
CA VAL B 212 -29.22 7.20 13.45
C VAL B 212 -29.07 5.70 13.66
N ILE B 213 -30.02 5.08 14.35
CA ILE B 213 -29.97 3.67 14.64
C ILE B 213 -31.08 2.97 13.87
N PHE B 214 -30.71 1.98 13.07
CA PHE B 214 -31.65 1.13 12.38
C PHE B 214 -31.70 -0.21 13.10
N TYR B 215 -32.90 -0.69 13.39
CA TYR B 215 -33.08 -1.91 14.16
C TYR B 215 -33.57 -3.03 13.25
N LEU B 216 -32.90 -4.17 13.30
CA LEU B 216 -33.42 -5.41 12.75
C LEU B 216 -33.84 -6.30 13.90
N ILE B 217 -35.13 -6.57 13.99
CA ILE B 217 -35.66 -7.58 14.89
C ILE B 217 -35.92 -8.81 14.05
N ILE B 218 -35.25 -9.90 14.37
CA ILE B 218 -35.27 -11.09 13.53
C ILE B 218 -35.55 -12.30 14.39
N ARG B 219 -36.36 -13.20 13.88
CA ARG B 219 -36.75 -14.41 14.59
C ARG B 219 -36.09 -15.62 13.95
N ARG B 220 -35.49 -16.48 14.77
CA ARG B 220 -34.94 -17.73 14.27
C ARG B 220 -36.05 -18.71 13.93
N LYS B 221 -35.97 -19.27 12.75
CA LYS B 221 -36.85 -20.37 12.39
C LYS B 221 -36.29 -21.67 12.96
N PRO B 222 -37.02 -22.38 13.83
CA PRO B 222 -36.40 -23.42 14.67
C PRO B 222 -36.41 -24.83 14.08
N LEU B 223 -36.91 -25.03 12.86
CA LEU B 223 -37.16 -26.38 12.38
C LEU B 223 -35.89 -27.21 12.31
N PHE B 224 -34.77 -26.61 11.89
CA PHE B 224 -33.53 -27.37 11.79
C PHE B 224 -33.11 -27.93 13.15
N TYR B 225 -33.10 -27.08 14.18
CA TYR B 225 -32.65 -27.53 15.49
C TYR B 225 -33.67 -28.47 16.11
N LEU B 226 -34.95 -28.30 15.80
CA LEU B 226 -35.96 -29.27 16.22
C LEU B 226 -35.66 -30.65 15.66
N VAL B 227 -35.40 -30.73 14.35
CA VAL B 227 -35.21 -32.03 13.72
C VAL B 227 -33.88 -32.65 14.15
N ASN B 228 -32.80 -31.85 14.15
CA ASN B 228 -31.46 -32.42 14.29
C ASN B 228 -31.02 -32.59 15.74
N VAL B 229 -31.61 -31.89 16.69
CA VAL B 229 -31.12 -31.94 18.07
C VAL B 229 -32.24 -32.30 19.02
N ILE B 230 -33.34 -31.56 18.97
CA ILE B 230 -34.38 -31.70 19.98
C ILE B 230 -35.06 -33.05 19.90
N ALA B 231 -35.47 -33.46 18.70
CA ALA B 231 -36.06 -34.78 18.52
C ALA B 231 -35.12 -35.92 18.87
N PRO B 232 -33.84 -35.91 18.45
CA PRO B 232 -32.91 -36.93 18.96
C PRO B 232 -32.81 -36.98 20.47
N CYS B 233 -32.81 -35.82 21.14
CA CYS B 233 -32.74 -35.81 22.58
C CYS B 233 -34.01 -36.36 23.21
N ILE B 234 -35.17 -36.11 22.60
CA ILE B 234 -36.42 -36.70 23.07
C ILE B 234 -36.36 -38.22 22.95
N LEU B 235 -35.86 -38.71 21.82
CA LEU B 235 -35.75 -40.16 21.63
C LEU B 235 -34.80 -40.78 22.65
N ILE B 236 -33.64 -40.14 22.87
CA ILE B 236 -32.70 -40.62 23.86
C ILE B 236 -33.33 -40.64 25.25
N THR B 237 -34.10 -39.60 25.57
CA THR B 237 -34.80 -39.55 26.86
C THR B 237 -35.81 -40.69 26.98
N LEU B 238 -36.53 -40.98 25.91
CA LEU B 238 -37.48 -42.09 25.95
C LEU B 238 -36.77 -43.43 26.17
N LEU B 239 -35.60 -43.60 25.56
CA LEU B 239 -34.84 -44.83 25.79
C LEU B 239 -34.32 -44.90 27.21
N ALA B 240 -33.87 -43.77 27.76
CA ALA B 240 -33.46 -43.73 29.16
C ALA B 240 -34.62 -44.06 30.08
N ILE B 241 -35.84 -43.68 29.70
CA ILE B 241 -37.03 -44.09 30.45
C ILE B 241 -37.20 -45.60 30.38
N PHE B 242 -37.26 -46.15 29.17
CA PHE B 242 -37.54 -47.57 29.00
C PHE B 242 -36.42 -48.46 29.52
N VAL B 243 -35.25 -47.90 29.81
CA VAL B 243 -34.23 -48.64 30.55
C VAL B 243 -34.83 -49.29 31.79
N PHE B 244 -35.74 -48.59 32.48
CA PHE B 244 -36.31 -49.09 33.71
C PHE B 244 -37.35 -50.19 33.49
N TYR B 245 -37.84 -50.36 32.27
CA TYR B 245 -38.74 -51.46 31.98
C TYR B 245 -38.03 -52.73 31.56
N LEU B 246 -36.76 -52.63 31.17
CA LEU B 246 -35.96 -53.81 30.86
C LEU B 246 -35.67 -54.60 32.13
N PRO B 247 -36.01 -55.88 32.18
CA PRO B 247 -35.82 -56.66 33.41
C PRO B 247 -34.34 -56.87 33.71
N PRO B 248 -34.00 -57.11 34.98
CA PRO B 248 -32.57 -57.29 35.33
C PRO B 248 -31.92 -58.48 34.62
N ASP B 249 -32.70 -59.52 34.31
CA ASP B 249 -32.15 -60.72 33.69
C ASP B 249 -31.68 -60.49 32.26
N ALA B 250 -32.05 -59.38 31.63
CA ALA B 250 -31.64 -59.15 30.25
C ALA B 250 -30.14 -58.95 30.12
N GLY B 251 -29.49 -58.43 31.16
CA GLY B 251 -28.06 -58.23 31.10
C GLY B 251 -27.61 -57.18 30.10
N GLU B 252 -28.52 -56.30 29.69
CA GLU B 252 -28.20 -55.24 28.75
C GLU B 252 -28.54 -53.86 29.30
N LYS B 253 -28.85 -53.77 30.59
CA LYS B 253 -29.32 -52.50 31.15
C LYS B 253 -28.18 -51.50 31.22
N MET B 254 -27.00 -51.93 31.65
CA MET B 254 -25.83 -51.07 31.61
C MET B 254 -25.45 -50.72 30.18
N GLY B 255 -25.45 -51.71 29.29
CA GLY B 255 -25.14 -51.48 27.91
C GLY B 255 -26.04 -50.43 27.30
N LEU B 256 -27.35 -50.63 27.46
CA LEU B 256 -28.33 -49.69 26.91
C LEU B 256 -28.14 -48.29 27.49
N SER B 257 -28.05 -48.17 28.81
CA SER B 257 -27.99 -46.85 29.42
C SER B 257 -26.70 -46.11 29.04
N ILE B 258 -25.56 -46.80 29.07
CA ILE B 258 -24.31 -46.13 28.79
C ILE B 258 -24.18 -45.82 27.30
N PHE B 259 -24.69 -46.68 26.43
CA PHE B 259 -24.67 -46.33 25.02
C PHE B 259 -25.61 -45.17 24.71
N ALA B 260 -26.72 -45.06 25.45
CA ALA B 260 -27.55 -43.86 25.35
C ALA B 260 -26.77 -42.62 25.76
N LEU B 261 -26.01 -42.73 26.85
CA LEU B 261 -25.16 -41.62 27.28
C LEU B 261 -24.14 -41.26 26.21
N LEU B 262 -23.54 -42.27 25.57
CA LEU B 262 -22.55 -42.03 24.52
C LEU B 262 -23.18 -41.30 23.34
N THR B 263 -24.38 -41.72 22.93
CA THR B 263 -25.08 -41.04 21.85
C THR B 263 -25.40 -39.60 22.23
N LEU B 264 -25.83 -39.38 23.47
CA LEU B 264 -26.08 -38.02 23.96
C LEU B 264 -24.80 -37.20 23.90
N THR B 265 -23.66 -37.81 24.25
CA THR B 265 -22.38 -37.11 24.16
C THR B 265 -22.04 -36.75 22.73
N VAL B 266 -22.35 -37.63 21.78
CA VAL B 266 -22.11 -37.32 20.37
C VAL B 266 -22.98 -36.15 19.93
N PHE B 267 -24.24 -36.11 20.37
CA PHE B 267 -25.08 -34.95 20.06
C PHE B 267 -24.60 -33.70 20.76
N LEU B 268 -23.98 -33.83 21.93
CA LEU B 268 -23.35 -32.69 22.59
C LEU B 268 -22.18 -32.17 21.76
N LEU B 269 -21.35 -33.08 21.24
CA LEU B 269 -20.28 -32.69 20.32
C LEU B 269 -20.84 -31.99 19.09
N LEU B 270 -21.98 -32.47 18.59
CA LEU B 270 -22.65 -31.81 17.47
C LEU B 270 -23.04 -30.39 17.83
N LEU B 271 -23.74 -30.21 18.94
CA LEU B 271 -24.28 -28.90 19.29
C LEU B 271 -23.18 -27.92 19.67
N ALA B 272 -22.09 -28.41 20.27
CA ALA B 272 -21.00 -27.53 20.69
C ALA B 272 -20.39 -26.75 19.54
N ASP B 273 -20.54 -27.23 18.31
CA ASP B 273 -20.12 -26.46 17.14
C ASP B 273 -21.07 -25.33 16.80
N LYS B 274 -22.23 -25.27 17.43
CA LYS B 274 -23.28 -24.32 17.08
C LYS B 274 -23.53 -23.26 18.13
N VAL B 275 -23.47 -23.60 19.41
CA VAL B 275 -23.90 -22.71 20.48
C VAL B 275 -22.99 -21.49 20.60
N PRO B 276 -23.52 -20.36 21.05
CA PRO B 276 -22.66 -19.22 21.40
C PRO B 276 -21.69 -19.57 22.52
N GLU B 277 -20.50 -18.98 22.47
CA GLU B 277 -19.44 -19.27 23.42
C GLU B 277 -19.44 -18.34 24.64
N THR B 278 -20.22 -17.26 24.61
CA THR B 278 -20.28 -16.34 25.74
C THR B 278 -20.95 -17.01 26.95
N SER B 279 -20.56 -16.55 28.13
CA SER B 279 -21.00 -17.14 29.39
C SER B 279 -21.91 -16.20 30.19
N LEU B 280 -22.61 -15.29 29.51
CA LEU B 280 -23.55 -14.41 30.21
C LEU B 280 -24.80 -15.16 30.64
N SER B 281 -25.15 -16.24 29.94
CA SER B 281 -26.32 -17.03 30.29
C SER B 281 -26.18 -18.41 29.64
N VAL B 282 -27.04 -19.32 30.06
CA VAL B 282 -27.03 -20.70 29.58
C VAL B 282 -28.18 -20.88 28.59
N PRO B 283 -27.91 -21.37 27.38
CA PRO B 283 -29.01 -21.62 26.43
C PRO B 283 -29.99 -22.64 26.98
N ILE B 284 -31.28 -22.44 26.67
CA ILE B 284 -32.29 -23.39 27.10
C ILE B 284 -32.04 -24.76 26.52
N ILE B 285 -31.49 -24.83 25.30
CA ILE B 285 -31.13 -26.13 24.73
C ILE B 285 -29.95 -26.74 25.48
N ILE B 286 -29.01 -25.91 25.94
CA ILE B 286 -27.92 -26.43 26.75
C ILE B 286 -28.44 -26.91 28.10
N LYS B 287 -29.37 -26.16 28.69
CA LYS B 287 -30.05 -26.63 29.89
C LYS B 287 -30.71 -27.97 29.65
N TYR B 288 -31.37 -28.14 28.49
CA TYR B 288 -32.01 -29.40 28.17
C TYR B 288 -31.00 -30.53 28.03
N LEU B 289 -29.87 -30.26 27.37
CA LEU B 289 -28.82 -31.27 27.25
C LEU B 289 -28.29 -31.69 28.61
N MET B 290 -27.98 -30.72 29.47
CA MET B 290 -27.48 -31.04 30.80
C MET B 290 -28.50 -31.81 31.61
N PHE B 291 -29.78 -31.42 31.51
CA PHE B 291 -30.84 -32.13 32.20
C PHE B 291 -30.94 -33.58 31.70
N THR B 292 -30.82 -33.79 30.39
CA THR B 292 -30.90 -35.14 29.84
C THR B 292 -29.69 -35.98 30.27
N MET B 293 -28.51 -35.38 30.31
CA MET B 293 -27.34 -36.10 30.79
C MET B 293 -27.49 -36.48 32.26
N VAL B 294 -28.04 -35.57 33.07
CA VAL B 294 -28.32 -35.89 34.47
C VAL B 294 -29.32 -37.03 34.57
N LEU B 295 -30.35 -37.00 33.74
CA LEU B 295 -31.36 -38.06 33.73
C LEU B 295 -30.73 -39.40 33.38
N VAL B 296 -29.85 -39.43 32.38
CA VAL B 296 -29.18 -40.68 32.00
C VAL B 296 -28.28 -41.17 33.13
N THR B 297 -27.57 -40.25 33.78
CA THR B 297 -26.73 -40.63 34.92
C THR B 297 -27.57 -41.25 36.03
N PHE B 298 -28.70 -40.62 36.35
CA PHE B 298 -29.60 -41.18 37.37
C PHE B 298 -30.16 -42.52 36.93
N SER B 299 -30.44 -42.70 35.65
CA SER B 299 -30.92 -43.99 35.17
C SER B 299 -29.88 -45.07 35.37
N VAL B 300 -28.61 -44.74 35.09
CA VAL B 300 -27.53 -45.69 35.35
C VAL B 300 -27.45 -46.02 36.84
N ILE B 301 -27.48 -44.99 37.69
CA ILE B 301 -27.36 -45.20 39.13
C ILE B 301 -28.49 -46.07 39.65
N LEU B 302 -29.72 -45.76 39.25
CA LEU B 302 -30.87 -46.51 39.73
C LEU B 302 -30.92 -47.92 39.15
N SER B 303 -30.42 -48.11 37.93
CA SER B 303 -30.30 -49.46 37.39
C SER B 303 -29.28 -50.27 38.17
N VAL B 304 -28.18 -49.65 38.57
CA VAL B 304 -27.19 -50.34 39.39
C VAL B 304 -27.78 -50.69 40.75
N VAL B 305 -28.59 -49.80 41.32
CA VAL B 305 -29.25 -50.09 42.59
C VAL B 305 -30.20 -51.28 42.44
N VAL B 306 -31.01 -51.28 41.38
CA VAL B 306 -31.93 -52.38 41.14
C VAL B 306 -31.18 -53.69 40.97
N LEU B 307 -30.08 -53.67 40.21
CA LEU B 307 -29.29 -54.88 40.02
C LEU B 307 -28.66 -55.35 41.33
N ASN B 308 -28.21 -54.42 42.16
CA ASN B 308 -27.65 -54.78 43.46
C ASN B 308 -28.70 -55.39 44.37
N LEU B 309 -29.96 -54.97 44.23
CA LEU B 309 -31.03 -55.64 44.96
C LEU B 309 -31.31 -57.03 44.39
N HIS B 310 -31.33 -57.15 43.06
CA HIS B 310 -31.76 -58.39 42.42
C HIS B 310 -30.81 -59.54 42.74
N HIS B 311 -29.51 -59.28 42.78
CA HIS B 311 -28.51 -60.33 42.91
C HIS B 311 -28.29 -60.76 44.36
N ARG B 312 -29.01 -60.18 45.31
CA ARG B 312 -28.90 -60.58 46.71
C ARG B 312 -29.51 -61.95 46.93
N ASP B 436 -36.78 -63.48 48.08
CA ASP B 436 -37.76 -62.44 47.82
C ASP B 436 -37.11 -61.18 47.28
N TRP B 437 -35.77 -61.19 47.24
CA TRP B 437 -35.03 -60.01 46.80
C TRP B 437 -35.32 -59.68 45.34
N GLN B 438 -35.61 -60.67 44.51
CA GLN B 438 -35.96 -60.39 43.12
C GLN B 438 -37.27 -59.64 43.01
N PHE B 439 -38.27 -60.02 43.82
CA PHE B 439 -39.54 -59.30 43.83
C PHE B 439 -39.37 -57.87 44.34
N VAL B 440 -38.57 -57.70 45.39
CA VAL B 440 -38.26 -56.35 45.89
C VAL B 440 -37.59 -55.54 44.78
N ALA B 441 -36.63 -56.13 44.09
CA ALA B 441 -35.94 -55.44 43.01
C ALA B 441 -36.90 -55.04 41.90
N MET B 442 -37.83 -55.93 41.54
CA MET B 442 -38.80 -55.62 40.49
C MET B 442 -39.72 -54.48 40.91
N VAL B 443 -40.19 -54.50 42.16
CA VAL B 443 -41.05 -53.43 42.65
C VAL B 443 -40.29 -52.10 42.67
N VAL B 444 -39.03 -52.14 43.09
CA VAL B 444 -38.20 -50.93 43.10
C VAL B 444 -37.99 -50.42 41.68
N ASP B 445 -37.81 -51.33 40.72
CA ASP B 445 -37.67 -50.93 39.33
C ASP B 445 -38.93 -50.27 38.81
N ARG B 446 -40.10 -50.81 39.16
CA ARG B 446 -41.37 -50.19 38.78
C ARG B 446 -41.49 -48.78 39.37
N LEU B 447 -41.20 -48.64 40.66
CA LEU B 447 -41.23 -47.34 41.31
C LEU B 447 -40.28 -46.36 40.63
N PHE B 448 -39.07 -46.81 40.32
CA PHE B 448 -38.12 -45.95 39.61
C PHE B 448 -38.64 -45.55 38.24
N LEU B 449 -39.26 -46.50 37.53
CA LEU B 449 -39.85 -46.19 36.24
C LEU B 449 -40.86 -45.05 36.35
N TRP B 450 -41.80 -45.17 37.29
CA TRP B 450 -42.83 -44.14 37.40
C TRP B 450 -42.26 -42.81 37.90
N THR B 451 -41.35 -42.84 38.87
CA THR B 451 -40.75 -41.60 39.35
C THR B 451 -39.95 -40.89 38.26
N PHE B 452 -39.17 -41.65 37.49
CA PHE B 452 -38.40 -41.06 36.40
C PHE B 452 -39.33 -40.51 35.33
N ILE B 453 -40.44 -41.22 35.04
CA ILE B 453 -41.44 -40.69 34.12
C ILE B 453 -41.95 -39.33 34.61
N ILE B 454 -42.29 -39.24 35.89
CA ILE B 454 -42.84 -38.00 36.42
C ILE B 454 -41.82 -36.86 36.32
N PHE B 455 -40.60 -37.12 36.79
CA PHE B 455 -39.56 -36.09 36.75
C PHE B 455 -39.26 -35.66 35.32
N THR B 456 -39.14 -36.62 34.41
CA THR B 456 -38.86 -36.32 33.01
C THR B 456 -39.97 -35.47 32.40
N SER B 457 -41.23 -35.86 32.63
CA SER B 457 -42.33 -35.11 32.06
C SER B 457 -42.37 -33.69 32.60
N VAL B 458 -42.20 -33.53 33.91
CA VAL B 458 -42.20 -32.20 34.50
C VAL B 458 -41.09 -31.34 33.91
N GLY B 459 -39.87 -31.88 33.88
CA GLY B 459 -38.75 -31.11 33.35
C GLY B 459 -38.93 -30.72 31.90
N THR B 460 -39.27 -31.69 31.04
CA THR B 460 -39.45 -31.40 29.62
C THR B 460 -40.60 -30.43 29.38
N LEU B 461 -41.71 -30.61 30.11
CA LEU B 461 -42.84 -29.71 29.94
C LEU B 461 -42.48 -28.28 30.33
N VAL B 462 -41.79 -28.11 31.46
CA VAL B 462 -41.36 -26.77 31.86
C VAL B 462 -40.43 -26.18 30.81
N ILE B 463 -39.47 -26.98 30.34
CA ILE B 463 -38.52 -26.50 29.34
C ILE B 463 -39.24 -26.03 28.07
N PHE B 464 -40.14 -26.87 27.55
CA PHE B 464 -40.81 -26.54 26.31
C PHE B 464 -41.77 -25.37 26.46
N LEU B 465 -42.48 -25.29 27.59
CA LEU B 465 -43.35 -24.15 27.83
C LEU B 465 -42.55 -22.85 27.90
N ASP B 466 -41.42 -22.87 28.61
CA ASP B 466 -40.60 -21.67 28.70
C ASP B 466 -40.05 -21.29 27.34
N ALA B 467 -39.63 -22.27 26.53
CA ALA B 467 -39.12 -21.97 25.20
C ALA B 467 -40.21 -21.45 24.28
N THR B 468 -41.45 -21.89 24.45
CA THR B 468 -42.52 -21.47 23.55
C THR B 468 -43.09 -20.11 23.92
N TYR B 469 -43.27 -19.84 25.22
CA TYR B 469 -43.87 -18.58 25.63
C TYR B 469 -42.96 -17.39 25.39
N HIS B 470 -41.66 -17.60 25.26
CA HIS B 470 -40.76 -16.53 24.82
C HIS B 470 -41.00 -16.24 23.34
N LEU B 471 -41.44 -15.02 23.05
CA LEU B 471 -41.85 -14.64 21.71
C LEU B 471 -41.37 -13.23 21.42
N PRO B 472 -41.12 -12.90 20.16
CA PRO B 472 -40.75 -11.52 19.83
C PRO B 472 -41.87 -10.56 20.19
N PRO B 473 -41.54 -9.39 20.72
CA PRO B 473 -42.56 -8.48 21.23
C PRO B 473 -43.33 -7.83 20.09
N PRO B 474 -44.56 -7.39 20.35
CA PRO B 474 -45.32 -6.68 19.31
C PRO B 474 -44.81 -5.28 19.02
N ASP B 475 -43.98 -4.71 19.89
CA ASP B 475 -43.50 -3.35 19.74
C ASP B 475 -41.98 -3.36 19.79
N PRO B 476 -41.31 -2.74 18.81
CA PRO B 476 -39.83 -2.71 18.83
C PRO B 476 -39.24 -1.97 20.01
N PHE B 477 -40.01 -1.12 20.69
CA PHE B 477 -39.53 -0.36 21.85
C PHE B 477 -40.49 -0.54 23.01
N PRO B 478 -40.55 -1.73 23.60
CA PRO B 478 -41.50 -2.02 24.68
C PRO B 478 -41.13 -1.32 25.99
N ASP C 1 34.75 -0.70 -28.51
CA ASP C 1 33.92 0.09 -29.40
C ASP C 1 33.99 -0.45 -30.84
N ILE C 2 33.08 0.02 -31.68
CA ILE C 2 32.96 -0.48 -33.04
C ILE C 2 34.04 0.18 -33.89
N VAL C 3 34.88 -0.64 -34.52
CA VAL C 3 35.85 -0.13 -35.47
C VAL C 3 35.18 -0.02 -36.84
N ILE C 4 35.49 1.04 -37.56
CA ILE C 4 34.87 1.34 -38.84
C ILE C 4 35.94 1.44 -39.91
N THR C 5 35.67 0.88 -41.09
CA THR C 5 36.53 1.03 -42.25
C THR C 5 35.72 1.55 -43.41
N GLN C 6 36.37 2.35 -44.26
CA GLN C 6 35.72 2.95 -45.42
C GLN C 6 36.43 2.54 -46.69
N SER C 7 35.67 2.42 -47.77
CA SER C 7 36.27 2.11 -49.06
C SER C 7 35.48 2.79 -50.16
N PRO C 8 36.16 3.19 -51.24
CA PRO C 8 37.63 3.20 -51.42
C PRO C 8 38.27 4.38 -50.71
N SER C 9 39.58 4.37 -50.46
CA SER C 9 40.21 5.50 -49.79
C SER C 9 40.19 6.75 -50.66
N LEU C 10 40.44 6.59 -51.96
CA LEU C 10 40.21 7.63 -52.94
C LEU C 10 39.32 7.07 -54.05
N LEU C 11 38.48 7.93 -54.61
CA LEU C 11 37.57 7.51 -55.68
C LEU C 11 37.53 8.61 -56.72
N SER C 12 38.14 8.37 -57.88
CA SER C 12 38.09 9.30 -58.99
C SER C 12 36.78 9.11 -59.73
N ALA C 13 36.04 10.20 -59.91
CA ALA C 13 34.76 10.14 -60.60
C ALA C 13 34.58 11.42 -61.40
N SER C 14 33.68 11.35 -62.38
CA SER C 14 33.43 12.48 -63.27
C SER C 14 32.07 13.09 -62.97
N VAL C 15 31.91 14.35 -63.37
CA VAL C 15 30.69 15.10 -63.09
C VAL C 15 29.50 14.39 -63.73
N GLY C 16 28.44 14.21 -62.94
CA GLY C 16 27.24 13.53 -63.38
C GLY C 16 27.21 12.03 -63.13
N ASP C 17 28.32 11.45 -62.70
CA ASP C 17 28.34 10.01 -62.44
C ASP C 17 27.63 9.68 -61.13
N ARG C 18 26.99 8.51 -61.11
CA ARG C 18 26.58 7.92 -59.86
C ARG C 18 27.80 7.33 -59.15
N VAL C 19 27.86 7.51 -57.83
CA VAL C 19 28.99 7.04 -57.05
C VAL C 19 28.48 6.44 -55.75
N THR C 20 29.16 5.39 -55.29
CA THR C 20 28.79 4.69 -54.06
C THR C 20 30.00 4.51 -53.17
N LEU C 21 29.83 4.83 -51.88
CA LEU C 21 30.87 4.74 -50.87
C LEU C 21 30.43 3.71 -49.84
N THR C 22 31.35 2.84 -49.41
CA THR C 22 30.99 1.77 -48.51
C THR C 22 31.65 1.97 -47.16
N CYS C 23 30.92 1.65 -46.11
CA CYS C 23 31.38 1.74 -44.73
C CYS C 23 31.04 0.42 -44.06
N LYS C 24 32.00 -0.14 -43.33
CA LYS C 24 31.84 -1.46 -42.76
C LYS C 24 32.35 -1.46 -41.33
N GLY C 25 31.54 -2.00 -40.43
CA GLY C 25 31.92 -2.07 -39.03
C GLY C 25 32.49 -3.41 -38.65
N SER C 26 33.14 -3.43 -37.48
CA SER C 26 33.51 -4.70 -36.87
C SER C 26 32.36 -5.35 -36.13
N GLN C 27 31.29 -4.60 -35.87
CA GLN C 27 30.16 -5.10 -35.11
C GLN C 27 28.89 -4.54 -35.73
N ASN C 28 27.76 -5.12 -35.33
CA ASN C 28 26.47 -4.61 -35.77
C ASN C 28 26.27 -3.17 -35.30
N ILE C 29 26.00 -2.28 -36.26
CA ILE C 29 25.80 -0.87 -35.96
C ILE C 29 24.32 -0.51 -35.87
N ASP C 30 23.44 -1.43 -36.25
CA ASP C 30 22.01 -1.34 -35.97
C ASP C 30 21.40 -0.08 -36.58
N ASN C 31 21.88 0.30 -37.76
CA ASN C 31 21.45 1.47 -38.53
C ASN C 31 21.74 2.79 -37.84
N TYR C 32 22.51 2.80 -36.76
CA TYR C 32 22.93 4.05 -36.13
C TYR C 32 24.21 4.55 -36.77
N LEU C 33 24.14 4.74 -38.08
CA LEU C 33 25.26 5.26 -38.86
C LEU C 33 24.88 6.61 -39.45
N ALA C 34 25.83 7.54 -39.44
CA ALA C 34 25.65 8.83 -40.06
C ALA C 34 26.80 9.10 -41.02
N TRP C 35 26.52 9.95 -42.00
CA TRP C 35 27.49 10.38 -43.00
C TRP C 35 27.55 11.89 -43.00
N TYR C 36 28.76 12.44 -42.98
CA TYR C 36 28.95 13.88 -43.11
C TYR C 36 30.03 14.19 -44.12
N GLN C 37 29.87 15.35 -44.75
CA GLN C 37 30.74 15.84 -45.81
C GLN C 37 31.64 16.93 -45.27
N GLN C 38 32.93 16.88 -45.63
CA GLN C 38 33.88 17.91 -45.26
C GLN C 38 34.69 18.34 -46.48
N LYS C 39 34.82 19.65 -46.63
CA LYS C 39 35.71 20.26 -47.61
C LYS C 39 36.88 20.92 -46.89
N LEU C 40 37.91 21.25 -47.64
CA LEU C 40 39.06 21.95 -47.07
C LEU C 40 38.64 23.31 -46.53
N GLY C 41 39.04 23.61 -45.29
CA GLY C 41 38.73 24.88 -44.70
C GLY C 41 37.27 25.12 -44.40
N GLU C 42 36.45 24.08 -44.38
CA GLU C 42 35.01 24.21 -44.23
C GLU C 42 34.55 23.48 -42.98
N ALA C 43 33.48 23.99 -42.39
CA ALA C 43 32.79 23.26 -41.34
C ALA C 43 32.18 22.00 -41.93
N PRO C 44 32.34 20.85 -41.26
CA PRO C 44 31.66 19.64 -41.72
C PRO C 44 30.15 19.83 -41.75
N LYS C 45 29.50 19.14 -42.67
CA LYS C 45 28.05 19.20 -42.83
C LYS C 45 27.49 17.79 -42.82
N LEU C 46 26.51 17.56 -41.94
CA LEU C 46 25.88 16.25 -41.89
C LEU C 46 25.02 16.01 -43.13
N LEU C 47 25.20 14.86 -43.76
CA LEU C 47 24.39 14.46 -44.91
C LEU C 47 23.27 13.51 -44.51
N ILE C 48 23.62 12.42 -43.85
CA ILE C 48 22.67 11.34 -43.59
C ILE C 48 22.80 10.96 -42.13
N TYR C 49 21.68 10.65 -41.48
CA TYR C 49 21.71 10.03 -40.18
C TYR C 49 20.71 8.89 -40.15
N LYS C 50 20.94 7.95 -39.24
CA LYS C 50 20.14 6.74 -39.13
C LYS C 50 20.01 6.04 -40.48
N THR C 51 21.08 6.09 -41.26
CA THR C 51 21.29 5.32 -42.49
C THR C 51 20.41 5.74 -43.66
N ASN C 52 19.35 6.50 -43.41
CA ASN C 52 18.41 6.86 -44.48
C ASN C 52 17.98 8.30 -44.46
N SER C 53 17.96 8.93 -43.30
CA SER C 53 17.27 10.21 -43.14
C SER C 53 18.15 11.33 -43.66
N LEU C 54 17.69 12.01 -44.70
CA LEU C 54 18.41 13.17 -45.21
C LEU C 54 18.38 14.30 -44.19
N GLN C 55 19.53 14.94 -44.00
CA GLN C 55 19.57 16.16 -43.23
C GLN C 55 18.78 17.24 -43.97
N THR C 56 18.10 18.10 -43.21
CA THR C 56 17.23 19.10 -43.82
C THR C 56 18.05 20.03 -44.72
N GLY C 57 17.54 20.26 -45.92
CA GLY C 57 18.22 21.09 -46.90
C GLY C 57 19.32 20.43 -47.69
N ILE C 58 19.60 19.16 -47.44
CA ILE C 58 20.59 18.44 -48.26
C ILE C 58 19.97 18.12 -49.62
N PRO C 59 20.72 18.27 -50.71
CA PRO C 59 20.18 17.91 -52.04
C PRO C 59 19.78 16.45 -52.09
N SER C 60 18.72 16.19 -52.86
CA SER C 60 18.20 14.83 -53.04
C SER C 60 19.19 13.89 -53.70
N ARG C 61 20.35 14.38 -54.16
CA ARG C 61 21.34 13.51 -54.77
C ARG C 61 21.79 12.43 -53.80
N PHE C 62 21.94 12.77 -52.53
CA PHE C 62 22.47 11.84 -51.53
C PHE C 62 21.37 10.89 -51.05
N SER C 63 21.72 9.62 -50.95
CA SER C 63 20.82 8.64 -50.35
C SER C 63 21.65 7.62 -49.59
N GLY C 64 21.14 7.18 -48.45
CA GLY C 64 21.88 6.21 -47.68
C GLY C 64 21.15 4.88 -47.62
N SER C 65 21.89 3.79 -47.44
CA SER C 65 21.27 2.49 -47.32
C SER C 65 22.20 1.57 -46.55
N GLY C 66 21.65 0.46 -46.09
CA GLY C 66 22.49 -0.52 -45.44
C GLY C 66 21.85 -1.23 -44.27
N SER C 67 22.55 -2.22 -43.72
CA SER C 67 22.05 -2.94 -42.57
C SER C 67 23.20 -3.69 -41.92
N GLY C 68 22.98 -4.13 -40.69
CA GLY C 68 23.94 -4.94 -39.99
C GLY C 68 25.28 -4.25 -39.81
N THR C 69 26.28 -4.73 -40.54
CA THR C 69 27.62 -4.17 -40.46
C THR C 69 28.03 -3.45 -41.74
N ASP C 70 27.18 -3.41 -42.76
CA ASP C 70 27.56 -2.87 -44.07
C ASP C 70 26.59 -1.79 -44.49
N TYR C 71 27.13 -0.64 -44.89
CA TYR C 71 26.32 0.51 -45.21
C TYR C 71 26.94 1.22 -46.41
N THR C 72 26.10 1.93 -47.15
CA THR C 72 26.56 2.65 -48.33
C THR C 72 25.91 4.03 -48.39
N LEU C 73 26.65 4.96 -48.97
CA LEU C 73 26.15 6.28 -49.34
C LEU C 73 26.25 6.41 -50.85
N THR C 74 25.17 6.87 -51.49
CA THR C 74 25.12 6.97 -52.93
C THR C 74 24.80 8.39 -53.36
N ILE C 75 25.52 8.86 -54.37
CA ILE C 75 25.23 10.12 -55.04
C ILE C 75 24.77 9.78 -56.46
N SER C 76 23.52 10.11 -56.77
CA SER C 76 22.92 9.68 -58.02
C SER C 76 23.61 10.32 -59.23
N SER C 77 23.95 11.60 -59.12
CA SER C 77 24.52 12.34 -60.25
C SER C 77 25.49 13.38 -59.71
N LEU C 78 26.78 13.06 -59.76
CA LEU C 78 27.82 13.85 -59.13
C LEU C 78 27.90 15.27 -59.66
N HIS C 79 27.60 16.26 -58.82
CA HIS C 79 27.87 17.65 -59.16
C HIS C 79 29.29 18.01 -58.78
N SER C 80 29.78 19.11 -59.36
CA SER C 80 31.11 19.59 -59.04
C SER C 80 31.22 20.03 -57.58
N GLU C 81 30.11 20.46 -56.98
CA GLU C 81 30.09 20.85 -55.58
C GLU C 81 30.25 19.68 -54.62
N ASP C 82 30.17 18.44 -55.11
CA ASP C 82 30.14 17.26 -54.25
C ASP C 82 31.51 16.63 -54.07
N LEU C 83 32.55 17.16 -54.70
CA LEU C 83 33.91 16.62 -54.53
C LEU C 83 34.42 16.99 -53.15
N ALA C 84 34.65 15.98 -52.30
CA ALA C 84 34.93 16.27 -50.89
C ALA C 84 35.32 14.98 -50.18
N THR C 85 35.69 15.11 -48.90
CA THR C 85 35.88 13.95 -48.05
C THR C 85 34.56 13.60 -47.38
N TYR C 86 34.24 12.31 -47.35
CA TYR C 86 33.02 11.81 -46.75
C TYR C 86 33.37 10.88 -45.60
N TYR C 87 32.89 11.19 -44.41
CA TYR C 87 33.12 10.37 -43.23
C TYR C 87 31.82 9.68 -42.83
N CYS C 88 31.89 8.38 -42.59
CA CYS C 88 30.86 7.70 -41.82
C CYS C 88 31.27 7.66 -40.37
N TYR C 89 30.28 7.66 -39.49
CA TYR C 89 30.53 7.42 -38.08
C TYR C 89 29.32 6.75 -37.48
N GLN C 90 29.53 6.12 -36.34
CA GLN C 90 28.46 5.47 -35.60
C GLN C 90 28.35 6.12 -34.24
N TYR C 91 27.15 6.03 -33.67
CA TYR C 91 26.86 6.72 -32.42
C TYR C 91 26.00 5.88 -31.50
N ILE C 92 26.26 4.57 -31.46
CA ILE C 92 25.40 3.63 -30.75
C ILE C 92 26.19 3.01 -29.60
N ASN C 93 27.47 2.76 -29.82
CA ASN C 93 28.36 2.26 -28.77
C ASN C 93 29.67 3.02 -28.89
N GLY C 94 29.81 4.12 -28.15
CA GLY C 94 30.92 5.00 -28.34
C GLY C 94 30.68 5.90 -29.53
N TYR C 95 31.70 6.67 -29.90
CA TYR C 95 31.71 7.42 -31.14
C TYR C 95 32.99 7.09 -31.88
N THR C 96 32.86 6.50 -33.07
CA THR C 96 34.01 6.13 -33.86
C THR C 96 33.76 6.54 -35.31
N PHE C 97 34.82 6.98 -35.96
CA PHE C 97 34.76 7.54 -37.30
C PHE C 97 35.62 6.70 -38.25
N GLY C 98 35.19 6.63 -39.50
CA GLY C 98 36.04 6.07 -40.53
C GLY C 98 37.19 7.00 -40.86
N THR C 99 38.06 6.53 -41.74
CA THR C 99 39.19 7.35 -42.17
C THR C 99 38.81 8.37 -43.23
N GLY C 100 37.59 8.32 -43.75
CA GLY C 100 37.19 9.23 -44.81
C GLY C 100 37.45 8.71 -46.20
N THR C 101 36.57 9.05 -47.14
CA THR C 101 36.75 8.77 -48.55
C THR C 101 36.86 10.09 -49.29
N LYS C 102 37.95 10.28 -50.03
CA LYS C 102 38.22 11.55 -50.70
C LYS C 102 37.72 11.46 -52.13
N LEU C 103 36.44 11.76 -52.32
CA LEU C 103 35.85 11.77 -53.65
C LEU C 103 36.40 12.92 -54.45
N GLU C 104 37.06 12.60 -55.58
CA GLU C 104 37.85 13.54 -56.35
C GLU C 104 37.49 13.44 -57.83
N LEU C 105 37.73 14.55 -58.55
CA LEU C 105 37.32 14.66 -59.94
C LEU C 105 38.20 13.83 -60.87
N LYS C 106 37.57 13.12 -61.80
CA LYS C 106 38.29 12.36 -62.80
C LYS C 106 39.06 13.29 -63.74
N ARG C 107 40.22 12.84 -64.21
CA ARG C 107 41.11 13.67 -65.00
C ARG C 107 41.81 12.82 -66.04
N ALA C 108 42.04 13.39 -67.21
CA ALA C 108 42.85 12.72 -68.23
C ALA C 108 44.28 12.55 -67.75
N ASP C 109 44.88 11.42 -68.12
CA ASP C 109 46.23 11.11 -67.66
C ASP C 109 47.23 12.14 -68.16
N ALA C 110 48.24 12.42 -67.33
CA ALA C 110 49.31 13.33 -67.69
C ALA C 110 50.62 12.81 -67.13
N ALA C 111 51.68 12.87 -67.93
CA ALA C 111 52.99 12.47 -67.45
C ALA C 111 53.59 13.59 -66.59
N PRO C 112 54.34 13.22 -65.54
CA PRO C 112 54.95 14.25 -64.68
C PRO C 112 56.05 15.00 -65.41
N THR C 113 56.06 16.32 -65.24
CA THR C 113 57.19 17.16 -65.64
C THR C 113 58.23 17.04 -64.54
N VAL C 114 59.22 16.18 -64.77
CA VAL C 114 60.24 15.90 -63.77
C VAL C 114 61.42 16.85 -63.96
N SER C 115 61.98 17.30 -62.84
CA SER C 115 63.20 18.11 -62.86
C SER C 115 63.94 17.90 -61.55
N ILE C 116 65.24 18.21 -61.56
CA ILE C 116 66.09 18.02 -60.39
C ILE C 116 66.97 19.25 -60.22
N PHE C 117 67.25 19.59 -58.95
CA PHE C 117 68.05 20.75 -58.63
C PHE C 117 69.05 20.39 -57.53
N PRO C 118 70.33 20.65 -57.75
CA PRO C 118 71.34 20.47 -56.70
C PRO C 118 71.24 21.57 -55.66
N PRO C 119 71.82 21.36 -54.47
CA PRO C 119 71.95 22.47 -53.52
C PRO C 119 72.88 23.54 -54.07
N SER C 120 72.33 24.74 -54.22
CA SER C 120 73.09 25.86 -54.76
C SER C 120 74.26 26.23 -53.85
N THR C 121 75.27 26.89 -54.44
CA THR C 121 76.44 27.28 -53.67
C THR C 121 76.09 28.26 -52.56
N GLU C 122 75.04 29.06 -52.75
CA GLU C 122 74.56 29.92 -51.67
C GLU C 122 74.10 29.09 -50.48
N GLN C 123 73.52 27.92 -50.73
CA GLN C 123 73.18 27.00 -49.66
C GLN C 123 74.42 26.31 -49.11
N LEU C 124 75.32 25.88 -49.99
CA LEU C 124 76.51 25.16 -49.55
C LEU C 124 77.38 26.03 -48.65
N ALA C 125 77.34 27.35 -48.83
CA ALA C 125 78.07 28.24 -47.93
C ALA C 125 77.57 28.16 -46.50
N THR C 126 76.31 27.77 -46.30
CA THR C 126 75.75 27.61 -44.96
C THR C 126 75.98 26.22 -44.39
N GLY C 127 76.49 25.28 -45.18
CA GLY C 127 76.64 23.90 -44.74
C GLY C 127 75.46 23.01 -45.05
N GLY C 128 74.32 23.56 -45.44
CA GLY C 128 73.21 22.74 -45.89
C GLY C 128 73.35 22.35 -47.35
N ALA C 129 72.92 21.12 -47.65
CA ALA C 129 73.10 20.55 -48.98
C ALA C 129 71.88 19.77 -49.41
N SER C 130 70.70 20.32 -49.16
CA SER C 130 69.45 19.64 -49.53
C SER C 130 69.27 19.65 -51.05
N VAL C 131 69.24 18.45 -51.65
CA VAL C 131 68.91 18.31 -53.06
C VAL C 131 67.39 18.26 -53.20
N VAL C 132 66.87 18.65 -54.36
CA VAL C 132 65.42 18.71 -54.53
C VAL C 132 65.04 18.15 -55.89
N CYS C 133 63.90 17.47 -55.96
CA CYS C 133 63.38 16.90 -57.19
C CYS C 133 61.89 17.20 -57.28
N LEU C 134 61.45 17.67 -58.44
CA LEU C 134 60.08 18.10 -58.64
C LEU C 134 59.41 17.30 -59.74
N MET C 135 58.10 17.11 -59.60
CA MET C 135 57.29 16.37 -60.57
C MET C 135 55.97 17.12 -60.69
N ASN C 136 55.86 17.97 -61.71
CA ASN C 136 54.75 18.89 -61.81
C ASN C 136 53.67 18.35 -62.75
N ASN C 137 52.40 18.57 -62.35
CA ASN C 137 51.24 18.35 -63.21
C ASN C 137 51.12 16.90 -63.69
N PHE C 138 51.27 15.96 -62.76
CA PHE C 138 51.03 14.57 -63.08
C PHE C 138 49.64 14.14 -62.61
N TYR C 139 49.12 13.08 -63.25
CA TYR C 139 47.88 12.44 -62.86
C TYR C 139 47.94 11.01 -63.38
N PRO C 140 47.42 10.03 -62.63
CA PRO C 140 46.84 10.11 -61.28
C PRO C 140 47.88 10.38 -60.20
N ARG C 141 47.45 10.46 -58.94
CA ARG C 141 48.37 10.79 -57.86
C ARG C 141 49.30 9.64 -57.50
N ASP C 142 49.08 8.45 -58.04
CA ASP C 142 49.94 7.31 -57.76
C ASP C 142 51.32 7.56 -58.37
N ILE C 143 52.32 7.76 -57.51
CA ILE C 143 53.67 8.09 -57.96
C ILE C 143 54.66 7.58 -56.92
N SER C 144 55.85 7.19 -57.40
CA SER C 144 56.93 6.75 -56.52
C SER C 144 58.21 7.48 -56.89
N VAL C 145 59.00 7.84 -55.88
CA VAL C 145 60.20 8.62 -56.06
C VAL C 145 61.37 7.94 -55.34
N LYS C 146 62.52 7.91 -55.99
CA LYS C 146 63.73 7.35 -55.40
C LYS C 146 64.90 8.29 -55.63
N TRP C 147 65.73 8.46 -54.61
CA TRP C 147 66.98 9.21 -54.70
C TRP C 147 68.15 8.26 -54.81
N LYS C 148 69.05 8.53 -55.75
CA LYS C 148 70.27 7.75 -55.87
C LYS C 148 71.47 8.68 -55.95
N ILE C 149 72.52 8.35 -55.20
CA ILE C 149 73.75 9.13 -55.14
C ILE C 149 74.91 8.18 -55.41
N ASP C 150 75.75 8.54 -56.39
CA ASP C 150 76.79 7.65 -56.90
C ASP C 150 76.25 6.25 -57.17
N GLY C 151 75.01 6.19 -57.67
CA GLY C 151 74.36 4.93 -57.96
C GLY C 151 73.72 4.23 -56.78
N THR C 152 74.20 4.47 -55.55
CA THR C 152 73.59 3.84 -54.39
C THR C 152 72.30 4.54 -54.02
N GLU C 153 71.27 3.76 -53.70
CA GLU C 153 70.00 4.32 -53.29
C GLU C 153 70.09 4.94 -51.90
N ARG C 154 69.30 5.98 -51.67
CA ARG C 154 69.33 6.71 -50.42
C ARG C 154 67.91 6.84 -49.87
N ARG C 155 67.77 6.68 -48.55
CA ARG C 155 66.47 6.80 -47.90
C ARG C 155 66.54 7.74 -46.71
N ASP C 156 67.69 7.81 -46.06
CA ASP C 156 67.88 8.74 -44.95
C ASP C 156 67.83 10.18 -45.45
N GLY C 157 67.09 11.02 -44.74
CA GLY C 157 66.96 12.41 -45.11
C GLY C 157 65.95 12.69 -46.20
N VAL C 158 65.29 11.66 -46.74
CA VAL C 158 64.34 11.82 -47.82
C VAL C 158 63.00 12.28 -47.26
N LEU C 159 62.37 13.24 -47.93
CA LEU C 159 61.05 13.72 -47.57
C LEU C 159 60.33 14.11 -48.84
N ASP C 160 59.00 14.24 -48.75
CA ASP C 160 58.23 14.59 -49.93
C ASP C 160 56.88 15.17 -49.53
N SER C 161 56.29 15.91 -50.47
CA SER C 161 54.95 16.46 -50.30
C SER C 161 54.28 16.53 -51.66
N VAL C 162 52.94 16.51 -51.66
CA VAL C 162 52.14 16.55 -52.87
C VAL C 162 51.04 17.58 -52.68
N THR C 163 50.81 18.39 -53.71
CA THR C 163 49.69 19.33 -53.68
C THR C 163 48.38 18.60 -53.93
N ASP C 164 47.28 19.31 -53.68
CA ASP C 164 45.95 18.84 -54.07
C ASP C 164 45.73 19.10 -55.56
N GLN C 165 44.65 18.52 -56.08
CA GLN C 165 44.24 18.77 -57.46
C GLN C 165 44.19 20.26 -57.76
N ASP C 166 44.81 20.65 -58.86
CA ASP C 166 44.79 22.05 -59.28
C ASP C 166 43.37 22.50 -59.59
N SER C 167 43.02 23.70 -59.16
CA SER C 167 41.67 24.22 -59.31
C SER C 167 41.26 24.38 -60.78
N LYS C 168 42.22 24.39 -61.71
CA LYS C 168 41.93 24.61 -63.12
C LYS C 168 42.13 23.38 -63.98
N ASP C 169 43.10 22.53 -63.66
CA ASP C 169 43.42 21.38 -64.50
C ASP C 169 43.39 20.05 -63.77
N SER C 170 43.19 20.03 -62.46
CA SER C 170 42.99 18.83 -61.65
C SER C 170 44.21 17.91 -61.63
N THR C 171 45.36 18.35 -62.14
CA THR C 171 46.57 17.56 -62.00
C THR C 171 47.16 17.76 -60.61
N TYR C 172 48.20 16.98 -60.31
CA TYR C 172 48.91 17.06 -59.05
C TYR C 172 50.35 17.48 -59.28
N SER C 173 50.91 18.17 -58.30
CA SER C 173 52.32 18.56 -58.30
C SER C 173 52.98 18.02 -57.04
N MET C 174 54.18 17.48 -57.18
CA MET C 174 54.87 16.86 -56.06
C MET C 174 56.29 17.40 -55.97
N SER C 175 56.75 17.61 -54.73
CA SER C 175 58.14 17.94 -54.47
C SER C 175 58.74 16.88 -53.54
N SER C 176 60.04 16.69 -53.67
CA SER C 176 60.78 15.77 -52.81
C SER C 176 62.14 16.39 -52.52
N THR C 177 62.65 16.10 -51.33
CA THR C 177 63.90 16.70 -50.87
C THR C 177 64.76 15.63 -50.21
N LEU C 178 66.07 15.89 -50.23
CA LEU C 178 67.05 15.01 -49.59
C LEU C 178 68.05 15.93 -48.88
N SER C 179 67.89 16.06 -47.56
CA SER C 179 68.77 16.90 -46.77
C SER C 179 70.09 16.17 -46.52
N LEU C 180 71.19 16.90 -46.73
CA LEU C 180 72.52 16.35 -46.55
C LEU C 180 73.42 17.42 -45.97
N THR C 181 74.48 16.98 -45.30
CA THR C 181 75.54 17.89 -44.88
C THR C 181 76.46 18.19 -46.05
N LYS C 182 77.21 19.29 -45.92
CA LYS C 182 78.18 19.66 -46.95
C LYS C 182 79.21 18.57 -47.16
N ALA C 183 79.66 17.93 -46.08
CA ALA C 183 80.62 16.83 -46.20
C ALA C 183 80.01 15.65 -46.93
N ASP C 184 78.78 15.28 -46.57
CA ASP C 184 78.10 14.17 -47.23
C ASP C 184 77.86 14.48 -48.71
N TYR C 185 77.49 15.72 -49.02
CA TYR C 185 77.28 16.11 -50.41
C TYR C 185 78.57 16.02 -51.20
N GLU C 186 79.65 16.61 -50.67
CA GLU C 186 80.93 16.61 -51.38
C GLU C 186 81.53 15.21 -51.49
N SER C 187 81.12 14.29 -50.62
CA SER C 187 81.61 12.92 -50.68
C SER C 187 81.14 12.19 -51.94
N HIS C 188 80.18 12.73 -52.67
CA HIS C 188 79.66 12.09 -53.87
C HIS C 188 79.50 13.14 -54.96
N ASN C 189 79.35 12.68 -56.19
CA ASN C 189 79.25 13.60 -57.31
C ASN C 189 78.07 13.33 -58.22
N LEU C 190 77.74 12.06 -58.47
CA LEU C 190 76.58 11.72 -59.28
C LEU C 190 75.31 11.74 -58.43
N TYR C 191 74.28 12.42 -58.92
CA TYR C 191 72.99 12.47 -58.24
C TYR C 191 71.89 12.24 -59.26
N THR C 192 70.88 11.46 -58.89
CA THR C 192 69.75 11.25 -59.79
C THR C 192 68.46 11.02 -59.00
N CYS C 193 67.36 11.46 -59.61
CA CYS C 193 66.01 11.30 -59.10
C CYS C 193 65.26 10.40 -60.08
N GLU C 194 64.69 9.31 -59.58
CA GLU C 194 63.98 8.33 -60.38
C GLU C 194 62.49 8.36 -60.01
N VAL C 195 61.64 8.51 -61.02
CA VAL C 195 60.21 8.71 -60.82
C VAL C 195 59.47 7.58 -61.53
N VAL C 196 58.67 6.83 -60.78
CA VAL C 196 57.81 5.78 -61.32
C VAL C 196 56.38 6.31 -61.32
N HIS C 197 55.73 6.23 -62.48
CA HIS C 197 54.35 6.66 -62.61
C HIS C 197 53.65 5.77 -63.64
N LYS C 198 52.33 5.67 -63.50
CA LYS C 198 51.56 4.72 -64.28
C LYS C 198 51.56 5.01 -65.78
N THR C 199 51.95 6.22 -66.19
CA THR C 199 51.90 6.58 -67.60
C THR C 199 53.05 6.01 -68.42
N SER C 200 54.01 5.34 -67.78
CA SER C 200 55.16 4.79 -68.49
C SER C 200 55.53 3.45 -67.87
N SER C 201 55.99 2.53 -68.71
CA SER C 201 56.44 1.23 -68.24
C SER C 201 57.81 1.29 -67.58
N SER C 202 58.60 2.33 -67.86
CA SER C 202 59.91 2.48 -67.25
C SER C 202 60.00 3.86 -66.58
N PRO C 203 60.74 3.96 -65.48
CA PRO C 203 60.77 5.23 -64.75
C PRO C 203 61.51 6.32 -65.51
N VAL C 204 61.09 7.56 -65.26
CA VAL C 204 61.81 8.73 -65.74
C VAL C 204 62.97 9.01 -64.79
N VAL C 205 64.09 9.45 -65.34
CA VAL C 205 65.27 9.74 -64.51
C VAL C 205 65.78 11.13 -64.86
N LYS C 206 66.15 11.89 -63.83
CA LYS C 206 66.79 13.18 -64.02
C LYS C 206 68.03 13.24 -63.14
N SER C 207 69.15 13.65 -63.71
CA SER C 207 70.43 13.51 -63.00
C SER C 207 71.29 14.75 -63.21
N PHE C 208 72.27 14.89 -62.32
CA PHE C 208 73.25 15.95 -62.41
C PHE C 208 74.54 15.48 -61.74
N ASN C 209 75.63 16.21 -62.04
CA ASN C 209 76.94 15.93 -61.50
C ASN C 209 77.57 17.24 -61.06
N ARG C 210 78.86 17.19 -60.72
CA ARG C 210 79.65 18.32 -60.23
C ARG C 210 78.85 19.40 -59.50
N LEU D 1 8.47 7.44 -37.32
CA LEU D 1 7.68 7.48 -36.09
C LEU D 1 6.58 6.41 -36.14
N ASN D 2 6.30 5.83 -34.98
CA ASN D 2 5.31 4.76 -34.90
C ASN D 2 3.92 5.30 -35.16
N GLU D 3 3.20 4.68 -36.10
CA GLU D 3 1.85 5.13 -36.44
C GLU D 3 0.90 5.02 -35.26
N GLU D 4 1.11 4.07 -34.36
CA GLU D 4 0.26 3.97 -33.17
C GLU D 4 0.38 5.21 -32.31
N GLU D 5 1.60 5.74 -32.17
CA GLU D 5 1.77 6.94 -31.35
C GLU D 5 1.03 8.12 -31.95
N ARG D 6 1.12 8.28 -33.27
CA ARG D 6 0.43 9.37 -33.94
C ARG D 6 -1.08 9.23 -33.77
N LEU D 7 -1.59 8.02 -33.95
CA LEU D 7 -3.03 7.80 -33.84
C LEU D 7 -3.54 8.05 -32.43
N ILE D 8 -2.78 7.63 -31.41
CA ILE D 8 -3.22 7.85 -30.03
C ILE D 8 -3.17 9.33 -29.68
N ARG D 9 -2.12 10.03 -30.11
CA ARG D 9 -2.10 11.48 -29.92
C ARG D 9 -3.30 12.13 -30.60
N HIS D 10 -3.64 11.67 -31.80
CA HIS D 10 -4.80 12.20 -32.50
C HIS D 10 -6.08 11.99 -31.70
N LEU D 11 -6.33 10.74 -31.29
CA LEU D 11 -7.61 10.43 -30.65
C LEU D 11 -7.76 11.11 -29.30
N PHE D 12 -6.71 11.12 -28.50
CA PHE D 12 -6.87 11.54 -27.11
C PHE D 12 -6.43 12.97 -26.84
N GLN D 13 -5.26 13.37 -27.32
CA GLN D 13 -4.79 14.71 -27.04
C GLN D 13 -5.37 15.74 -28.01
N GLU D 14 -5.30 15.45 -29.31
CA GLU D 14 -5.73 16.42 -30.30
C GLU D 14 -7.24 16.67 -30.23
N LYS D 15 -8.03 15.59 -30.22
CA LYS D 15 -9.47 15.69 -30.13
C LYS D 15 -9.98 15.87 -28.70
N GLY D 16 -9.11 15.83 -27.70
CA GLY D 16 -9.50 16.14 -26.34
C GLY D 16 -10.51 15.19 -25.73
N TYR D 17 -10.27 13.89 -25.87
CA TYR D 17 -11.19 12.88 -25.39
C TYR D 17 -11.38 12.99 -23.87
N ASN D 18 -12.63 13.04 -23.43
CA ASN D 18 -12.97 13.08 -22.02
C ASN D 18 -13.65 11.77 -21.66
N LYS D 19 -12.98 10.96 -20.84
CA LYS D 19 -13.51 9.68 -20.40
C LYS D 19 -14.65 9.83 -19.40
N GLU D 20 -14.90 11.03 -18.88
CA GLU D 20 -15.98 11.22 -17.93
C GLU D 20 -17.35 11.27 -18.58
N LEU D 21 -17.43 11.51 -19.88
CA LEU D 21 -18.68 11.82 -20.55
C LEU D 21 -19.08 10.68 -21.46
N ARG D 22 -20.39 10.39 -21.51
CA ARG D 22 -20.87 9.24 -22.26
C ARG D 22 -20.69 9.48 -23.75
N PRO D 23 -20.56 8.40 -24.53
CA PRO D 23 -20.44 8.53 -25.99
C PRO D 23 -21.79 8.69 -26.67
N VAL D 24 -22.41 9.85 -26.49
CA VAL D 24 -23.72 10.14 -27.05
C VAL D 24 -23.67 11.50 -27.74
N ALA D 25 -24.53 11.65 -28.75
CA ALA D 25 -24.68 12.95 -29.41
C ALA D 25 -25.47 13.91 -28.55
N HIS D 26 -26.51 13.42 -27.87
CA HIS D 26 -27.37 14.24 -27.03
C HIS D 26 -27.61 13.50 -25.72
N LYS D 27 -27.74 14.28 -24.65
CA LYS D 27 -27.86 13.69 -23.32
C LYS D 27 -29.04 12.73 -23.22
N GLU D 28 -30.09 12.97 -24.00
CA GLU D 28 -31.27 12.10 -23.97
C GLU D 28 -31.02 10.74 -24.60
N GLU D 29 -29.92 10.54 -25.31
CA GLU D 29 -29.60 9.23 -25.85
C GLU D 29 -28.96 8.33 -24.79
N SER D 30 -29.22 7.04 -24.91
CA SER D 30 -28.56 6.03 -24.10
C SER D 30 -27.63 5.18 -24.95
N VAL D 31 -26.46 4.86 -24.39
CA VAL D 31 -25.49 4.00 -25.06
C VAL D 31 -25.94 2.55 -24.94
N ASP D 32 -26.07 1.87 -26.07
CA ASP D 32 -26.30 0.43 -26.06
C ASP D 32 -25.03 -0.30 -25.70
N VAL D 33 -25.06 -1.05 -24.60
CA VAL D 33 -23.97 -1.92 -24.20
C VAL D 33 -24.44 -3.36 -24.36
N ALA D 34 -23.71 -4.16 -25.12
CA ALA D 34 -24.03 -5.56 -25.30
C ALA D 34 -23.12 -6.40 -24.43
N LEU D 35 -23.70 -7.35 -23.71
CA LEU D 35 -22.95 -8.25 -22.86
C LEU D 35 -23.07 -9.69 -23.34
N ALA D 36 -21.99 -10.42 -23.21
CA ALA D 36 -22.02 -11.88 -23.25
C ALA D 36 -21.15 -12.38 -22.11
N LEU D 37 -21.44 -13.58 -21.63
CA LEU D 37 -20.67 -14.16 -20.55
C LEU D 37 -20.10 -15.51 -20.99
N THR D 38 -18.79 -15.68 -20.83
CA THR D 38 -18.13 -16.97 -21.02
C THR D 38 -17.79 -17.52 -19.65
N LEU D 39 -18.30 -18.70 -19.34
CA LEU D 39 -17.93 -19.35 -18.09
C LEU D 39 -16.69 -20.18 -18.33
N SER D 40 -15.55 -19.73 -17.79
CA SER D 40 -14.33 -20.51 -17.91
C SER D 40 -14.36 -21.72 -17.00
N ASN D 41 -14.63 -21.52 -15.71
CA ASN D 41 -14.72 -22.61 -14.76
C ASN D 41 -15.79 -22.30 -13.73
N LEU D 42 -16.54 -23.32 -13.34
CA LEU D 42 -17.38 -23.27 -12.15
C LEU D 42 -16.51 -23.74 -11.00
N ILE D 43 -16.00 -22.79 -10.19
CA ILE D 43 -15.01 -23.14 -9.18
C ILE D 43 -15.65 -23.94 -8.07
N SER D 44 -16.68 -23.39 -7.41
CA SER D 44 -17.33 -24.19 -6.37
C SER D 44 -18.69 -23.61 -6.04
N LEU D 45 -19.54 -24.46 -5.46
CA LEU D 45 -20.77 -24.03 -4.81
C LEU D 45 -20.69 -24.48 -3.36
N LYS D 46 -20.73 -23.53 -2.43
CA LYS D 46 -20.69 -23.82 -1.01
C LYS D 46 -22.09 -23.63 -0.43
N GLU D 47 -22.70 -24.72 0.01
CA GLU D 47 -24.05 -24.67 0.55
C GLU D 47 -24.10 -24.10 1.95
N VAL D 48 -23.08 -24.35 2.77
CA VAL D 48 -23.06 -23.80 4.12
C VAL D 48 -22.98 -22.28 4.08
N GLU D 49 -22.11 -21.75 3.23
CA GLU D 49 -22.00 -20.31 3.05
C GLU D 49 -22.92 -19.78 1.95
N GLU D 50 -23.62 -20.66 1.24
CA GLU D 50 -24.51 -20.29 0.15
C GLU D 50 -23.84 -19.33 -0.83
N THR D 51 -22.65 -19.71 -1.29
CA THR D 51 -21.85 -18.86 -2.16
C THR D 51 -21.42 -19.64 -3.40
N LEU D 52 -21.62 -19.04 -4.56
CA LEU D 52 -21.15 -19.62 -5.82
C LEU D 52 -19.92 -18.86 -6.29
N THR D 53 -18.81 -19.58 -6.48
CA THR D 53 -17.56 -19.01 -6.96
C THR D 53 -17.34 -19.47 -8.39
N THR D 54 -17.23 -18.51 -9.31
CA THR D 54 -17.09 -18.77 -10.73
C THR D 54 -15.97 -17.92 -11.34
N ASN D 55 -15.31 -18.49 -12.34
CA ASN D 55 -14.35 -17.81 -13.18
C ASN D 55 -15.04 -17.48 -14.50
N VAL D 56 -15.16 -16.19 -14.82
CA VAL D 56 -15.94 -15.78 -16.00
C VAL D 56 -15.18 -14.73 -16.79
N TRP D 57 -15.48 -14.65 -18.08
CA TRP D 57 -14.98 -13.60 -18.96
C TRP D 57 -16.19 -12.83 -19.48
N ILE D 58 -16.27 -11.54 -19.15
CA ILE D 58 -17.46 -10.75 -19.43
C ILE D 58 -17.19 -9.92 -20.68
N GLU D 59 -17.75 -10.35 -21.79
CA GLU D 59 -17.54 -9.71 -23.09
C GLU D 59 -18.46 -8.50 -23.21
N HIS D 60 -17.89 -7.32 -22.98
CA HIS D 60 -18.56 -6.05 -23.22
C HIS D 60 -18.35 -5.61 -24.65
N GLY D 61 -19.38 -4.98 -25.22
CA GLY D 61 -19.20 -4.26 -26.45
C GLY D 61 -20.04 -3.01 -26.52
N TRP D 62 -19.47 -1.91 -27.01
CA TRP D 62 -20.26 -0.70 -27.19
C TRP D 62 -19.62 0.15 -28.29
N THR D 63 -20.34 1.16 -28.73
CA THR D 63 -19.85 2.06 -29.77
C THR D 63 -19.49 3.42 -29.20
N ASP D 64 -18.31 3.92 -29.54
CA ASP D 64 -17.85 5.24 -29.13
C ASP D 64 -17.36 5.96 -30.39
N ASN D 65 -18.21 6.81 -30.97
CA ASN D 65 -17.86 7.49 -32.22
C ASN D 65 -16.68 8.44 -32.07
N ARG D 66 -16.34 8.85 -30.85
CA ARG D 66 -15.16 9.67 -30.66
C ARG D 66 -13.88 8.92 -30.99
N LEU D 67 -13.92 7.59 -31.05
CA LEU D 67 -12.76 6.75 -31.30
C LEU D 67 -12.74 6.16 -32.71
N LYS D 68 -13.32 6.86 -33.69
CA LYS D 68 -13.22 6.44 -35.08
C LYS D 68 -11.96 7.00 -35.75
N TRP D 69 -11.43 6.23 -36.69
CA TRP D 69 -10.37 6.73 -37.56
C TRP D 69 -10.40 5.98 -38.89
N ASN D 70 -9.85 6.62 -39.91
CA ASN D 70 -9.63 5.98 -41.20
C ASN D 70 -8.27 5.29 -41.19
N ALA D 71 -8.28 3.96 -41.35
CA ALA D 71 -7.04 3.19 -41.24
C ALA D 71 -6.01 3.62 -42.27
N GLU D 72 -6.46 3.91 -43.50
CA GLU D 72 -5.52 4.30 -44.55
C GLU D 72 -4.81 5.60 -44.25
N GLU D 73 -5.37 6.45 -43.40
CA GLU D 73 -4.68 7.65 -42.98
C GLU D 73 -3.66 7.39 -41.88
N PHE D 74 -3.70 6.21 -41.25
CA PHE D 74 -2.80 5.87 -40.16
C PHE D 74 -2.18 4.49 -40.40
N GLY D 75 -1.65 4.31 -41.61
CA GLY D 75 -0.87 3.11 -41.90
C GLY D 75 -1.62 1.81 -41.70
N ASN D 76 -2.88 1.76 -42.14
CA ASN D 76 -3.73 0.57 -42.01
C ASN D 76 -3.73 -0.03 -40.61
N ILE D 77 -3.81 0.81 -39.58
CA ILE D 77 -4.09 0.34 -38.23
C ILE D 77 -5.60 0.18 -38.09
N SER D 78 -6.06 -1.07 -37.98
CA SER D 78 -7.49 -1.34 -37.88
C SER D 78 -7.94 -1.62 -36.45
N VAL D 79 -7.03 -1.94 -35.54
CA VAL D 79 -7.38 -2.24 -34.16
C VAL D 79 -6.32 -1.65 -33.26
N LEU D 80 -6.73 -1.17 -32.10
CA LEU D 80 -5.86 -0.47 -31.16
C LEU D 80 -6.13 -1.01 -29.77
N ARG D 81 -5.09 -1.16 -28.96
CA ARG D 81 -5.23 -1.74 -27.63
C ARG D 81 -4.90 -0.68 -26.59
N LEU D 82 -5.84 -0.42 -25.68
CA LEU D 82 -5.71 0.70 -24.77
C LEU D 82 -5.98 0.28 -23.33
N PRO D 83 -5.31 0.89 -22.37
CA PRO D 83 -5.70 0.71 -20.98
C PRO D 83 -7.13 1.13 -20.76
N PRO D 84 -7.91 0.34 -20.02
CA PRO D 84 -9.31 0.70 -19.80
C PRO D 84 -9.49 2.00 -19.04
N ASP D 85 -8.47 2.46 -18.33
CA ASP D 85 -8.52 3.73 -17.65
C ASP D 85 -8.55 4.92 -18.60
N MET D 86 -8.19 4.71 -19.87
CA MET D 86 -8.17 5.82 -20.82
C MET D 86 -9.54 6.10 -21.41
N VAL D 87 -10.32 5.06 -21.67
CA VAL D 87 -11.59 5.22 -22.36
C VAL D 87 -12.72 5.33 -21.34
N TRP D 88 -13.85 5.86 -21.80
CA TRP D 88 -15.07 5.81 -21.03
C TRP D 88 -15.55 4.36 -20.90
N LEU D 89 -15.94 3.98 -19.69
CA LEU D 89 -16.47 2.64 -19.48
C LEU D 89 -17.91 2.71 -18.99
N PRO D 90 -18.74 1.72 -19.34
CA PRO D 90 -20.11 1.68 -18.83
C PRO D 90 -20.22 1.29 -17.36
N GLU D 91 -19.13 0.87 -16.71
CA GLU D 91 -19.08 0.65 -15.28
C GLU D 91 -20.12 -0.36 -14.81
N ILE D 92 -20.06 -1.54 -15.38
CA ILE D 92 -20.95 -2.64 -15.01
C ILE D 92 -20.35 -3.39 -13.83
N VAL D 93 -21.20 -3.82 -12.91
CA VAL D 93 -20.80 -4.49 -11.69
C VAL D 93 -21.69 -5.71 -11.49
N LEU D 94 -21.18 -6.68 -10.75
CA LEU D 94 -21.96 -7.82 -10.29
C LEU D 94 -22.79 -7.38 -9.10
N GLU D 95 -24.10 -7.23 -9.31
CA GLU D 95 -24.95 -6.66 -8.28
C GLU D 95 -25.14 -7.61 -7.11
N ASN D 96 -25.37 -8.90 -7.40
CA ASN D 96 -25.68 -9.86 -6.35
C ASN D 96 -24.44 -10.54 -5.79
N ASN D 97 -23.30 -9.87 -5.81
CA ASN D 97 -22.09 -10.41 -5.19
C ASN D 97 -22.30 -10.57 -3.69
N ASN D 98 -21.47 -11.41 -3.09
CA ASN D 98 -21.62 -11.82 -1.71
C ASN D 98 -20.58 -11.22 -0.78
N ASP D 99 -19.59 -10.52 -1.30
CA ASP D 99 -18.43 -10.17 -0.49
C ASP D 99 -17.91 -8.76 -0.71
N GLY D 100 -18.62 -7.91 -1.45
CA GLY D 100 -18.18 -6.56 -1.69
C GLY D 100 -17.27 -6.38 -2.88
N SER D 101 -16.94 -7.46 -3.59
CA SER D 101 -16.21 -7.36 -4.86
C SER D 101 -17.20 -7.15 -6.00
N PHE D 102 -17.54 -5.89 -6.24
CA PHE D 102 -18.50 -5.55 -7.27
C PHE D 102 -17.88 -5.50 -8.66
N GLN D 103 -16.63 -5.11 -8.77
CA GLN D 103 -15.99 -4.81 -10.04
C GLN D 103 -15.16 -5.99 -10.57
N ILE D 104 -14.78 -5.87 -11.84
CA ILE D 104 -13.99 -6.89 -12.51
C ILE D 104 -12.60 -7.01 -11.88
N SER D 105 -12.02 -8.21 -11.94
CA SER D 105 -10.76 -8.47 -11.26
C SER D 105 -9.56 -7.90 -12.01
N TYR D 106 -9.40 -8.26 -13.28
CA TYR D 106 -8.22 -7.89 -14.05
C TYR D 106 -8.62 -6.88 -15.13
N SER D 107 -8.15 -5.64 -14.98
CA SER D 107 -8.32 -4.59 -15.98
C SER D 107 -7.32 -4.81 -17.12
N CYS D 108 -7.75 -5.60 -18.10
CA CYS D 108 -7.01 -5.82 -19.33
C CYS D 108 -7.32 -4.72 -20.33
N ASN D 109 -6.57 -4.71 -21.43
CA ASN D 109 -6.78 -3.70 -22.46
C ASN D 109 -8.16 -3.84 -23.10
N VAL D 110 -8.68 -2.73 -23.53
CA VAL D 110 -9.82 -2.70 -24.43
C VAL D 110 -9.28 -2.69 -25.86
N LEU D 111 -10.00 -3.34 -26.76
CA LEU D 111 -9.69 -3.27 -28.18
C LEU D 111 -10.67 -2.30 -28.84
N VAL D 112 -10.11 -1.27 -29.47
CA VAL D 112 -10.90 -0.27 -30.17
C VAL D 112 -10.65 -0.45 -31.67
N TYR D 113 -11.71 -0.73 -32.40
CA TYR D 113 -11.62 -0.92 -33.84
C TYR D 113 -11.89 0.39 -34.56
N HIS D 114 -11.33 0.52 -35.76
CA HIS D 114 -11.29 1.82 -36.44
C HIS D 114 -12.69 2.38 -36.70
N TYR D 115 -13.68 1.52 -36.87
CA TYR D 115 -15.06 1.97 -37.07
C TYR D 115 -15.76 2.34 -35.78
N GLY D 116 -15.03 2.43 -34.67
CA GLY D 116 -15.56 2.97 -33.42
C GLY D 116 -16.06 1.96 -32.42
N PHE D 117 -16.02 0.67 -32.73
CA PHE D 117 -16.47 -0.34 -31.78
C PHE D 117 -15.41 -0.54 -30.70
N VAL D 118 -15.83 -0.52 -29.45
CA VAL D 118 -14.97 -0.81 -28.31
C VAL D 118 -15.39 -2.18 -27.78
N TYR D 119 -14.43 -3.09 -27.77
CA TYR D 119 -14.60 -4.47 -27.35
C TYR D 119 -13.75 -4.69 -26.10
N TRP D 120 -14.33 -5.31 -25.08
CA TRP D 120 -13.60 -5.56 -23.86
C TRP D 120 -13.94 -6.96 -23.40
N LEU D 121 -12.94 -7.71 -22.93
CA LEU D 121 -13.15 -9.06 -22.42
C LEU D 121 -12.44 -9.24 -21.09
N PRO D 122 -12.88 -8.53 -20.06
CA PRO D 122 -12.23 -8.65 -18.76
C PRO D 122 -12.53 -9.99 -18.13
N PRO D 123 -11.51 -10.66 -17.61
CA PRO D 123 -11.74 -11.85 -16.80
C PRO D 123 -11.94 -11.48 -15.34
N ALA D 124 -12.75 -12.26 -14.65
CA ALA D 124 -13.09 -11.95 -13.27
C ALA D 124 -13.39 -13.22 -12.50
N ILE D 125 -13.08 -13.18 -11.21
CA ILE D 125 -13.51 -14.19 -10.25
C ILE D 125 -14.64 -13.58 -9.46
N PHE D 126 -15.79 -14.25 -9.46
CA PHE D 126 -16.97 -13.73 -8.79
C PHE D 126 -17.46 -14.71 -7.73
N ARG D 127 -17.88 -14.15 -6.60
CA ARG D 127 -18.51 -14.90 -5.52
C ARG D 127 -19.91 -14.33 -5.34
N SER D 128 -20.89 -14.96 -5.98
CA SER D 128 -22.26 -14.50 -5.95
C SER D 128 -23.05 -15.22 -4.87
N SER D 129 -24.14 -14.58 -4.46
CA SER D 129 -25.07 -15.16 -3.49
C SER D 129 -26.05 -16.09 -4.21
N CYS D 130 -25.92 -17.39 -3.98
CA CYS D 130 -26.85 -18.38 -4.54
C CYS D 130 -27.60 -19.07 -3.41
N PRO D 131 -28.86 -18.70 -3.16
CA PRO D 131 -29.64 -19.35 -2.10
C PRO D 131 -29.92 -20.81 -2.43
N ILE D 132 -29.54 -21.70 -1.53
CA ILE D 132 -29.58 -23.14 -1.75
C ILE D 132 -30.96 -23.68 -1.44
N SER D 133 -31.42 -24.64 -2.24
CA SER D 133 -32.60 -25.44 -1.92
C SER D 133 -32.17 -26.84 -1.55
N VAL D 134 -32.38 -27.21 -0.28
CA VAL D 134 -31.83 -28.46 0.26
C VAL D 134 -32.77 -29.65 0.18
N THR D 135 -33.97 -29.48 -0.40
CA THR D 135 -35.06 -30.43 -0.19
C THR D 135 -34.69 -31.86 -0.55
N TYR D 136 -34.19 -32.08 -1.76
CA TYR D 136 -33.95 -33.42 -2.27
C TYR D 136 -32.50 -33.87 -2.13
N PHE D 137 -31.70 -33.14 -1.36
CA PHE D 137 -30.28 -33.41 -1.23
C PHE D 137 -30.06 -34.88 -0.86
N PRO D 138 -29.12 -35.59 -1.50
CA PRO D 138 -28.11 -35.12 -2.46
C PRO D 138 -28.54 -35.03 -3.92
N PHE D 139 -29.75 -35.43 -4.28
CA PHE D 139 -30.12 -35.47 -5.68
C PHE D 139 -30.66 -34.12 -6.14
N ASP D 140 -30.20 -33.06 -5.50
CA ASP D 140 -30.74 -31.72 -5.70
C ASP D 140 -30.12 -31.05 -6.91
N TRP D 141 -30.80 -30.01 -7.38
CA TRP D 141 -30.29 -29.11 -8.40
C TRP D 141 -30.53 -27.67 -7.93
N GLN D 142 -29.62 -26.79 -8.31
CA GLN D 142 -29.60 -25.42 -7.81
C GLN D 142 -29.71 -24.45 -8.97
N ASN D 143 -30.49 -23.41 -8.76
CA ASN D 143 -30.78 -22.38 -9.76
C ASN D 143 -29.97 -21.12 -9.46
N CYS D 144 -28.65 -21.17 -9.58
CA CYS D 144 -27.84 -20.00 -9.28
C CYS D 144 -27.91 -18.97 -10.39
N SER D 145 -27.54 -17.73 -10.08
CA SER D 145 -27.55 -16.68 -11.08
C SER D 145 -26.45 -15.67 -10.80
N LEU D 146 -26.05 -14.98 -11.87
CA LEU D 146 -25.17 -13.83 -11.83
C LEU D 146 -25.94 -12.66 -12.41
N LYS D 147 -26.07 -11.58 -11.65
CA LYS D 147 -26.84 -10.41 -12.06
C LYS D 147 -25.91 -9.23 -12.24
N PHE D 148 -25.85 -8.72 -13.46
CA PHE D 148 -24.96 -7.62 -13.84
C PHE D 148 -25.79 -6.37 -14.10
N SER D 149 -25.37 -5.26 -13.49
CA SER D 149 -26.02 -3.98 -13.76
C SER D 149 -25.03 -2.87 -13.51
N SER D 150 -25.40 -1.65 -13.87
CA SER D 150 -24.59 -0.48 -13.57
C SER D 150 -25.19 0.28 -12.39
N LEU D 151 -24.34 0.63 -11.43
CA LEU D 151 -24.73 1.53 -10.36
C LEU D 151 -24.45 2.99 -10.68
N LYS D 152 -23.49 3.27 -11.55
CA LYS D 152 -23.19 4.64 -11.92
C LYS D 152 -24.13 5.19 -12.97
N TYR D 153 -24.73 4.34 -13.80
CA TYR D 153 -25.65 4.78 -14.85
C TYR D 153 -26.96 4.04 -14.73
N THR D 154 -28.05 4.76 -14.99
CA THR D 154 -29.37 4.16 -14.93
C THR D 154 -29.82 3.71 -16.32
N ALA D 155 -31.06 3.25 -16.41
CA ALA D 155 -31.61 2.76 -17.66
C ALA D 155 -31.85 3.86 -18.67
N LYS D 156 -31.73 5.12 -18.25
CA LYS D 156 -31.89 6.24 -19.16
C LYS D 156 -30.57 6.64 -19.81
N GLU D 157 -29.45 6.24 -19.23
CA GLU D 157 -28.13 6.63 -19.72
C GLU D 157 -27.41 5.55 -20.49
N ILE D 158 -27.62 4.27 -20.16
CA ILE D 158 -27.03 3.16 -20.90
C ILE D 158 -28.08 2.05 -20.97
N THR D 159 -28.11 1.33 -22.09
CA THR D 159 -29.06 0.26 -22.33
C THR D 159 -28.34 -1.08 -22.36
N LEU D 160 -28.74 -2.00 -21.50
CA LEU D 160 -28.18 -3.35 -21.51
C LEU D 160 -28.91 -4.22 -22.52
N SER D 161 -28.15 -5.03 -23.23
CA SER D 161 -28.70 -5.94 -24.24
C SER D 161 -27.79 -7.14 -24.38
N LEU D 162 -28.34 -8.22 -24.90
CA LEU D 162 -27.55 -9.42 -25.16
C LEU D 162 -26.87 -9.34 -26.51
N LYS D 163 -25.68 -9.94 -26.59
CA LYS D 163 -24.92 -9.97 -27.83
C LYS D 163 -25.68 -10.73 -28.90
N GLN D 164 -25.55 -10.27 -30.15
CA GLN D 164 -26.14 -10.94 -31.30
C GLN D 164 -25.05 -11.61 -32.13
N ASP D 165 -25.23 -12.89 -32.41
CA ASP D 165 -24.41 -13.63 -33.34
C ASP D 165 -25.13 -13.72 -34.69
N ALA D 166 -24.46 -14.29 -35.69
CA ALA D 166 -25.03 -14.33 -37.03
C ALA D 166 -24.72 -15.67 -37.70
N LYS D 167 -25.70 -16.18 -38.44
CA LYS D 167 -25.53 -17.34 -39.31
C LYS D 167 -26.33 -17.09 -40.59
N GLU D 168 -25.70 -17.34 -41.73
CA GLU D 168 -26.33 -17.13 -43.04
C GLU D 168 -26.85 -15.70 -43.17
N ASN D 169 -26.06 -14.75 -42.65
CA ASN D 169 -26.40 -13.33 -42.64
C ASN D 169 -27.71 -13.03 -41.92
N ARG D 170 -28.20 -13.97 -41.10
CA ARG D 170 -29.31 -13.74 -40.21
C ARG D 170 -28.80 -13.65 -38.78
N THR D 171 -29.13 -12.56 -38.09
CA THR D 171 -28.68 -12.38 -36.72
C THR D 171 -29.67 -13.01 -35.74
N TYR D 172 -29.15 -13.43 -34.60
CA TYR D 172 -29.96 -13.93 -33.50
C TYR D 172 -29.27 -13.56 -32.19
N PRO D 173 -30.03 -13.26 -31.14
CA PRO D 173 -29.39 -12.95 -29.85
C PRO D 173 -28.82 -14.19 -29.19
N VAL D 174 -27.67 -14.02 -28.54
CA VAL D 174 -27.06 -15.07 -27.73
C VAL D 174 -27.72 -15.09 -26.36
N GLU D 175 -28.71 -15.97 -26.20
CA GLU D 175 -29.53 -16.03 -25.00
C GLU D 175 -29.06 -17.08 -24.00
N TRP D 176 -27.76 -17.35 -23.94
CA TRP D 176 -27.27 -18.41 -23.06
C TRP D 176 -25.83 -18.10 -22.67
N ILE D 177 -25.38 -18.79 -21.62
CA ILE D 177 -23.97 -18.72 -21.22
C ILE D 177 -23.11 -19.47 -22.23
N ILE D 178 -22.01 -18.84 -22.64
CA ILE D 178 -21.05 -19.47 -23.53
C ILE D 178 -20.15 -20.41 -22.74
N ILE D 179 -19.96 -21.62 -23.24
CA ILE D 179 -19.05 -22.59 -22.66
C ILE D 179 -18.27 -23.27 -23.78
N ASP D 180 -16.96 -23.39 -23.59
CA ASP D 180 -16.09 -24.05 -24.56
C ASP D 180 -16.46 -25.53 -24.65
N PRO D 181 -16.86 -26.03 -25.82
CA PRO D 181 -17.29 -27.44 -25.91
C PRO D 181 -16.17 -28.45 -25.73
N GLU D 182 -14.90 -28.03 -25.74
CA GLU D 182 -13.82 -28.99 -25.61
C GLU D 182 -12.83 -28.62 -24.51
N GLY D 183 -12.60 -27.32 -24.33
CA GLY D 183 -11.69 -26.87 -23.28
C GLY D 183 -12.29 -26.81 -21.90
N PHE D 184 -13.62 -26.82 -21.79
CA PHE D 184 -14.26 -26.66 -20.49
C PHE D 184 -14.07 -27.93 -19.67
N THR D 185 -13.31 -27.81 -18.59
CA THR D 185 -13.21 -28.87 -17.59
C THR D 185 -14.43 -28.80 -16.68
N GLU D 186 -15.22 -29.87 -16.63
CA GLU D 186 -16.40 -29.88 -15.80
C GLU D 186 -16.04 -29.90 -14.32
N ASN D 187 -16.90 -29.32 -13.51
CA ASN D 187 -16.71 -29.32 -12.07
C ASN D 187 -16.84 -30.74 -11.53
N GLY D 188 -16.16 -31.00 -10.42
CA GLY D 188 -16.13 -32.35 -9.89
C GLY D 188 -17.42 -32.80 -9.24
N GLU D 189 -18.35 -31.89 -8.98
CA GLU D 189 -19.57 -32.25 -8.27
C GLU D 189 -20.84 -31.72 -8.93
N TRP D 190 -20.75 -30.83 -9.91
CA TRP D 190 -21.93 -30.18 -10.45
C TRP D 190 -21.88 -30.20 -11.97
N GLU D 191 -23.03 -30.47 -12.59
CA GLU D 191 -23.19 -30.50 -14.03
C GLU D 191 -24.13 -29.39 -14.47
N ILE D 192 -23.77 -28.68 -15.53
CA ILE D 192 -24.60 -27.57 -16.01
C ILE D 192 -25.68 -28.12 -16.94
N VAL D 193 -26.95 -27.97 -16.53
CA VAL D 193 -28.08 -28.47 -17.30
C VAL D 193 -28.61 -27.41 -18.26
N HIS D 194 -28.92 -26.22 -17.75
CA HIS D 194 -29.31 -25.08 -18.56
C HIS D 194 -28.49 -23.88 -18.18
N ARG D 195 -28.38 -22.94 -19.10
CA ARG D 195 -27.58 -21.75 -18.84
C ARG D 195 -28.15 -20.54 -19.56
N PRO D 196 -29.40 -20.18 -19.32
CA PRO D 196 -30.02 -19.08 -20.08
C PRO D 196 -29.55 -17.72 -19.61
N ALA D 197 -29.84 -16.71 -20.44
CA ALA D 197 -29.60 -15.32 -20.11
C ALA D 197 -30.85 -14.51 -20.42
N ARG D 198 -31.17 -13.55 -19.55
CA ARG D 198 -32.27 -12.62 -19.80
C ARG D 198 -31.88 -11.19 -19.48
N VAL D 199 -32.30 -10.27 -20.32
CA VAL D 199 -32.38 -8.85 -19.95
C VAL D 199 -33.68 -8.65 -19.16
N ASN D 200 -33.55 -8.24 -17.91
CA ASN D 200 -34.69 -7.96 -17.05
C ASN D 200 -34.89 -6.46 -16.95
N VAL D 201 -36.15 -6.02 -17.11
CA VAL D 201 -36.56 -4.65 -16.89
C VAL D 201 -37.78 -4.67 -16.00
N ASP D 202 -37.78 -3.81 -14.97
CA ASP D 202 -38.90 -3.76 -14.04
C ASP D 202 -39.77 -2.57 -14.39
N PRO D 203 -40.99 -2.79 -14.90
CA PRO D 203 -41.85 -1.65 -15.27
C PRO D 203 -42.23 -0.75 -14.11
N ARG D 204 -42.22 -1.26 -12.88
CA ARG D 204 -42.62 -0.46 -11.73
C ARG D 204 -41.49 0.39 -11.16
N ALA D 205 -40.26 0.12 -11.54
CA ALA D 205 -39.15 0.91 -11.05
C ALA D 205 -39.05 2.22 -11.84
N PRO D 206 -38.63 3.31 -11.21
CA PRO D 206 -38.45 4.56 -11.95
C PRO D 206 -37.40 4.38 -13.05
N LEU D 207 -37.65 5.02 -14.19
CA LEU D 207 -36.73 4.91 -15.31
C LEU D 207 -35.38 5.52 -14.97
N ASP D 208 -35.33 6.48 -14.06
CA ASP D 208 -34.08 7.08 -13.61
C ASP D 208 -33.53 6.45 -12.33
N SER D 209 -33.73 5.14 -12.15
CA SER D 209 -33.08 4.44 -11.05
C SER D 209 -32.26 3.30 -11.60
N PRO D 210 -31.13 2.96 -10.95
CA PRO D 210 -30.28 1.89 -11.48
C PRO D 210 -30.87 0.51 -11.33
N SER D 211 -31.90 0.34 -10.50
CA SER D 211 -32.51 -0.97 -10.29
C SER D 211 -33.49 -1.37 -11.38
N ARG D 212 -33.78 -0.50 -12.35
CA ARG D 212 -34.77 -0.83 -13.36
C ARG D 212 -34.30 -1.93 -14.31
N GLN D 213 -33.04 -1.92 -14.72
CA GLN D 213 -32.57 -2.86 -15.74
C GLN D 213 -31.37 -3.64 -15.24
N ASP D 214 -31.29 -4.90 -15.68
CA ASP D 214 -30.09 -5.70 -15.45
C ASP D 214 -30.06 -6.84 -16.44
N ILE D 215 -28.92 -7.51 -16.53
CA ILE D 215 -28.79 -8.76 -17.28
C ILE D 215 -28.47 -9.87 -16.30
N THR D 216 -29.29 -10.91 -16.28
CA THR D 216 -29.06 -12.04 -15.40
C THR D 216 -28.75 -13.29 -16.20
N PHE D 217 -27.63 -13.92 -15.88
CA PHE D 217 -27.22 -15.20 -16.44
C PHE D 217 -27.50 -16.27 -15.41
N TYR D 218 -28.25 -17.29 -15.79
CA TYR D 218 -28.65 -18.33 -14.86
C TYR D 218 -27.88 -19.61 -15.12
N LEU D 219 -27.33 -20.19 -14.07
CA LEU D 219 -26.75 -21.52 -14.12
C LEU D 219 -27.67 -22.45 -13.36
N ILE D 220 -28.38 -23.30 -14.07
CA ILE D 220 -29.12 -24.40 -13.47
C ILE D 220 -28.18 -25.60 -13.44
N ILE D 221 -27.74 -25.97 -12.25
CA ILE D 221 -26.71 -26.99 -12.07
C ILE D 221 -27.30 -28.14 -11.29
N ARG D 222 -26.88 -29.34 -11.64
CA ARG D 222 -27.32 -30.59 -11.04
C ARG D 222 -26.18 -31.17 -10.23
N ARG D 223 -26.49 -31.73 -9.06
CA ARG D 223 -25.47 -32.41 -8.28
C ARG D 223 -25.18 -33.79 -8.84
N LYS D 224 -23.90 -34.15 -8.86
CA LYS D 224 -23.51 -35.52 -9.13
C LYS D 224 -23.53 -36.30 -7.82
N PRO D 225 -24.41 -37.29 -7.66
CA PRO D 225 -24.65 -37.88 -6.34
C PRO D 225 -23.73 -39.03 -5.97
N LEU D 226 -22.88 -39.49 -6.88
CA LEU D 226 -22.17 -40.75 -6.68
C LEU D 226 -21.31 -40.72 -5.42
N PHE D 227 -20.63 -39.60 -5.16
CA PHE D 227 -19.83 -39.50 -3.94
C PHE D 227 -20.68 -39.70 -2.69
N TYR D 228 -21.83 -39.04 -2.62
CA TYR D 228 -22.66 -39.13 -1.44
C TYR D 228 -23.37 -40.47 -1.35
N ILE D 229 -23.71 -41.08 -2.49
CA ILE D 229 -24.23 -42.45 -2.48
C ILE D 229 -23.21 -43.40 -1.86
N ILE D 230 -21.98 -43.34 -2.33
CA ILE D 230 -20.96 -44.29 -1.88
C ILE D 230 -20.60 -44.04 -0.42
N ASN D 231 -20.34 -42.79 -0.05
CA ASN D 231 -19.78 -42.48 1.25
C ASN D 231 -20.82 -42.22 2.33
N ILE D 232 -22.05 -41.91 1.96
CA ILE D 232 -23.06 -41.55 2.95
C ILE D 232 -24.28 -42.45 2.82
N LEU D 233 -24.91 -42.42 1.65
CA LEU D 233 -26.24 -43.01 1.51
C LEU D 233 -26.22 -44.52 1.74
N VAL D 234 -25.34 -45.25 1.03
CA VAL D 234 -25.32 -46.70 1.16
C VAL D 234 -24.96 -47.17 2.56
N PRO D 235 -23.88 -46.67 3.19
CA PRO D 235 -23.62 -47.08 4.58
C PRO D 235 -24.78 -46.79 5.52
N CYS D 236 -25.34 -45.58 5.45
CA CYS D 236 -26.42 -45.22 6.37
C CYS D 236 -27.64 -46.11 6.16
N VAL D 237 -28.00 -46.36 4.90
CA VAL D 237 -29.17 -47.19 4.61
C VAL D 237 -28.95 -48.61 5.08
N LEU D 238 -27.77 -49.19 4.79
CA LEU D 238 -27.51 -50.56 5.24
C LEU D 238 -27.50 -50.66 6.77
N ILE D 239 -26.86 -49.71 7.44
CA ILE D 239 -26.84 -49.74 8.90
C ILE D 239 -28.25 -49.60 9.46
N SER D 240 -29.07 -48.74 8.85
CA SER D 240 -30.44 -48.60 9.30
C SER D 240 -31.24 -49.88 9.09
N PHE D 241 -31.08 -50.51 7.93
CA PHE D 241 -31.79 -51.75 7.65
C PHE D 241 -31.32 -52.89 8.55
N MET D 242 -30.09 -52.79 9.07
CA MET D 242 -29.58 -53.80 10.00
C MET D 242 -30.51 -53.99 11.20
N VAL D 243 -31.23 -52.95 11.59
CA VAL D 243 -32.13 -53.05 12.73
C VAL D 243 -33.25 -54.05 12.50
N ASN D 244 -33.57 -54.34 11.23
CA ASN D 244 -34.57 -55.35 10.95
C ASN D 244 -34.13 -56.73 11.42
N LEU D 245 -32.83 -56.96 11.52
CA LEU D 245 -32.31 -58.21 12.07
C LEU D 245 -32.37 -58.28 13.58
N VAL D 246 -32.62 -57.16 14.26
CA VAL D 246 -32.73 -57.18 15.72
C VAL D 246 -33.89 -58.08 16.15
N PHE D 247 -35.00 -58.05 15.40
CA PHE D 247 -36.10 -58.94 15.69
C PHE D 247 -35.72 -60.40 15.46
N TYR D 248 -34.84 -60.66 14.50
CA TYR D 248 -34.52 -62.03 14.11
C TYR D 248 -33.58 -62.69 15.11
N LEU D 249 -32.70 -61.92 15.72
CA LEU D 249 -31.73 -62.46 16.68
C LEU D 249 -32.46 -63.08 17.88
N PRO D 250 -32.08 -64.28 18.31
CA PRO D 250 -32.77 -64.92 19.44
C PRO D 250 -32.66 -64.09 20.72
N ALA D 251 -33.72 -64.15 21.53
CA ALA D 251 -33.76 -63.38 22.78
C ALA D 251 -32.69 -63.84 23.76
N ASP D 252 -32.29 -65.12 23.70
CA ASP D 252 -31.26 -65.63 24.59
C ASP D 252 -29.87 -65.11 24.24
N SER D 253 -29.70 -64.45 23.09
CA SER D 253 -28.39 -63.91 22.75
C SER D 253 -27.98 -62.78 23.68
N GLY D 254 -28.94 -62.00 24.17
CA GLY D 254 -28.62 -60.91 25.07
C GLY D 254 -27.88 -59.76 24.44
N GLU D 255 -28.11 -59.49 23.16
CA GLU D 255 -27.43 -58.41 22.46
C GLU D 255 -28.35 -57.56 21.61
N LYS D 256 -29.66 -57.80 21.63
CA LYS D 256 -30.58 -57.14 20.70
C LYS D 256 -30.63 -55.64 20.95
N THR D 257 -30.78 -55.23 22.21
CA THR D 257 -30.75 -53.80 22.53
C THR D 257 -29.38 -53.22 22.26
N SER D 258 -28.32 -53.98 22.52
CA SER D 258 -26.97 -53.52 22.20
C SER D 258 -26.84 -53.17 20.73
N VAL D 259 -27.31 -54.07 19.85
CA VAL D 259 -27.25 -53.83 18.42
C VAL D 259 -28.08 -52.61 18.04
N ALA D 260 -29.31 -52.54 18.56
CA ALA D 260 -30.20 -51.43 18.20
C ALA D 260 -29.61 -50.09 18.62
N ILE D 261 -29.10 -50.01 19.86
CA ILE D 261 -28.55 -48.75 20.34
C ILE D 261 -27.25 -48.41 19.61
N SER D 262 -26.46 -49.42 19.22
CA SER D 262 -25.26 -49.14 18.42
C SER D 262 -25.63 -48.58 17.05
N VAL D 263 -26.71 -49.09 16.46
CA VAL D 263 -27.17 -48.53 15.19
C VAL D 263 -27.67 -47.10 15.39
N LEU D 264 -28.34 -46.85 16.52
CA LEU D 264 -28.74 -45.48 16.83
C LEU D 264 -27.53 -44.56 16.93
N LEU D 265 -26.46 -45.04 17.58
CA LEU D 265 -25.23 -44.26 17.67
C LEU D 265 -24.64 -43.99 16.29
N ALA D 266 -24.63 -45.01 15.43
CA ALA D 266 -24.10 -44.81 14.07
C ALA D 266 -24.92 -43.79 13.30
N GLN D 267 -26.26 -43.85 13.43
CA GLN D 267 -27.11 -42.85 12.80
C GLN D 267 -26.84 -41.47 13.38
N SER D 268 -26.55 -41.39 14.68
CA SER D 268 -26.17 -40.12 15.28
C SER D 268 -24.89 -39.56 14.65
N VAL D 269 -23.92 -40.45 14.42
CA VAL D 269 -22.67 -40.02 13.78
C VAL D 269 -22.94 -39.50 12.36
N PHE D 270 -23.76 -40.23 11.60
CA PHE D 270 -24.09 -39.76 10.25
C PHE D 270 -24.85 -38.45 10.29
N LEU D 271 -25.75 -38.28 11.25
CA LEU D 271 -26.50 -37.04 11.37
C LEU D 271 -25.56 -35.88 11.71
N LEU D 272 -24.58 -36.12 12.58
CA LEU D 272 -23.55 -35.12 12.84
C LEU D 272 -22.82 -34.73 11.57
N LEU D 273 -22.38 -35.72 10.80
CA LEU D 273 -21.63 -35.42 9.58
C LEU D 273 -22.46 -34.60 8.59
N ILE D 274 -23.71 -35.03 8.36
CA ILE D 274 -24.55 -34.33 7.38
C ILE D 274 -24.92 -32.94 7.87
N SER D 275 -25.23 -32.79 9.15
CA SER D 275 -25.50 -31.46 9.69
C SER D 275 -24.28 -30.56 9.63
N LYS D 276 -23.08 -31.14 9.63
CA LYS D 276 -21.89 -30.35 9.33
C LYS D 276 -21.86 -29.95 7.86
N ARG D 277 -22.29 -30.85 6.96
CA ARG D 277 -22.15 -30.58 5.54
C ARG D 277 -23.24 -29.70 4.95
N LEU D 278 -24.34 -29.49 5.66
CA LEU D 278 -25.43 -28.68 5.10
C LEU D 278 -25.71 -27.45 5.94
N PRO D 279 -26.19 -26.37 5.32
CA PRO D 279 -26.62 -25.20 6.09
C PRO D 279 -27.84 -25.52 6.93
N ALA D 280 -27.98 -24.79 8.04
CA ALA D 280 -29.12 -24.99 8.93
C ALA D 280 -30.38 -24.28 8.43
N THR D 281 -30.72 -24.47 7.16
CA THR D 281 -31.93 -23.86 6.62
C THR D 281 -33.15 -24.50 7.24
N SER D 282 -34.11 -23.66 7.64
CA SER D 282 -35.32 -24.12 8.30
C SER D 282 -36.53 -24.14 7.39
N MET D 283 -36.41 -23.69 6.14
CA MET D 283 -37.54 -23.71 5.23
C MET D 283 -37.83 -25.11 4.69
N ALA D 284 -36.88 -26.03 4.78
CA ALA D 284 -37.09 -27.39 4.31
C ALA D 284 -36.11 -28.32 5.02
N ILE D 285 -36.43 -29.61 4.98
CA ILE D 285 -35.59 -30.66 5.54
C ILE D 285 -35.01 -31.46 4.40
N PRO D 286 -33.70 -31.69 4.37
CA PRO D 286 -33.12 -32.46 3.26
C PRO D 286 -33.63 -33.89 3.25
N LEU D 287 -33.63 -34.48 2.06
CA LEU D 287 -34.18 -35.83 1.91
C LEU D 287 -33.40 -36.83 2.75
N ILE D 288 -32.07 -36.75 2.74
CA ILE D 288 -31.27 -37.60 3.62
C ILE D 288 -31.56 -37.28 5.08
N GLY D 289 -31.86 -36.03 5.39
CA GLY D 289 -32.24 -35.68 6.75
C GLY D 289 -33.58 -36.28 7.14
N LYS D 290 -34.55 -36.25 6.22
CA LYS D 290 -35.83 -36.90 6.47
C LYS D 290 -35.64 -38.39 6.69
N PHE D 291 -34.81 -39.02 5.86
CA PHE D 291 -34.54 -40.45 6.02
C PHE D 291 -33.89 -40.73 7.37
N LEU D 292 -32.92 -39.91 7.76
CA LEU D 292 -32.25 -40.12 9.05
C LEU D 292 -33.23 -39.96 10.20
N LEU D 293 -34.11 -38.96 10.13
CA LEU D 293 -35.11 -38.78 11.19
C LEU D 293 -36.04 -39.98 11.26
N PHE D 294 -36.57 -40.40 10.12
CA PHE D 294 -37.44 -41.57 10.06
C PHE D 294 -36.74 -42.82 10.58
N GLY D 295 -35.48 -43.01 10.20
CA GLY D 295 -34.72 -44.16 10.66
C GLY D 295 -34.49 -44.14 12.16
N MET D 296 -34.12 -42.99 12.72
CA MET D 296 -33.92 -42.89 14.15
C MET D 296 -35.23 -43.12 14.90
N VAL D 297 -36.35 -42.62 14.37
CA VAL D 297 -37.65 -42.89 14.96
C VAL D 297 -37.91 -44.39 14.99
N LEU D 298 -37.71 -45.06 13.86
CA LEU D 298 -37.95 -46.50 13.82
C LEU D 298 -37.00 -47.27 14.73
N VAL D 299 -35.73 -46.86 14.81
CA VAL D 299 -34.79 -47.52 15.70
C VAL D 299 -35.23 -47.37 17.15
N THR D 300 -35.69 -46.18 17.53
CA THR D 300 -36.26 -45.99 18.86
C THR D 300 -37.45 -46.92 19.09
N MET D 301 -38.33 -47.03 18.10
CA MET D 301 -39.49 -47.90 18.24
C MET D 301 -39.08 -49.36 18.35
N VAL D 302 -38.05 -49.78 17.62
CA VAL D 302 -37.54 -51.15 17.71
C VAL D 302 -36.91 -51.39 19.07
N VAL D 303 -36.23 -50.40 19.63
CA VAL D 303 -35.72 -50.52 20.99
C VAL D 303 -36.88 -50.73 21.96
N VAL D 304 -37.95 -49.96 21.80
CA VAL D 304 -39.11 -50.10 22.67
C VAL D 304 -39.70 -51.51 22.54
N ILE D 305 -39.85 -51.99 21.31
CA ILE D 305 -40.42 -53.32 21.08
C ILE D 305 -39.52 -54.40 21.66
N CYS D 306 -38.20 -54.28 21.47
CA CYS D 306 -37.27 -55.24 22.03
C CYS D 306 -37.33 -55.27 23.55
N VAL D 307 -37.42 -54.09 24.17
CA VAL D 307 -37.55 -54.03 25.62
C VAL D 307 -38.84 -54.73 26.07
N ILE D 308 -39.93 -54.50 25.35
CA ILE D 308 -41.19 -55.17 25.68
C ILE D 308 -41.05 -56.68 25.54
N VAL D 309 -40.44 -57.13 24.44
CA VAL D 309 -40.27 -58.56 24.18
C VAL D 309 -39.43 -59.21 25.27
N LEU D 310 -38.33 -58.56 25.67
CA LEU D 310 -37.49 -59.12 26.73
C LEU D 310 -38.19 -59.10 28.07
N ASN D 311 -38.96 -58.05 28.36
CA ASN D 311 -39.76 -58.02 29.58
C ASN D 311 -40.77 -59.16 29.61
N ILE D 312 -41.29 -59.55 28.45
CA ILE D 312 -42.16 -60.72 28.37
C ILE D 312 -41.36 -62.00 28.58
N HIS D 313 -40.21 -62.11 27.93
CA HIS D 313 -39.45 -63.36 27.90
C HIS D 313 -39.04 -63.82 29.29
N PHE D 314 -38.58 -62.88 30.13
CA PHE D 314 -38.04 -63.23 31.44
C PHE D 314 -39.12 -63.32 32.52
N ARG D 315 -40.39 -63.24 32.15
CA ARG D 315 -41.47 -63.41 33.12
C ARG D 315 -41.49 -64.84 33.65
N TRP D 441 -44.00 -67.97 28.26
CA TRP D 441 -43.68 -66.59 27.96
C TRP D 441 -42.64 -66.47 26.85
N ASN D 442 -41.76 -67.47 26.76
CA ASN D 442 -40.74 -67.46 25.71
C ASN D 442 -41.37 -67.56 24.33
N ARG D 443 -42.38 -68.41 24.18
CA ARG D 443 -43.09 -68.51 22.91
C ARG D 443 -43.85 -67.23 22.60
N VAL D 444 -44.46 -66.62 23.62
CA VAL D 444 -45.13 -65.34 23.43
C VAL D 444 -44.12 -64.28 22.98
N ALA D 445 -42.96 -64.23 23.63
CA ALA D 445 -41.93 -63.28 23.25
C ALA D 445 -41.49 -63.48 21.81
N ARG D 446 -41.24 -64.74 21.41
CA ARG D 446 -40.84 -65.01 20.04
C ARG D 446 -41.92 -64.63 19.05
N THR D 447 -43.18 -64.90 19.38
CA THR D 447 -44.29 -64.54 18.49
C THR D 447 -44.38 -63.03 18.33
N VAL D 448 -44.26 -62.28 19.42
CA VAL D 448 -44.28 -60.82 19.33
C VAL D 448 -43.09 -60.33 18.51
N ASP D 449 -41.91 -60.92 18.71
CA ASP D 449 -40.75 -60.60 17.90
C ASP D 449 -41.04 -60.76 16.41
N ARG D 450 -41.57 -61.92 16.03
CA ARG D 450 -41.80 -62.19 14.60
C ARG D 450 -42.90 -61.30 14.03
N LEU D 451 -43.97 -61.08 14.79
CA LEU D 451 -45.04 -60.19 14.33
C LEU D 451 -44.52 -58.77 14.14
N CYS D 452 -43.77 -58.25 15.10
CA CYS D 452 -43.23 -56.91 14.96
C CYS D 452 -42.20 -56.83 13.85
N LEU D 453 -41.47 -57.91 13.59
CA LEU D 453 -40.59 -57.96 12.43
C LEU D 453 -41.40 -57.80 11.14
N PHE D 454 -42.42 -58.64 10.98
CA PHE D 454 -43.23 -58.63 9.76
C PHE D 454 -44.04 -57.34 9.62
N VAL D 455 -44.21 -56.59 10.70
CA VAL D 455 -44.82 -55.27 10.59
C VAL D 455 -43.79 -54.21 10.21
N VAL D 456 -42.73 -54.08 11.02
CA VAL D 456 -41.82 -52.95 10.90
C VAL D 456 -40.94 -53.04 9.65
N THR D 457 -40.45 -54.23 9.31
CA THR D 457 -39.53 -54.33 8.18
C THR D 457 -40.15 -53.86 6.86
N PRO D 458 -41.34 -54.31 6.45
CA PRO D 458 -41.94 -53.75 5.22
C PRO D 458 -42.26 -52.27 5.35
N VAL D 459 -42.66 -51.80 6.53
CA VAL D 459 -42.87 -50.36 6.72
C VAL D 459 -41.56 -49.61 6.51
N MET D 460 -40.47 -50.12 7.06
CA MET D 460 -39.16 -49.55 6.82
C MET D 460 -38.85 -49.48 5.33
N VAL D 461 -39.04 -50.59 4.62
CA VAL D 461 -38.70 -50.64 3.20
C VAL D 461 -39.54 -49.65 2.41
N VAL D 462 -40.85 -49.63 2.65
CA VAL D 462 -41.75 -48.76 1.90
C VAL D 462 -41.44 -47.29 2.18
N GLY D 463 -41.21 -46.94 3.45
CA GLY D 463 -40.83 -45.56 3.76
C GLY D 463 -39.52 -45.16 3.12
N THR D 464 -38.54 -46.06 3.14
CA THR D 464 -37.25 -45.78 2.52
C THR D 464 -37.40 -45.54 1.03
N ALA D 465 -38.18 -46.39 0.35
CA ALA D 465 -38.41 -46.21 -1.08
C ALA D 465 -39.18 -44.92 -1.37
N TRP D 466 -40.23 -44.66 -0.60
CA TRP D 466 -41.02 -43.44 -0.78
C TRP D 466 -40.14 -42.20 -0.63
N ILE D 467 -39.23 -42.21 0.34
CA ILE D 467 -38.30 -41.11 0.51
C ILE D 467 -37.38 -41.00 -0.69
N PHE D 468 -36.63 -42.07 -0.98
CA PHE D 468 -35.53 -41.95 -1.94
C PHE D 468 -36.00 -41.77 -3.38
N LEU D 469 -37.10 -42.43 -3.79
CA LEU D 469 -37.58 -42.25 -5.16
C LEU D 469 -38.00 -40.82 -5.43
N GLN D 470 -38.44 -40.09 -4.40
CA GLN D 470 -38.81 -38.69 -4.59
C GLN D 470 -37.62 -37.86 -5.03
N GLY D 471 -36.42 -38.20 -4.58
CA GLY D 471 -35.21 -37.54 -5.00
C GLY D 471 -34.64 -38.10 -6.29
N VAL D 472 -34.76 -39.43 -6.47
CA VAL D 472 -34.19 -40.07 -7.65
C VAL D 472 -34.78 -39.51 -8.93
N TYR D 473 -36.10 -39.32 -8.97
CA TYR D 473 -36.75 -38.75 -10.13
C TYR D 473 -36.78 -37.23 -10.12
N ASN D 474 -36.16 -36.60 -9.14
CA ASN D 474 -36.07 -35.14 -9.15
C ASN D 474 -35.15 -34.68 -10.26
N GLN D 475 -35.65 -33.79 -11.11
CA GLN D 475 -34.89 -33.26 -12.23
C GLN D 475 -35.27 -31.80 -12.43
N PRO D 476 -34.36 -30.99 -12.98
CA PRO D 476 -34.78 -29.67 -13.43
C PRO D 476 -35.77 -29.77 -14.57
N PRO D 477 -36.65 -28.79 -14.71
CA PRO D 477 -37.63 -28.83 -15.79
C PRO D 477 -36.97 -28.72 -17.15
N PRO D 478 -37.61 -29.24 -18.20
CA PRO D 478 -36.98 -29.18 -19.53
C PRO D 478 -36.81 -27.76 -20.06
N GLN D 479 -37.67 -26.82 -19.66
CA GLN D 479 -37.39 -25.43 -20.02
C GLN D 479 -36.86 -24.68 -18.82
N PRO D 480 -35.88 -23.79 -19.02
CA PRO D 480 -35.28 -23.10 -17.87
C PRO D 480 -36.26 -22.24 -17.10
N PHE D 481 -37.21 -21.60 -17.78
CA PHE D 481 -38.24 -20.81 -17.12
C PHE D 481 -39.58 -21.52 -17.24
N PRO D 482 -40.22 -21.90 -16.12
CA PRO D 482 -41.54 -22.53 -16.22
C PRO D 482 -42.58 -21.55 -16.78
N GLY D 483 -43.38 -22.03 -17.71
CA GLY D 483 -44.35 -21.20 -18.40
C GLY D 483 -43.80 -20.45 -19.59
N ASP D 484 -42.52 -20.60 -19.90
CA ASP D 484 -41.95 -20.07 -21.12
C ASP D 484 -41.56 -21.24 -22.02
N PRO D 485 -42.14 -21.36 -23.23
CA PRO D 485 -41.79 -22.49 -24.10
C PRO D 485 -40.41 -22.39 -24.73
N TYR D 486 -39.74 -21.24 -24.69
CA TYR D 486 -38.43 -21.15 -25.31
C TYR D 486 -37.39 -21.91 -24.50
N SER D 487 -36.44 -22.51 -25.21
CA SER D 487 -35.47 -23.40 -24.58
C SER D 487 -34.21 -22.69 -24.13
N TYR D 488 -33.88 -21.54 -24.71
CA TYR D 488 -32.62 -20.85 -24.44
C TYR D 488 -31.44 -21.80 -24.64
N ASN D 489 -31.32 -22.33 -25.85
CA ASN D 489 -30.35 -23.37 -26.14
C ASN D 489 -29.75 -23.12 -27.52
N VAL D 490 -28.51 -23.60 -27.69
CA VAL D 490 -27.71 -23.21 -28.84
C VAL D 490 -28.37 -23.63 -30.15
N GLN D 491 -28.95 -24.83 -30.19
CA GLN D 491 -29.59 -25.32 -31.40
C GLN D 491 -30.89 -24.60 -31.72
N ASP D 492 -31.41 -23.78 -30.80
CA ASP D 492 -32.69 -23.11 -30.94
C ASP D 492 -32.53 -21.62 -31.26
N LYS D 493 -31.58 -21.30 -32.15
CA LYS D 493 -31.24 -19.92 -32.50
C LYS D 493 -32.46 -19.13 -32.93
N ARG D 494 -32.81 -18.10 -32.15
CA ARG D 494 -34.03 -17.33 -32.34
C ARG D 494 -33.75 -16.15 -33.27
N PHE D 495 -33.64 -16.47 -34.56
CA PHE D 495 -33.28 -15.47 -35.56
C PHE D 495 -34.29 -14.33 -35.58
N ILE D 496 -33.79 -13.13 -35.84
CA ILE D 496 -34.64 -11.96 -35.99
C ILE D 496 -35.47 -12.08 -37.28
N LYS E 1 14.21 30.42 12.60
CA LYS E 1 13.59 29.40 11.75
C LYS E 1 13.95 28.02 12.23
N ASN E 2 13.20 27.02 11.78
CA ASN E 2 13.50 25.64 12.13
C ASN E 2 14.73 25.18 11.35
N GLU E 3 15.77 24.77 12.09
CA GLU E 3 16.98 24.25 11.45
C GLU E 3 16.74 22.94 10.73
N GLU E 4 15.78 22.14 11.20
CA GLU E 4 15.47 20.88 10.53
C GLU E 4 15.00 21.11 9.10
N LEU E 5 14.26 22.20 8.87
CA LEU E 5 13.76 22.46 7.53
C LEU E 5 14.90 22.89 6.60
N ARG E 6 15.83 23.70 7.10
CA ARG E 6 17.01 24.04 6.33
C ARG E 6 17.79 22.78 5.96
N LEU E 7 18.01 21.91 6.94
CA LEU E 7 18.79 20.71 6.68
C LEU E 7 18.09 19.81 5.67
N TYR E 8 16.77 19.65 5.82
CA TYR E 8 16.02 18.82 4.89
C TYR E 8 16.11 19.36 3.46
N HIS E 9 15.93 20.67 3.29
CA HIS E 9 16.08 21.24 1.96
C HIS E 9 17.49 21.07 1.42
N HIS E 10 18.50 21.28 2.27
CA HIS E 10 19.88 21.14 1.83
C HIS E 10 20.19 19.73 1.37
N LEU E 11 19.66 18.72 2.05
CA LEU E 11 19.96 17.34 1.68
C LEU E 11 19.15 16.88 0.48
N PHE E 12 17.85 17.18 0.44
CA PHE E 12 16.95 16.51 -0.49
C PHE E 12 16.48 17.34 -1.68
N ASN E 13 16.87 18.62 -1.79
CA ASN E 13 16.43 19.39 -2.94
C ASN E 13 16.99 18.86 -4.26
N ASN E 14 18.07 18.08 -4.22
CA ASN E 14 18.69 17.59 -5.44
C ASN E 14 19.12 16.13 -5.25
N TYR E 15 18.26 15.33 -4.64
CA TYR E 15 18.56 13.95 -4.30
C TYR E 15 17.70 13.01 -5.13
N ASP E 16 18.32 11.97 -5.67
CA ASP E 16 17.61 10.98 -6.47
C ASP E 16 17.55 9.66 -5.71
N PRO E 17 16.40 9.26 -5.18
CA PRO E 17 16.32 7.99 -4.46
C PRO E 17 16.40 6.76 -5.35
N GLY E 18 16.42 6.92 -6.67
CA GLY E 18 16.46 5.79 -7.56
C GLY E 18 17.83 5.21 -7.84
N SER E 19 18.90 5.88 -7.45
CA SER E 19 20.25 5.46 -7.79
C SER E 19 21.07 5.23 -6.53
N ARG E 20 21.98 4.26 -6.59
CA ARG E 20 22.74 3.84 -5.42
C ARG E 20 23.68 4.96 -4.96
N PRO E 21 23.99 5.00 -3.68
CA PRO E 21 24.94 5.99 -3.13
C PRO E 21 26.40 5.64 -3.39
N VAL E 22 26.77 5.54 -4.66
CA VAL E 22 28.15 5.26 -5.06
C VAL E 22 28.61 6.32 -6.04
N ARG E 23 29.89 6.67 -5.94
CA ARG E 23 30.46 7.67 -6.83
C ARG E 23 30.74 7.09 -8.21
N GLU E 24 31.16 5.82 -8.27
CA GLU E 24 31.38 5.14 -9.53
C GLU E 24 30.52 3.89 -9.62
N PRO E 25 30.02 3.55 -10.81
CA PRO E 25 29.08 2.42 -10.92
C PRO E 25 29.64 1.10 -10.44
N GLU E 26 30.96 0.93 -10.45
CA GLU E 26 31.57 -0.34 -10.06
C GLU E 26 31.79 -0.45 -8.56
N ASP E 27 31.40 0.55 -7.78
CA ASP E 27 31.52 0.48 -6.33
C ASP E 27 30.35 -0.27 -5.70
N THR E 28 30.66 -1.11 -4.72
CA THR E 28 29.64 -1.84 -3.98
C THR E 28 29.21 -1.04 -2.76
N VAL E 29 27.89 -0.96 -2.54
CA VAL E 29 27.35 -0.43 -1.30
C VAL E 29 27.42 -1.52 -0.24
N THR E 30 27.94 -1.18 0.94
CA THR E 30 28.00 -2.12 2.05
C THR E 30 26.85 -1.85 3.01
N ILE E 31 26.05 -2.88 3.27
CA ILE E 31 24.92 -2.81 4.17
C ILE E 31 25.26 -3.61 5.42
N SER E 32 25.08 -3.00 6.59
CA SER E 32 25.16 -3.73 7.84
C SER E 32 23.77 -4.20 8.23
N LEU E 33 23.65 -5.50 8.50
CA LEU E 33 22.37 -6.13 8.76
C LEU E 33 22.32 -6.65 10.18
N LYS E 34 21.18 -6.43 10.84
CA LYS E 34 20.87 -7.04 12.11
C LYS E 34 19.41 -7.43 12.09
N VAL E 35 19.09 -8.60 12.62
CA VAL E 35 17.70 -9.03 12.77
C VAL E 35 17.44 -9.25 14.25
N THR E 36 16.42 -8.57 14.77
CA THR E 36 15.99 -8.74 16.16
C THR E 36 14.64 -9.44 16.13
N LEU E 37 14.58 -10.62 16.72
CA LEU E 37 13.34 -11.38 16.76
C LEU E 37 12.55 -10.98 17.99
N THR E 38 11.38 -10.37 17.79
CA THR E 38 10.58 -9.93 18.92
C THR E 38 9.73 -11.06 19.47
N ASN E 39 9.01 -11.78 18.60
CA ASN E 39 8.25 -12.95 19.01
C ASN E 39 8.28 -14.00 17.92
N LEU E 40 8.36 -15.26 18.35
CA LEU E 40 8.03 -16.39 17.49
C LEU E 40 6.53 -16.63 17.62
N ILE E 41 5.78 -16.22 16.61
CA ILE E 41 4.32 -16.24 16.73
C ILE E 41 3.80 -17.66 16.62
N SER E 42 4.15 -18.38 15.57
CA SER E 42 3.67 -19.75 15.48
C SER E 42 4.48 -20.53 14.45
N LEU E 43 4.40 -21.85 14.55
CA LEU E 43 4.84 -22.75 13.49
C LEU E 43 3.66 -23.66 13.16
N ASN E 44 3.18 -23.58 11.93
CA ASN E 44 2.09 -24.42 11.45
C ASN E 44 2.70 -25.51 10.58
N GLU E 45 2.64 -26.75 11.07
CA GLU E 45 3.19 -27.87 10.33
C GLU E 45 2.24 -28.34 9.23
N LYS E 46 0.94 -28.13 9.39
CA LYS E 46 -0.01 -28.51 8.36
C LYS E 46 0.18 -27.66 7.10
N GLU E 47 0.45 -26.37 7.27
CA GLU E 47 0.75 -25.49 6.15
C GLU E 47 2.24 -25.23 5.99
N GLU E 48 3.06 -25.68 6.94
CA GLU E 48 4.51 -25.49 6.90
C GLU E 48 4.90 -24.02 6.83
N THR E 49 4.30 -23.20 7.69
CA THR E 49 4.59 -21.77 7.74
C THR E 49 5.07 -21.39 9.12
N LEU E 50 6.21 -20.72 9.20
CA LEU E 50 6.69 -20.13 10.43
C LEU E 50 6.37 -18.64 10.43
N THR E 51 5.60 -18.20 11.42
CA THR E 51 5.18 -16.81 11.55
C THR E 51 5.97 -16.16 12.68
N THR E 52 6.69 -15.08 12.35
CA THR E 52 7.56 -14.37 13.29
C THR E 52 7.44 -12.86 13.09
N SER E 53 7.65 -12.12 14.17
CA SER E 53 7.70 -10.67 14.13
C SER E 53 9.13 -10.22 14.43
N VAL E 54 9.70 -9.42 13.53
CA VAL E 54 11.11 -9.04 13.62
C VAL E 54 11.27 -7.55 13.41
N TRP E 55 12.39 -7.03 13.88
CA TRP E 55 12.85 -5.68 13.56
C TRP E 55 14.15 -5.82 12.77
N ILE E 56 14.19 -5.25 11.58
CA ILE E 56 15.34 -5.40 10.70
C ILE E 56 16.16 -4.13 10.76
N GLY E 57 17.30 -4.17 11.43
CA GLY E 57 18.21 -3.04 11.45
C GLY E 57 19.11 -3.03 10.24
N ILE E 58 19.01 -2.00 9.42
CA ILE E 58 19.78 -1.85 8.19
C ILE E 58 20.55 -0.54 8.30
N ASP E 59 21.86 -0.60 8.15
CA ASP E 59 22.67 0.61 8.20
C ASP E 59 23.57 0.72 6.99
N TRP E 60 23.73 1.94 6.47
CA TRP E 60 24.66 2.11 5.36
C TRP E 60 25.13 3.56 5.31
N GLN E 61 26.19 3.77 4.53
CA GLN E 61 26.69 5.11 4.23
C GLN E 61 26.07 5.63 2.94
N ASP E 62 25.60 6.87 2.99
CA ASP E 62 25.16 7.59 1.79
C ASP E 62 25.88 8.93 1.79
N TYR E 63 26.91 9.06 0.95
CA TYR E 63 27.68 10.31 0.91
C TYR E 63 26.83 11.49 0.50
N ARG E 64 25.71 11.26 -0.19
CA ARG E 64 24.84 12.35 -0.61
C ARG E 64 24.10 12.97 0.55
N LEU E 65 24.07 12.30 1.70
CA LEU E 65 23.33 12.73 2.87
C LEU E 65 24.28 13.07 4.00
N ASN E 66 25.36 13.76 3.67
CA ASN E 66 26.42 14.07 4.61
C ASN E 66 26.29 15.52 5.05
N TYR E 67 26.26 15.75 6.36
CA TYR E 67 26.19 17.08 6.92
C TYR E 67 26.95 17.11 8.23
N SER E 68 27.34 18.31 8.64
CA SER E 68 27.98 18.54 9.93
C SER E 68 27.04 19.33 10.83
N LYS E 69 26.97 18.92 12.10
CA LYS E 69 26.05 19.56 13.04
C LYS E 69 26.38 21.03 13.24
N ASP E 70 27.65 21.41 13.10
CA ASP E 70 28.05 22.80 13.31
C ASP E 70 27.43 23.74 12.28
N ASP E 71 27.10 23.24 11.10
CA ASP E 71 26.49 24.07 10.08
C ASP E 71 24.98 24.19 10.23
N PHE E 72 24.38 23.36 11.07
CA PHE E 72 22.93 23.32 11.21
C PHE E 72 22.53 23.29 12.68
N GLY E 73 23.10 24.19 13.46
CA GLY E 73 22.62 24.46 14.80
C GLY E 73 22.78 23.32 15.78
N GLY E 74 23.64 22.36 15.51
CA GLY E 74 23.83 21.24 16.41
C GLY E 74 22.89 20.08 16.21
N ILE E 75 22.16 20.04 15.09
CA ILE E 75 21.33 18.89 14.77
C ILE E 75 22.22 17.69 14.52
N GLU E 76 21.98 16.60 15.26
CA GLU E 76 22.76 15.39 15.11
C GLU E 76 21.98 14.24 14.47
N THR E 77 20.67 14.33 14.39
CA THR E 77 19.87 13.32 13.70
C THR E 77 18.74 14.02 12.96
N LEU E 78 18.35 13.45 11.81
CA LEU E 78 17.17 13.87 11.08
C LEU E 78 16.31 12.66 10.77
N ARG E 79 15.00 12.79 10.95
CA ARG E 79 14.06 11.72 10.65
C ARG E 79 13.39 12.00 9.30
N VAL E 80 13.46 11.03 8.40
CA VAL E 80 12.97 11.23 7.03
C VAL E 80 12.09 10.06 6.62
N PRO E 81 10.97 10.27 5.95
CA PRO E 81 10.20 9.14 5.41
C PRO E 81 11.06 8.29 4.48
N SER E 82 10.96 6.97 4.65
CA SER E 82 11.84 6.06 3.94
C SER E 82 11.65 6.09 2.43
N GLU E 83 10.49 6.56 1.95
CA GLU E 83 10.26 6.70 0.52
C GLU E 83 11.15 7.76 -0.12
N LEU E 84 11.75 8.64 0.68
CA LEU E 84 12.53 9.73 0.14
C LEU E 84 14.00 9.40 -0.07
N VAL E 85 14.49 8.33 0.54
CA VAL E 85 15.88 7.94 0.42
C VAL E 85 15.99 6.69 -0.44
N TRP E 86 17.18 6.46 -0.99
CA TRP E 86 17.48 5.18 -1.59
C TRP E 86 17.49 4.09 -0.54
N LEU E 87 16.91 2.95 -0.86
CA LEU E 87 16.91 1.81 0.03
C LEU E 87 17.45 0.59 -0.69
N PRO E 88 18.13 -0.30 0.02
CA PRO E 88 18.67 -1.51 -0.61
C PRO E 88 17.63 -2.55 -0.98
N GLU E 89 16.36 -2.36 -0.63
CA GLU E 89 15.27 -3.24 -1.05
C GLU E 89 15.45 -4.67 -0.54
N ILE E 90 15.71 -4.79 0.77
CA ILE E 90 15.85 -6.10 1.39
C ILE E 90 14.50 -6.79 1.45
N VAL E 91 14.45 -8.06 1.07
CA VAL E 91 13.23 -8.86 1.07
C VAL E 91 13.54 -10.21 1.68
N LEU E 92 12.51 -10.82 2.26
CA LEU E 92 12.55 -12.21 2.71
C LEU E 92 12.27 -13.10 1.51
N GLU E 93 13.31 -13.78 1.01
CA GLU E 93 13.16 -14.56 -0.21
C GLU E 93 12.29 -15.78 -0.01
N ASN E 94 12.44 -16.47 1.12
CA ASN E 94 11.74 -17.73 1.35
C ASN E 94 10.41 -17.55 2.07
N ASN E 95 9.72 -16.43 1.85
CA ASN E 95 8.36 -16.30 2.33
C ASN E 95 7.44 -17.27 1.59
N ILE E 96 6.24 -17.45 2.15
CA ILE E 96 5.28 -18.39 1.59
C ILE E 96 3.99 -17.72 1.14
N ASP E 97 3.64 -16.55 1.66
CA ASP E 97 2.38 -15.91 1.32
C ASP E 97 2.51 -14.83 0.25
N GLY E 98 3.71 -14.59 -0.26
CA GLY E 98 3.91 -13.54 -1.23
C GLY E 98 4.15 -12.16 -0.64
N GLN E 99 4.26 -12.04 0.67
CA GLN E 99 4.64 -10.79 1.33
C GLN E 99 6.16 -10.75 1.47
N PHE E 100 6.82 -10.04 0.56
CA PHE E 100 8.27 -9.96 0.57
C PHE E 100 8.80 -8.88 1.50
N GLY E 101 8.06 -7.78 1.70
CA GLY E 101 8.58 -6.62 2.38
C GLY E 101 8.14 -6.47 3.82
N VAL E 102 8.58 -5.35 4.41
CA VAL E 102 8.32 -5.07 5.82
C VAL E 102 6.87 -4.65 6.03
N ALA E 103 6.45 -4.66 7.30
CA ALA E 103 5.08 -4.37 7.65
C ALA E 103 4.81 -2.89 7.82
N TYR E 104 5.79 -2.11 8.29
CA TYR E 104 5.60 -0.70 8.55
C TYR E 104 6.80 0.06 8.01
N ASP E 105 6.55 1.08 7.18
CA ASP E 105 7.60 1.93 6.62
C ASP E 105 7.99 3.01 7.61
N ALA E 106 8.82 2.62 8.57
CA ALA E 106 9.38 3.56 9.52
C ALA E 106 10.23 4.61 8.82
N ASN E 107 10.37 5.77 9.46
CA ASN E 107 11.34 6.76 9.02
C ASN E 107 12.74 6.18 9.08
N VAL E 108 13.58 6.59 8.15
CA VAL E 108 15.02 6.42 8.30
C VAL E 108 15.56 7.55 9.16
N LEU E 109 16.64 7.26 9.88
CA LEU E 109 17.37 8.27 10.61
C LEU E 109 18.68 8.56 9.88
N VAL E 110 18.90 9.83 9.59
CA VAL E 110 20.11 10.31 8.94
C VAL E 110 20.96 10.98 10.00
N TYR E 111 22.06 10.35 10.36
CA TYR E 111 23.02 10.92 11.30
C TYR E 111 24.05 11.74 10.54
N GLU E 112 24.69 12.65 11.25
CA GLU E 112 25.78 13.42 10.65
C GLU E 112 26.92 12.49 10.27
N GLY E 113 27.64 12.87 9.20
CA GLY E 113 28.63 12.00 8.62
C GLY E 113 28.11 11.07 7.56
N GLY E 114 26.82 11.11 7.23
CA GLY E 114 26.26 10.32 6.16
C GLY E 114 25.74 8.96 6.54
N SER E 115 25.69 8.64 7.83
CA SER E 115 25.16 7.35 8.25
C SER E 115 23.64 7.35 8.16
N VAL E 116 23.08 6.36 7.47
CA VAL E 116 21.65 6.16 7.37
C VAL E 116 21.31 4.88 8.11
N THR E 117 20.32 4.96 8.99
CA THR E 117 19.83 3.84 9.77
C THR E 117 18.35 3.66 9.50
N TRP E 118 17.93 2.42 9.29
CA TRP E 118 16.52 2.07 9.13
C TRP E 118 16.22 0.89 10.03
N LEU E 119 15.09 0.92 10.72
CA LEU E 119 14.71 -0.14 11.63
C LEU E 119 13.24 -0.51 11.43
N PRO E 120 12.88 -1.02 10.26
CA PRO E 120 11.49 -1.37 10.02
C PRO E 120 11.09 -2.61 10.79
N PRO E 121 9.90 -2.62 11.36
CA PRO E 121 9.33 -3.88 11.85
C PRO E 121 8.63 -4.63 10.74
N ALA E 122 8.59 -5.94 10.87
CA ALA E 122 8.00 -6.79 9.84
C ALA E 122 7.35 -8.01 10.47
N ILE E 123 6.30 -8.50 9.82
CA ILE E 123 5.71 -9.80 10.09
C ILE E 123 6.06 -10.69 8.90
N TYR E 124 6.65 -11.84 9.18
CA TYR E 124 7.06 -12.75 8.13
C TYR E 124 6.43 -14.12 8.34
N ARG E 125 5.97 -14.71 7.24
CA ARG E 125 5.46 -16.07 7.20
C ARG E 125 6.35 -16.83 6.23
N SER E 126 7.43 -17.41 6.75
CA SER E 126 8.41 -18.08 5.92
C SER E 126 8.09 -19.57 5.78
N VAL E 127 8.68 -20.17 4.75
CA VAL E 127 8.63 -21.61 4.58
C VAL E 127 9.53 -22.29 5.61
N CYS E 128 9.01 -23.31 6.27
CA CYS E 128 9.83 -24.18 7.11
C CYS E 128 9.37 -25.61 6.87
N ALA E 129 10.15 -26.37 6.09
CA ALA E 129 9.88 -27.78 5.92
C ALA E 129 10.04 -28.51 7.25
N VAL E 130 9.01 -29.26 7.63
CA VAL E 130 8.90 -29.83 8.97
C VAL E 130 9.32 -31.28 8.92
N GLU E 131 10.31 -31.64 9.73
CA GLU E 131 10.74 -33.02 9.90
C GLU E 131 9.95 -33.64 11.05
N VAL E 132 8.94 -34.46 10.70
CA VAL E 132 8.00 -34.97 11.68
C VAL E 132 8.44 -36.26 12.34
N THR E 133 9.67 -36.73 12.09
CA THR E 133 10.03 -38.11 12.38
C THR E 133 9.85 -38.48 13.85
N TYR E 134 10.17 -37.56 14.77
CA TYR E 134 10.13 -37.85 16.19
C TYR E 134 9.09 -37.03 16.93
N PHE E 135 8.16 -36.43 16.21
CA PHE E 135 7.08 -35.68 16.83
C PHE E 135 6.34 -36.56 17.82
N PRO E 136 6.04 -36.08 19.04
CA PRO E 136 6.13 -34.70 19.53
C PRO E 136 7.42 -34.28 20.22
N PHE E 137 8.54 -34.98 20.11
CA PHE E 137 9.78 -34.55 20.75
C PHE E 137 10.74 -33.90 19.75
N ASP E 138 10.22 -33.37 18.66
CA ASP E 138 11.00 -32.95 17.52
C ASP E 138 11.62 -31.58 17.73
N TRP E 139 12.59 -31.27 16.88
CA TRP E 139 13.15 -29.94 16.74
C TRP E 139 13.23 -29.61 15.26
N GLN E 140 13.13 -28.32 14.96
CA GLN E 140 13.02 -27.87 13.57
C GLN E 140 14.11 -26.86 13.26
N ASN E 141 14.64 -26.97 12.05
CA ASN E 141 15.66 -26.07 11.52
C ASN E 141 15.00 -25.11 10.54
N CYS E 142 14.30 -24.11 11.06
CA CYS E 142 13.72 -23.13 10.15
C CYS E 142 14.77 -22.11 9.76
N SER E 143 14.52 -21.41 8.66
CA SER E 143 15.50 -20.43 8.21
C SER E 143 14.82 -19.21 7.62
N LEU E 144 15.48 -18.08 7.75
CA LEU E 144 15.08 -16.82 7.15
C LEU E 144 16.17 -16.39 6.17
N ILE E 145 15.80 -16.11 4.93
CA ILE E 145 16.75 -15.77 3.88
C ILE E 145 16.44 -14.35 3.42
N PHE E 146 17.37 -13.44 3.65
CA PHE E 146 17.25 -12.04 3.28
C PHE E 146 18.15 -11.75 2.10
N ARG E 147 17.61 -11.07 1.10
CA ARG E 147 18.41 -10.68 -0.05
C ARG E 147 17.87 -9.39 -0.61
N SER E 148 18.70 -8.69 -1.37
CA SER E 148 18.20 -7.57 -2.14
C SER E 148 17.43 -8.10 -3.35
N GLN E 149 16.22 -7.59 -3.53
CA GLN E 149 15.40 -8.01 -4.67
C GLN E 149 15.95 -7.47 -5.99
N THR E 150 16.60 -6.31 -5.95
CA THR E 150 17.01 -5.60 -7.15
C THR E 150 18.48 -5.83 -7.52
N TYR E 151 19.39 -5.74 -6.56
CA TYR E 151 20.80 -5.57 -6.82
C TYR E 151 21.57 -6.87 -6.61
N ASN E 152 22.56 -7.11 -7.47
CA ASN E 152 23.43 -8.27 -7.34
C ASN E 152 24.56 -7.99 -6.35
N ALA E 153 25.39 -9.00 -6.12
CA ALA E 153 26.41 -8.93 -5.08
C ALA E 153 27.50 -7.90 -5.37
N GLU E 154 27.63 -7.47 -6.62
CA GLU E 154 28.62 -6.45 -6.94
C GLU E 154 28.08 -5.05 -6.76
N GLU E 155 26.80 -4.91 -6.45
CA GLU E 155 26.14 -3.63 -6.24
C GLU E 155 25.80 -3.39 -4.78
N VAL E 156 25.33 -4.41 -4.07
CA VAL E 156 24.98 -4.31 -2.65
C VAL E 156 25.56 -5.52 -1.94
N GLU E 157 26.20 -5.29 -0.80
CA GLU E 157 26.91 -6.33 -0.05
C GLU E 157 26.52 -6.27 1.41
N PHE E 158 26.40 -7.43 2.03
CA PHE E 158 26.04 -7.52 3.44
C PHE E 158 27.24 -7.75 4.35
N THR E 159 27.16 -7.20 5.56
CA THR E 159 28.01 -7.54 6.68
C THR E 159 27.15 -7.53 7.92
N PHE E 160 27.53 -8.34 8.90
CA PHE E 160 26.80 -8.32 10.17
C PHE E 160 27.17 -7.09 10.98
N ALA E 161 26.20 -6.60 11.75
CA ALA E 161 26.43 -5.49 12.64
C ALA E 161 27.43 -5.87 13.74
N VAL E 162 28.01 -4.85 14.35
CA VAL E 162 29.02 -5.03 15.40
C VAL E 162 28.49 -4.42 16.69
N ASP E 163 28.54 -5.20 17.76
CA ASP E 163 28.06 -4.75 19.06
C ASP E 163 29.05 -3.76 19.68
N ASN E 164 28.60 -3.11 20.77
CA ASN E 164 29.42 -2.11 21.43
C ASN E 164 30.73 -2.68 21.97
N ASP E 165 30.79 -4.00 22.21
CA ASP E 165 32.06 -4.62 22.56
C ASP E 165 33.01 -4.75 21.38
N GLY E 166 32.54 -4.48 20.17
CA GLY E 166 33.29 -4.74 18.97
C GLY E 166 33.11 -6.12 18.39
N LYS E 167 32.37 -7.00 19.05
CA LYS E 167 32.11 -8.34 18.52
C LYS E 167 30.99 -8.29 17.49
N THR E 168 31.16 -9.02 16.39
CA THR E 168 30.13 -9.07 15.37
C THR E 168 28.94 -9.89 15.85
N ILE E 169 27.74 -9.36 15.64
CA ILE E 169 26.52 -10.07 15.97
C ILE E 169 26.17 -10.92 14.76
N ASN E 170 26.82 -12.07 14.62
CA ASN E 170 26.54 -12.96 13.50
C ASN E 170 25.43 -13.94 13.85
N LYS E 171 24.32 -13.44 14.37
CA LYS E 171 23.23 -14.29 14.80
C LYS E 171 21.99 -13.43 14.99
N ILE E 172 20.85 -14.09 15.19
CA ILE E 172 19.65 -13.37 15.59
C ILE E 172 19.81 -12.80 16.99
N ASP E 173 19.40 -11.55 17.14
CA ASP E 173 19.50 -10.85 18.42
C ASP E 173 18.17 -10.93 19.17
N ILE E 174 18.24 -11.34 20.43
CA ILE E 174 17.08 -11.44 21.29
C ILE E 174 17.44 -10.82 22.64
N ASP E 175 16.53 -10.03 23.20
CA ASP E 175 16.77 -9.33 24.46
C ASP E 175 16.14 -10.12 25.60
N THR E 176 16.97 -10.55 26.54
CA THR E 176 16.51 -11.45 27.59
C THR E 176 15.45 -10.84 28.48
N GLU E 177 15.48 -9.52 28.70
CA GLU E 177 14.62 -8.91 29.70
C GLU E 177 13.21 -8.67 29.21
N ALA E 178 12.92 -8.88 27.93
CA ALA E 178 11.59 -8.63 27.38
C ALA E 178 11.06 -9.77 26.53
N TYR E 179 11.92 -10.65 26.02
CA TYR E 179 11.48 -11.72 25.15
C TYR E 179 10.58 -12.68 25.91
N THR E 180 9.40 -12.94 25.36
CA THR E 180 8.46 -13.92 25.89
C THR E 180 8.56 -15.19 25.06
N GLU E 181 8.78 -16.32 25.72
CA GLU E 181 8.83 -17.58 25.00
C GLU E 181 7.48 -17.95 24.42
N ASN E 182 7.52 -18.74 23.36
CA ASN E 182 6.32 -19.25 22.73
C ASN E 182 5.74 -20.37 23.60
N GLY E 183 4.44 -20.58 23.47
CA GLY E 183 3.80 -21.58 24.29
C GLY E 183 3.99 -23.00 23.83
N GLU E 184 4.68 -23.18 22.69
CA GLU E 184 4.82 -24.50 22.09
C GLU E 184 6.27 -24.79 21.73
N TRP E 185 7.03 -23.76 21.39
CA TRP E 185 8.38 -23.90 20.89
C TRP E 185 9.35 -23.05 21.71
N ALA E 186 10.60 -23.47 21.73
CA ALA E 186 11.70 -22.71 22.32
C ALA E 186 12.81 -22.55 21.30
N ILE E 187 13.61 -21.50 21.46
CA ILE E 187 14.71 -21.23 20.53
C ILE E 187 16.02 -21.62 21.20
N ASP E 188 16.81 -22.45 20.51
CA ASP E 188 18.06 -22.96 21.05
C ASP E 188 19.27 -22.27 20.43
N PHE E 189 19.32 -22.16 19.11
CA PHE E 189 20.41 -21.51 18.41
C PHE E 189 19.84 -20.67 17.28
N CYS E 190 20.62 -19.70 16.84
CA CYS E 190 20.15 -18.82 15.78
C CYS E 190 21.30 -18.22 14.97
N PRO E 191 22.20 -19.04 14.43
CA PRO E 191 23.36 -18.49 13.71
C PRO E 191 22.96 -17.80 12.42
N GLY E 192 23.71 -16.77 12.06
CA GLY E 192 23.62 -16.16 10.75
C GLY E 192 24.85 -16.44 9.91
N VAL E 193 24.64 -16.57 8.60
CA VAL E 193 25.72 -16.77 7.64
C VAL E 193 25.46 -15.91 6.42
N ILE E 194 26.51 -15.33 5.85
CA ILE E 194 26.44 -14.64 4.57
C ILE E 194 26.94 -15.58 3.50
N ARG E 195 26.13 -15.79 2.46
CA ARG E 195 26.44 -16.70 1.38
C ARG E 195 26.64 -15.93 0.09
N ARG E 196 27.59 -16.39 -0.71
CA ARG E 196 27.88 -15.83 -2.02
C ARG E 196 27.95 -16.96 -3.04
N HIS E 197 27.37 -16.72 -4.21
CA HIS E 197 27.40 -17.65 -5.33
C HIS E 197 27.50 -16.83 -6.60
N HIS E 198 27.54 -17.51 -7.74
CA HIS E 198 27.31 -16.88 -9.03
C HIS E 198 26.03 -17.43 -9.64
N GLY E 199 25.16 -16.52 -10.08
CA GLY E 199 23.95 -16.95 -10.77
C GLY E 199 24.23 -17.44 -12.18
N GLY E 200 25.11 -16.74 -12.89
CA GLY E 200 25.52 -17.20 -14.22
C GLY E 200 26.52 -18.34 -14.11
N ALA E 201 26.22 -19.43 -14.83
CA ALA E 201 27.03 -20.63 -14.71
C ALA E 201 28.46 -20.40 -15.18
N THR E 202 28.67 -19.41 -16.04
CA THR E 202 30.01 -19.03 -16.50
C THR E 202 30.66 -18.01 -15.58
N ASP E 203 30.34 -18.06 -14.29
CA ASP E 203 30.76 -17.06 -13.32
C ASP E 203 30.27 -15.67 -13.72
N GLY E 204 28.96 -15.56 -13.92
CA GLY E 204 28.34 -14.29 -14.23
C GLY E 204 28.26 -13.39 -13.03
N PRO E 205 27.22 -12.56 -12.96
CA PRO E 205 27.08 -11.65 -11.82
C PRO E 205 26.94 -12.42 -10.52
N GLY E 206 27.68 -11.98 -9.50
CA GLY E 206 27.60 -12.63 -8.21
C GLY E 206 26.28 -12.36 -7.51
N GLU E 207 25.83 -13.33 -6.74
CA GLU E 207 24.66 -13.20 -5.89
C GLU E 207 25.07 -13.42 -4.45
N THR E 208 24.33 -12.80 -3.52
CA THR E 208 24.64 -12.90 -2.11
C THR E 208 23.36 -12.81 -1.30
N ASP E 209 23.34 -13.50 -0.16
CA ASP E 209 22.18 -13.45 0.72
C ASP E 209 22.62 -13.74 2.15
N VAL E 210 21.78 -13.37 3.11
CA VAL E 210 22.02 -13.67 4.51
C VAL E 210 20.99 -14.68 4.96
N ILE E 211 21.45 -15.80 5.48
CA ILE E 211 20.57 -16.87 5.95
C ILE E 211 20.74 -17.01 7.46
N TYR E 212 19.63 -16.92 8.18
CA TYR E 212 19.58 -17.12 9.62
C TYR E 212 18.89 -18.45 9.91
N SER E 213 19.52 -19.29 10.71
CA SER E 213 19.02 -20.64 10.99
C SER E 213 18.45 -20.69 12.40
N LEU E 214 17.13 -20.51 12.51
CA LEU E 214 16.43 -20.68 13.78
C LEU E 214 16.32 -22.16 14.09
N ILE E 215 17.08 -22.62 15.06
CA ILE E 215 16.95 -23.97 15.60
C ILE E 215 15.96 -23.91 16.76
N ILE E 216 14.78 -24.47 16.57
CA ILE E 216 13.73 -24.40 17.58
C ILE E 216 13.38 -25.80 18.01
N ARG E 217 12.86 -25.92 19.22
CA ARG E 217 12.60 -27.20 19.86
C ARG E 217 11.17 -27.23 20.39
N ARG E 218 10.49 -28.36 20.21
CA ARG E 218 9.13 -28.48 20.71
C ARG E 218 9.11 -28.66 22.22
N LYS E 219 8.05 -28.12 22.84
CA LYS E 219 7.73 -28.42 24.23
C LYS E 219 6.65 -29.51 24.24
N PRO E 220 6.99 -30.75 24.59
CA PRO E 220 6.04 -31.86 24.38
C PRO E 220 4.95 -32.00 25.44
N LEU E 221 4.96 -31.19 26.49
CA LEU E 221 4.15 -31.45 27.68
C LEU E 221 2.68 -31.64 27.35
N PHE E 222 2.12 -30.78 26.48
CA PHE E 222 0.71 -30.91 26.12
C PHE E 222 0.43 -32.29 25.51
N TYR E 223 1.29 -32.72 24.59
CA TYR E 223 1.09 -33.99 23.92
C TYR E 223 1.32 -35.16 24.89
N VAL E 224 2.28 -35.01 25.80
CA VAL E 224 2.51 -36.04 26.82
C VAL E 224 1.25 -36.22 27.67
N ILE E 225 0.70 -35.13 28.17
CA ILE E 225 -0.43 -35.20 29.09
C ILE E 225 -1.69 -35.68 28.37
N ASN E 226 -2.01 -35.07 27.24
CA ASN E 226 -3.31 -35.29 26.63
C ASN E 226 -3.33 -36.43 25.61
N ILE E 227 -2.17 -36.86 25.11
CA ILE E 227 -2.15 -37.84 24.03
C ILE E 227 -1.34 -39.07 24.45
N ILE E 228 -0.06 -38.85 24.75
CA ILE E 228 0.86 -39.99 24.91
C ILE E 228 0.46 -40.85 26.09
N VAL E 229 0.26 -40.24 27.27
CA VAL E 229 -0.10 -41.03 28.45
C VAL E 229 -1.45 -41.73 28.30
N PRO E 230 -2.53 -41.07 27.86
CA PRO E 230 -3.78 -41.80 27.61
C PRO E 230 -3.61 -42.97 26.65
N CYS E 231 -2.92 -42.77 25.53
CA CYS E 231 -2.74 -43.85 24.57
C CYS E 231 -1.95 -45.00 25.17
N VAL E 232 -0.90 -44.69 25.92
CA VAL E 232 -0.08 -45.73 26.54
C VAL E 232 -0.91 -46.55 27.51
N LEU E 233 -1.70 -45.88 28.37
CA LEU E 233 -2.48 -46.62 29.35
C LEU E 233 -3.60 -47.41 28.68
N ILE E 234 -4.22 -46.84 27.64
CA ILE E 234 -5.23 -47.57 26.89
C ILE E 234 -4.64 -48.85 26.30
N SER E 235 -3.47 -48.74 25.67
CA SER E 235 -2.81 -49.91 25.11
C SER E 235 -2.39 -50.90 26.20
N GLY E 236 -2.03 -50.39 27.38
CA GLY E 236 -1.75 -51.28 28.50
C GLY E 236 -2.98 -52.03 28.96
N LEU E 237 -4.17 -51.45 28.78
CA LEU E 237 -5.40 -52.13 29.17
C LEU E 237 -5.64 -53.41 28.37
N VAL E 238 -5.03 -53.52 27.19
CA VAL E 238 -5.28 -54.68 26.33
C VAL E 238 -4.83 -55.97 27.02
N LEU E 239 -3.73 -55.90 27.76
CA LEU E 239 -3.15 -57.10 28.35
C LEU E 239 -4.09 -57.76 29.37
N LEU E 240 -4.98 -56.98 29.99
CA LEU E 240 -5.90 -57.54 30.97
C LEU E 240 -6.88 -58.53 30.36
N ALA E 241 -7.00 -58.56 29.03
CA ALA E 241 -7.88 -59.53 28.38
C ALA E 241 -7.50 -60.96 28.73
N TYR E 242 -6.20 -61.23 28.90
CA TYR E 242 -5.75 -62.58 29.20
C TYR E 242 -6.18 -63.05 30.58
N PHE E 243 -6.21 -62.15 31.57
CA PHE E 243 -6.63 -62.56 32.91
C PHE E 243 -8.12 -62.87 32.97
N LEU E 244 -8.90 -62.27 32.08
CA LEU E 244 -10.34 -62.50 32.07
C LEU E 244 -10.65 -63.96 31.72
N PRO E 245 -11.74 -64.50 32.26
CA PRO E 245 -12.05 -65.92 32.05
C PRO E 245 -12.23 -66.25 30.57
N ALA E 246 -11.82 -67.47 30.21
CA ALA E 246 -11.94 -67.98 28.84
C ALA E 246 -13.26 -68.72 28.61
N GLN E 247 -14.33 -68.30 29.30
CA GLN E 247 -15.60 -69.01 29.26
C GLN E 247 -16.72 -67.98 29.17
N ALA E 248 -17.94 -68.48 29.00
CA ALA E 248 -19.11 -67.62 28.82
C ALA E 248 -19.18 -66.57 29.91
N GLY E 249 -19.50 -65.34 29.50
CA GLY E 249 -19.40 -64.19 30.37
C GLY E 249 -18.04 -63.51 30.35
N GLY E 250 -16.99 -64.21 29.94
CA GLY E 250 -15.71 -63.57 29.74
C GLY E 250 -15.75 -62.58 28.58
N GLN E 251 -15.07 -61.45 28.76
CA GLN E 251 -15.16 -60.33 27.84
C GLN E 251 -13.77 -59.96 27.30
N LYS E 252 -12.94 -60.98 27.04
CA LYS E 252 -11.58 -60.74 26.59
C LYS E 252 -11.57 -59.98 25.27
N CYS E 253 -12.21 -60.57 24.26
CA CYS E 253 -12.28 -59.93 22.94
C CYS E 253 -13.06 -58.63 23.00
N THR E 254 -14.14 -58.60 23.80
CA THR E 254 -14.91 -57.37 23.96
C THR E 254 -14.03 -56.21 24.42
N VAL E 255 -13.27 -56.44 25.49
CA VAL E 255 -12.38 -55.40 26.00
C VAL E 255 -11.34 -55.02 24.96
N SER E 256 -10.73 -56.03 24.33
CA SER E 256 -9.68 -55.75 23.35
C SER E 256 -10.19 -54.87 22.20
N ILE E 257 -11.33 -55.24 21.62
CA ILE E 257 -11.85 -54.49 20.49
C ILE E 257 -12.36 -53.12 20.90
N ASN E 258 -12.94 -52.98 22.10
CA ASN E 258 -13.38 -51.66 22.53
C ASN E 258 -12.18 -50.75 22.80
N VAL E 259 -11.11 -51.31 23.34
CA VAL E 259 -9.86 -50.56 23.49
C VAL E 259 -9.33 -50.14 22.12
N LEU E 260 -9.44 -51.03 21.13
CA LEU E 260 -9.01 -50.66 19.78
C LEU E 260 -9.88 -49.54 19.21
N LEU E 261 -11.18 -49.54 19.52
CA LEU E 261 -12.05 -48.45 19.10
C LEU E 261 -11.65 -47.13 19.75
N ALA E 262 -11.34 -47.15 21.04
CA ALA E 262 -10.81 -45.97 21.69
C ALA E 262 -9.51 -45.51 21.03
N GLN E 263 -8.64 -46.46 20.69
CA GLN E 263 -7.42 -46.14 19.98
C GLN E 263 -7.72 -45.56 18.60
N THR E 264 -8.85 -45.94 18.00
CA THR E 264 -9.25 -45.37 16.72
C THR E 264 -9.74 -43.94 16.88
N VAL E 265 -10.43 -43.64 17.98
CA VAL E 265 -10.78 -42.25 18.28
C VAL E 265 -9.51 -41.42 18.48
N PHE E 266 -8.53 -42.00 19.18
CA PHE E 266 -7.24 -41.32 19.29
C PHE E 266 -6.56 -41.18 17.94
N LEU E 267 -6.75 -42.15 17.05
CA LEU E 267 -6.24 -42.04 15.69
C LEU E 267 -6.84 -40.83 14.97
N PHE E 268 -8.15 -40.64 15.11
CA PHE E 268 -8.79 -39.44 14.57
C PHE E 268 -8.18 -38.18 15.17
N LEU E 269 -8.06 -38.15 16.50
CA LEU E 269 -7.53 -36.96 17.17
C LEU E 269 -6.11 -36.64 16.69
N ILE E 270 -5.28 -37.66 16.53
CA ILE E 270 -3.91 -37.45 16.08
C ILE E 270 -3.87 -37.02 14.63
N ALA E 271 -4.69 -37.66 13.77
CA ALA E 271 -4.73 -37.30 12.36
C ALA E 271 -5.20 -35.87 12.17
N GLN E 272 -5.95 -35.33 13.12
CA GLN E 272 -6.28 -33.91 13.05
C GLN E 272 -5.05 -33.02 13.16
N LYS E 273 -4.01 -33.49 13.87
CA LYS E 273 -2.86 -32.64 14.18
C LYS E 273 -1.69 -32.81 13.22
N ILE E 274 -1.33 -34.04 12.87
CA ILE E 274 -0.09 -34.30 12.13
C ILE E 274 -0.24 -33.85 10.68
N PRO E 275 0.78 -33.21 10.11
CA PRO E 275 0.71 -32.83 8.69
C PRO E 275 0.77 -34.04 7.76
N GLU E 276 0.24 -33.84 6.55
CA GLU E 276 0.00 -34.90 5.58
C GLU E 276 1.23 -35.26 4.73
N THR E 277 2.40 -34.72 5.01
CA THR E 277 3.57 -35.01 4.18
C THR E 277 4.01 -36.45 4.36
N SER E 278 4.62 -37.00 3.30
CA SER E 278 4.99 -38.41 3.26
C SER E 278 6.48 -38.66 3.33
N LEU E 279 7.28 -37.66 3.70
CA LEU E 279 8.73 -37.86 3.75
C LEU E 279 9.12 -38.81 4.89
N SER E 280 8.34 -38.85 5.96
CA SER E 280 8.60 -39.77 7.06
C SER E 280 7.34 -39.97 7.87
N VAL E 281 7.33 -41.02 8.68
CA VAL E 281 6.20 -41.36 9.54
C VAL E 281 6.51 -40.92 10.96
N PRO E 282 5.63 -40.16 11.61
CA PRO E 282 5.94 -39.66 12.95
C PRO E 282 6.07 -40.76 13.98
N LEU E 283 6.85 -40.47 15.03
CA LEU E 283 6.96 -41.39 16.17
C LEU E 283 5.59 -41.72 16.75
N LEU E 284 4.76 -40.70 16.94
CA LEU E 284 3.42 -40.92 17.48
C LEU E 284 2.59 -41.81 16.55
N GLY E 285 2.70 -41.58 15.24
CA GLY E 285 1.99 -42.43 14.30
C GLY E 285 2.47 -43.86 14.31
N ARG E 286 3.79 -44.06 14.36
CA ARG E 286 4.34 -45.41 14.42
C ARG E 286 3.86 -46.12 15.68
N PHE E 287 3.88 -45.43 16.82
CA PHE E 287 3.41 -46.03 18.06
C PHE E 287 1.93 -46.40 17.98
N LEU E 288 1.12 -45.49 17.45
CA LEU E 288 -0.30 -45.77 17.29
C LEU E 288 -0.54 -46.99 16.41
N ILE E 289 0.15 -47.06 15.27
CA ILE E 289 0.00 -48.19 14.36
C ILE E 289 0.43 -49.49 15.04
N PHE E 290 1.56 -49.46 15.73
CA PHE E 290 2.04 -50.62 16.45
C PHE E 290 1.02 -51.08 17.49
N VAL E 291 0.45 -50.14 18.24
CA VAL E 291 -0.56 -50.46 19.24
C VAL E 291 -1.76 -51.14 18.57
N MET E 292 -2.23 -50.58 17.46
CA MET E 292 -3.40 -51.16 16.80
C MET E 292 -3.10 -52.56 16.27
N VAL E 293 -1.93 -52.75 15.68
CA VAL E 293 -1.52 -54.07 15.21
C VAL E 293 -1.50 -55.06 16.36
N VAL E 294 -0.87 -54.68 17.47
CA VAL E 294 -0.77 -55.57 18.63
C VAL E 294 -2.15 -55.90 19.17
N ALA E 295 -3.05 -54.90 19.20
CA ALA E 295 -4.42 -55.15 19.66
C ALA E 295 -5.11 -56.17 18.77
N THR E 296 -4.94 -56.06 17.45
CA THR E 296 -5.53 -57.06 16.56
C THR E 296 -4.92 -58.43 16.79
N LEU E 297 -3.63 -58.50 17.10
CA LEU E 297 -3.00 -59.78 17.40
C LEU E 297 -3.54 -60.38 18.69
N ILE E 298 -3.77 -59.54 19.71
CA ILE E 298 -4.35 -60.02 20.96
C ILE E 298 -5.78 -60.52 20.73
N VAL E 299 -6.54 -59.83 19.88
CA VAL E 299 -7.88 -60.30 19.54
C VAL E 299 -7.81 -61.67 18.88
N MET E 300 -6.90 -61.83 17.92
CA MET E 300 -6.74 -63.13 17.27
C MET E 300 -6.37 -64.22 18.28
N ASN E 301 -5.43 -63.91 19.18
CA ASN E 301 -5.00 -64.89 20.16
C ASN E 301 -6.12 -65.26 21.13
N CYS E 302 -6.90 -64.29 21.57
CA CYS E 302 -8.03 -64.58 22.45
C CYS E 302 -9.09 -65.41 21.73
N VAL E 303 -9.33 -65.12 20.45
CA VAL E 303 -10.26 -65.93 19.67
C VAL E 303 -9.76 -67.37 19.58
N ILE E 304 -8.46 -67.55 19.34
CA ILE E 304 -7.89 -68.89 19.30
C ILE E 304 -8.05 -69.59 20.64
N VAL E 305 -7.77 -68.87 21.73
CA VAL E 305 -7.89 -69.44 23.07
C VAL E 305 -9.33 -69.88 23.34
N LEU E 306 -10.29 -69.04 22.98
CA LEU E 306 -11.70 -69.40 23.19
C LEU E 306 -12.12 -70.59 22.32
N ASN E 307 -11.64 -70.63 21.08
CA ASN E 307 -11.94 -71.77 20.21
C ASN E 307 -11.36 -73.06 20.77
N VAL E 308 -10.17 -72.98 21.38
CA VAL E 308 -9.59 -74.18 21.99
C VAL E 308 -10.36 -74.57 23.25
N SER E 309 -10.76 -73.58 24.06
CA SER E 309 -11.46 -73.87 25.30
C SER E 309 -12.83 -74.47 25.04
N GLN E 310 -13.55 -73.96 24.05
CA GLN E 310 -14.93 -74.37 23.82
C GLN E 310 -15.05 -75.66 23.02
N ARG E 311 -13.94 -76.31 22.67
CA ARG E 311 -13.99 -77.54 21.89
C ARG E 311 -14.60 -78.68 22.69
N MET E 678 -6.03 -76.32 28.02
CA MET E 678 -4.88 -75.56 27.56
C MET E 678 -5.14 -74.06 27.66
N GLY E 679 -6.38 -73.71 28.00
CA GLY E 679 -6.78 -72.31 27.95
C GLY E 679 -5.95 -71.41 28.83
N ASN E 680 -5.76 -71.81 30.09
CA ASN E 680 -4.97 -70.99 31.01
C ASN E 680 -3.51 -70.92 30.60
N ALA E 681 -2.95 -72.04 30.12
CA ALA E 681 -1.55 -72.04 29.71
C ALA E 681 -1.33 -71.16 28.49
N LEU E 682 -2.21 -71.26 27.49
CA LEU E 682 -2.12 -70.39 26.33
C LEU E 682 -2.30 -68.93 26.72
N ASP E 683 -3.26 -68.66 27.60
CA ASP E 683 -3.47 -67.29 28.09
C ASP E 683 -2.21 -66.75 28.73
N ASN E 684 -1.57 -67.54 29.60
CA ASN E 684 -0.37 -67.08 30.30
C ASN E 684 0.79 -66.83 29.32
N ILE E 685 1.05 -67.79 28.44
CA ILE E 685 2.18 -67.64 27.53
C ILE E 685 1.97 -66.47 26.57
N CYS E 686 0.74 -66.32 26.05
CA CYS E 686 0.46 -65.19 25.18
C CYS E 686 0.48 -63.88 25.92
N PHE E 687 0.06 -63.87 27.19
CA PHE E 687 0.16 -62.66 28.01
C PHE E 687 1.61 -62.22 28.16
N TRP E 688 2.49 -63.14 28.53
CA TRP E 688 3.89 -62.77 28.69
C TRP E 688 4.51 -62.35 27.37
N ALA E 689 4.22 -63.06 26.29
CA ALA E 689 4.73 -62.68 24.97
C ALA E 689 4.27 -61.27 24.60
N ALA E 690 2.97 -60.99 24.78
CA ALA E 690 2.44 -59.69 24.42
C ALA E 690 3.01 -58.59 25.31
N LEU E 691 3.17 -58.86 26.60
CA LEU E 691 3.74 -57.86 27.50
C LEU E 691 5.17 -57.51 27.10
N VAL E 692 6.00 -58.53 26.86
CA VAL E 692 7.37 -58.28 26.45
C VAL E 692 7.42 -57.53 25.14
N LEU E 693 6.64 -57.99 24.15
CA LEU E 693 6.64 -57.36 22.84
C LEU E 693 6.18 -55.91 22.93
N PHE E 694 5.09 -55.65 23.65
CA PHE E 694 4.57 -54.29 23.78
C PHE E 694 5.57 -53.37 24.47
N SER E 695 6.14 -53.82 25.60
CA SER E 695 7.09 -52.98 26.33
C SER E 695 8.31 -52.66 25.46
N VAL E 696 8.90 -53.70 24.86
CA VAL E 696 10.09 -53.48 24.04
C VAL E 696 9.79 -52.60 22.85
N GLY E 697 8.66 -52.84 22.17
CA GLY E 697 8.32 -52.03 21.01
C GLY E 697 8.10 -50.57 21.36
N SER E 698 7.33 -50.31 22.42
CA SER E 698 7.10 -48.93 22.84
C SER E 698 8.41 -48.25 23.23
N SER E 699 9.26 -48.95 23.98
CA SER E 699 10.53 -48.37 24.37
C SER E 699 11.38 -48.04 23.15
N LEU E 700 11.46 -48.97 22.20
CA LEU E 700 12.26 -48.74 20.99
C LEU E 700 11.70 -47.58 20.18
N ILE E 701 10.37 -47.46 20.11
CA ILE E 701 9.76 -46.37 19.36
C ILE E 701 10.09 -45.03 20.01
N PHE E 702 9.92 -44.93 21.33
CA PHE E 702 10.12 -43.66 22.01
C PHE E 702 11.60 -43.28 22.11
N LEU E 703 12.49 -44.27 22.26
CA LEU E 703 13.89 -43.98 22.55
C LEU E 703 14.56 -43.22 21.42
N GLY E 704 14.10 -43.41 20.17
CA GLY E 704 14.71 -42.72 19.05
C GLY E 704 14.70 -41.21 19.19
N ALA E 705 13.69 -40.66 19.86
CA ALA E 705 13.64 -39.22 20.10
C ALA E 705 14.72 -38.77 21.08
N TYR E 706 15.19 -39.66 21.96
CA TYR E 706 16.25 -39.30 22.88
C TYR E 706 17.57 -39.12 22.16
N PHE E 707 17.95 -40.09 21.32
CA PHE E 707 19.19 -39.99 20.57
C PHE E 707 19.12 -38.87 19.55
N ASN E 708 17.97 -38.68 18.92
CA ASN E 708 17.78 -37.68 17.89
C ASN E 708 17.27 -36.36 18.43
N ARG E 709 17.44 -36.11 19.73
CA ARG E 709 17.15 -34.78 20.27
C ARG E 709 18.06 -33.74 19.63
N VAL E 710 17.77 -32.48 19.90
CA VAL E 710 18.53 -31.37 19.31
C VAL E 710 20.00 -31.52 19.69
N PRO E 711 20.88 -31.62 18.71
CA PRO E 711 22.28 -31.97 19.02
C PRO E 711 23.02 -30.81 19.65
N ASP E 712 24.17 -31.15 20.25
CA ASP E 712 25.14 -30.13 20.61
C ASP E 712 25.73 -29.52 19.34
N LEU E 713 25.82 -28.20 19.31
CA LEU E 713 26.23 -27.49 18.11
C LEU E 713 27.25 -26.43 18.49
N PRO E 714 28.14 -26.06 17.56
CA PRO E 714 29.22 -25.13 17.93
C PRO E 714 28.74 -23.72 18.20
N TYR E 715 27.50 -23.39 17.82
CA TYR E 715 27.02 -22.02 17.95
C TYR E 715 26.80 -21.64 19.40
N ALA E 716 26.92 -20.35 19.68
CA ALA E 716 26.53 -19.81 20.97
C ALA E 716 25.02 -19.92 21.16
N PRO E 717 24.55 -20.13 22.39
CA PRO E 717 23.10 -20.18 22.62
C PRO E 717 22.44 -18.85 22.26
N CYS E 718 21.23 -18.93 21.72
CA CYS E 718 20.56 -17.74 21.22
C CYS E 718 20.14 -16.81 22.35
N ILE E 719 19.77 -17.38 23.50
CA ILE E 719 19.41 -16.60 24.68
C ILE E 719 20.47 -16.87 25.74
N GLN E 720 21.13 -15.82 26.21
CA GLN E 720 22.14 -15.98 27.23
C GLN E 720 21.49 -16.30 28.58
N PRO E 721 22.17 -17.05 29.44
CA PRO E 721 21.66 -17.41 30.77
C PRO E 721 21.29 -16.19 31.62
N GLU F 1 21.34 30.26 -39.72
CA GLU F 1 20.83 30.45 -38.37
C GLU F 1 21.80 29.89 -37.33
N VAL F 2 21.91 28.56 -37.29
CA VAL F 2 22.78 27.92 -36.31
C VAL F 2 24.24 28.17 -36.69
N GLN F 3 25.02 28.68 -35.74
CA GLN F 3 26.44 28.91 -35.94
C GLN F 3 27.18 28.62 -34.65
N LEU F 4 28.41 28.09 -34.80
CA LEU F 4 29.27 27.79 -33.66
C LEU F 4 30.67 28.28 -34.01
N GLN F 5 31.06 29.43 -33.46
CA GLN F 5 32.39 30.00 -33.70
C GLN F 5 33.34 29.46 -32.65
N GLU F 6 34.11 28.45 -33.03
CA GLU F 6 35.22 27.99 -32.19
C GLU F 6 36.42 28.92 -32.35
N SER F 7 37.11 29.17 -31.25
CA SER F 7 38.23 30.10 -31.26
C SER F 7 39.17 29.77 -30.11
N GLY F 8 40.40 30.28 -30.22
CA GLY F 8 41.40 30.10 -29.20
C GLY F 8 42.81 30.24 -29.73
N PRO F 9 43.80 30.06 -28.86
CA PRO F 9 45.20 30.25 -29.27
C PRO F 9 45.63 29.21 -30.30
N GLY F 10 46.49 29.65 -31.22
CA GLY F 10 47.02 28.75 -32.23
C GLY F 10 48.16 27.88 -31.74
N LEU F 11 49.19 28.49 -31.17
CA LEU F 11 50.37 27.78 -30.72
C LEU F 11 50.37 27.72 -29.20
N VAL F 12 50.65 26.54 -28.65
CA VAL F 12 50.66 26.30 -27.22
C VAL F 12 51.92 25.51 -26.88
N GLN F 13 52.55 25.85 -25.75
CA GLN F 13 53.69 25.11 -25.28
C GLN F 13 53.26 23.79 -24.64
N PRO F 14 54.15 22.81 -24.61
CA PRO F 14 53.84 21.58 -23.86
C PRO F 14 53.71 21.85 -22.37
N SER F 15 52.98 20.96 -21.71
CA SER F 15 52.82 20.96 -20.26
C SER F 15 52.03 22.15 -19.71
N GLU F 16 51.66 23.10 -20.56
CA GLU F 16 50.80 24.17 -20.11
C GLU F 16 49.36 23.91 -20.56
N THR F 17 48.45 24.78 -20.13
CA THR F 17 47.03 24.59 -20.44
C THR F 17 46.65 25.24 -21.77
N LEU F 18 45.71 24.61 -22.45
CA LEU F 18 45.02 25.15 -23.61
C LEU F 18 43.59 25.51 -23.22
N SER F 19 43.14 26.69 -23.64
CA SER F 19 41.76 27.12 -23.45
C SER F 19 41.14 27.42 -24.80
N LEU F 20 39.97 26.84 -25.05
CA LEU F 20 39.22 27.09 -26.27
C LEU F 20 37.81 27.55 -25.92
N THR F 21 37.27 28.44 -26.74
CA THR F 21 35.94 28.99 -26.52
C THR F 21 35.10 28.80 -27.77
N CYS F 22 33.91 28.24 -27.60
CA CYS F 22 32.91 28.10 -28.65
C CYS F 22 31.77 29.04 -28.36
N THR F 23 31.49 29.96 -29.28
CA THR F 23 30.42 30.93 -29.13
C THR F 23 29.25 30.49 -30.01
N VAL F 24 28.07 30.41 -29.41
CA VAL F 24 26.89 29.81 -30.01
C VAL F 24 25.95 30.91 -30.49
N SER F 25 25.36 30.71 -31.67
CA SER F 25 24.34 31.62 -32.17
C SER F 25 23.26 30.83 -32.89
N GLY F 26 22.03 31.33 -32.79
CA GLY F 26 20.89 30.70 -33.41
C GLY F 26 20.17 29.67 -32.56
N PHE F 27 20.67 29.35 -31.38
CA PHE F 27 20.00 28.42 -30.48
C PHE F 27 20.48 28.70 -29.06
N SER F 28 19.75 28.16 -28.09
CA SER F 28 20.02 28.37 -26.68
C SER F 28 20.70 27.15 -26.08
N LEU F 29 21.79 27.38 -25.34
CA LEU F 29 22.50 26.28 -24.70
C LEU F 29 21.66 25.54 -23.69
N THR F 30 20.57 26.15 -23.21
CA THR F 30 19.69 25.48 -22.27
C THR F 30 18.84 24.40 -22.93
N SER F 31 18.85 24.31 -24.26
CA SER F 31 18.02 23.34 -24.96
C SER F 31 18.77 22.48 -25.96
N TYR F 32 20.05 22.73 -26.20
CA TYR F 32 20.87 21.87 -27.04
C TYR F 32 22.18 21.58 -26.34
N SER F 33 22.58 20.31 -26.33
CA SER F 33 23.88 19.92 -25.83
C SER F 33 24.97 20.31 -26.81
N VAL F 34 26.15 20.59 -26.29
CA VAL F 34 27.31 20.94 -27.10
C VAL F 34 28.38 19.90 -26.85
N SER F 35 29.14 19.56 -27.87
CA SER F 35 30.13 18.50 -27.74
C SER F 35 31.43 18.92 -28.41
N TRP F 36 32.53 18.34 -27.98
CA TRP F 36 33.85 18.68 -28.48
C TRP F 36 34.46 17.48 -29.21
N LEU F 37 34.88 17.71 -30.44
CA LEU F 37 35.59 16.71 -31.22
C LEU F 37 37.02 17.19 -31.48
N ARG F 38 37.92 16.23 -31.60
CA ARG F 38 39.31 16.50 -31.94
C ARG F 38 39.70 15.62 -33.12
N GLN F 39 40.49 16.19 -34.03
CA GLN F 39 41.02 15.46 -35.18
C GLN F 39 42.53 15.67 -35.17
N PRO F 40 43.28 14.76 -34.56
CA PRO F 40 44.74 14.88 -34.58
C PRO F 40 45.27 14.79 -36.00
N SER F 41 46.38 15.48 -36.24
CA SER F 41 47.00 15.49 -37.56
C SER F 41 47.38 14.08 -37.97
N GLY F 42 46.85 13.65 -39.12
CA GLY F 42 47.09 12.29 -39.59
C GLY F 42 46.22 11.23 -38.95
N LYS F 43 45.12 11.61 -38.31
CA LYS F 43 44.23 10.65 -37.67
C LYS F 43 42.78 11.04 -37.92
N GLY F 44 41.88 10.09 -37.71
CA GLY F 44 40.46 10.33 -37.79
C GLY F 44 39.95 11.09 -36.58
N PRO F 45 38.76 11.67 -36.70
CA PRO F 45 38.19 12.43 -35.59
C PRO F 45 37.93 11.55 -34.37
N GLU F 46 37.96 12.18 -33.19
CA GLU F 46 37.61 11.50 -31.96
C GLU F 46 36.82 12.45 -31.07
N TRP F 47 36.00 11.86 -30.20
CA TRP F 47 35.09 12.59 -29.33
C TRP F 47 35.73 12.76 -27.96
N MET F 48 35.70 13.99 -27.45
CA MET F 48 36.32 14.32 -26.18
C MET F 48 35.34 14.46 -25.03
N GLY F 49 34.23 15.15 -25.23
CA GLY F 49 33.29 15.33 -24.15
C GLY F 49 32.12 16.17 -24.57
N ARG F 50 31.16 16.28 -23.66
CA ARG F 50 29.91 16.99 -23.92
C ARG F 50 29.51 17.82 -22.72
N MET F 51 29.12 19.06 -23.01
CA MET F 51 28.37 19.93 -22.12
C MET F 51 26.89 19.66 -22.34
N TRP F 52 26.23 19.05 -21.36
CA TRP F 52 24.80 18.78 -21.49
C TRP F 52 23.99 20.06 -21.38
N ASP F 53 22.84 20.07 -22.06
CA ASP F 53 21.95 21.21 -21.99
C ASP F 53 21.49 21.50 -20.56
N ASP F 54 21.36 20.46 -19.73
CA ASP F 54 20.99 20.65 -18.33
C ASP F 54 22.12 21.19 -17.48
N GLY F 55 23.33 21.34 -18.03
CA GLY F 55 24.43 21.90 -17.29
C GLY F 55 25.43 20.92 -16.72
N GLY F 56 25.24 19.62 -16.94
CA GLY F 56 26.25 18.64 -16.60
C GLY F 56 27.26 18.47 -17.72
N THR F 57 28.25 17.62 -17.45
CA THR F 57 29.30 17.33 -18.43
C THR F 57 29.62 15.85 -18.41
N VAL F 58 30.20 15.38 -19.50
CA VAL F 58 30.70 14.00 -19.58
C VAL F 58 31.94 14.02 -20.47
N TYR F 59 32.88 13.13 -20.18
CA TYR F 59 34.17 13.17 -20.86
C TYR F 59 34.54 11.79 -21.40
N ASN F 60 35.33 11.81 -22.47
CA ASN F 60 35.97 10.60 -22.95
C ASN F 60 36.80 10.00 -21.82
N SER F 61 36.68 8.67 -21.63
CA SER F 61 37.31 8.04 -20.48
C SER F 61 38.83 8.17 -20.50
N GLY F 62 39.44 8.20 -21.69
CA GLY F 62 40.87 8.39 -21.77
C GLY F 62 41.32 9.80 -21.45
N LEU F 63 40.44 10.78 -21.62
CA LEU F 63 40.73 12.18 -21.36
C LEU F 63 40.11 12.67 -20.07
N LYS F 64 39.47 11.79 -19.29
CA LYS F 64 38.71 12.18 -18.12
C LYS F 64 39.53 13.04 -17.16
N SER F 65 40.79 12.69 -16.95
CA SER F 65 41.62 13.40 -15.98
C SER F 65 42.16 14.72 -16.50
N ARG F 66 42.25 14.90 -17.82
CA ARG F 66 42.91 16.05 -18.40
C ARG F 66 41.96 17.17 -18.80
N LEU F 67 40.65 16.92 -18.84
CA LEU F 67 39.70 17.79 -19.52
C LEU F 67 38.79 18.48 -18.53
N SER F 68 38.43 19.72 -18.86
CA SER F 68 37.38 20.46 -18.19
C SER F 68 36.51 21.14 -19.24
N ILE F 69 35.20 21.05 -19.07
CA ILE F 69 34.26 21.71 -19.96
C ILE F 69 33.29 22.50 -19.11
N SER F 70 32.91 23.68 -19.57
CA SER F 70 32.01 24.54 -18.79
C SER F 70 31.26 25.43 -19.76
N ARG F 71 30.29 26.17 -19.24
CA ARG F 71 29.49 27.04 -20.08
C ARG F 71 29.11 28.30 -19.34
N ASP F 72 28.72 29.31 -20.12
CA ASP F 72 28.12 30.54 -19.63
C ASP F 72 26.94 30.83 -20.54
N THR F 73 25.73 30.54 -20.05
CA THR F 73 24.52 30.78 -20.81
C THR F 73 24.19 32.26 -20.94
N SER F 74 24.78 33.11 -20.11
CA SER F 74 24.49 34.54 -20.18
C SER F 74 25.01 35.16 -21.46
N LYS F 75 26.05 34.57 -22.06
CA LYS F 75 26.59 35.10 -23.31
C LYS F 75 26.87 33.99 -24.32
N ASN F 76 26.19 32.85 -24.18
CA ASN F 76 26.25 31.75 -25.16
C ASN F 76 27.68 31.30 -25.42
N GLN F 77 28.39 30.93 -24.36
CA GLN F 77 29.75 30.46 -24.50
C GLN F 77 29.92 29.09 -23.88
N VAL F 78 30.79 28.29 -24.49
CA VAL F 78 31.22 27.00 -23.96
C VAL F 78 32.74 26.99 -23.95
N PHE F 79 33.32 26.51 -22.86
CA PHE F 79 34.77 26.59 -22.65
C PHE F 79 35.33 25.19 -22.48
N LEU F 80 36.49 24.97 -23.08
CA LEU F 80 37.27 23.74 -22.88
C LEU F 80 38.64 24.11 -22.36
N LYS F 81 38.99 23.59 -21.19
CA LYS F 81 40.33 23.72 -20.63
C LYS F 81 41.00 22.35 -20.62
N MET F 82 42.22 22.28 -21.11
CA MET F 82 42.95 21.03 -21.17
C MET F 82 44.36 21.26 -20.66
N ASN F 83 44.88 20.32 -19.88
CA ASN F 83 46.21 20.47 -19.30
C ASN F 83 47.13 19.38 -19.83
N SER F 84 48.39 19.46 -19.43
CA SER F 84 49.40 18.44 -19.72
C SER F 84 49.49 18.16 -21.22
N LEU F 85 49.40 19.21 -22.03
CA LEU F 85 49.40 19.06 -23.47
C LEU F 85 50.74 18.53 -23.98
N GLN F 86 50.67 17.73 -25.04
CA GLN F 86 51.84 17.18 -25.69
C GLN F 86 51.66 17.28 -27.19
N THR F 87 52.75 16.99 -27.92
CA THR F 87 52.73 17.07 -29.37
C THR F 87 51.62 16.20 -29.96
N ASP F 88 51.28 15.09 -29.30
CA ASP F 88 50.22 14.22 -29.78
C ASP F 88 48.85 14.90 -29.75
N ASP F 89 48.70 16.00 -29.01
CA ASP F 89 47.44 16.73 -28.97
C ASP F 89 47.28 17.72 -30.12
N THR F 90 48.26 17.84 -31.00
CA THR F 90 48.15 18.78 -32.11
C THR F 90 47.07 18.33 -33.08
N GLY F 91 46.18 19.23 -33.44
CA GLY F 91 45.13 18.89 -34.38
C GLY F 91 44.05 19.96 -34.44
N THR F 92 42.94 19.60 -35.07
CA THR F 92 41.81 20.50 -35.24
C THR F 92 40.74 20.21 -34.20
N TYR F 93 40.22 21.26 -33.58
CA TYR F 93 39.23 21.14 -32.51
C TYR F 93 37.91 21.74 -32.99
N TYR F 94 36.84 20.95 -32.92
CA TYR F 94 35.51 21.37 -33.33
C TYR F 94 34.57 21.35 -32.13
N CYS F 95 33.74 22.38 -32.01
CA CYS F 95 32.54 22.25 -31.21
C CYS F 95 31.36 21.92 -32.12
N THR F 96 30.44 21.12 -31.59
CA THR F 96 29.28 20.64 -32.33
C THR F 96 28.02 20.83 -31.52
N ARG F 97 26.92 21.05 -32.22
CA ARG F 97 25.58 20.94 -31.65
C ARG F 97 25.02 19.57 -31.97
N ASP F 98 24.46 18.92 -30.96
CA ASP F 98 24.04 17.53 -31.01
C ASP F 98 22.52 17.44 -31.09
N GLU F 99 22.03 16.58 -31.97
CA GLU F 99 20.62 16.20 -31.92
C GLU F 99 20.42 15.03 -30.97
N ARG F 100 19.19 14.88 -30.51
CA ARG F 100 18.79 13.76 -29.69
C ARG F 100 17.58 13.07 -30.29
N ILE F 101 17.49 11.77 -30.07
CA ILE F 101 16.22 11.06 -30.16
C ILE F 101 16.13 10.14 -28.96
N ARG F 102 15.30 10.51 -27.99
CA ARG F 102 15.23 9.82 -26.71
C ARG F 102 16.60 9.96 -26.07
N ALA F 103 17.29 8.89 -25.72
CA ALA F 103 18.60 8.98 -25.09
C ALA F 103 19.77 8.84 -26.06
N ILE F 104 19.51 8.82 -27.36
CA ILE F 104 20.57 8.62 -28.35
C ILE F 104 20.93 9.97 -28.96
N ASN F 105 22.22 10.24 -29.07
CA ASN F 105 22.73 11.53 -29.51
C ASN F 105 23.60 11.36 -30.74
N TRP F 106 23.62 12.39 -31.59
CA TRP F 106 24.57 12.43 -32.69
C TRP F 106 24.90 13.88 -33.01
N PHE F 107 26.05 14.07 -33.63
CA PHE F 107 26.53 15.41 -33.97
C PHE F 107 25.82 15.89 -35.22
N ALA F 108 25.10 17.00 -35.11
CA ALA F 108 24.32 17.52 -36.22
C ALA F 108 24.89 18.77 -36.83
N TYR F 109 25.53 19.64 -36.06
CA TYR F 109 26.18 20.83 -36.60
C TYR F 109 27.59 20.95 -36.05
N TRP F 110 28.51 21.43 -36.86
CA TRP F 110 29.90 21.59 -36.49
C TRP F 110 30.30 23.06 -36.50
N GLY F 111 31.27 23.39 -35.67
CA GLY F 111 32.02 24.62 -35.87
C GLY F 111 33.05 24.46 -36.97
N GLN F 112 33.59 25.60 -37.40
CA GLN F 112 34.61 25.58 -38.45
C GLN F 112 35.92 24.96 -37.99
N GLY F 113 36.15 24.84 -36.69
CA GLY F 113 37.34 24.19 -36.18
C GLY F 113 38.54 25.10 -36.04
N THR F 114 39.24 24.98 -34.91
CA THR F 114 40.45 25.74 -34.63
C THR F 114 41.63 24.80 -34.63
N LEU F 115 42.67 25.14 -35.39
CA LEU F 115 43.91 24.37 -35.38
C LEU F 115 44.74 24.75 -34.16
N VAL F 116 44.99 23.78 -33.28
CA VAL F 116 45.87 23.95 -32.14
C VAL F 116 47.12 23.11 -32.39
N THR F 117 48.28 23.75 -32.36
CA THR F 117 49.56 23.08 -32.50
C THR F 117 50.34 23.17 -31.20
N VAL F 118 50.82 22.04 -30.72
CA VAL F 118 51.62 21.96 -29.50
C VAL F 118 53.08 21.89 -29.90
N SER F 119 53.85 22.89 -29.50
CA SER F 119 55.25 22.97 -29.88
C SER F 119 55.97 23.88 -28.90
N SER F 120 57.30 23.83 -28.94
CA SER F 120 58.14 24.70 -28.13
C SER F 120 59.10 25.53 -28.95
N ALA F 121 59.20 25.31 -30.26
CA ALA F 121 60.12 26.06 -31.10
C ALA F 121 59.75 27.53 -31.14
N GLU F 122 60.77 28.39 -31.17
CA GLU F 122 60.57 29.83 -31.23
C GLU F 122 60.56 30.30 -32.68
N THR F 123 59.80 31.37 -32.93
CA THR F 123 59.64 31.90 -34.27
C THR F 123 60.98 32.17 -34.93
N THR F 124 61.13 31.73 -36.18
CA THR F 124 62.42 31.71 -36.85
C THR F 124 62.23 32.11 -38.31
N ALA F 125 63.17 32.87 -38.84
CA ALA F 125 63.10 33.34 -40.22
C ALA F 125 63.57 32.25 -41.17
N PRO F 126 63.01 32.21 -42.38
CA PRO F 126 63.44 31.23 -43.37
C PRO F 126 64.67 31.67 -44.16
N SER F 127 65.49 30.70 -44.53
CA SER F 127 66.47 30.87 -45.58
C SER F 127 65.84 30.54 -46.94
N VAL F 128 66.27 31.27 -47.96
CA VAL F 128 65.68 31.17 -49.29
C VAL F 128 66.75 30.81 -50.32
N TYR F 129 66.95 29.52 -50.55
CA TYR F 129 67.97 29.08 -51.48
C TYR F 129 67.41 28.98 -52.90
N PRO F 130 68.18 29.43 -53.90
CA PRO F 130 67.75 29.27 -55.29
C PRO F 130 67.96 27.84 -55.77
N LEU F 131 67.06 27.38 -56.64
CA LEU F 131 67.14 26.06 -57.25
C LEU F 131 67.17 26.22 -58.76
N ALA F 132 68.27 25.80 -59.38
CA ALA F 132 68.47 25.85 -60.82
C ALA F 132 69.07 24.54 -61.28
N PRO F 133 68.79 24.11 -62.50
CA PRO F 133 69.23 22.78 -62.95
C PRO F 133 70.75 22.70 -63.03
N GLY F 134 71.26 21.48 -62.83
CA GLY F 134 72.69 21.24 -62.88
C GLY F 134 73.30 21.51 -64.24
N THR F 135 72.51 21.39 -65.30
CA THR F 135 72.97 21.76 -66.64
C THR F 135 71.80 22.21 -67.51
N SER F 141 60.59 24.98 -74.35
CA SER F 141 59.81 26.22 -74.35
C SER F 141 59.74 26.82 -72.95
N MET F 142 59.68 25.94 -71.95
CA MET F 142 59.68 26.38 -70.57
C MET F 142 60.34 25.31 -69.70
N VAL F 143 61.08 25.77 -68.69
CA VAL F 143 61.75 24.91 -67.73
C VAL F 143 61.38 25.37 -66.33
N THR F 144 61.22 24.41 -65.43
CA THR F 144 60.93 24.69 -64.03
C THR F 144 62.20 25.07 -63.29
N LEU F 145 62.14 26.18 -62.57
CA LEU F 145 63.18 26.59 -61.64
C LEU F 145 62.52 27.05 -60.34
N GLY F 146 63.25 26.93 -59.23
CA GLY F 146 62.54 27.06 -57.97
C GLY F 146 63.26 27.73 -56.82
N CYS F 147 62.62 27.70 -55.66
CA CYS F 147 63.21 28.22 -54.43
C CYS F 147 62.86 27.31 -53.27
N LEU F 148 63.84 27.10 -52.38
CA LEU F 148 63.68 26.32 -51.17
C LEU F 148 63.65 27.27 -49.98
N VAL F 149 62.54 27.25 -49.24
CA VAL F 149 62.31 28.15 -48.12
C VAL F 149 62.36 27.32 -46.84
N LYS F 150 63.51 27.29 -46.17
CA LYS F 150 63.80 26.29 -45.15
C LYS F 150 64.13 26.94 -43.82
N GLY F 151 63.71 26.30 -42.73
CA GLY F 151 64.12 26.68 -41.40
C GLY F 151 63.18 27.60 -40.66
N TYR F 152 62.01 27.92 -41.22
CA TYR F 152 61.14 28.90 -40.59
C TYR F 152 60.15 28.23 -39.65
N PHE F 153 59.62 29.02 -38.73
CA PHE F 153 58.62 28.58 -37.77
C PHE F 153 57.91 29.80 -37.22
N PRO F 154 56.61 29.69 -36.90
CA PRO F 154 55.68 28.65 -37.32
C PRO F 154 55.15 28.91 -38.73
N GLU F 155 54.09 28.21 -39.13
CA GLU F 155 53.37 28.56 -40.35
C GLU F 155 52.59 29.85 -40.15
N PRO F 156 52.20 30.53 -41.24
CA PRO F 156 52.49 30.23 -42.65
C PRO F 156 53.71 30.96 -43.19
N VAL F 157 54.10 30.64 -44.42
CA VAL F 157 55.04 31.44 -45.20
C VAL F 157 54.41 31.70 -46.56
N THR F 158 54.56 32.92 -47.06
CA THR F 158 53.98 33.31 -48.34
C THR F 158 55.09 33.47 -49.38
N VAL F 159 54.85 32.93 -50.58
CA VAL F 159 55.84 32.94 -51.66
C VAL F 159 55.17 33.45 -52.93
N THR F 160 55.85 34.34 -53.65
CA THR F 160 55.40 34.85 -54.93
C THR F 160 56.62 34.93 -55.85
N TRP F 161 56.38 35.20 -57.13
CA TRP F 161 57.45 35.31 -58.09
C TRP F 161 57.37 36.66 -58.78
N ASN F 162 58.42 37.48 -58.61
CA ASN F 162 58.48 38.88 -59.01
C ASN F 162 57.45 39.74 -58.29
N SER F 163 56.66 39.14 -57.40
CA SER F 163 55.66 39.78 -56.55
C SER F 163 54.46 40.27 -57.34
N GLY F 164 54.54 40.24 -58.66
CA GLY F 164 53.42 40.65 -59.48
C GLY F 164 53.19 39.77 -60.70
N ALA F 165 54.16 38.92 -61.02
CA ALA F 165 54.16 38.16 -62.25
C ALA F 165 54.30 36.65 -62.03
N LEU F 166 53.85 36.14 -60.89
CA LEU F 166 54.03 34.72 -60.62
C LEU F 166 53.22 33.88 -61.59
N SER F 167 52.02 34.34 -61.96
CA SER F 167 51.13 33.63 -62.88
C SER F 167 50.71 32.27 -62.34
N SER F 168 49.81 31.59 -63.05
CA SER F 168 49.34 30.28 -62.63
C SER F 168 50.39 29.20 -62.79
N GLY F 169 51.51 29.48 -63.46
CA GLY F 169 52.55 28.51 -63.64
C GLY F 169 53.44 28.33 -62.43
N VAL F 170 52.83 28.33 -61.23
CA VAL F 170 53.56 28.22 -59.98
C VAL F 170 52.84 27.23 -59.08
N HIS F 171 53.62 26.41 -58.38
CA HIS F 171 53.11 25.50 -57.37
C HIS F 171 53.79 25.77 -56.04
N THR F 172 53.04 25.62 -54.96
CA THR F 172 53.55 25.78 -53.60
C THR F 172 53.25 24.51 -52.82
N PHE F 173 54.14 23.53 -52.96
CA PHE F 173 53.96 22.26 -52.28
C PHE F 173 53.89 22.48 -50.77
N PRO F 174 53.05 21.74 -50.06
CA PRO F 174 52.85 21.99 -48.63
C PRO F 174 54.14 21.85 -47.85
N ALA F 175 54.29 22.68 -46.82
CA ALA F 175 55.48 22.65 -45.97
C ALA F 175 55.50 21.37 -45.14
N VAL F 176 56.69 21.04 -44.65
CA VAL F 176 56.93 19.84 -43.85
C VAL F 176 57.75 20.23 -42.63
N LEU F 177 57.37 19.68 -41.48
CA LEU F 177 58.15 19.90 -40.26
C LEU F 177 59.35 18.96 -40.22
N GLN F 178 60.52 19.53 -39.94
CA GLN F 178 61.74 18.79 -39.69
C GLN F 178 62.47 19.47 -38.54
N SER F 179 62.85 18.68 -37.53
CA SER F 179 63.59 19.19 -36.37
C SER F 179 62.89 20.39 -35.73
N GLY F 180 61.57 20.44 -35.84
CA GLY F 180 60.81 21.51 -35.22
C GLY F 180 60.68 22.78 -36.03
N LEU F 181 61.09 22.78 -37.29
CA LEU F 181 60.95 23.96 -38.13
C LEU F 181 60.45 23.55 -39.50
N TYR F 182 59.86 24.50 -40.22
CA TYR F 182 59.18 24.17 -41.47
C TYR F 182 60.11 24.33 -42.67
N THR F 183 59.84 23.51 -43.69
CA THR F 183 60.53 23.61 -44.97
C THR F 183 59.49 23.57 -46.08
N LEU F 184 59.66 24.46 -47.06
CA LEU F 184 58.72 24.59 -48.16
C LEU F 184 59.50 24.70 -49.47
N THR F 185 58.84 24.34 -50.56
CA THR F 185 59.42 24.44 -51.89
C THR F 185 58.44 25.17 -52.80
N SER F 186 59.00 25.87 -53.80
CA SER F 186 58.16 26.52 -54.79
C SER F 186 58.87 26.46 -56.13
N SER F 187 58.09 26.48 -57.22
CA SER F 187 58.68 26.43 -58.54
C SER F 187 57.86 27.27 -59.52
N VAL F 188 58.55 27.79 -60.52
CA VAL F 188 57.95 28.57 -61.60
C VAL F 188 58.45 28.01 -62.93
N THR F 189 57.65 28.20 -63.98
CA THR F 189 58.03 27.80 -65.32
C THR F 189 58.46 29.04 -66.10
N VAL F 190 59.68 29.00 -66.63
CA VAL F 190 60.24 30.17 -67.33
C VAL F 190 61.01 29.69 -68.56
N PRO F 191 61.05 30.53 -69.60
CA PRO F 191 61.75 30.13 -70.82
C PRO F 191 63.22 29.85 -70.58
N SER F 192 63.76 28.91 -71.36
CA SER F 192 65.13 28.45 -71.16
C SER F 192 66.14 29.58 -71.36
N SER F 193 65.83 30.55 -72.22
CA SER F 193 66.70 31.69 -72.42
C SER F 193 66.46 32.80 -71.41
N THR F 194 65.27 32.84 -70.79
CA THR F 194 64.93 33.95 -69.90
C THR F 194 65.59 33.81 -68.54
N TRP F 195 65.51 32.62 -67.94
CA TRP F 195 66.01 32.45 -66.58
C TRP F 195 67.52 32.66 -66.41
N PRO F 196 68.40 32.35 -67.38
CA PRO F 196 69.83 32.64 -67.16
C PRO F 196 70.18 34.10 -67.33
N SER F 197 69.27 34.93 -67.84
CA SER F 197 69.56 36.32 -68.14
C SER F 197 68.66 37.28 -67.38
N GLN F 198 67.34 37.04 -67.38
CA GLN F 198 66.42 37.91 -66.66
C GLN F 198 66.43 37.57 -65.17
N THR F 199 66.20 38.59 -64.35
CA THR F 199 66.23 38.45 -62.90
C THR F 199 64.95 37.79 -62.38
N VAL F 200 64.75 36.54 -62.81
CA VAL F 200 63.64 35.76 -62.29
C VAL F 200 63.88 35.52 -60.80
N THR F 201 62.98 36.05 -59.97
CA THR F 201 63.24 36.12 -58.54
C THR F 201 62.01 35.66 -57.78
N CYS F 202 62.23 34.81 -56.77
CA CYS F 202 61.20 34.46 -55.81
C CYS F 202 61.26 35.40 -54.62
N ASN F 203 60.10 35.89 -54.21
CA ASN F 203 59.94 36.80 -53.08
C ASN F 203 59.17 36.08 -51.99
N VAL F 204 59.75 36.02 -50.80
CA VAL F 204 59.23 35.19 -49.71
C VAL F 204 59.06 36.08 -48.48
N ALA F 205 57.95 35.89 -47.76
CA ALA F 205 57.69 36.67 -46.57
C ALA F 205 57.11 35.76 -45.49
N HIS F 206 57.37 36.14 -44.24
CA HIS F 206 57.02 35.36 -43.07
C HIS F 206 56.44 36.26 -41.99
N PRO F 207 55.11 36.25 -41.81
CA PRO F 207 54.51 37.14 -40.79
C PRO F 207 54.88 36.79 -39.36
N GLY F 208 55.41 35.59 -39.11
CA GLY F 208 55.77 35.23 -37.75
C GLY F 208 56.82 36.14 -37.15
N GLN F 209 57.68 36.72 -37.99
CA GLN F 209 58.56 37.80 -37.56
C GLN F 209 58.70 38.85 -38.65
N GLN F 210 57.67 39.01 -39.49
CA GLN F 210 57.64 40.03 -40.54
C GLN F 210 58.90 40.02 -41.40
N HIS F 211 59.44 38.82 -41.64
CA HIS F 211 60.67 38.70 -42.40
C HIS F 211 60.38 38.71 -43.89
N GLN F 212 61.34 39.20 -44.67
CA GLN F 212 61.21 39.28 -46.12
C GLN F 212 62.54 38.97 -46.79
N ARG F 213 62.48 38.21 -47.89
CA ARG F 213 63.66 37.96 -48.72
C ARG F 213 63.25 37.93 -50.18
N TRP F 214 64.25 38.11 -51.05
CA TRP F 214 64.10 37.89 -52.48
C TRP F 214 65.36 37.22 -53.00
N THR F 215 65.20 36.19 -53.82
CA THR F 215 66.32 35.44 -54.37
C THR F 215 66.12 35.21 -55.85
N ARG F 216 67.09 35.61 -56.65
CA ARG F 216 67.04 35.44 -58.10
C ARG F 216 67.44 34.01 -58.48
N LYS F 217 67.41 33.74 -59.78
CA LYS F 217 67.84 32.47 -60.33
C LYS F 217 69.21 32.62 -60.98
N LEU F 218 70.14 31.74 -60.60
CA LEU F 218 71.49 31.76 -61.16
C LEU F 218 72.00 30.32 -61.24
N CYS F 219 73.02 30.13 -62.07
CA CYS F 219 73.63 28.81 -62.22
C CYS F 219 75.15 28.92 -62.40
N ASP G 1 -12.01 39.94 22.48
CA ASP G 1 -10.66 40.06 21.97
C ASP G 1 -9.71 40.57 23.05
N ILE G 2 -8.42 40.49 22.77
CA ILE G 2 -7.40 40.83 23.76
C ILE G 2 -7.34 42.32 23.94
N VAL G 3 -7.50 42.78 25.17
CA VAL G 3 -7.38 44.20 25.48
C VAL G 3 -5.92 44.52 25.71
N ILE G 4 -5.49 45.69 25.24
CA ILE G 4 -4.10 46.10 25.31
C ILE G 4 -4.01 47.47 25.97
N THR G 5 -3.06 47.62 26.89
CA THR G 5 -2.79 48.89 27.55
C THR G 5 -1.32 49.25 27.38
N GLN G 6 -1.05 50.54 27.30
CA GLN G 6 0.30 51.04 27.10
C GLN G 6 0.71 51.94 28.26
N SER G 7 2.00 51.92 28.58
CA SER G 7 2.52 52.80 29.61
C SER G 7 3.93 53.20 29.26
N PRO G 8 4.34 54.43 29.61
CA PRO G 8 3.52 55.50 30.19
C PRO G 8 2.66 56.17 29.12
N SER G 9 1.61 56.91 29.48
CA SER G 9 0.80 57.56 28.45
C SER G 9 1.61 58.64 27.73
N LEU G 10 2.36 59.45 28.48
CA LEU G 10 3.32 60.38 27.92
C LEU G 10 4.67 60.16 28.57
N LEU G 11 5.74 60.35 27.80
CA LEU G 11 7.09 60.11 28.29
C LEU G 11 7.99 61.23 27.77
N SER G 12 8.45 62.08 28.69
CA SER G 12 9.38 63.15 28.35
C SER G 12 10.80 62.59 28.38
N ALA G 13 11.53 62.74 27.29
CA ALA G 13 12.88 62.22 27.19
C ALA G 13 13.72 63.16 26.34
N SER G 14 15.03 63.06 26.50
CA SER G 14 15.98 63.93 25.80
C SER G 14 16.73 63.13 24.74
N VAL G 15 17.25 63.88 23.76
CA VAL G 15 17.94 63.25 22.62
C VAL G 15 19.14 62.46 23.12
N GLY G 16 19.25 61.22 22.66
CA GLY G 16 20.33 60.33 23.04
C GLY G 16 20.01 59.38 24.17
N ASP G 17 18.88 59.56 24.86
CA ASP G 17 18.51 58.68 25.95
C ASP G 17 18.03 57.32 25.43
N ARG G 18 18.30 56.29 26.22
CA ARG G 18 17.63 55.01 26.02
C ARG G 18 16.24 55.08 26.66
N VAL G 19 15.24 54.56 25.95
CA VAL G 19 13.86 54.66 26.41
C VAL G 19 13.15 53.35 26.16
N THR G 20 12.25 53.00 27.08
CA THR G 20 11.50 51.75 27.01
C THR G 20 10.01 52.01 27.21
N LEU G 21 9.20 51.42 26.33
CA LEU G 21 7.75 51.55 26.35
C LEU G 21 7.15 50.18 26.61
N THR G 22 6.14 50.12 27.48
CA THR G 22 5.59 48.84 27.90
C THR G 22 4.16 48.70 27.38
N CYS G 23 3.84 47.47 26.98
CA CYS G 23 2.53 47.11 26.46
C CYS G 23 2.10 45.84 27.18
N LYS G 24 0.86 45.83 27.67
CA LYS G 24 0.38 44.72 28.47
C LYS G 24 -0.99 44.29 27.99
N GLY G 25 -1.17 42.99 27.81
CA GLY G 25 -2.44 42.45 27.36
C GLY G 25 -3.27 41.88 28.49
N SER G 26 -4.53 41.64 28.19
CA SER G 26 -5.41 40.93 29.11
C SER G 26 -5.29 39.42 29.00
N GLN G 27 -4.66 38.93 27.94
CA GLN G 27 -4.48 37.50 27.74
C GLN G 27 -3.12 37.28 27.07
N ASN G 28 -2.72 36.03 27.00
CA ASN G 28 -1.47 35.68 26.33
C ASN G 28 -1.56 36.05 24.86
N ILE G 29 -0.58 36.83 24.39
CA ILE G 29 -0.52 37.25 23.00
C ILE G 29 0.43 36.39 22.18
N ASP G 30 1.21 35.53 22.83
CA ASP G 30 1.98 34.49 22.16
C ASP G 30 2.95 35.08 21.14
N ASN G 31 3.54 36.22 21.47
CA ASN G 31 4.54 36.96 20.69
C ASN G 31 3.99 37.54 19.40
N TYR G 32 2.68 37.46 19.15
CA TYR G 32 2.09 38.08 17.96
C TYR G 32 1.77 39.54 18.24
N LEU G 33 2.80 40.29 18.62
CA LEU G 33 2.70 41.71 18.88
C LEU G 33 3.55 42.47 17.87
N ALA G 34 3.05 43.61 17.42
CA ALA G 34 3.79 44.50 16.55
C ALA G 34 3.75 45.91 17.10
N TRP G 35 4.75 46.70 16.72
CA TRP G 35 4.91 48.09 17.10
C TRP G 35 5.03 48.94 15.85
N TYR G 36 4.27 50.02 15.81
CA TYR G 36 4.36 50.97 14.70
C TYR G 36 4.38 52.40 15.24
N GLN G 37 5.04 53.27 14.49
CA GLN G 37 5.25 54.67 14.85
C GLN G 37 4.38 55.57 13.99
N GLN G 38 3.79 56.59 14.60
CA GLN G 38 3.01 57.59 13.88
C GLN G 38 3.40 58.99 14.30
N LYS G 39 3.54 59.87 13.30
CA LYS G 39 3.73 61.30 13.50
C LYS G 39 2.49 62.03 13.02
N LEU G 40 2.38 63.31 13.39
CA LEU G 40 1.27 64.13 12.93
C LEU G 40 1.33 64.31 11.42
N GLY G 41 0.21 64.05 10.74
CA GLY G 41 0.16 64.22 9.31
C GLY G 41 0.95 63.22 8.52
N GLU G 42 1.38 62.13 9.12
CA GLU G 42 2.24 61.15 8.49
C GLU G 42 1.56 59.78 8.45
N ALA G 43 1.88 59.00 7.42
CA ALA G 43 1.42 57.64 7.36
C ALA G 43 2.11 56.82 8.45
N PRO G 44 1.37 55.95 9.16
CA PRO G 44 2.02 55.08 10.13
C PRO G 44 3.07 54.20 9.47
N LYS G 45 4.10 53.87 10.25
CA LYS G 45 5.21 53.07 9.77
C LYS G 45 5.45 51.93 10.75
N LEU G 46 5.48 50.70 10.23
CA LEU G 46 5.73 49.56 11.09
C LEU G 46 7.20 49.54 11.52
N LEU G 47 7.42 49.34 12.83
CA LEU G 47 8.76 49.22 13.38
C LEU G 47 9.15 47.78 13.65
N ILE G 48 8.32 47.06 14.41
CA ILE G 48 8.65 45.72 14.89
C ILE G 48 7.45 44.83 14.65
N TYR G 49 7.69 43.58 14.27
CA TYR G 49 6.64 42.58 14.25
C TYR G 49 7.16 41.29 14.87
N LYS G 50 6.23 40.46 15.33
CA LYS G 50 6.54 39.23 16.04
C LYS G 50 7.53 39.47 17.18
N THR G 51 7.41 40.64 17.81
CA THR G 51 8.08 41.03 19.04
C THR G 51 9.58 41.25 18.88
N ASN G 52 10.18 40.80 17.78
CA ASN G 52 11.62 40.88 17.62
C ASN G 52 12.07 41.33 16.25
N SER G 53 11.30 41.05 15.20
CA SER G 53 11.79 41.23 13.84
C SER G 53 11.68 42.69 13.44
N LEU G 54 12.81 43.31 13.14
CA LEU G 54 12.79 44.67 12.65
C LEU G 54 12.21 44.73 11.25
N GLN G 55 11.39 45.73 11.00
CA GLN G 55 10.94 45.99 9.64
C GLN G 55 12.13 46.42 8.79
N THR G 56 12.12 46.01 7.52
CA THR G 56 13.24 46.30 6.64
C THR G 56 13.41 47.81 6.48
N GLY G 57 14.65 48.27 6.60
CA GLY G 57 14.97 49.68 6.49
C GLY G 57 14.80 50.48 7.76
N ILE G 58 14.34 49.87 8.84
CA ILE G 58 14.21 50.58 10.12
C ILE G 58 15.58 50.73 10.77
N PRO G 59 15.88 51.87 11.37
CA PRO G 59 17.17 52.02 12.06
C PRO G 59 17.33 51.01 13.18
N SER G 60 18.58 50.57 13.38
CA SER G 60 18.89 49.57 14.40
C SER G 60 18.63 50.05 15.83
N ARG G 61 18.21 51.30 16.01
CA ARG G 61 17.92 51.80 17.36
C ARG G 61 16.80 50.99 18.01
N PHE G 62 15.79 50.64 17.23
CA PHE G 62 14.60 50.01 17.78
C PHE G 62 14.83 48.51 17.99
N SER G 63 14.45 48.02 19.17
CA SER G 63 14.50 46.59 19.44
C SER G 63 13.33 46.23 20.33
N GLY G 64 12.71 45.09 20.05
CA GLY G 64 11.56 44.68 20.82
C GLY G 64 11.82 43.44 21.62
N SER G 65 11.05 43.26 22.70
CA SER G 65 11.21 42.07 23.54
C SER G 65 9.91 41.84 24.29
N GLY G 66 9.78 40.67 24.86
CA GLY G 66 8.64 40.40 25.72
C GLY G 66 8.15 38.98 25.55
N SER G 67 7.22 38.61 26.43
CA SER G 67 6.62 37.29 26.39
C SER G 67 5.31 37.32 27.18
N GLY G 68 4.53 36.25 26.99
CA GLY G 68 3.29 36.11 27.71
C GLY G 68 2.33 37.24 27.46
N THR G 69 2.14 38.11 28.45
CA THR G 69 1.24 39.24 28.34
C THR G 69 1.97 40.57 28.40
N ASP G 70 3.30 40.57 28.56
CA ASP G 70 4.04 41.81 28.77
C ASP G 70 5.12 41.93 27.71
N TYR G 71 5.18 43.09 27.07
CA TYR G 71 6.09 43.32 25.97
C TYR G 71 6.63 44.74 26.08
N THR G 72 7.80 44.96 25.51
CA THR G 72 8.46 46.26 25.56
C THR G 72 9.12 46.58 24.23
N LEU G 73 9.16 47.87 23.93
CA LEU G 73 9.93 48.41 22.81
C LEU G 73 10.99 49.33 23.37
N THR G 74 12.23 49.20 22.89
CA THR G 74 13.34 49.97 23.39
C THR G 74 14.04 50.72 22.26
N ILE G 75 14.37 51.98 22.53
CA ILE G 75 15.23 52.78 21.66
C ILE G 75 16.53 52.99 22.42
N SER G 76 17.63 52.49 21.84
CA SER G 76 18.92 52.53 22.53
C SER G 76 19.39 53.96 22.74
N SER G 77 19.21 54.82 21.73
CA SER G 77 19.70 56.19 21.80
C SER G 77 18.73 57.07 21.03
N LEU G 78 17.81 57.72 21.76
CA LEU G 78 16.74 58.51 21.17
C LEU G 78 17.26 59.62 20.27
N HIS G 79 16.96 59.53 18.99
CA HIS G 79 17.24 60.62 18.05
C HIS G 79 16.07 61.60 18.05
N SER G 80 16.35 62.80 17.54
CA SER G 80 15.33 63.83 17.49
C SER G 80 14.19 63.44 16.55
N GLU G 81 14.47 62.63 15.53
CA GLU G 81 13.44 62.22 14.59
C GLU G 81 12.46 61.20 15.17
N ASP G 82 12.73 60.67 16.36
CA ASP G 82 11.94 59.58 16.92
C ASP G 82 10.84 60.07 17.86
N LEU G 83 10.70 61.37 18.07
CA LEU G 83 9.63 61.90 18.90
C LEU G 83 8.30 61.70 18.20
N ALA G 84 7.44 60.83 18.73
CA ALA G 84 6.23 60.42 18.01
C ALA G 84 5.35 59.59 18.91
N THR G 85 4.20 59.18 18.38
CA THR G 85 3.33 58.24 19.07
C THR G 85 3.70 56.82 18.65
N TYR G 86 3.73 55.91 19.62
CA TYR G 86 4.04 54.51 19.38
C TYR G 86 2.85 53.66 19.77
N TYR G 87 2.39 52.83 18.84
CA TYR G 87 1.27 51.92 19.08
C TYR G 87 1.76 50.48 19.04
N CYS G 88 1.38 49.72 20.06
CA CYS G 88 1.46 48.28 19.98
C CYS G 88 0.11 47.73 19.57
N TYR G 89 0.13 46.63 18.83
CA TYR G 89 -1.12 45.95 18.51
C TYR G 89 -0.84 44.46 18.37
N GLN G 90 -1.90 43.68 18.52
CA GLN G 90 -1.82 42.24 18.40
C GLN G 90 -2.64 41.80 17.21
N TYR G 91 -2.27 40.65 16.65
CA TYR G 91 -2.89 40.19 15.42
C TYR G 91 -3.06 38.68 15.47
N ILE G 92 -3.42 38.14 16.64
CA ILE G 92 -3.53 36.71 16.85
C ILE G 92 -4.97 36.29 17.15
N ASN G 93 -5.72 37.12 17.87
CA ASN G 93 -7.14 36.88 18.10
C ASN G 93 -7.84 38.22 17.93
N GLY G 94 -8.29 38.48 16.70
CA GLY G 94 -8.81 39.79 16.39
C GLY G 94 -7.67 40.74 16.11
N TYR G 95 -8.02 42.01 15.96
CA TYR G 95 -7.03 43.08 15.88
C TYR G 95 -7.39 44.16 16.89
N THR G 96 -6.51 44.37 17.86
CA THR G 96 -6.72 45.39 18.87
C THR G 96 -5.45 46.21 19.02
N PHE G 97 -5.63 47.50 19.27
CA PHE G 97 -4.53 48.46 19.35
C PHE G 97 -4.47 49.06 20.74
N GLY G 98 -3.28 49.40 21.18
CA GLY G 98 -3.11 50.14 22.40
C GLY G 98 -3.56 51.57 22.25
N THR G 99 -3.53 52.30 23.37
CA THR G 99 -3.93 53.70 23.35
C THR G 99 -2.83 54.60 22.83
N GLY G 100 -1.62 54.09 22.63
CA GLY G 100 -0.51 54.91 22.18
C GLY G 100 0.31 55.51 23.29
N THR G 101 1.62 55.62 23.07
CA THR G 101 2.54 56.31 23.96
C THR G 101 3.15 57.47 23.21
N LYS G 102 2.99 58.68 23.73
CA LYS G 102 3.47 59.88 23.04
C LYS G 102 4.84 60.24 23.58
N LEU G 103 5.87 59.68 22.95
CA LEU G 103 7.24 60.00 23.32
C LEU G 103 7.59 61.40 22.82
N GLU G 104 7.92 62.28 23.77
CA GLU G 104 8.07 63.71 23.50
C GLU G 104 9.35 64.24 24.15
N LEU G 105 9.87 65.32 23.59
CA LEU G 105 11.17 65.85 23.99
C LEU G 105 11.12 66.49 25.37
N LYS G 106 12.13 66.18 26.19
CA LYS G 106 12.26 66.77 27.51
C LYS G 106 12.55 68.26 27.41
N ARG G 107 12.05 69.02 28.39
CA ARG G 107 12.14 70.46 28.38
C ARG G 107 12.29 70.98 29.80
N ALA G 108 13.06 72.05 29.95
CA ALA G 108 13.15 72.74 31.22
C ALA G 108 11.81 73.34 31.62
N ASP G 109 11.51 73.33 32.91
CA ASP G 109 10.24 73.82 33.40
C ASP G 109 10.06 75.30 33.08
N ALA G 110 8.83 75.69 32.78
CA ALA G 110 8.48 77.07 32.51
C ALA G 110 7.10 77.37 33.10
N ALA G 111 6.98 78.53 33.74
CA ALA G 111 5.69 78.94 34.29
C ALA G 111 4.80 79.51 33.18
N PRO G 112 3.49 79.27 33.26
CA PRO G 112 2.58 79.78 32.23
C PRO G 112 2.43 81.29 32.30
N THR G 113 2.44 81.93 31.12
CA THR G 113 2.03 83.32 30.99
C THR G 113 0.50 83.33 30.98
N VAL G 114 -0.10 83.61 32.12
CA VAL G 114 -1.55 83.54 32.29
C VAL G 114 -2.15 84.92 32.03
N SER G 115 -3.32 84.92 31.39
CA SER G 115 -4.09 86.14 31.18
C SER G 115 -5.56 85.79 31.06
N ILE G 116 -6.40 86.80 31.27
CA ILE G 116 -7.85 86.62 31.21
C ILE G 116 -8.45 87.78 30.42
N PHE G 117 -9.53 87.48 29.67
CA PHE G 117 -10.17 88.47 28.84
C PHE G 117 -11.69 88.33 28.97
N PRO G 118 -12.38 89.43 29.28
CA PRO G 118 -13.85 89.42 29.31
C PRO G 118 -14.42 89.37 27.91
N PRO G 119 -15.70 89.02 27.77
CA PRO G 119 -16.37 89.16 26.47
C PRO G 119 -16.46 90.63 26.09
N SER G 120 -15.85 90.97 24.96
CA SER G 120 -15.85 92.34 24.50
C SER G 120 -17.26 92.83 24.20
N THR G 121 -17.44 94.15 24.27
CA THR G 121 -18.76 94.73 24.01
C THR G 121 -19.23 94.43 22.60
N GLU G 122 -18.30 94.28 21.65
CA GLU G 122 -18.68 93.86 20.31
C GLU G 122 -19.32 92.48 20.32
N GLN G 123 -18.86 91.60 21.21
CA GLN G 123 -19.50 90.30 21.38
C GLN G 123 -20.82 90.42 22.12
N LEU G 124 -20.84 91.23 23.19
CA LEU G 124 -22.06 91.39 23.98
C LEU G 124 -23.20 91.97 23.16
N ALA G 125 -22.88 92.79 22.14
CA ALA G 125 -23.90 93.31 21.25
C ALA G 125 -24.61 92.21 20.47
N THR G 126 -23.96 91.06 20.28
CA THR G 126 -24.55 89.93 19.59
C THR G 126 -25.30 88.99 20.54
N GLY G 127 -25.19 89.21 21.85
CA GLY G 127 -25.75 88.31 22.83
C GLY G 127 -24.80 87.25 23.36
N GLY G 128 -23.66 87.04 22.71
CA GLY G 128 -22.68 86.12 23.23
C GLY G 128 -21.80 86.77 24.29
N ALA G 129 -21.43 85.97 25.29
CA ALA G 129 -20.67 86.47 26.43
C ALA G 129 -19.61 85.48 26.86
N SER G 130 -18.90 84.88 25.90
CA SER G 130 -17.87 83.91 26.21
C SER G 130 -16.64 84.62 26.80
N VAL G 131 -16.30 84.26 28.04
CA VAL G 131 -15.06 84.73 28.66
C VAL G 131 -13.93 83.80 28.24
N VAL G 132 -12.69 84.30 28.25
CA VAL G 132 -11.57 83.49 27.77
C VAL G 132 -10.38 83.66 28.70
N CYS G 133 -9.62 82.57 28.90
CA CYS G 133 -8.43 82.59 29.74
C CYS G 133 -7.32 81.83 29.03
N LEU G 134 -6.14 82.43 28.98
CA LEU G 134 -5.03 81.89 28.22
C LEU G 134 -3.84 81.62 29.13
N MET G 135 -3.04 80.61 28.76
CA MET G 135 -1.86 80.22 29.52
C MET G 135 -0.80 79.82 28.50
N ASN G 136 0.12 80.73 28.18
CA ASN G 136 1.06 80.54 27.09
C ASN G 136 2.41 80.07 27.58
N ASN G 137 3.03 79.17 26.81
CA ASN G 137 4.44 78.78 26.95
C ASN G 137 4.75 78.21 28.34
N PHE G 138 3.91 77.27 28.78
CA PHE G 138 4.19 76.54 30.00
C PHE G 138 4.75 75.16 29.68
N TYR G 139 5.44 74.58 30.66
CA TYR G 139 5.92 73.21 30.59
C TYR G 139 6.08 72.72 32.02
N PRO G 140 5.75 71.46 32.32
CA PRO G 140 5.16 70.42 31.44
C PRO G 140 3.70 70.71 31.11
N ARG G 141 3.06 69.83 30.35
CA ARG G 141 1.67 70.04 29.94
C ARG G 141 0.69 69.84 31.08
N ASP G 142 1.13 69.31 32.22
CA ASP G 142 0.24 69.09 33.36
C ASP G 142 -0.22 70.44 33.90
N ILE G 143 -1.50 70.73 33.71
CA ILE G 143 -2.07 72.03 34.10
C ILE G 143 -3.55 71.83 34.42
N SER G 144 -4.05 72.63 35.34
CA SER G 144 -5.46 72.60 35.71
C SER G 144 -6.03 74.02 35.69
N VAL G 145 -7.26 74.15 35.21
CA VAL G 145 -7.90 75.45 35.05
C VAL G 145 -9.28 75.41 35.69
N LYS G 146 -9.63 76.46 36.42
CA LYS G 146 -10.94 76.59 37.03
C LYS G 146 -11.49 77.99 36.80
N TRP G 147 -12.77 78.06 36.45
CA TRP G 147 -13.47 79.33 36.30
C TRP G 147 -14.28 79.63 37.55
N LYS G 148 -14.19 80.86 38.03
CA LYS G 148 -15.00 81.30 39.15
C LYS G 148 -15.68 82.62 38.81
N ILE G 149 -16.97 82.70 39.11
CA ILE G 149 -17.77 83.89 38.84
C ILE G 149 -18.47 84.27 40.13
N ASP G 150 -18.28 85.54 40.55
CA ASP G 150 -18.73 86.01 41.86
C ASP G 150 -18.29 85.05 42.97
N GLY G 151 -17.10 84.48 42.80
CA GLY G 151 -16.54 83.53 43.74
C GLY G 151 -17.03 82.11 43.59
N THR G 152 -18.23 81.89 43.06
CA THR G 152 -18.73 80.54 42.88
C THR G 152 -18.06 79.87 41.68
N GLU G 153 -17.69 78.60 41.86
CA GLU G 153 -17.06 77.87 40.77
C GLU G 153 -18.07 77.54 39.68
N ARG G 154 -17.58 77.48 38.44
CA ARG G 154 -18.44 77.23 37.29
C ARG G 154 -17.85 76.10 36.45
N ARG G 155 -18.71 75.23 35.94
CA ARG G 155 -18.28 74.11 35.12
C ARG G 155 -19.10 74.05 33.82
N ASP G 156 -20.34 74.51 33.87
CA ASP G 156 -21.17 74.56 32.67
C ASP G 156 -20.59 75.56 31.67
N GLY G 157 -20.51 75.14 30.41
CA GLY G 157 -19.99 75.99 29.37
C GLY G 157 -18.49 76.07 29.29
N VAL G 158 -17.77 75.40 30.18
CA VAL G 158 -16.31 75.47 30.21
C VAL G 158 -15.74 74.53 29.16
N LEU G 159 -14.75 75.03 28.41
CA LEU G 159 -14.06 74.23 27.41
C LEU G 159 -12.60 74.67 27.38
N ASP G 160 -11.75 73.83 26.80
CA ASP G 160 -10.34 74.17 26.72
C ASP G 160 -9.65 73.35 25.65
N SER G 161 -8.52 73.86 25.18
CA SER G 161 -7.67 73.16 24.22
C SER G 161 -6.23 73.55 24.47
N VAL G 162 -5.32 72.65 24.11
CA VAL G 162 -3.89 72.85 24.30
C VAL G 162 -3.16 72.48 23.02
N THR G 163 -2.20 73.31 22.62
CA THR G 163 -1.37 73.02 21.46
C THR G 163 -0.34 71.94 21.80
N ASP G 164 0.33 71.44 20.77
CA ASP G 164 1.47 70.56 20.93
C ASP G 164 2.72 71.36 21.27
N GLN G 165 3.78 70.66 21.64
CA GLN G 165 5.07 71.29 21.91
C GLN G 165 5.47 72.25 20.80
N ASP G 166 5.85 73.46 21.20
CA ASP G 166 6.36 74.45 20.24
C ASP G 166 7.63 73.92 19.57
N SER G 167 7.70 74.09 18.24
CA SER G 167 8.80 73.53 17.48
C SER G 167 10.15 74.11 17.87
N LYS G 168 10.17 75.25 18.56
CA LYS G 168 11.41 75.93 18.89
C LYS G 168 11.76 75.88 20.37
N ASP G 169 10.75 75.87 21.26
CA ASP G 169 11.00 75.90 22.69
C ASP G 169 10.36 74.75 23.46
N SER G 170 9.55 73.90 22.81
CA SER G 170 8.97 72.70 23.38
C SER G 170 7.99 72.98 24.52
N THR G 171 7.65 74.25 24.76
CA THR G 171 6.61 74.54 25.74
C THR G 171 5.23 74.37 25.10
N TYR G 172 4.20 74.48 25.95
CA TYR G 172 2.82 74.33 25.52
C TYR G 172 2.06 75.63 25.73
N SER G 173 1.05 75.85 24.88
CA SER G 173 0.14 76.98 25.02
C SER G 173 -1.28 76.44 25.10
N MET G 174 -2.07 77.00 26.02
CA MET G 174 -3.41 76.51 26.29
C MET G 174 -4.40 77.67 26.29
N SER G 175 -5.57 77.42 25.73
CA SER G 175 -6.69 78.34 25.79
C SER G 175 -7.87 77.67 26.47
N SER G 176 -8.69 78.47 27.14
CA SER G 176 -9.91 77.98 27.77
C SER G 176 -10.98 79.04 27.62
N THR G 177 -12.22 78.59 27.52
CA THR G 177 -13.35 79.47 27.26
C THR G 177 -14.51 79.08 28.17
N LEU G 178 -15.38 80.06 28.41
CA LEU G 178 -16.58 79.89 29.21
C LEU G 178 -17.71 80.60 28.46
N SER G 179 -18.53 79.82 27.77
CA SER G 179 -19.62 80.37 26.98
C SER G 179 -20.77 80.77 27.90
N LEU G 180 -21.27 81.99 27.72
CA LEU G 180 -22.35 82.53 28.54
C LEU G 180 -23.25 83.39 27.68
N THR G 181 -24.49 83.54 28.12
CA THR G 181 -25.40 84.51 27.53
C THR G 181 -25.16 85.90 28.12
N LYS G 182 -25.65 86.92 27.41
CA LYS G 182 -25.54 88.28 27.92
C LYS G 182 -26.26 88.43 29.25
N ALA G 183 -27.42 87.79 29.40
CA ALA G 183 -28.14 87.85 30.68
C ALA G 183 -27.35 87.18 31.80
N ASP G 184 -26.81 85.99 31.53
CA ASP G 184 -26.01 85.30 32.53
C ASP G 184 -24.76 86.10 32.89
N TYR G 185 -24.13 86.72 31.89
CA TYR G 185 -22.93 87.52 32.15
C TYR G 185 -23.27 88.72 33.02
N GLU G 186 -24.30 89.48 32.65
CA GLU G 186 -24.65 90.68 33.41
C GLU G 186 -25.14 90.34 34.81
N SER G 187 -25.58 89.10 35.05
CA SER G 187 -26.01 88.69 36.38
C SER G 187 -24.87 88.62 37.38
N HIS G 188 -23.62 88.69 36.93
CA HIS G 188 -22.46 88.62 37.81
C HIS G 188 -21.46 89.70 37.40
N ASN G 189 -20.52 89.97 38.28
CA ASN G 189 -19.55 91.02 38.00
C ASN G 189 -18.11 90.58 38.20
N LEU G 190 -17.84 89.79 39.24
CA LEU G 190 -16.50 89.28 39.49
C LEU G 190 -16.24 88.04 38.65
N TYR G 191 -15.11 88.02 37.94
CA TYR G 191 -14.71 86.87 37.15
C TYR G 191 -13.23 86.58 37.41
N THR G 192 -12.89 85.30 37.57
CA THR G 192 -11.49 84.95 37.77
C THR G 192 -11.20 83.57 37.19
N CYS G 193 -9.96 83.41 36.73
CA CYS G 193 -9.42 82.18 36.18
C CYS G 193 -8.28 81.73 37.08
N GLU G 194 -8.37 80.50 37.56
CA GLU G 194 -7.39 79.93 38.48
C GLU G 194 -6.63 78.81 37.78
N VAL G 195 -5.30 78.88 37.84
CA VAL G 195 -4.41 77.98 37.11
C VAL G 195 -3.52 77.27 38.12
N VAL G 196 -3.57 75.94 38.12
CA VAL G 196 -2.70 75.11 38.95
C VAL G 196 -1.66 74.48 38.03
N HIS G 197 -0.38 74.64 38.40
CA HIS G 197 0.71 74.08 37.62
C HIS G 197 1.86 73.74 38.55
N LYS G 198 2.70 72.80 38.09
CA LYS G 198 3.76 72.26 38.94
C LYS G 198 4.81 73.27 39.33
N THR G 199 4.89 74.41 38.64
CA THR G 199 5.95 75.38 38.93
C THR G 199 5.66 76.25 40.15
N SER G 200 4.50 76.11 40.77
CA SER G 200 4.15 76.89 41.94
C SER G 200 3.35 76.02 42.90
N SER G 201 3.57 76.23 44.20
CA SER G 201 2.82 75.52 45.22
C SER G 201 1.40 76.06 45.38
N SER G 202 1.14 77.28 44.93
CA SER G 202 -0.19 77.87 44.98
C SER G 202 -0.62 78.29 43.58
N PRO G 203 -1.92 78.22 43.29
CA PRO G 203 -2.38 78.54 41.93
C PRO G 203 -2.27 80.02 41.62
N VAL G 204 -2.02 80.32 40.35
CA VAL G 204 -2.05 81.68 39.85
C VAL G 204 -3.49 82.06 39.54
N VAL G 205 -3.84 83.31 39.79
CA VAL G 205 -5.20 83.79 39.56
C VAL G 205 -5.16 85.06 38.72
N LYS G 206 -6.06 85.15 37.75
CA LYS G 206 -6.23 86.36 36.97
C LYS G 206 -7.71 86.72 36.94
N SER G 207 -8.03 87.97 37.23
CA SER G 207 -9.41 88.35 37.48
C SER G 207 -9.74 89.68 36.83
N PHE G 208 -11.04 89.91 36.66
CA PHE G 208 -11.56 91.18 36.16
C PHE G 208 -12.96 91.38 36.71
N ASN G 209 -13.42 92.62 36.64
CA ASN G 209 -14.74 93.00 37.10
C ASN G 209 -15.38 93.90 36.05
N ARG G 210 -16.54 94.47 36.39
CA ARG G 210 -17.30 95.37 35.53
C ARG G 210 -17.27 95.01 34.05
N GLU H 1 8.75 52.66 -2.90
CA GLU H 1 8.10 51.80 -3.87
C GLU H 1 6.61 51.65 -3.55
N VAL H 2 6.32 51.00 -2.43
CA VAL H 2 4.93 50.75 -2.05
C VAL H 2 4.28 52.06 -1.62
N GLN H 3 3.15 52.38 -2.23
CA GLN H 3 2.37 53.55 -1.86
C GLN H 3 0.89 53.22 -1.97
N LEU H 4 0.11 53.78 -1.05
CA LEU H 4 -1.34 53.59 -1.01
C LEU H 4 -1.98 54.95 -0.81
N GLN H 5 -2.48 55.54 -1.90
CA GLN H 5 -3.12 56.86 -1.84
C GLN H 5 -4.59 56.67 -1.53
N GLU H 6 -4.95 56.85 -0.26
CA GLU H 6 -6.35 56.87 0.13
C GLU H 6 -6.96 58.23 -0.18
N SER H 7 -8.23 58.22 -0.60
CA SER H 7 -8.89 59.46 -0.98
C SER H 7 -10.39 59.28 -0.84
N GLY H 8 -11.09 60.42 -0.77
CA GLY H 8 -12.53 60.44 -0.67
C GLY H 8 -13.04 61.74 -0.11
N PRO H 9 -14.37 61.87 -0.03
CA PRO H 9 -14.96 63.11 0.46
C PRO H 9 -14.61 63.36 1.92
N GLY H 10 -14.47 64.64 2.26
CA GLY H 10 -14.18 65.02 3.62
C GLY H 10 -15.41 65.06 4.50
N LEU H 11 -16.45 65.74 4.04
CA LEU H 11 -17.68 65.90 4.80
C LEU H 11 -18.77 65.00 4.21
N VAL H 12 -19.50 64.34 5.10
CA VAL H 12 -20.56 63.41 4.71
C VAL H 12 -21.77 63.70 5.59
N GLN H 13 -22.95 63.65 4.98
CA GLN H 13 -24.20 63.83 5.72
C GLN H 13 -24.56 62.53 6.43
N PRO H 14 -25.32 62.61 7.51
CA PRO H 14 -25.78 61.38 8.15
C PRO H 14 -26.70 60.58 7.25
N SER H 15 -26.71 59.26 7.49
CA SER H 15 -27.61 58.30 6.85
C SER H 15 -27.36 58.09 5.35
N GLU H 16 -26.51 58.91 4.74
CA GLU H 16 -26.17 58.69 3.34
C GLU H 16 -24.97 57.75 3.26
N THR H 17 -24.50 57.49 2.03
CA THR H 17 -23.37 56.60 1.82
C THR H 17 -22.07 57.37 1.75
N LEU H 18 -20.99 56.72 2.18
CA LEU H 18 -19.63 57.19 2.05
C LEU H 18 -18.87 56.29 1.07
N SER H 19 -18.10 56.90 0.19
CA SER H 19 -17.24 56.19 -0.75
C SER H 19 -15.80 56.63 -0.57
N LEU H 20 -14.91 55.67 -0.40
CA LEU H 20 -13.47 55.93 -0.33
C LEU H 20 -12.75 55.05 -1.33
N THR H 21 -11.66 55.57 -1.89
CA THR H 21 -10.87 54.82 -2.86
C THR H 21 -9.40 54.85 -2.46
N CYS H 22 -8.79 53.67 -2.44
CA CYS H 22 -7.35 53.53 -2.20
C CYS H 22 -6.70 53.10 -3.50
N THR H 23 -5.77 53.91 -4.00
CA THR H 23 -5.05 53.63 -5.23
C THR H 23 -3.67 53.11 -4.89
N VAL H 24 -3.32 51.96 -5.45
CA VAL H 24 -2.12 51.23 -5.07
C VAL H 24 -1.02 51.46 -6.11
N SER H 25 0.21 51.61 -5.64
CA SER H 25 1.36 51.72 -6.53
C SER H 25 2.53 50.95 -5.91
N GLY H 26 3.33 50.34 -6.77
CA GLY H 26 4.49 49.58 -6.34
C GLY H 26 4.25 48.10 -6.12
N PHE H 27 3.01 47.63 -6.17
CA PHE H 27 2.72 46.21 -6.03
C PHE H 27 1.38 45.94 -6.71
N SER H 28 1.11 44.66 -6.95
CA SER H 28 -0.09 44.23 -7.64
C SER H 28 -1.10 43.68 -6.64
N LEU H 29 -2.35 44.13 -6.78
CA LEU H 29 -3.42 43.67 -5.89
C LEU H 29 -3.64 42.17 -5.99
N THR H 30 -3.21 41.54 -7.08
CA THR H 30 -3.40 40.11 -7.23
C THR H 30 -2.50 39.27 -6.33
N SER H 31 -1.54 39.91 -5.65
CA SER H 31 -0.60 39.18 -4.82
C SER H 31 -0.46 39.74 -3.41
N TYR H 32 -1.10 40.87 -3.09
CA TYR H 32 -1.12 41.40 -1.74
C TYR H 32 -2.53 41.76 -1.34
N SER H 33 -2.93 41.36 -0.14
CA SER H 33 -4.22 41.76 0.41
C SER H 33 -4.19 43.21 0.85
N VAL H 34 -5.35 43.86 0.77
CA VAL H 34 -5.50 45.24 1.22
C VAL H 34 -6.53 45.25 2.33
N SER H 35 -6.33 46.09 3.34
CA SER H 35 -7.24 46.11 4.47
C SER H 35 -7.55 47.55 4.82
N TRP H 36 -8.68 47.75 5.48
CA TRP H 36 -9.14 49.10 5.84
C TRP H 36 -9.16 49.24 7.34
N LEU H 37 -8.52 50.29 7.84
CA LEU H 37 -8.52 50.62 9.25
C LEU H 37 -9.24 51.95 9.47
N ARG H 38 -9.84 52.07 10.64
CA ARG H 38 -10.55 53.27 11.06
C ARG H 38 -10.03 53.70 12.41
N GLN H 39 -9.87 55.01 12.59
CA GLN H 39 -9.45 55.59 13.86
C GLN H 39 -10.45 56.67 14.21
N PRO H 40 -11.46 56.34 15.03
CA PRO H 40 -12.43 57.36 15.45
C PRO H 40 -11.75 58.46 16.23
N SER H 41 -12.29 59.67 16.11
CA SER H 41 -11.74 60.81 16.83
C SER H 41 -11.80 60.57 18.33
N GLY H 42 -10.63 60.60 18.98
CA GLY H 42 -10.57 60.36 20.41
C GLY H 42 -10.54 58.90 20.80
N LYS H 43 -10.22 57.99 19.87
CA LYS H 43 -10.21 56.57 20.14
C LYS H 43 -9.04 55.93 19.41
N GLY H 44 -8.72 54.70 19.81
CA GLY H 44 -7.68 53.94 19.16
C GLY H 44 -8.15 53.34 17.86
N PRO H 45 -7.22 52.93 17.00
CA PRO H 45 -7.60 52.38 15.71
C PRO H 45 -8.38 51.07 15.84
N GLU H 46 -9.17 50.78 14.81
CA GLU H 46 -9.90 49.52 14.74
C GLU H 46 -9.94 49.04 13.30
N TRP H 47 -10.06 47.74 13.14
CA TRP H 47 -10.00 47.08 11.84
C TRP H 47 -11.40 46.85 11.32
N MET H 48 -11.64 47.22 10.05
CA MET H 48 -12.96 47.11 9.45
C MET H 48 -13.10 45.92 8.51
N GLY H 49 -12.12 45.66 7.66
CA GLY H 49 -12.25 44.55 6.74
C GLY H 49 -11.05 44.47 5.82
N ARG H 50 -11.06 43.43 5.01
CA ARG H 50 -9.96 43.15 4.09
C ARG H 50 -10.49 42.68 2.74
N MET H 51 -9.92 43.24 1.69
CA MET H 51 -10.03 42.74 0.33
C MET H 51 -8.88 41.77 0.11
N TRP H 52 -9.20 40.49 -0.06
CA TRP H 52 -8.17 39.48 -0.27
C TRP H 52 -7.58 39.57 -1.67
N ASP H 53 -6.32 39.14 -1.78
CA ASP H 53 -5.66 39.12 -3.08
C ASP H 53 -6.40 38.24 -4.09
N ASP H 54 -7.04 37.17 -3.63
CA ASP H 54 -7.77 36.29 -4.52
C ASP H 54 -9.11 36.84 -4.97
N GLY H 55 -9.52 38.00 -4.46
CA GLY H 55 -10.76 38.61 -4.88
C GLY H 55 -11.93 38.46 -3.92
N GLY H 56 -11.76 37.77 -2.80
CA GLY H 56 -12.77 37.73 -1.78
C GLY H 56 -12.63 38.86 -0.78
N THR H 57 -13.58 38.92 0.15
CA THR H 57 -13.60 39.95 1.17
C THR H 57 -13.96 39.35 2.51
N VAL H 58 -13.57 40.06 3.57
CA VAL H 58 -13.99 39.71 4.92
C VAL H 58 -14.17 41.01 5.69
N TYR H 59 -15.12 41.02 6.62
CA TYR H 59 -15.49 42.25 7.31
C TYR H 59 -15.51 42.05 8.81
N ASN H 60 -15.29 43.14 9.52
CA ASN H 60 -15.50 43.17 10.96
C ASN H 60 -16.95 42.81 11.25
N SER H 61 -17.16 41.91 12.22
CA SER H 61 -18.50 41.39 12.48
C SER H 61 -19.47 42.49 12.88
N GLY H 62 -18.98 43.54 13.56
CA GLY H 62 -19.86 44.64 13.93
C GLY H 62 -20.24 45.53 12.76
N LEU H 63 -19.44 45.52 11.70
CA LEU H 63 -19.68 46.34 10.51
C LEU H 63 -20.12 45.51 9.32
N LYS H 64 -20.37 44.21 9.50
CA LYS H 64 -20.66 43.31 8.39
C LYS H 64 -21.81 43.81 7.53
N SER H 65 -22.86 44.35 8.13
CA SER H 65 -24.04 44.75 7.38
C SER H 65 -23.88 46.10 6.71
N ARG H 66 -22.99 46.95 7.19
CA ARG H 66 -22.89 48.33 6.72
C ARG H 66 -21.77 48.54 5.71
N LEU H 67 -20.90 47.56 5.49
CA LEU H 67 -19.69 47.75 4.72
C LEU H 67 -19.74 46.94 3.43
N SER H 68 -19.13 47.50 2.40
CA SER H 68 -18.87 46.80 1.15
C SER H 68 -17.49 47.21 0.68
N ILE H 69 -16.69 46.24 0.25
CA ILE H 69 -15.35 46.50 -0.27
C ILE H 69 -15.25 45.77 -1.59
N SER H 70 -14.56 46.40 -2.54
CA SER H 70 -14.42 45.82 -3.87
C SER H 70 -13.10 46.29 -4.45
N ARG H 71 -12.74 45.74 -5.61
CA ARG H 71 -11.47 46.11 -6.22
C ARG H 71 -11.59 46.10 -7.73
N ASP H 72 -10.63 46.78 -8.36
CA ASP H 72 -10.43 46.77 -9.80
C ASP H 72 -8.93 46.59 -10.01
N THR H 73 -8.54 45.38 -10.40
CA THR H 73 -7.14 45.07 -10.66
C THR H 73 -6.62 45.71 -11.94
N SER H 74 -7.52 46.15 -12.83
CA SER H 74 -7.08 46.76 -14.08
C SER H 74 -6.40 48.09 -13.87
N LYS H 75 -6.72 48.80 -12.79
CA LYS H 75 -6.10 50.09 -12.50
C LYS H 75 -5.68 50.19 -11.03
N ASN H 76 -5.51 49.05 -10.36
CA ASN H 76 -4.99 49.01 -8.99
C ASN H 76 -5.79 49.89 -8.04
N GLN H 77 -7.09 49.66 -7.98
CA GLN H 77 -7.93 50.43 -7.08
C GLN H 77 -8.71 49.50 -6.15
N VAL H 78 -8.91 49.97 -4.92
CA VAL H 78 -9.77 49.29 -3.95
C VAL H 78 -10.77 50.29 -3.42
N PHE H 79 -12.03 49.89 -3.34
CA PHE H 79 -13.12 50.79 -3.02
C PHE H 79 -13.81 50.33 -1.75
N LEU H 80 -14.18 51.30 -0.91
CA LEU H 80 -14.94 51.06 0.30
C LEU H 80 -16.21 51.89 0.25
N LYS H 81 -17.37 51.23 0.31
CA LYS H 81 -18.67 51.87 0.40
C LYS H 81 -19.27 51.55 1.76
N MET H 82 -19.80 52.57 2.42
CA MET H 82 -20.39 52.40 3.73
C MET H 82 -21.73 53.11 3.78
N ASN H 83 -22.72 52.50 4.42
CA ASN H 83 -24.05 53.10 4.49
C ASN H 83 -24.38 53.42 5.94
N SER H 84 -25.54 54.06 6.12
CA SER H 84 -26.10 54.36 7.45
C SER H 84 -25.09 55.07 8.34
N LEU H 85 -24.36 56.03 7.76
CA LEU H 85 -23.33 56.73 8.51
C LEU H 85 -23.92 57.55 9.65
N GLN H 86 -23.16 57.67 10.73
CA GLN H 86 -23.57 58.40 11.92
C GLN H 86 -22.41 59.25 12.40
N THR H 87 -22.71 60.14 13.34
CA THR H 87 -21.67 61.00 13.91
C THR H 87 -20.53 60.19 14.52
N ASP H 88 -20.83 59.00 15.05
CA ASP H 88 -19.80 58.16 15.64
C ASP H 88 -18.77 57.67 14.62
N ASP H 89 -19.08 57.75 13.33
CA ASP H 89 -18.17 57.29 12.29
C ASP H 89 -17.11 58.32 11.90
N THR H 90 -17.09 59.49 12.53
CA THR H 90 -16.10 60.50 12.21
C THR H 90 -14.72 60.04 12.66
N GLY H 91 -13.74 60.14 11.76
CA GLY H 91 -12.39 59.77 12.10
C GLY H 91 -11.51 59.66 10.88
N THR H 92 -10.33 59.10 11.08
CA THR H 92 -9.34 58.94 10.02
C THR H 92 -9.40 57.53 9.45
N TYR H 93 -9.42 57.41 8.14
CA TYR H 93 -9.53 56.13 7.45
C TYR H 93 -8.23 55.85 6.71
N TYR H 94 -7.66 54.67 6.94
CA TYR H 94 -6.41 54.25 6.33
C TYR H 94 -6.66 53.00 5.50
N CYS H 95 -6.06 52.92 4.32
CA CYS H 95 -5.87 51.63 3.69
C CYS H 95 -4.47 51.13 3.97
N THR H 96 -4.34 49.81 4.10
CA THR H 96 -3.09 49.17 4.48
C THR H 96 -2.82 48.00 3.54
N ARG H 97 -1.53 47.74 3.33
CA ARG H 97 -1.07 46.51 2.71
C ARG H 97 -0.63 45.56 3.81
N ASP H 98 -1.08 44.31 3.70
CA ASP H 98 -0.91 43.30 4.73
C ASP H 98 0.15 42.29 4.32
N GLU H 99 1.00 41.92 5.27
CA GLU H 99 1.89 40.78 5.09
C GLU H 99 1.22 39.51 5.59
N ARG H 100 1.73 38.38 5.12
CA ARG H 100 1.24 37.08 5.55
C ARG H 100 2.40 36.18 5.91
N ILE H 101 2.15 35.31 6.89
CA ILE H 101 2.98 34.14 7.12
C ILE H 101 2.06 32.97 7.38
N ARG H 102 1.97 32.05 6.42
CA ARG H 102 1.01 30.95 6.45
C ARG H 102 -0.38 31.57 6.49
N ALA H 103 -1.17 31.39 7.55
CA ALA H 103 -2.50 31.97 7.65
C ALA H 103 -2.56 33.19 8.56
N ILE H 104 -1.43 33.71 9.00
CA ILE H 104 -1.38 34.84 9.93
C ILE H 104 -1.09 36.11 9.16
N ASN H 105 -1.82 37.17 9.46
CA ASN H 105 -1.71 38.44 8.75
C ASN H 105 -1.42 39.56 9.73
N TRP H 106 -0.69 40.57 9.25
CA TRP H 106 -0.52 41.79 10.04
C TRP H 106 -0.37 42.97 9.08
N PHE H 107 -0.68 44.15 9.60
CA PHE H 107 -0.63 45.37 8.80
C PHE H 107 0.82 45.83 8.67
N ALA H 108 1.30 45.90 7.44
CA ALA H 108 2.69 46.23 7.18
C ALA H 108 2.90 47.60 6.57
N TYR H 109 1.98 48.07 5.73
CA TYR H 109 2.09 49.41 5.17
C TYR H 109 0.77 50.13 5.31
N TRP H 110 0.81 51.43 5.54
CA TRP H 110 -0.38 52.25 5.72
C TRP H 110 -0.46 53.32 4.65
N GLY H 111 -1.68 53.76 4.37
CA GLY H 111 -1.87 54.97 3.61
C GLY H 111 -1.75 56.19 4.50
N GLN H 112 -1.71 57.37 3.86
CA GLN H 112 -1.56 58.61 4.61
C GLN H 112 -2.81 58.94 5.42
N GLY H 113 -3.95 58.33 5.09
CA GLY H 113 -5.17 58.53 5.86
C GLY H 113 -6.01 59.71 5.41
N THR H 114 -7.31 59.50 5.29
CA THR H 114 -8.26 60.55 4.93
C THR H 114 -9.21 60.80 6.09
N LEU H 115 -9.35 62.06 6.47
CA LEU H 115 -10.29 62.43 7.52
C LEU H 115 -11.70 62.51 6.96
N VAL H 116 -12.60 61.71 7.50
CA VAL H 116 -14.02 61.74 7.16
C VAL H 116 -14.78 62.23 8.37
N THR H 117 -15.54 63.30 8.21
CA THR H 117 -16.41 63.83 9.26
C THR H 117 -17.86 63.69 8.85
N VAL H 118 -18.67 63.13 9.75
CA VAL H 118 -20.10 62.96 9.51
C VAL H 118 -20.82 64.09 10.23
N SER H 119 -21.49 64.94 9.46
CA SER H 119 -22.17 66.10 10.02
C SER H 119 -23.21 66.59 9.04
N SER H 120 -24.11 67.43 9.54
CA SER H 120 -25.14 68.05 8.72
C SER H 120 -25.05 69.56 8.68
N ALA H 121 -24.18 70.18 9.46
CA ALA H 121 -24.09 71.63 9.52
C ALA H 121 -23.60 72.20 8.19
N GLU H 122 -24.13 73.35 7.82
CA GLU H 122 -23.76 74.04 6.59
C GLU H 122 -22.62 75.02 6.86
N THR H 123 -21.80 75.24 5.83
CA THR H 123 -20.66 76.14 5.95
C THR H 123 -21.11 77.51 6.45
N THR H 124 -20.36 78.06 7.41
CA THR H 124 -20.76 79.26 8.12
C THR H 124 -19.54 80.13 8.36
N ALA H 125 -19.72 81.45 8.25
CA ALA H 125 -18.63 82.39 8.44
C ALA H 125 -18.37 82.62 9.93
N PRO H 126 -17.12 82.90 10.29
CA PRO H 126 -16.80 83.17 11.70
C PRO H 126 -17.03 84.62 12.10
N SER H 127 -17.40 84.79 13.36
CA SER H 127 -17.31 86.10 14.01
C SER H 127 -15.95 86.23 14.70
N VAL H 128 -15.42 87.45 14.70
CA VAL H 128 -14.07 87.69 15.21
C VAL H 128 -14.12 88.74 16.31
N TYR H 129 -14.29 88.29 17.55
CA TYR H 129 -14.38 89.21 18.68
C TYR H 129 -12.99 89.55 19.21
N PRO H 130 -12.76 90.81 19.59
CA PRO H 130 -11.47 91.17 20.21
C PRO H 130 -11.41 90.72 21.66
N LEU H 131 -10.22 90.37 22.11
CA LEU H 131 -9.96 89.97 23.49
C LEU H 131 -8.88 90.87 24.07
N ALA H 132 -9.25 91.66 25.07
CA ALA H 132 -8.37 92.60 25.75
C ALA H 132 -8.57 92.49 27.25
N PRO H 133 -7.54 92.77 28.05
CA PRO H 133 -7.65 92.56 29.49
C PRO H 133 -8.68 93.50 30.12
N GLY H 134 -9.27 93.04 31.23
CA GLY H 134 -10.26 93.82 31.94
C GLY H 134 -9.76 95.15 32.48
N THR H 135 -8.45 95.27 32.68
CA THR H 135 -7.86 96.52 33.15
C THR H 135 -6.46 96.71 32.59
N SER H 141 6.73 93.97 30.00
CA SER H 141 7.45 94.05 28.73
C SER H 141 6.56 93.65 27.57
N MET H 142 5.71 92.65 27.79
CA MET H 142 4.76 92.21 26.77
C MET H 142 3.54 91.62 27.47
N VAL H 143 2.38 91.86 26.89
CA VAL H 143 1.11 91.32 27.38
C VAL H 143 0.42 90.62 26.23
N THR H 144 -0.26 89.51 26.55
CA THR H 144 -1.04 88.77 25.57
C THR H 144 -2.39 89.44 25.33
N LEU H 145 -2.71 89.66 24.06
CA LEU H 145 -4.05 90.08 23.66
C LEU H 145 -4.47 89.26 22.44
N GLY H 146 -5.77 89.07 22.26
CA GLY H 146 -6.16 88.07 21.29
C GLY H 146 -7.44 88.27 20.52
N CYS H 147 -7.86 87.22 19.81
CA CYS H 147 -9.08 87.23 19.04
C CYS H 147 -9.78 85.89 19.17
N LEU H 148 -11.10 85.95 19.31
CA LEU H 148 -11.95 84.77 19.36
C LEU H 148 -12.68 84.63 18.02
N VAL H 149 -12.43 83.53 17.33
CA VAL H 149 -12.99 83.27 16.00
C VAL H 149 -14.02 82.15 16.15
N LYS H 150 -15.29 82.52 16.28
CA LYS H 150 -16.31 81.59 16.73
C LYS H 150 -17.46 81.52 15.74
N GLY H 151 -18.05 80.32 15.63
CA GLY H 151 -19.25 80.12 14.84
C GLY H 151 -19.05 79.61 13.44
N TYR H 152 -17.82 79.33 13.04
CA TYR H 152 -17.54 78.97 11.66
C TYR H 152 -17.62 77.46 11.46
N PHE H 153 -17.79 77.06 10.20
CA PHE H 153 -17.83 75.67 9.81
C PHE H 153 -17.58 75.58 8.32
N PRO H 154 -16.92 74.51 7.84
CA PRO H 154 -16.14 73.54 8.61
C PRO H 154 -14.72 74.04 8.85
N GLU H 155 -13.81 73.15 9.22
CA GLU H 155 -12.40 73.49 9.26
C GLU H 155 -11.85 73.61 7.84
N PRO H 156 -10.73 74.31 7.65
CA PRO H 156 -9.95 75.07 8.63
C PRO H 156 -10.29 76.56 8.65
N VAL H 157 -9.70 77.30 9.59
CA VAL H 157 -9.71 78.76 9.58
C VAL H 157 -8.28 79.25 9.75
N THR H 158 -7.91 80.28 9.00
CA THR H 158 -6.56 80.82 9.04
C THR H 158 -6.56 82.18 9.74
N VAL H 159 -5.60 82.38 10.64
CA VAL H 159 -5.49 83.59 11.43
C VAL H 159 -4.06 84.10 11.35
N THR H 160 -3.92 85.41 11.16
CA THR H 160 -2.63 86.09 11.17
C THR H 160 -2.79 87.40 11.93
N TRP H 161 -1.68 88.05 12.23
CA TRP H 161 -1.70 89.31 12.95
C TRP H 161 -1.04 90.37 12.10
N ASN H 162 -1.83 91.37 11.69
CA ASN H 162 -1.46 92.40 10.70
C ASN H 162 -1.15 91.79 9.33
N SER H 163 -1.31 90.48 9.20
CA SER H 163 -1.17 89.73 7.95
C SER H 163 0.28 89.63 7.49
N GLY H 164 1.16 90.39 8.13
CA GLY H 164 2.57 90.33 7.80
C GLY H 164 3.49 90.45 9.00
N ALA H 165 2.91 90.76 10.16
CA ALA H 165 3.67 91.04 11.36
C ALA H 165 3.30 90.14 12.53
N LEU H 166 2.79 88.93 12.27
CA LEU H 166 2.35 88.07 13.35
C LEU H 166 3.53 87.61 14.20
N SER H 167 4.66 87.31 13.57
CA SER H 167 5.87 86.86 14.26
C SER H 167 5.64 85.55 15.00
N SER H 168 6.71 84.99 15.59
CA SER H 168 6.60 83.72 16.29
C SER H 168 5.90 83.84 17.63
N GLY H 169 5.64 85.05 18.11
CA GLY H 169 4.97 85.24 19.38
C GLY H 169 3.46 85.08 19.30
N VAL H 170 3.00 84.10 18.53
CA VAL H 170 1.58 83.86 18.30
C VAL H 170 1.32 82.37 18.45
N HIS H 171 0.18 82.05 19.07
CA HIS H 171 -0.27 80.68 19.21
C HIS H 171 -1.68 80.55 18.64
N THR H 172 -1.96 79.40 18.02
CA THR H 172 -3.27 79.10 17.45
C THR H 172 -3.79 77.81 18.08
N PHE H 173 -4.41 77.96 19.24
CA PHE H 173 -4.93 76.82 19.97
C PHE H 173 -5.95 76.06 19.13
N PRO H 174 -5.97 74.73 19.18
CA PRO H 174 -6.86 73.96 18.30
C PRO H 174 -8.32 74.32 18.49
N ALA H 175 -9.07 74.29 17.39
CA ALA H 175 -10.48 74.62 17.43
C ALA H 175 -11.25 73.54 18.20
N VAL H 176 -12.46 73.91 18.62
CA VAL H 176 -13.34 73.04 19.39
C VAL H 176 -14.73 73.09 18.78
N LEU H 177 -15.36 71.94 18.63
CA LEU H 177 -16.73 71.88 18.14
C LEU H 177 -17.71 72.12 19.27
N GLN H 178 -18.66 73.04 19.04
CA GLN H 178 -19.76 73.29 19.95
C GLN H 178 -21.01 73.54 19.12
N SER H 179 -22.09 72.82 19.44
CA SER H 179 -23.37 72.97 18.76
C SER H 179 -23.24 72.85 17.24
N GLY H 180 -22.27 72.07 16.79
CA GLY H 180 -22.10 71.83 15.38
C GLY H 180 -21.27 72.86 14.63
N LEU H 181 -20.64 73.80 15.34
CA LEU H 181 -19.79 74.79 14.69
C LEU H 181 -18.50 74.95 15.47
N TYR H 182 -17.47 75.47 14.80
CA TYR H 182 -16.15 75.52 15.38
C TYR H 182 -15.89 76.84 16.09
N THR H 183 -15.05 76.76 17.12
CA THR H 183 -14.59 77.93 17.86
C THR H 183 -13.08 77.83 18.03
N LEU H 184 -12.39 78.94 17.76
CA LEU H 184 -10.93 78.99 17.82
C LEU H 184 -10.52 80.25 18.56
N THR H 185 -9.32 80.22 19.14
CA THR H 185 -8.75 81.36 19.81
C THR H 185 -7.35 81.61 19.28
N SER H 186 -6.94 82.87 19.30
CA SER H 186 -5.57 83.22 18.93
C SER H 186 -5.10 84.36 19.82
N SER H 187 -3.79 84.44 20.04
CA SER H 187 -3.24 85.50 20.87
C SER H 187 -1.87 85.91 20.35
N VAL H 188 -1.53 87.17 20.59
CA VAL H 188 -0.24 87.75 20.26
C VAL H 188 0.29 88.45 21.49
N THR H 189 1.61 88.53 21.60
CA THR H 189 2.27 89.24 22.69
C THR H 189 2.73 90.60 22.18
N VAL H 190 2.28 91.66 22.83
CA VAL H 190 2.58 93.02 22.39
C VAL H 190 2.85 93.89 23.60
N PRO H 191 3.70 94.92 23.42
CA PRO H 191 4.03 95.80 24.56
C PRO H 191 2.79 96.50 25.11
N SER H 192 2.83 96.76 26.42
CA SER H 192 1.66 97.30 27.10
C SER H 192 1.26 98.66 26.56
N SER H 193 2.22 99.44 26.05
CA SER H 193 1.90 100.73 25.44
C SER H 193 1.49 100.59 23.97
N THR H 194 1.80 99.47 23.33
CA THR H 194 1.55 99.34 21.90
C THR H 194 0.10 99.00 21.60
N TRP H 195 -0.46 98.00 22.30
CA TRP H 195 -1.80 97.53 21.97
C TRP H 195 -2.92 98.54 22.21
N PRO H 196 -2.87 99.44 23.19
CA PRO H 196 -3.96 100.44 23.31
C PRO H 196 -3.84 101.58 22.31
N SER H 197 -2.73 101.70 21.60
CA SER H 197 -2.48 102.84 20.72
C SER H 197 -2.27 102.42 19.28
N GLN H 198 -1.42 101.43 19.03
CA GLN H 198 -1.19 100.97 17.67
C GLN H 198 -2.30 100.03 17.24
N THR H 199 -2.61 100.04 15.94
CA THR H 199 -3.71 99.26 15.39
C THR H 199 -3.32 97.79 15.25
N VAL H 200 -3.01 97.17 16.40
CA VAL H 200 -2.74 95.74 16.41
C VAL H 200 -4.02 95.00 16.04
N THR H 201 -3.98 94.28 14.93
CA THR H 201 -5.19 93.74 14.33
C THR H 201 -4.98 92.28 13.96
N CYS H 202 -5.95 91.44 14.31
CA CYS H 202 -5.99 90.06 13.83
C CYS H 202 -6.80 89.99 12.54
N ASN H 203 -6.25 89.29 11.55
CA ASN H 203 -6.89 89.08 10.27
C ASN H 203 -7.22 87.60 10.13
N VAL H 204 -8.49 87.30 9.85
CA VAL H 204 -9.00 85.94 9.86
C VAL H 204 -9.67 85.67 8.53
N ALA H 205 -9.47 84.46 8.01
CA ALA H 205 -10.09 84.06 6.75
C ALA H 205 -10.55 82.62 6.85
N HIS H 206 -11.60 82.32 6.07
CA HIS H 206 -12.29 81.03 6.12
C HIS H 206 -12.57 80.57 4.70
N PRO H 207 -11.80 79.59 4.21
CA PRO H 207 -12.00 79.13 2.81
C PRO H 207 -13.35 78.49 2.56
N GLY H 208 -14.07 78.07 3.59
CA GLY H 208 -15.35 77.41 3.39
C GLY H 208 -16.35 78.28 2.65
N GLN H 209 -16.26 79.60 2.84
CA GLN H 209 -17.05 80.54 2.04
C GLN H 209 -16.23 81.78 1.69
N GLN H 210 -14.91 81.62 1.58
CA GLN H 210 -14.00 82.69 1.21
C GLN H 210 -14.23 83.94 2.05
N HIS H 211 -14.54 83.74 3.33
CA HIS H 211 -14.83 84.87 4.21
C HIS H 211 -13.54 85.49 4.74
N GLN H 212 -13.60 86.79 5.01
CA GLN H 212 -12.46 87.53 5.54
C GLN H 212 -12.95 88.58 6.53
N ARG H 213 -12.21 88.74 7.62
CA ARG H 213 -12.48 89.79 8.59
C ARG H 213 -11.16 90.26 9.20
N TRP H 214 -11.21 91.44 9.82
CA TRP H 214 -10.08 91.97 10.57
C TRP H 214 -10.61 92.73 11.79
N THR H 215 -10.02 92.48 12.94
CA THR H 215 -10.44 93.10 14.19
C THR H 215 -9.23 93.62 14.95
N ARG H 216 -9.28 94.90 15.32
CA ARG H 216 -8.20 95.53 16.08
C ARG H 216 -8.35 95.21 17.56
N LYS H 217 -7.43 95.74 18.37
CA LYS H 217 -7.46 95.60 19.82
C LYS H 217 -7.91 96.91 20.45
N LEU H 218 -8.94 96.83 21.30
CA LEU H 218 -9.43 98.00 22.02
C LEU H 218 -9.94 97.55 23.38
N CYS H 219 -10.07 98.52 24.28
CA CYS H 219 -10.58 98.25 25.62
C CYS H 219 -11.44 99.41 26.12
N ILE I 1 24.36 10.78 52.48
CA ILE I 1 24.99 10.36 51.24
C ILE I 1 24.20 10.90 50.05
N VAL I 2 24.93 11.35 49.03
CA VAL I 2 24.34 11.85 47.79
C VAL I 2 24.71 10.91 46.66
N CYS I 3 23.73 10.54 45.84
CA CYS I 3 23.94 9.63 44.72
C CYS I 3 23.24 10.15 43.49
N HIS I 4 23.73 9.74 42.33
CA HIS I 4 22.99 9.95 41.10
C HIS I 4 21.76 9.07 41.06
N THR I 5 20.68 9.60 40.50
CA THR I 5 19.44 8.86 40.32
C THR I 5 18.90 9.10 38.92
N THR I 6 18.36 8.03 38.33
CA THR I 6 17.59 8.09 37.11
C THR I 6 16.09 8.21 37.36
N ALA I 7 15.66 8.29 38.61
CA ALA I 7 14.25 8.48 38.88
C ALA I 7 13.76 9.81 38.32
N THR I 8 14.61 10.82 38.33
CA THR I 8 14.34 12.08 37.66
C THR I 8 14.87 12.04 36.24
N SER I 9 14.28 12.85 35.38
CA SER I 9 14.79 13.06 34.03
C SER I 9 15.11 14.53 33.85
N PRO I 10 16.36 14.89 33.53
CA PRO I 10 17.55 14.03 33.38
C PRO I 10 18.06 13.45 34.70
N ILE I 11 19.12 12.66 34.63
CA ILE I 11 19.76 12.14 35.84
C ILE I 11 20.09 13.29 36.76
N SER I 12 19.88 13.09 38.06
CA SER I 12 20.13 14.17 39.00
C SER I 12 20.81 13.61 40.25
N ALA I 13 21.44 14.51 41.00
CA ALA I 13 22.05 14.15 42.28
C ALA I 13 21.05 14.38 43.39
N VAL I 14 20.87 13.38 44.24
CA VAL I 14 19.85 13.41 45.28
C VAL I 14 20.42 12.81 46.56
N THR I 15 20.04 13.39 47.69
CA THR I 15 20.38 12.81 48.98
C THR I 15 19.50 11.58 49.24
N CYS I 16 20.13 10.48 49.63
CA CYS I 16 19.39 9.24 49.81
C CYS I 16 18.41 9.37 50.97
N PRO I 17 17.30 8.63 50.93
CA PRO I 17 16.39 8.58 52.07
C PRO I 17 17.11 8.06 53.30
N PRO I 18 16.59 8.34 54.49
CA PRO I 18 17.24 7.84 55.72
C PRO I 18 17.29 6.33 55.76
N GLY I 19 18.39 5.80 56.27
CA GLY I 19 18.62 4.36 56.39
C GLY I 19 19.40 3.75 55.26
N GLU I 20 19.12 4.14 54.02
CA GLU I 20 19.87 3.65 52.87
C GLU I 20 21.17 4.42 52.74
N ASN I 21 22.25 3.71 52.42
CA ASN I 21 23.57 4.33 52.46
C ASN I 21 24.50 3.90 51.34
N LEU I 22 24.03 3.15 50.34
CA LEU I 22 24.85 2.73 49.22
C LEU I 22 24.31 3.32 47.93
N CYS I 23 25.16 4.02 47.18
CA CYS I 23 24.84 4.29 45.80
C CYS I 23 25.04 3.00 45.01
N TYR I 24 24.17 2.78 44.02
CA TYR I 24 24.31 1.62 43.16
C TYR I 24 24.01 1.99 41.71
N ARG I 25 24.58 1.19 40.82
CA ARG I 25 24.33 1.26 39.39
C ARG I 25 24.08 -0.13 38.84
N LYS I 26 23.02 -0.29 38.07
CA LYS I 26 22.65 -1.55 37.45
C LYS I 26 22.56 -1.37 35.94
N MET I 27 22.95 -2.39 35.19
CA MET I 27 22.92 -2.35 33.73
C MET I 27 22.56 -3.71 33.17
N TRP I 28 21.92 -3.70 32.00
CA TRP I 28 21.66 -4.93 31.25
C TRP I 28 21.33 -4.57 29.82
N CYS I 29 21.41 -5.57 28.94
CA CYS I 29 21.08 -5.36 27.54
C CYS I 29 19.59 -5.53 27.29
N ASP I 30 19.05 -4.68 26.42
CA ASP I 30 17.72 -4.82 25.85
C ASP I 30 17.83 -4.93 24.33
N ALA I 31 16.68 -4.84 23.66
CA ALA I 31 16.62 -5.00 22.21
C ALA I 31 17.52 -4.02 21.46
N PHE I 32 17.80 -2.86 22.04
CA PHE I 32 18.58 -1.82 21.40
C PHE I 32 20.02 -1.78 21.86
N CYS I 33 20.47 -2.79 22.62
CA CYS I 33 21.79 -2.76 23.24
C CYS I 33 22.90 -2.59 22.21
N SER I 34 22.67 -3.03 20.97
CA SER I 34 23.68 -2.95 19.93
C SER I 34 23.91 -1.52 19.45
N SER I 35 22.93 -0.64 19.57
CA SER I 35 23.05 0.74 19.12
C SER I 35 23.04 1.76 20.24
N ARG I 36 22.19 1.57 21.24
CA ARG I 36 22.10 2.49 22.36
C ARG I 36 23.00 2.12 23.53
N GLY I 37 23.60 0.95 23.50
CA GLY I 37 24.31 0.46 24.67
C GLY I 37 23.36 -0.10 25.71
N LYS I 38 23.95 -0.49 26.83
CA LYS I 38 23.18 -1.08 27.93
C LYS I 38 22.24 -0.07 28.56
N VAL I 39 21.15 -0.58 29.12
CA VAL I 39 20.33 0.19 30.05
C VAL I 39 21.19 0.60 31.25
N VAL I 40 20.87 1.76 31.83
CA VAL I 40 21.53 2.25 33.03
C VAL I 40 20.47 2.62 34.05
N GLU I 41 20.62 2.15 35.28
CA GLU I 41 19.78 2.55 36.39
C GLU I 41 20.68 2.96 37.54
N LEU I 42 20.41 4.12 38.12
CA LEU I 42 21.25 4.74 39.13
C LEU I 42 20.42 5.08 40.35
N GLY I 43 20.95 4.87 41.54
CA GLY I 43 20.17 5.31 42.69
C GLY I 43 20.74 4.90 44.04
N CYS I 44 19.85 4.83 45.03
CA CYS I 44 20.19 4.60 46.42
C CYS I 44 19.59 3.29 46.88
N ALA I 45 20.33 2.56 47.70
CA ALA I 45 19.86 1.32 48.29
C ALA I 45 20.48 1.15 49.67
N ALA I 46 19.78 0.42 50.54
CA ALA I 46 20.35 0.06 51.83
C ALA I 46 21.25 -1.17 51.75
N THR I 47 21.03 -2.03 50.77
CA THR I 47 21.86 -3.19 50.52
C THR I 47 21.98 -3.37 49.02
N CYS I 48 23.05 -4.01 48.59
CA CYS I 48 23.31 -4.13 47.16
C CYS I 48 22.22 -4.97 46.51
N PRO I 49 21.59 -4.49 45.44
CA PRO I 49 20.42 -5.19 44.88
C PRO I 49 20.77 -6.60 44.42
N SER I 50 19.79 -7.49 44.56
CA SER I 50 19.91 -8.83 44.00
C SER I 50 20.26 -8.75 42.52
N LYS I 51 21.10 -9.67 42.08
CA LYS I 51 21.52 -9.73 40.68
C LYS I 51 20.66 -10.75 39.94
N LYS I 52 19.94 -10.29 38.93
CA LYS I 52 19.33 -11.19 37.98
C LYS I 52 20.43 -11.87 37.17
N PRO I 53 20.16 -13.01 36.55
CA PRO I 53 21.23 -13.78 35.90
C PRO I 53 22.01 -12.98 34.87
N TYR I 54 21.37 -12.04 34.18
CA TYR I 54 22.02 -11.25 33.14
C TYR I 54 22.38 -9.83 33.56
N GLU I 55 21.96 -9.40 34.75
CA GLU I 55 22.22 -8.02 35.16
C GLU I 55 23.64 -7.84 35.68
N GLU I 56 24.15 -6.62 35.52
CA GLU I 56 25.41 -6.18 36.10
C GLU I 56 25.12 -5.15 37.18
N VAL I 57 25.66 -5.36 38.37
CA VAL I 57 25.37 -4.50 39.52
C VAL I 57 26.69 -4.05 40.16
N THR I 58 26.74 -2.78 40.54
CA THR I 58 27.85 -2.26 41.32
C THR I 58 27.30 -1.41 42.46
N CYS I 59 27.92 -1.52 43.63
CA CYS I 59 27.51 -0.77 44.81
C CYS I 59 28.73 -0.13 45.45
N CYS I 60 28.54 1.09 45.96
CA CYS I 60 29.62 1.85 46.57
C CYS I 60 29.02 2.81 47.59
N SER I 61 29.88 3.35 48.46
CA SER I 61 29.42 4.19 49.56
C SER I 61 29.87 5.65 49.45
N THR I 62 30.83 5.96 48.59
CA THR I 62 31.26 7.34 48.40
C THR I 62 30.12 8.16 47.78
N ASP I 63 30.18 9.48 47.96
CA ASP I 63 29.25 10.36 47.28
C ASP I 63 29.63 10.50 45.81
N LYS I 64 28.60 10.57 44.96
CA LYS I 64 28.73 10.65 43.50
C LYS I 64 29.41 9.42 42.91
N CYS I 65 29.56 8.34 43.69
CA CYS I 65 30.33 7.19 43.27
C CYS I 65 29.65 6.36 42.18
N ASN I 66 28.39 6.63 41.84
CA ASN I 66 27.75 5.91 40.75
C ASN I 66 27.37 6.83 39.58
N PRO I 67 28.35 7.43 38.90
CA PRO I 67 28.03 8.26 37.74
C PRO I 67 27.53 7.44 36.56
N HIS I 68 26.84 8.10 35.65
CA HIS I 68 26.49 7.49 34.39
C HIS I 68 27.77 7.11 33.63
N PRO I 69 27.79 5.97 32.94
CA PRO I 69 28.99 5.55 32.20
C PRO I 69 29.67 6.60 31.33
N LYS I 70 28.94 7.63 30.90
CA LYS I 70 29.54 8.74 30.16
C LYS I 70 29.65 10.00 31.01
N GLN I 71 29.79 9.84 32.32
CA GLN I 71 30.02 10.94 33.23
C GLN I 71 31.13 10.57 34.21
N ARG I 72 31.45 11.51 35.09
CA ARG I 72 32.52 11.35 36.05
C ARG I 72 32.01 11.80 37.42
N PRO I 73 32.59 11.27 38.51
CA PRO I 73 32.16 11.61 39.87
C PRO I 73 32.27 13.10 40.18
N ILE J 1 -0.23 -35.42 -53.80
CA ILE J 1 -1.26 -34.39 -53.72
C ILE J 1 -0.73 -33.20 -52.91
N VAL J 2 -1.22 -32.01 -53.23
CA VAL J 2 -0.86 -30.78 -52.53
C VAL J 2 -2.07 -30.32 -51.74
N CYS J 3 -1.88 -30.09 -50.44
CA CYS J 3 -2.97 -29.66 -49.57
C CYS J 3 -2.52 -28.46 -48.74
N HIS J 4 -3.48 -27.72 -48.23
CA HIS J 4 -3.18 -26.69 -47.25
C HIS J 4 -2.85 -27.32 -45.91
N THR J 5 -1.98 -26.65 -45.16
CA THR J 5 -1.60 -27.10 -43.83
C THR J 5 -1.44 -25.91 -42.91
N THR J 6 -1.83 -26.11 -41.65
CA THR J 6 -1.62 -25.15 -40.57
C THR J 6 -0.41 -25.49 -39.72
N ALA J 7 0.32 -26.57 -40.03
CA ALA J 7 1.53 -26.88 -39.29
C ALA J 7 2.57 -25.79 -39.44
N THR J 8 2.58 -25.10 -40.57
CA THR J 8 3.38 -23.90 -40.74
C THR J 8 2.55 -22.67 -40.39
N SER J 9 3.25 -21.58 -40.07
CA SER J 9 2.62 -20.28 -39.86
C SER J 9 3.21 -19.27 -40.83
N PRO J 10 2.40 -18.62 -41.68
CA PRO J 10 0.95 -18.79 -41.87
C PRO J 10 0.56 -20.11 -42.54
N ILE J 11 -0.73 -20.27 -42.84
CA ILE J 11 -1.21 -21.43 -43.59
C ILE J 11 -0.43 -21.52 -44.88
N SER J 12 0.02 -22.73 -45.23
CA SER J 12 0.81 -22.87 -46.44
C SER J 12 0.36 -24.10 -47.21
N ALA J 13 0.57 -24.06 -48.52
CA ALA J 13 0.29 -25.20 -49.38
C ALA J 13 1.53 -26.08 -49.47
N VAL J 14 1.37 -27.36 -49.15
CA VAL J 14 2.48 -28.29 -49.04
C VAL J 14 2.09 -29.59 -49.73
N THR J 15 3.04 -30.18 -50.46
CA THR J 15 2.85 -31.52 -50.98
C THR J 15 2.80 -32.52 -49.85
N CYS J 16 1.78 -33.38 -49.85
CA CYS J 16 1.59 -34.33 -48.77
C CYS J 16 2.72 -35.35 -48.74
N PRO J 17 2.93 -36.01 -47.60
CA PRO J 17 3.88 -37.12 -47.55
C PRO J 17 3.44 -38.23 -48.47
N PRO J 18 4.38 -39.04 -48.96
CA PRO J 18 4.01 -40.17 -49.81
C PRO J 18 3.07 -41.13 -49.09
N GLY J 19 2.02 -41.55 -49.81
CA GLY J 19 1.02 -42.44 -49.25
C GLY J 19 -0.23 -41.74 -48.79
N GLU J 20 -0.08 -40.61 -48.10
CA GLU J 20 -1.23 -39.81 -47.71
C GLU J 20 -1.80 -39.09 -48.93
N ASN J 21 -3.11 -39.15 -49.10
CA ASN J 21 -3.72 -38.70 -50.35
C ASN J 21 -4.96 -37.83 -50.20
N LEU J 22 -5.46 -37.60 -48.99
CA LEU J 22 -6.66 -36.80 -48.79
C LEU J 22 -6.34 -35.51 -48.04
N CYS J 23 -6.65 -34.37 -48.65
CA CYS J 23 -6.69 -33.15 -47.88
C CYS J 23 -7.85 -33.22 -46.90
N TYR J 24 -7.69 -32.58 -45.75
CA TYR J 24 -8.81 -32.48 -44.82
C TYR J 24 -8.79 -31.11 -44.14
N ARG J 25 -9.97 -30.72 -43.68
CA ARG J 25 -10.19 -29.55 -42.85
C ARG J 25 -11.07 -29.95 -41.68
N LYS J 26 -10.61 -29.63 -40.47
CA LYS J 26 -11.35 -29.88 -39.24
C LYS J 26 -11.63 -28.54 -38.56
N MET J 27 -12.82 -28.42 -37.97
CA MET J 27 -13.19 -27.22 -37.25
C MET J 27 -14.01 -27.58 -36.02
N TRP J 28 -13.89 -26.74 -34.99
CA TRP J 28 -14.72 -26.87 -33.80
C TRP J 28 -14.65 -25.56 -33.03
N CYS J 29 -15.62 -25.37 -32.14
CA CYS J 29 -15.61 -24.19 -31.28
C CYS J 29 -14.70 -24.38 -30.07
N ASP J 30 -14.14 -23.27 -29.61
CA ASP J 30 -13.37 -23.23 -28.38
C ASP J 30 -13.84 -22.11 -27.47
N ALA J 31 -13.05 -21.79 -26.45
CA ALA J 31 -13.42 -20.74 -25.49
C ALA J 31 -13.58 -19.38 -26.14
N PHE J 32 -13.02 -19.17 -27.34
CA PHE J 32 -13.10 -17.88 -28.02
C PHE J 32 -13.96 -17.94 -29.28
N CYS J 33 -14.77 -19.00 -29.45
CA CYS J 33 -15.55 -19.15 -30.67
C CYS J 33 -16.53 -18.00 -30.86
N SER J 34 -16.96 -17.37 -29.76
CA SER J 34 -17.94 -16.30 -29.86
C SER J 34 -17.45 -15.08 -30.62
N SER J 35 -16.14 -14.88 -30.71
CA SER J 35 -15.62 -13.67 -31.35
C SER J 35 -14.62 -13.99 -32.46
N ARG J 36 -13.89 -15.10 -32.33
CA ARG J 36 -12.89 -15.47 -33.31
C ARG J 36 -13.40 -16.44 -34.37
N GLY J 37 -14.61 -16.96 -34.22
CA GLY J 37 -15.07 -18.04 -35.08
C GLY J 37 -14.44 -19.37 -34.70
N LYS J 38 -14.77 -20.38 -35.49
CA LYS J 38 -14.29 -21.73 -35.22
C LYS J 38 -12.79 -21.86 -35.40
N VAL J 39 -12.19 -22.76 -34.61
CA VAL J 39 -10.84 -23.23 -34.89
C VAL J 39 -10.82 -23.85 -36.28
N VAL J 40 -9.70 -23.70 -36.99
CA VAL J 40 -9.50 -24.32 -38.29
C VAL J 40 -8.18 -25.06 -38.30
N GLU J 41 -8.22 -26.35 -38.62
CA GLU J 41 -7.03 -27.17 -38.79
C GLU J 41 -7.05 -27.75 -40.20
N LEU J 42 -5.97 -27.57 -40.93
CA LEU J 42 -5.87 -27.99 -42.33
C LEU J 42 -4.71 -28.95 -42.46
N GLY J 43 -4.88 -30.02 -43.24
CA GLY J 43 -3.74 -30.91 -43.42
C GLY J 43 -3.95 -32.02 -44.41
N CYS J 44 -3.05 -33.00 -44.32
CA CYS J 44 -3.02 -34.19 -45.17
C CYS J 44 -3.25 -35.42 -44.32
N ALA J 45 -3.98 -36.38 -44.86
CA ALA J 45 -4.23 -37.64 -44.17
C ALA J 45 -4.44 -38.74 -45.19
N ALA J 46 -4.03 -39.96 -44.81
CA ALA J 46 -4.33 -41.11 -45.64
C ALA J 46 -5.79 -41.51 -45.50
N THR J 47 -6.31 -41.49 -44.27
CA THR J 47 -7.70 -41.77 -43.98
C THR J 47 -8.33 -40.53 -43.35
N CYS J 48 -9.61 -40.33 -43.61
CA CYS J 48 -10.31 -39.15 -43.11
C CYS J 48 -10.33 -39.19 -41.58
N PRO J 49 -9.89 -38.13 -40.90
CA PRO J 49 -9.79 -38.16 -39.43
C PRO J 49 -11.12 -38.45 -38.76
N SER J 50 -11.06 -39.21 -37.66
CA SER J 50 -12.22 -39.46 -36.83
C SER J 50 -12.82 -38.15 -36.33
N LYS J 51 -14.12 -38.18 -36.06
CA LYS J 51 -14.84 -37.03 -35.54
C LYS J 51 -15.13 -37.20 -34.06
N LYS J 52 -14.61 -36.30 -33.23
CA LYS J 52 -15.14 -36.13 -31.90
C LYS J 52 -16.53 -35.51 -32.01
N PRO J 53 -17.36 -35.63 -30.96
CA PRO J 53 -18.76 -35.21 -31.10
C PRO J 53 -18.94 -33.76 -31.51
N TYR J 54 -18.05 -32.87 -31.07
CA TYR J 54 -18.14 -31.45 -31.41
C TYR J 54 -17.37 -31.06 -32.66
N GLU J 55 -16.61 -31.97 -33.26
CA GLU J 55 -15.77 -31.65 -34.40
C GLU J 55 -16.54 -31.80 -35.72
N GLU J 56 -16.15 -30.98 -36.69
CA GLU J 56 -16.64 -31.07 -38.06
C GLU J 56 -15.46 -31.31 -38.99
N VAL J 57 -15.55 -32.37 -39.79
CA VAL J 57 -14.46 -32.81 -40.65
C VAL J 57 -14.93 -32.87 -42.09
N THR J 58 -14.12 -32.35 -43.02
CA THR J 58 -14.38 -32.50 -44.44
C THR J 58 -13.09 -32.96 -45.13
N CYS J 59 -13.20 -34.03 -45.91
CA CYS J 59 -12.06 -34.65 -46.56
C CYS J 59 -12.29 -34.69 -48.07
N CYS J 60 -11.21 -34.51 -48.82
CA CYS J 60 -11.29 -34.40 -50.27
C CYS J 60 -9.99 -34.87 -50.90
N SER J 61 -10.05 -35.17 -52.19
CA SER J 61 -8.92 -35.78 -52.90
C SER J 61 -8.34 -34.89 -54.00
N THR J 62 -8.70 -33.62 -54.05
CA THR J 62 -8.20 -32.71 -55.06
C THR J 62 -7.05 -31.87 -54.49
N ASP J 63 -6.18 -31.40 -55.38
CA ASP J 63 -5.14 -30.46 -54.96
C ASP J 63 -5.76 -29.18 -54.40
N LYS J 64 -5.25 -28.74 -53.24
CA LYS J 64 -5.68 -27.52 -52.57
C LYS J 64 -7.19 -27.45 -52.39
N CYS J 65 -7.82 -28.59 -52.08
CA CYS J 65 -9.27 -28.65 -51.99
C CYS J 65 -9.80 -28.32 -50.60
N ASN J 66 -8.95 -27.97 -49.64
CA ASN J 66 -9.38 -27.64 -48.28
C ASN J 66 -8.89 -26.24 -47.90
N PRO J 67 -9.47 -25.21 -48.49
CA PRO J 67 -9.04 -23.85 -48.18
C PRO J 67 -9.53 -23.42 -46.80
N HIS J 68 -8.91 -22.35 -46.30
CA HIS J 68 -9.45 -21.69 -45.12
C HIS J 68 -10.84 -21.15 -45.44
N PRO J 69 -11.75 -21.14 -44.47
CA PRO J 69 -13.11 -20.64 -44.75
C PRO J 69 -13.17 -19.25 -45.38
N LYS J 70 -12.18 -18.40 -45.16
CA LYS J 70 -12.14 -17.10 -45.82
C LYS J 70 -11.49 -17.14 -47.19
N GLN J 71 -10.77 -18.20 -47.52
CA GLN J 71 -10.15 -18.33 -48.82
C GLN J 71 -11.10 -19.04 -49.79
N ARG J 72 -10.61 -19.37 -50.98
CA ARG J 72 -11.34 -20.17 -51.94
C ARG J 72 -10.33 -21.07 -52.65
N PRO J 73 -10.79 -22.23 -53.18
CA PRO J 73 -9.88 -23.20 -53.80
C PRO J 73 -9.11 -22.63 -54.98
N SER K 1 27.92 10.98 -10.70
CA SER K 1 27.21 11.19 -9.44
C SER K 1 25.84 11.77 -9.72
N GLU K 2 25.65 12.21 -10.95
CA GLU K 2 24.37 12.71 -11.41
C GLU K 2 24.00 12.18 -12.78
N HIS K 3 24.83 11.35 -13.41
CA HIS K 3 24.59 10.95 -14.78
C HIS K 3 23.47 9.93 -14.92
N GLU K 4 23.23 9.10 -13.90
CA GLU K 4 22.12 8.16 -13.98
C GLU K 4 20.77 8.88 -13.91
N THR K 5 20.69 9.94 -13.11
CA THR K 5 19.48 10.75 -13.11
C THR K 5 19.25 11.37 -14.47
N ARG K 6 20.33 11.87 -15.09
CA ARG K 6 20.24 12.40 -16.44
C ARG K 6 19.76 11.35 -17.41
N LEU K 7 20.27 10.13 -17.29
CA LEU K 7 19.91 9.08 -18.23
C LEU K 7 18.43 8.73 -18.12
N VAL K 8 17.94 8.56 -16.89
CA VAL K 8 16.52 8.22 -16.72
C VAL K 8 15.63 9.34 -17.24
N ALA K 9 16.01 10.59 -16.95
CA ALA K 9 15.23 11.72 -17.44
C ALA K 9 15.21 11.76 -18.97
N LYS K 10 16.36 11.51 -19.60
CA LYS K 10 16.41 11.51 -21.05
C LYS K 10 15.57 10.40 -21.65
N LEU K 11 15.60 9.21 -21.03
CA LEU K 11 14.86 8.08 -21.55
C LEU K 11 13.36 8.32 -21.50
N PHE K 12 12.86 8.76 -20.35
CA PHE K 12 11.42 8.77 -20.14
C PHE K 12 10.74 10.11 -20.39
N LYS K 13 11.46 11.11 -20.87
CA LYS K 13 10.87 12.41 -21.17
C LYS K 13 9.66 12.29 -22.09
N ASP K 14 9.78 11.47 -23.14
CA ASP K 14 8.72 11.35 -24.14
C ASP K 14 8.27 9.91 -24.32
N TYR K 15 8.52 9.06 -23.33
CA TYR K 15 8.16 7.66 -23.42
C TYR K 15 6.65 7.49 -23.34
N SER K 16 6.15 6.45 -23.99
CA SER K 16 4.76 6.05 -23.90
C SER K 16 4.69 4.56 -23.61
N SER K 17 4.01 4.20 -22.54
CA SER K 17 3.84 2.81 -22.17
C SER K 17 2.62 2.17 -22.81
N VAL K 18 1.93 2.89 -23.68
CA VAL K 18 0.74 2.35 -24.35
C VAL K 18 1.10 1.70 -25.67
N VAL K 19 1.93 2.35 -26.49
CA VAL K 19 2.28 1.79 -27.78
C VAL K 19 3.28 0.66 -27.61
N ARG K 20 3.25 -0.29 -28.54
CA ARG K 20 4.23 -1.37 -28.53
C ARG K 20 5.62 -0.82 -28.83
N PRO K 21 6.66 -1.37 -28.21
CA PRO K 21 8.01 -0.80 -28.29
C PRO K 21 8.79 -1.26 -29.52
N VAL K 22 8.22 -1.00 -30.70
CA VAL K 22 8.86 -1.37 -31.96
C VAL K 22 9.04 -0.13 -32.81
N GLU K 23 10.02 -0.18 -33.71
CA GLU K 23 10.28 0.95 -34.60
C GLU K 23 9.13 1.16 -35.57
N ASP K 24 8.56 0.09 -36.09
CA ASP K 24 7.48 0.13 -37.08
C ASP K 24 6.33 -0.72 -36.57
N HIS K 25 5.12 -0.20 -36.67
CA HIS K 25 3.98 -0.87 -36.06
C HIS K 25 3.70 -2.22 -36.70
N ARG K 26 4.15 -2.44 -37.93
CA ARG K 26 3.98 -3.74 -38.58
C ARG K 26 4.94 -4.80 -38.05
N GLN K 27 5.93 -4.41 -37.26
CA GLN K 27 6.83 -5.38 -36.65
C GLN K 27 6.16 -6.09 -35.47
N VAL K 28 6.74 -7.22 -35.10
CA VAL K 28 6.27 -8.03 -33.99
C VAL K 28 7.22 -7.87 -32.83
N VAL K 29 6.67 -7.69 -31.62
CA VAL K 29 7.48 -7.73 -30.41
C VAL K 29 7.79 -9.19 -30.09
N GLU K 30 9.08 -9.52 -30.03
CA GLU K 30 9.52 -10.86 -29.66
C GLU K 30 9.79 -10.89 -28.16
N VAL K 31 8.97 -11.65 -27.43
CA VAL K 31 9.12 -11.80 -25.98
C VAL K 31 9.59 -13.22 -25.71
N THR K 32 10.66 -13.34 -24.91
CA THR K 32 11.10 -14.63 -24.40
C THR K 32 10.54 -14.83 -23.01
N VAL K 33 9.87 -15.96 -22.80
CA VAL K 33 9.21 -16.26 -21.53
C VAL K 33 9.87 -17.48 -20.91
N GLY K 34 10.25 -17.36 -19.64
CA GLY K 34 10.82 -18.45 -18.89
C GLY K 34 10.15 -18.60 -17.54
N LEU K 35 9.46 -19.72 -17.35
CA LEU K 35 8.87 -20.03 -16.06
C LEU K 35 9.92 -20.67 -15.16
N GLN K 36 10.16 -20.07 -13.99
CA GLN K 36 10.93 -20.71 -12.94
C GLN K 36 9.97 -21.13 -11.86
N LEU K 37 10.01 -22.39 -11.47
CA LEU K 37 9.15 -22.92 -10.44
C LEU K 37 9.92 -22.96 -9.13
N ILE K 38 9.50 -22.14 -8.16
CA ILE K 38 10.18 -22.03 -6.89
C ILE K 38 9.65 -23.04 -5.89
N GLN K 39 8.33 -23.25 -5.86
CA GLN K 39 7.74 -24.15 -4.91
C GLN K 39 6.34 -24.55 -5.38
N LEU K 40 6.05 -25.84 -5.34
CA LEU K 40 4.69 -26.36 -5.49
C LEU K 40 3.98 -26.20 -4.15
N ILE K 41 3.22 -25.12 -4.00
CA ILE K 41 2.65 -24.79 -2.71
C ILE K 41 1.57 -25.79 -2.31
N ASN K 42 0.64 -26.07 -3.21
CA ASN K 42 -0.49 -26.92 -2.83
C ASN K 42 -1.08 -27.58 -4.05
N VAL K 43 -1.74 -28.72 -3.81
CA VAL K 43 -2.60 -29.37 -4.79
C VAL K 43 -3.92 -29.66 -4.11
N ASP K 44 -5.03 -29.32 -4.77
CA ASP K 44 -6.37 -29.46 -4.24
C ASP K 44 -7.16 -30.32 -5.21
N GLU K 45 -7.35 -31.58 -4.84
CA GLU K 45 -8.12 -32.48 -5.69
C GLU K 45 -9.60 -32.20 -5.63
N VAL K 46 -10.09 -31.63 -4.53
CA VAL K 46 -11.52 -31.38 -4.38
C VAL K 46 -11.96 -30.24 -5.29
N ASN K 47 -11.21 -29.14 -5.31
CA ASN K 47 -11.51 -28.04 -6.21
C ASN K 47 -10.66 -28.05 -7.47
N GLN K 48 -9.80 -29.05 -7.64
CA GLN K 48 -8.99 -29.19 -8.85
C GLN K 48 -8.15 -27.94 -9.11
N ILE K 49 -7.40 -27.51 -8.09
CA ILE K 49 -6.59 -26.29 -8.17
C ILE K 49 -5.18 -26.60 -7.74
N VAL K 50 -4.20 -26.16 -8.53
CA VAL K 50 -2.78 -26.33 -8.20
C VAL K 50 -2.20 -24.96 -7.93
N THR K 51 -1.66 -24.76 -6.73
CA THR K 51 -1.09 -23.50 -6.30
C THR K 51 0.41 -23.60 -6.30
N THR K 52 1.07 -22.71 -7.04
CA THR K 52 2.52 -22.75 -7.20
C THR K 52 3.11 -21.36 -7.04
N ASN K 53 4.35 -21.34 -6.56
CA ASN K 53 5.15 -20.14 -6.45
C ASN K 53 6.09 -20.10 -7.64
N VAL K 54 6.05 -19.02 -8.43
CA VAL K 54 6.83 -18.96 -9.66
C VAL K 54 7.53 -17.62 -9.77
N ARG K 55 8.58 -17.60 -10.58
CA ARG K 55 9.17 -16.38 -11.11
C ARG K 55 8.96 -16.41 -12.62
N LEU K 56 8.28 -15.39 -13.14
CA LEU K 56 7.95 -15.40 -14.57
C LEU K 56 8.90 -14.46 -15.30
N LYS K 57 10.07 -14.98 -15.64
CA LYS K 57 11.06 -14.19 -16.35
C LYS K 57 10.58 -13.86 -17.75
N GLN K 58 10.61 -12.59 -18.09
CA GLN K 58 10.23 -12.10 -19.41
C GLN K 58 11.35 -11.22 -19.94
N GLN K 59 11.75 -11.44 -21.18
CA GLN K 59 12.82 -10.68 -21.78
C GLN K 59 12.38 -10.15 -23.13
N TRP K 60 12.61 -8.87 -23.37
CA TRP K 60 12.28 -8.31 -24.68
C TRP K 60 13.11 -7.07 -24.88
N VAL K 61 13.21 -6.63 -26.12
CA VAL K 61 13.94 -5.42 -26.45
C VAL K 61 12.95 -4.29 -26.66
N ASP K 62 13.09 -3.23 -25.87
CA ASP K 62 12.37 -1.99 -26.09
C ASP K 62 13.22 -1.12 -27.01
N TYR K 63 12.71 -0.85 -28.19
CA TYR K 63 13.47 -0.09 -29.18
C TYR K 63 13.84 1.31 -28.69
N ASN K 64 12.99 1.94 -27.90
CA ASN K 64 13.20 3.33 -27.50
C ASN K 64 14.07 3.49 -26.28
N LEU K 65 14.45 2.41 -25.60
CA LEU K 65 15.22 2.51 -24.36
C LEU K 65 16.70 2.19 -24.55
N LYS K 66 17.25 2.42 -25.73
CA LYS K 66 18.68 2.33 -25.96
C LYS K 66 19.38 3.60 -25.48
N TRP K 67 20.63 3.45 -25.05
CA TRP K 67 21.51 4.60 -24.85
C TRP K 67 22.95 4.22 -25.18
N ASN K 68 23.77 5.24 -25.36
CA ASN K 68 25.20 5.05 -25.61
C ASN K 68 25.94 5.12 -24.29
N PRO K 69 26.64 4.07 -23.88
CA PRO K 69 27.29 4.09 -22.56
C PRO K 69 28.30 5.21 -22.38
N ASP K 70 29.00 5.61 -23.44
CA ASP K 70 30.01 6.65 -23.31
C ASP K 70 29.41 8.01 -23.01
N ASP K 71 28.13 8.23 -23.33
CA ASP K 71 27.47 9.46 -22.93
C ASP K 71 27.22 9.51 -21.45
N TYR K 72 27.27 8.37 -20.75
CA TYR K 72 26.87 8.31 -19.36
C TYR K 72 27.93 7.60 -18.53
N GLY K 73 29.20 7.82 -18.84
CA GLY K 73 30.27 7.34 -18.00
C GLY K 73 30.44 5.85 -17.93
N GLY K 74 30.01 5.12 -18.94
CA GLY K 74 30.13 3.67 -18.92
C GLY K 74 29.05 2.95 -18.18
N VAL K 75 27.95 3.61 -17.81
CA VAL K 75 26.79 2.96 -17.25
C VAL K 75 26.17 2.05 -18.29
N LYS K 76 26.21 0.74 -18.05
CA LYS K 76 25.68 -0.22 -19.00
C LYS K 76 24.35 -0.83 -18.59
N LYS K 77 23.90 -0.63 -17.36
CA LYS K 77 22.60 -1.13 -16.95
C LYS K 77 22.04 -0.28 -15.83
N ILE K 78 20.71 -0.21 -15.77
CA ILE K 78 20.00 0.52 -14.73
C ILE K 78 18.79 -0.29 -14.31
N HIS K 79 18.19 0.10 -13.19
CA HIS K 79 16.98 -0.53 -12.67
C HIS K 79 15.82 0.45 -12.74
N ILE K 80 14.73 0.03 -13.36
CA ILE K 80 13.58 0.92 -13.61
C ILE K 80 12.32 0.31 -13.00
N PRO K 81 11.41 1.12 -12.44
CA PRO K 81 10.11 0.58 -12.04
C PRO K 81 9.35 0.07 -13.25
N SER K 82 8.84 -1.16 -13.15
CA SER K 82 8.17 -1.78 -14.29
C SER K 82 6.86 -1.11 -14.63
N GLU K 83 6.27 -0.33 -13.73
CA GLU K 83 5.06 0.41 -14.07
C GLU K 83 5.32 1.51 -15.09
N LYS K 84 6.57 1.96 -15.24
CA LYS K 84 6.87 3.03 -16.16
C LYS K 84 6.79 2.59 -17.62
N ILE K 85 7.15 1.34 -17.90
CA ILE K 85 7.40 0.89 -19.26
C ILE K 85 6.21 0.08 -19.77
N TRP K 86 6.18 -0.09 -21.09
CA TRP K 86 5.29 -1.06 -21.71
C TRP K 86 5.68 -2.46 -21.29
N ARG K 87 4.69 -3.32 -21.09
CA ARG K 87 4.91 -4.70 -20.71
C ARG K 87 3.96 -5.60 -21.47
N PRO K 88 4.40 -6.80 -21.82
CA PRO K 88 3.46 -7.80 -22.34
C PRO K 88 2.50 -8.25 -21.25
N ASP K 89 1.23 -8.36 -21.62
CA ASP K 89 0.17 -8.69 -20.67
C ASP K 89 -0.05 -10.19 -20.56
N LEU K 90 0.97 -10.93 -20.13
CA LEU K 90 0.80 -12.37 -19.97
C LEU K 90 -0.27 -12.68 -18.94
N VAL K 91 -1.18 -13.56 -19.32
CA VAL K 91 -2.29 -14.00 -18.48
C VAL K 91 -2.23 -15.52 -18.40
N LEU K 92 -2.49 -16.04 -17.20
CA LEU K 92 -2.68 -17.47 -16.96
C LEU K 92 -4.08 -17.85 -17.42
N TYR K 93 -4.17 -18.47 -18.59
CA TYR K 93 -5.47 -18.73 -19.21
C TYR K 93 -6.31 -19.67 -18.38
N ASN K 94 -5.69 -20.68 -17.77
CA ASN K 94 -6.42 -21.65 -16.96
C ASN K 94 -6.38 -21.31 -15.48
N ASN K 95 -6.45 -20.02 -15.16
CA ASN K 95 -6.58 -19.59 -13.78
C ASN K 95 -7.80 -20.24 -13.13
N ALA K 96 -7.61 -20.75 -11.91
CA ALA K 96 -8.75 -21.25 -11.16
C ALA K 96 -9.45 -20.13 -10.42
N ASP K 97 -8.83 -19.62 -9.36
CA ASP K 97 -9.42 -18.54 -8.56
C ASP K 97 -8.38 -17.55 -8.06
N GLY K 98 -7.21 -17.49 -8.69
CA GLY K 98 -6.17 -16.57 -8.31
C GLY K 98 -6.16 -15.33 -9.17
N ASP K 99 -5.00 -14.67 -9.20
CA ASP K 99 -4.79 -13.57 -10.12
C ASP K 99 -4.56 -14.09 -11.54
N PHE K 100 -5.20 -13.43 -12.51
CA PHE K 100 -4.96 -13.77 -13.91
C PHE K 100 -3.59 -13.30 -14.38
N ALA K 101 -3.16 -12.12 -13.95
CA ALA K 101 -1.92 -11.52 -14.41
C ALA K 101 -0.97 -11.31 -13.24
N ILE K 102 0.21 -10.77 -13.56
CA ILE K 102 1.16 -10.38 -12.54
C ILE K 102 0.63 -9.19 -11.75
N VAL K 103 0.84 -9.22 -10.44
CA VAL K 103 0.45 -8.10 -9.58
C VAL K 103 1.60 -7.55 -8.75
N LYS K 104 2.71 -8.27 -8.58
CA LYS K 104 3.91 -7.73 -7.93
C LYS K 104 4.77 -7.06 -8.99
N PHE K 105 4.63 -5.75 -9.12
CA PHE K 105 5.37 -4.98 -10.12
C PHE K 105 6.74 -4.59 -9.56
N THR K 106 7.66 -5.55 -9.60
CA THR K 106 9.05 -5.32 -9.24
C THR K 106 9.74 -4.47 -10.32
N LYS K 107 10.99 -4.14 -10.07
CA LYS K 107 11.79 -3.39 -11.05
C LYS K 107 12.30 -4.30 -12.17
N VAL K 108 12.43 -3.70 -13.34
CA VAL K 108 13.10 -4.34 -14.47
C VAL K 108 14.55 -3.92 -14.49
N LEU K 109 15.39 -4.79 -15.04
CA LEU K 109 16.78 -4.50 -15.33
C LEU K 109 16.91 -4.13 -16.79
N LEU K 110 17.33 -2.91 -17.08
CA LEU K 110 17.40 -2.38 -18.42
C LEU K 110 18.86 -2.21 -18.81
N GLN K 111 19.23 -2.80 -19.95
CA GLN K 111 20.59 -2.68 -20.48
C GLN K 111 20.64 -1.68 -21.62
N TYR K 112 21.84 -1.19 -21.89
CA TYR K 112 22.02 -0.13 -22.89
C TYR K 112 21.57 -0.55 -24.28
N THR K 113 21.52 -1.85 -24.56
CA THR K 113 21.00 -2.37 -25.82
C THR K 113 19.50 -2.26 -25.93
N GLY K 114 18.81 -1.76 -24.91
CA GLY K 114 17.38 -1.77 -24.88
C GLY K 114 16.78 -3.06 -24.39
N HIS K 115 17.60 -4.04 -24.06
CA HIS K 115 17.13 -5.33 -23.58
C HIS K 115 16.61 -5.19 -22.15
N ILE K 116 15.36 -5.60 -21.94
CA ILE K 116 14.70 -5.57 -20.64
C ILE K 116 14.54 -7.00 -20.16
N THR K 117 14.94 -7.24 -18.92
CA THR K 117 14.66 -8.45 -18.17
C THR K 117 13.76 -8.11 -17.00
N TRP K 118 12.61 -8.76 -16.92
CA TRP K 118 11.67 -8.57 -15.81
C TRP K 118 11.37 -9.93 -15.21
N THR K 119 11.54 -10.08 -13.91
CA THR K 119 11.36 -11.38 -13.25
C THR K 119 10.40 -11.25 -12.08
N PRO K 120 9.13 -10.95 -12.34
CA PRO K 120 8.18 -10.79 -11.26
C PRO K 120 7.88 -12.11 -10.58
N PRO K 121 7.70 -12.09 -9.27
CA PRO K 121 7.15 -13.25 -8.58
C PRO K 121 5.64 -13.33 -8.78
N ALA K 122 5.13 -14.56 -8.75
CA ALA K 122 3.70 -14.75 -8.82
C ALA K 122 3.32 -16.00 -8.04
N ILE K 123 2.07 -16.03 -7.60
CA ILE K 123 1.44 -17.25 -7.11
C ILE K 123 0.33 -17.61 -8.07
N PHE K 124 0.47 -18.75 -8.74
CA PHE K 124 -0.48 -19.20 -9.74
C PHE K 124 -1.38 -20.28 -9.16
N LYS K 125 -2.68 -20.10 -9.29
CA LYS K 125 -3.65 -21.15 -8.94
C LYS K 125 -4.28 -21.64 -10.25
N SER K 126 -3.60 -22.57 -10.89
CA SER K 126 -4.07 -23.07 -12.18
C SER K 126 -5.12 -24.16 -11.98
N TYR K 127 -6.03 -24.24 -12.93
CA TYR K 127 -7.04 -25.28 -12.95
C TYR K 127 -6.47 -26.54 -13.57
N CYS K 128 -6.57 -27.67 -12.87
CA CYS K 128 -5.99 -28.92 -13.33
C CYS K 128 -7.02 -30.03 -13.18
N GLU K 129 -7.19 -30.83 -14.22
CA GLU K 129 -8.11 -31.97 -14.19
C GLU K 129 -7.50 -33.11 -13.37
N ILE K 130 -7.79 -33.09 -12.06
CA ILE K 130 -7.32 -34.13 -11.17
C ILE K 130 -8.01 -35.45 -11.50
N ILE K 131 -7.23 -36.51 -11.60
CA ILE K 131 -7.74 -37.88 -11.81
C ILE K 131 -7.56 -38.65 -10.51
N VAL K 132 -8.68 -39.14 -9.94
CA VAL K 132 -8.69 -39.72 -8.61
C VAL K 132 -8.84 -41.23 -8.61
N THR K 133 -8.92 -41.88 -9.77
CA THR K 133 -9.22 -43.31 -9.81
C THR K 133 -8.16 -44.13 -9.05
N HIS K 134 -6.89 -43.89 -9.34
CA HIS K 134 -5.80 -44.65 -8.74
C HIS K 134 -5.38 -44.13 -7.37
N PHE K 135 -6.13 -43.20 -6.80
CA PHE K 135 -5.74 -42.56 -5.55
C PHE K 135 -5.46 -43.62 -4.48
N PRO K 136 -4.36 -43.47 -3.71
CA PRO K 136 -3.41 -42.35 -3.65
C PRO K 136 -2.19 -42.45 -4.57
N PHE K 137 -2.03 -43.52 -5.36
CA PHE K 137 -0.78 -43.72 -6.09
C PHE K 137 -0.79 -42.99 -7.42
N ASP K 138 -1.54 -41.90 -7.51
CA ASP K 138 -1.83 -41.28 -8.80
C ASP K 138 -0.71 -40.35 -9.23
N GLU K 139 -0.61 -40.18 -10.55
CA GLU K 139 0.23 -39.17 -11.18
C GLU K 139 -0.67 -38.12 -11.81
N GLN K 140 -0.36 -36.84 -11.58
CA GLN K 140 -1.12 -35.74 -12.15
C GLN K 140 -0.28 -34.99 -13.15
N ASN K 141 -0.81 -34.82 -14.34
CA ASN K 141 -0.22 -33.96 -15.37
C ASN K 141 -0.92 -32.61 -15.28
N CYS K 142 -0.27 -31.64 -14.66
CA CYS K 142 -0.90 -30.33 -14.49
C CYS K 142 -0.16 -29.28 -15.30
N SER K 143 -0.92 -28.30 -15.80
CA SER K 143 -0.42 -27.42 -16.83
C SER K 143 -0.71 -25.97 -16.48
N MET K 144 0.06 -25.08 -17.09
CA MET K 144 -0.07 -23.65 -16.94
C MET K 144 -0.02 -23.08 -18.35
N LYS K 145 -1.18 -22.66 -18.85
CA LYS K 145 -1.30 -22.07 -20.17
C LYS K 145 -1.15 -20.56 -20.05
N LEU K 146 -0.07 -20.02 -20.57
CA LEU K 146 0.25 -18.60 -20.48
C LEU K 146 0.18 -17.97 -21.86
N GLY K 147 -0.35 -16.75 -21.94
CA GLY K 147 -0.31 -16.04 -23.20
C GLY K 147 -0.74 -14.60 -23.05
N THR K 148 -0.40 -13.81 -24.06
CA THR K 148 -0.90 -12.43 -24.08
C THR K 148 -2.42 -12.43 -24.27
N TRP K 149 -3.10 -11.69 -23.41
CA TRP K 149 -4.56 -11.70 -23.40
C TRP K 149 -5.13 -10.95 -24.60
N THR K 150 -4.60 -9.77 -24.89
CA THR K 150 -5.20 -8.88 -25.87
C THR K 150 -4.41 -8.78 -27.16
N TYR K 151 -3.10 -8.91 -27.11
CA TYR K 151 -2.29 -8.96 -28.32
C TYR K 151 -2.36 -10.35 -28.93
N ASP K 152 -2.49 -10.39 -30.26
CA ASP K 152 -2.44 -11.64 -31.00
C ASP K 152 -1.05 -11.84 -31.59
N GLY K 153 -0.86 -13.01 -32.21
CA GLY K 153 0.47 -13.41 -32.64
C GLY K 153 1.08 -12.56 -33.73
N SER K 154 0.31 -11.67 -34.35
CA SER K 154 0.83 -10.78 -35.37
C SER K 154 1.41 -9.49 -34.80
N VAL K 155 1.30 -9.25 -33.49
CA VAL K 155 1.81 -8.00 -32.94
C VAL K 155 2.75 -8.27 -31.77
N VAL K 156 2.53 -9.37 -31.05
CA VAL K 156 3.43 -9.81 -30.00
C VAL K 156 3.63 -11.32 -30.15
N ALA K 157 4.87 -11.74 -30.34
CA ALA K 157 5.22 -13.16 -30.39
C ALA K 157 5.96 -13.53 -29.12
N ILE K 158 5.55 -14.63 -28.50
CA ILE K 158 6.19 -15.14 -27.30
C ILE K 158 6.90 -16.44 -27.65
N ASN K 159 8.12 -16.59 -27.16
CA ASN K 159 8.96 -17.75 -27.44
C ASN K 159 9.42 -18.33 -26.12
N PRO K 160 9.35 -19.64 -25.92
CA PRO K 160 9.82 -20.23 -24.67
C PRO K 160 11.34 -20.14 -24.56
N GLU K 161 11.80 -19.77 -23.36
CA GLU K 161 13.23 -19.62 -23.14
C GLU K 161 13.96 -20.94 -23.31
N SER K 162 13.34 -22.04 -22.88
CA SER K 162 13.96 -23.35 -22.97
C SER K 162 12.86 -24.39 -23.09
N ASP K 163 13.27 -25.60 -23.49
CA ASP K 163 12.32 -26.70 -23.60
C ASP K 163 11.68 -27.03 -22.27
N GLN K 164 12.36 -26.76 -21.16
CA GLN K 164 11.84 -27.14 -19.86
C GLN K 164 11.77 -25.95 -18.92
N PRO K 165 10.84 -25.96 -17.97
CA PRO K 165 10.86 -24.98 -16.89
C PRO K 165 12.15 -25.06 -16.07
N ASP K 166 12.52 -23.94 -15.47
CA ASP K 166 13.71 -23.86 -14.64
C ASP K 166 13.39 -24.38 -13.24
N LEU K 167 13.95 -25.54 -12.88
CA LEU K 167 13.76 -26.14 -11.58
C LEU K 167 14.97 -26.01 -10.67
N SER K 168 15.94 -25.17 -11.03
CA SER K 168 17.18 -25.08 -10.26
C SER K 168 16.93 -24.57 -8.84
N ASN K 169 16.00 -23.64 -8.67
CA ASN K 169 15.67 -23.09 -7.36
C ASN K 169 14.49 -23.79 -6.70
N PHE K 170 14.02 -24.89 -7.26
CA PHE K 170 12.81 -25.53 -6.79
C PHE K 170 13.01 -26.11 -5.38
N MET K 171 12.21 -25.65 -4.43
CA MET K 171 12.17 -26.26 -3.12
C MET K 171 11.41 -27.57 -3.18
N GLU K 172 12.02 -28.64 -2.67
CA GLU K 172 11.41 -29.96 -2.77
C GLU K 172 10.12 -30.02 -1.96
N SER K 173 9.09 -30.61 -2.55
CA SER K 173 7.79 -30.72 -1.90
C SER K 173 7.73 -31.92 -0.99
N GLY K 174 6.88 -31.84 0.02
CA GLY K 174 6.69 -32.94 0.94
C GLY K 174 5.69 -33.99 0.52
N GLU K 175 4.96 -33.78 -0.58
CA GLU K 175 3.92 -34.72 -0.96
C GLU K 175 3.90 -35.05 -2.44
N TRP K 176 4.56 -34.29 -3.30
CA TRP K 176 4.56 -34.55 -4.73
C TRP K 176 5.98 -34.45 -5.26
N VAL K 177 6.33 -35.36 -6.16
CA VAL K 177 7.62 -35.36 -6.84
C VAL K 177 7.37 -35.06 -8.31
N ILE K 178 8.08 -34.06 -8.84
CA ILE K 178 7.95 -33.68 -10.24
C ILE K 178 8.75 -34.67 -11.09
N LYS K 179 8.04 -35.53 -11.81
CA LYS K 179 8.69 -36.56 -12.61
C LYS K 179 9.31 -35.99 -13.87
N GLU K 180 8.68 -34.99 -14.47
CA GLU K 180 9.19 -34.35 -15.67
C GLU K 180 8.44 -33.03 -15.86
N SER K 181 9.00 -32.18 -16.70
CA SER K 181 8.35 -30.91 -17.01
C SER K 181 8.73 -30.53 -18.43
N ARG K 182 7.90 -29.70 -19.04
CA ARG K 182 8.12 -29.38 -20.44
C ARG K 182 7.21 -28.24 -20.85
N GLY K 183 7.76 -27.28 -21.59
CA GLY K 183 6.97 -26.21 -22.18
C GLY K 183 6.83 -26.43 -23.67
N TRP K 184 5.60 -26.26 -24.16
CA TRP K 184 5.31 -26.32 -25.60
C TRP K 184 4.62 -25.04 -26.03
N LYS K 185 5.17 -24.39 -27.05
CA LYS K 185 4.48 -23.28 -27.71
C LYS K 185 3.49 -23.82 -28.74
N HIS K 186 2.28 -23.27 -28.72
CA HIS K 186 1.23 -23.62 -29.66
C HIS K 186 0.77 -22.36 -30.40
N SER K 187 0.42 -22.55 -31.67
CA SER K 187 -0.19 -21.51 -32.49
C SER K 187 -1.49 -22.05 -33.05
N VAL K 188 -2.56 -21.29 -32.89
CA VAL K 188 -3.91 -21.71 -33.24
C VAL K 188 -4.48 -20.75 -34.26
N THR K 189 -5.30 -21.28 -35.16
CA THR K 189 -5.94 -20.51 -36.22
C THR K 189 -7.45 -20.56 -36.01
N TYR K 190 -8.12 -19.47 -36.34
CA TYR K 190 -9.56 -19.36 -36.18
C TYR K 190 -10.18 -18.90 -37.50
N SER K 191 -11.48 -19.17 -37.66
CA SER K 191 -12.14 -18.89 -38.93
C SER K 191 -12.37 -17.41 -39.19
N CYS K 192 -12.19 -16.55 -38.19
CA CYS K 192 -12.25 -15.11 -38.46
C CYS K 192 -11.11 -14.65 -39.33
N CYS K 193 -9.96 -15.28 -39.19
CA CYS K 193 -8.69 -14.62 -39.47
C CYS K 193 -7.73 -15.66 -40.01
N PRO K 194 -7.60 -15.77 -41.33
CA PRO K 194 -6.61 -16.71 -41.88
C PRO K 194 -5.17 -16.33 -41.57
N ASP K 195 -4.90 -15.04 -41.38
CA ASP K 195 -3.53 -14.55 -41.30
C ASP K 195 -2.96 -14.56 -39.88
N THR K 196 -3.75 -14.20 -38.88
CA THR K 196 -3.21 -13.94 -37.55
C THR K 196 -3.27 -15.19 -36.70
N PRO K 197 -2.13 -15.77 -36.32
CA PRO K 197 -2.16 -16.86 -35.34
C PRO K 197 -2.38 -16.33 -33.93
N TYR K 198 -2.89 -17.19 -33.07
CA TYR K 198 -2.91 -16.93 -31.64
C TYR K 198 -1.94 -17.86 -30.94
N LEU K 199 -1.08 -17.30 -30.10
CA LEU K 199 0.05 -18.03 -29.56
C LEU K 199 -0.14 -18.22 -28.06
N ASP K 200 0.23 -19.39 -27.57
CA ASP K 200 0.31 -19.63 -26.15
C ASP K 200 1.50 -20.52 -25.86
N ILE K 201 1.98 -20.47 -24.62
CA ILE K 201 2.96 -21.42 -24.14
C ILE K 201 2.32 -22.19 -23.01
N THR K 202 2.21 -23.49 -23.17
CA THR K 202 1.70 -24.35 -22.11
C THR K 202 2.88 -25.06 -21.48
N TYR K 203 3.18 -24.70 -20.23
CA TYR K 203 4.07 -25.50 -19.43
C TYR K 203 3.29 -26.61 -18.78
N HIS K 204 3.94 -27.75 -18.59
CA HIS K 204 3.28 -28.82 -17.84
C HIS K 204 4.31 -29.53 -16.98
N PHE K 205 3.81 -30.09 -15.89
CA PHE K 205 4.60 -30.81 -14.91
C PHE K 205 3.85 -32.10 -14.60
N VAL K 206 4.57 -33.22 -14.69
CA VAL K 206 4.03 -34.50 -14.24
C VAL K 206 4.49 -34.73 -12.82
N MET K 207 3.56 -34.63 -11.88
CA MET K 207 3.82 -34.76 -10.46
C MET K 207 3.34 -36.13 -10.01
N GLN K 208 4.17 -36.82 -9.23
CA GLN K 208 3.74 -38.10 -8.66
C GLN K 208 3.56 -37.95 -7.16
N ARG K 209 2.42 -38.41 -6.65
CA ARG K 209 2.15 -38.36 -5.22
C ARG K 209 3.04 -39.32 -4.45
N LEU K 210 3.47 -38.89 -3.28
CA LEU K 210 4.08 -39.81 -2.33
C LEU K 210 2.99 -40.46 -1.50
N PRO K 211 2.76 -41.77 -1.65
CA PRO K 211 1.57 -42.39 -1.06
C PRO K 211 1.70 -42.74 0.42
N LEU K 212 2.89 -42.62 1.01
CA LEU K 212 3.15 -43.21 2.32
C LEU K 212 2.18 -42.71 3.39
N TYR K 213 1.87 -41.41 3.39
CA TYR K 213 0.95 -40.87 4.38
C TYR K 213 -0.41 -41.56 4.32
N PHE K 214 -0.94 -41.73 3.11
CA PHE K 214 -2.25 -42.34 2.97
C PHE K 214 -2.21 -43.83 3.20
N ILE K 215 -1.07 -44.47 2.93
CA ILE K 215 -0.90 -45.88 3.30
C ILE K 215 -0.98 -46.03 4.82
N VAL K 216 -0.26 -45.18 5.56
CA VAL K 216 -0.24 -45.27 7.01
C VAL K 216 -1.64 -44.98 7.58
N ASN K 217 -2.19 -43.82 7.25
CA ASN K 217 -3.35 -43.32 7.97
C ASN K 217 -4.67 -43.88 7.49
N VAL K 218 -4.73 -44.54 6.34
CA VAL K 218 -6.02 -44.97 5.79
C VAL K 218 -6.02 -46.46 5.51
N ILE K 219 -5.00 -46.95 4.81
CA ILE K 219 -5.00 -48.32 4.35
C ILE K 219 -4.88 -49.29 5.53
N ILE K 220 -3.97 -49.03 6.45
CA ILE K 220 -3.76 -49.94 7.57
C ILE K 220 -4.99 -50.08 8.46
N PRO K 221 -5.66 -49.01 8.90
CA PRO K 221 -6.89 -49.20 9.68
C PRO K 221 -7.94 -50.05 8.98
N CYS K 222 -8.14 -49.84 7.68
CA CYS K 222 -9.11 -50.64 6.94
C CYS K 222 -8.68 -52.10 6.87
N LEU K 223 -7.37 -52.34 6.68
CA LEU K 223 -6.86 -53.71 6.69
C LEU K 223 -7.12 -54.38 8.03
N LEU K 224 -6.87 -53.66 9.12
CA LEU K 224 -7.09 -54.21 10.45
C LEU K 224 -8.55 -54.54 10.69
N PHE K 225 -9.45 -53.63 10.29
CA PHE K 225 -10.88 -53.89 10.44
C PHE K 225 -11.31 -55.09 9.62
N SER K 226 -10.79 -55.23 8.40
CA SER K 226 -11.07 -56.42 7.60
C SER K 226 -10.57 -57.68 8.29
N PHE K 227 -9.37 -57.62 8.86
CA PHE K 227 -8.81 -58.78 9.55
C PHE K 227 -9.69 -59.19 10.73
N LEU K 228 -10.15 -58.22 11.51
CA LEU K 228 -11.04 -58.53 12.62
C LEU K 228 -12.36 -59.11 12.14
N THR K 229 -12.90 -58.56 11.05
CA THR K 229 -14.14 -59.07 10.48
C THR K 229 -13.98 -60.50 9.97
N GLY K 230 -12.78 -60.86 9.55
CA GLY K 230 -12.49 -62.24 9.20
C GLY K 230 -12.39 -63.12 10.43
N LEU K 231 -11.65 -62.64 11.44
CA LEU K 231 -11.42 -63.41 12.66
C LEU K 231 -12.71 -63.73 13.40
N VAL K 232 -13.73 -62.87 13.27
CA VAL K 232 -14.97 -63.08 14.02
C VAL K 232 -15.61 -64.44 13.74
N PHE K 233 -15.24 -65.10 12.63
CA PHE K 233 -15.83 -66.40 12.31
C PHE K 233 -15.15 -67.56 13.02
N TYR K 234 -13.90 -67.40 13.47
CA TYR K 234 -13.25 -68.44 14.26
C TYR K 234 -13.72 -68.43 15.70
N LEU K 235 -14.29 -67.33 16.14
CA LEU K 235 -14.83 -67.20 17.49
C LEU K 235 -16.02 -68.12 17.68
N PRO K 236 -16.05 -68.94 18.74
CA PRO K 236 -17.19 -69.85 18.93
C PRO K 236 -18.49 -69.11 19.21
N THR K 237 -19.59 -69.76 18.84
CA THR K 237 -20.91 -69.23 19.19
C THR K 237 -21.12 -69.20 20.69
N ASP K 238 -20.68 -70.23 21.39
CA ASP K 238 -20.87 -70.32 22.84
C ASP K 238 -20.12 -69.24 23.61
N SER K 239 -19.16 -68.57 22.98
CA SER K 239 -18.49 -67.46 23.64
C SER K 239 -19.44 -66.29 23.87
N GLY K 240 -20.41 -66.09 22.98
CA GLY K 240 -21.27 -64.93 23.02
C GLY K 240 -20.62 -63.63 22.58
N GLU K 241 -19.33 -63.64 22.24
CA GLU K 241 -18.64 -62.43 21.84
C GLU K 241 -18.86 -62.08 20.37
N LYS K 242 -19.41 -63.03 19.58
CA LYS K 242 -19.58 -62.83 18.14
C LYS K 242 -20.27 -61.51 17.83
N MET K 243 -21.49 -61.35 18.34
CA MET K 243 -22.28 -60.17 18.03
C MET K 243 -21.60 -58.90 18.54
N THR K 244 -21.11 -58.94 19.78
CA THR K 244 -20.37 -57.80 20.32
C THR K 244 -19.16 -57.47 19.44
N LEU K 245 -18.44 -58.50 18.98
CA LEU K 245 -17.27 -58.27 18.14
C LEU K 245 -17.66 -57.57 16.84
N SER K 246 -18.64 -58.13 16.13
CA SER K 246 -19.03 -57.55 14.84
C SER K 246 -19.58 -56.14 15.00
N ILE K 247 -20.38 -55.91 16.06
CA ILE K 247 -20.92 -54.59 16.29
C ILE K 247 -19.82 -53.59 16.62
N SER K 248 -18.84 -53.99 17.45
CA SER K 248 -17.74 -53.10 17.78
C SER K 248 -16.92 -52.76 16.54
N VAL K 249 -16.68 -53.76 15.67
CA VAL K 249 -15.93 -53.49 14.45
C VAL K 249 -16.71 -52.54 13.54
N LEU K 250 -18.03 -52.74 13.43
CA LEU K 250 -18.85 -51.83 12.64
C LEU K 250 -18.78 -50.41 13.20
N LEU K 251 -18.88 -50.26 14.52
CA LEU K 251 -18.80 -48.94 15.14
C LEU K 251 -17.44 -48.30 14.91
N SER K 252 -16.36 -49.08 15.03
CA SER K 252 -15.03 -48.53 14.81
C SER K 252 -14.87 -48.07 13.36
N LEU K 253 -15.36 -48.87 12.41
CA LEU K 253 -15.31 -48.47 11.01
C LEU K 253 -16.13 -47.21 10.76
N THR K 254 -17.30 -47.11 11.39
CA THR K 254 -18.13 -45.92 11.22
C THR K 254 -17.44 -44.68 11.80
N VAL K 255 -16.79 -44.82 12.95
CA VAL K 255 -16.04 -43.71 13.54
C VAL K 255 -14.88 -43.31 12.63
N PHE K 256 -14.15 -44.30 12.11
CA PHE K 256 -13.04 -44.00 11.21
C PHE K 256 -13.53 -43.40 9.90
N LEU K 257 -14.78 -43.65 9.53
CA LEU K 257 -15.35 -43.01 8.35
C LEU K 257 -15.34 -41.48 8.48
N LEU K 258 -15.44 -40.97 9.71
CA LEU K 258 -15.32 -39.53 9.91
C LEU K 258 -13.93 -39.01 9.56
N VAL K 259 -12.92 -39.88 9.65
CA VAL K 259 -11.58 -39.53 9.17
C VAL K 259 -11.51 -39.70 7.65
N ILE K 260 -12.08 -40.80 7.16
CA ILE K 260 -12.00 -41.14 5.74
C ILE K 260 -12.61 -40.04 4.89
N VAL K 261 -13.81 -39.57 5.26
CA VAL K 261 -14.48 -38.54 4.49
C VAL K 261 -13.72 -37.22 4.53
N GLU K 262 -12.90 -37.00 5.56
CA GLU K 262 -12.04 -35.83 5.58
C GLU K 262 -10.83 -36.01 4.68
N LEU K 263 -10.26 -37.21 4.64
CA LEU K 263 -9.05 -37.44 3.86
C LEU K 263 -9.35 -37.68 2.38
N ILE K 264 -10.39 -38.45 2.09
CA ILE K 264 -10.73 -38.74 0.69
C ILE K 264 -11.36 -37.50 0.06
N PRO K 265 -10.97 -37.14 -1.18
CA PRO K 265 -11.62 -36.02 -1.86
C PRO K 265 -13.07 -36.35 -2.19
N SER K 266 -13.95 -35.38 -1.93
CA SER K 266 -15.39 -35.46 -2.20
C SER K 266 -15.74 -35.34 -3.69
N THR K 267 -14.78 -35.35 -4.61
CA THR K 267 -15.10 -35.27 -6.04
C THR K 267 -15.94 -36.46 -6.47
N SER K 268 -17.09 -36.18 -7.07
CA SER K 268 -17.95 -37.21 -7.64
C SER K 268 -17.58 -37.56 -9.07
N SER K 269 -16.47 -37.01 -9.58
CA SER K 269 -16.04 -37.33 -10.94
C SER K 269 -15.75 -38.82 -11.10
N ALA K 270 -15.08 -39.42 -10.12
CA ALA K 270 -14.86 -40.86 -10.12
C ALA K 270 -14.69 -41.33 -8.68
N VAL K 271 -14.97 -42.61 -8.47
CA VAL K 271 -14.78 -43.22 -7.15
C VAL K 271 -13.30 -43.50 -6.92
N PRO K 272 -12.71 -42.96 -5.85
CA PRO K 272 -11.31 -43.26 -5.55
C PRO K 272 -11.12 -44.72 -5.18
N LEU K 273 -9.94 -45.25 -5.51
CA LEU K 273 -9.64 -46.65 -5.19
C LEU K 273 -9.73 -46.90 -3.70
N ILE K 274 -9.23 -45.96 -2.89
CA ILE K 274 -9.35 -46.07 -1.44
C ILE K 274 -10.81 -45.98 -1.02
N GLY K 275 -11.61 -45.17 -1.71
CA GLY K 275 -13.04 -45.13 -1.41
C GLY K 275 -13.74 -46.43 -1.76
N LYS K 276 -13.35 -47.04 -2.88
CA LYS K 276 -13.89 -48.35 -3.22
C LYS K 276 -13.50 -49.39 -2.17
N TYR K 277 -12.26 -49.34 -1.69
CA TYR K 277 -11.83 -50.27 -0.65
C TYR K 277 -12.61 -50.04 0.65
N MET K 278 -12.87 -48.77 1.00
CA MET K 278 -13.68 -48.47 2.17
C MET K 278 -15.09 -49.06 2.03
N LEU K 279 -15.72 -48.85 0.87
CA LEU K 279 -17.05 -49.40 0.66
C LEU K 279 -17.03 -50.92 0.70
N PHE K 280 -15.99 -51.54 0.13
CA PHE K 280 -15.85 -52.99 0.20
C PHE K 280 -15.76 -53.46 1.65
N THR K 281 -14.97 -52.77 2.47
CA THR K 281 -14.87 -53.12 3.88
C THR K 281 -16.22 -52.98 4.59
N MET K 282 -16.95 -51.90 4.29
CA MET K 282 -18.26 -51.69 4.89
C MET K 282 -19.21 -52.83 4.52
N VAL K 283 -19.29 -53.16 3.24
CA VAL K 283 -20.17 -54.23 2.78
C VAL K 283 -19.75 -55.57 3.39
N PHE K 284 -18.45 -55.79 3.52
CA PHE K 284 -17.95 -57.02 4.13
C PHE K 284 -18.39 -57.14 5.58
N VAL K 285 -18.27 -56.04 6.33
CA VAL K 285 -18.71 -56.04 7.73
C VAL K 285 -20.21 -56.30 7.81
N ILE K 286 -20.98 -55.62 6.96
CA ILE K 286 -22.44 -55.79 6.97
C ILE K 286 -22.81 -57.24 6.69
N ALA K 287 -22.20 -57.82 5.65
CA ALA K 287 -22.48 -59.21 5.31
C ALA K 287 -22.05 -60.14 6.44
N SER K 288 -20.92 -59.86 7.08
CA SER K 288 -20.49 -60.67 8.21
C SER K 288 -21.49 -60.63 9.35
N ILE K 289 -22.06 -59.45 9.62
CA ILE K 289 -23.07 -59.34 10.67
C ILE K 289 -24.31 -60.15 10.31
N ILE K 290 -24.77 -60.01 9.06
CA ILE K 290 -25.96 -60.75 8.63
C ILE K 290 -25.72 -62.26 8.76
N ILE K 291 -24.56 -62.71 8.30
CA ILE K 291 -24.25 -64.14 8.34
C ILE K 291 -24.09 -64.63 9.77
N THR K 292 -23.51 -63.80 10.64
CA THR K 292 -23.42 -64.15 12.05
C THR K 292 -24.81 -64.33 12.65
N VAL K 293 -25.73 -63.43 12.32
CA VAL K 293 -27.11 -63.58 12.80
C VAL K 293 -27.72 -64.88 12.28
N ILE K 294 -27.50 -65.18 11.01
CA ILE K 294 -28.04 -66.42 10.43
C ILE K 294 -27.49 -67.64 11.15
N VAL K 295 -26.17 -67.65 11.39
CA VAL K 295 -25.54 -68.80 12.04
C VAL K 295 -26.00 -68.93 13.49
N ILE K 296 -26.14 -67.80 14.19
CA ILE K 296 -26.63 -67.85 15.57
C ILE K 296 -28.03 -68.44 15.61
N ASN K 297 -28.91 -67.98 14.71
CA ASN K 297 -30.26 -68.54 14.66
C ASN K 297 -30.24 -70.02 14.31
N THR K 298 -29.32 -70.42 13.42
CA THR K 298 -29.19 -71.83 13.05
C THR K 298 -28.79 -72.69 14.26
N HIS K 299 -27.81 -72.23 15.02
CA HIS K 299 -27.33 -73.00 16.17
C HIS K 299 -28.39 -73.15 17.25
N HIS K 300 -29.26 -72.16 17.40
CA HIS K 300 -30.33 -72.23 18.39
C HIS K 300 -31.52 -73.06 17.93
N ARG K 301 -31.52 -73.53 16.69
CA ARG K 301 -32.59 -74.39 16.19
C ARG K 301 -32.60 -75.73 16.91
N TRP K 399 -28.12 -79.65 14.07
CA TRP K 399 -28.00 -78.32 13.50
C TRP K 399 -26.76 -77.61 14.04
N LYS K 400 -26.31 -78.04 15.23
CA LYS K 400 -25.10 -77.47 15.82
C LYS K 400 -23.88 -77.81 14.96
N TYR K 401 -23.76 -79.07 14.55
CA TYR K 401 -22.64 -79.47 13.69
C TYR K 401 -22.72 -78.78 12.34
N VAL K 402 -23.93 -78.63 11.80
CA VAL K 402 -24.11 -77.90 10.54
C VAL K 402 -23.64 -76.45 10.71
N ALA K 403 -24.02 -75.81 11.82
CA ALA K 403 -23.59 -74.44 12.06
C ALA K 403 -22.07 -74.35 12.22
N MET K 404 -21.46 -75.34 12.86
CA MET K 404 -20.00 -75.33 13.02
C MET K 404 -19.29 -75.51 11.67
N VAL K 405 -19.80 -76.40 10.83
CA VAL K 405 -19.22 -76.58 9.50
C VAL K 405 -19.38 -75.32 8.66
N MET K 406 -20.55 -74.68 8.77
CA MET K 406 -20.76 -73.41 8.09
C MET K 406 -19.77 -72.35 8.59
N ASP K 407 -19.56 -72.29 9.90
CA ASP K 407 -18.58 -71.36 10.45
C ASP K 407 -17.19 -71.62 9.89
N HIS K 408 -16.77 -72.89 9.85
CA HIS K 408 -15.44 -73.22 9.35
C HIS K 408 -15.29 -72.87 7.88
N ILE K 409 -16.33 -73.09 7.08
CA ILE K 409 -16.26 -72.73 5.67
C ILE K 409 -16.23 -71.22 5.49
N LEU K 410 -17.11 -70.51 6.20
CA LEU K 410 -17.22 -69.07 6.07
C LEU K 410 -15.98 -68.35 6.58
N LEU K 411 -15.27 -68.93 7.55
CA LEU K 411 -14.01 -68.35 7.99
C LEU K 411 -13.01 -68.27 6.84
N GLY K 412 -12.81 -69.39 6.16
CA GLY K 412 -11.94 -69.40 5.01
C GLY K 412 -12.43 -68.48 3.91
N VAL K 413 -13.74 -68.52 3.65
CA VAL K 413 -14.32 -67.66 2.61
C VAL K 413 -14.04 -66.19 2.91
N PHE K 414 -14.29 -65.78 4.16
CA PHE K 414 -14.12 -64.39 4.54
C PHE K 414 -12.65 -63.96 4.47
N MET K 415 -11.74 -64.80 4.97
CA MET K 415 -10.33 -64.43 4.93
C MET K 415 -9.81 -64.39 3.50
N LEU K 416 -10.26 -65.31 2.65
CA LEU K 416 -9.87 -65.29 1.25
C LEU K 416 -10.43 -64.06 0.55
N VAL K 417 -11.68 -63.69 0.83
CA VAL K 417 -12.25 -62.49 0.24
C VAL K 417 -11.49 -61.25 0.70
N CYS K 418 -11.11 -61.20 1.97
CA CYS K 418 -10.34 -60.06 2.48
C CYS K 418 -9.01 -59.94 1.74
N ILE K 419 -8.26 -61.05 1.66
CA ILE K 419 -6.95 -61.00 1.00
C ILE K 419 -7.10 -60.69 -0.47
N ILE K 420 -8.09 -61.29 -1.13
CA ILE K 420 -8.31 -61.07 -2.56
C ILE K 420 -8.65 -59.62 -2.81
N GLY K 421 -9.54 -59.04 -2.00
CA GLY K 421 -9.88 -57.63 -2.17
C GLY K 421 -8.70 -56.71 -1.95
N THR K 422 -7.92 -56.99 -0.91
CA THR K 422 -6.74 -56.15 -0.63
C THR K 422 -5.75 -56.22 -1.79
N LEU K 423 -5.50 -57.42 -2.31
CA LEU K 423 -4.58 -57.55 -3.44
C LEU K 423 -5.14 -56.89 -4.69
N ALA K 424 -6.42 -57.15 -5.02
CA ALA K 424 -7.02 -56.57 -6.20
C ALA K 424 -7.05 -55.05 -6.12
N VAL K 425 -7.05 -54.49 -4.91
CA VAL K 425 -7.00 -53.04 -4.76
C VAL K 425 -5.58 -52.52 -4.95
N PHE K 426 -4.62 -53.05 -4.19
CA PHE K 426 -3.30 -52.42 -4.12
C PHE K 426 -2.32 -52.91 -5.18
N ALA K 427 -2.34 -54.19 -5.53
CA ALA K 427 -1.32 -54.77 -6.38
C ALA K 427 -1.33 -54.15 -7.77
N GLY K 428 -2.50 -53.88 -8.34
CA GLY K 428 -2.55 -53.30 -9.67
C GLY K 428 -1.87 -51.95 -9.76
N ARG K 429 -2.17 -51.07 -8.80
CA ARG K 429 -1.53 -49.76 -8.78
C ARG K 429 -0.05 -49.85 -8.46
N LEU K 430 0.32 -50.78 -7.56
CA LEU K 430 1.73 -50.96 -7.24
C LEU K 430 2.52 -51.46 -8.45
N ILE K 431 1.93 -52.38 -9.23
CA ILE K 431 2.59 -52.88 -10.43
C ILE K 431 2.68 -51.79 -11.49
N GLU K 432 1.62 -51.01 -11.65
CA GLU K 432 1.68 -49.88 -12.58
C GLU K 432 2.79 -48.91 -12.21
N LEU K 433 2.90 -48.57 -10.92
CA LEU K 433 3.99 -47.71 -10.49
C LEU K 433 5.34 -48.41 -10.60
N ASN K 434 5.39 -49.71 -10.29
CA ASN K 434 6.62 -50.48 -10.43
C ASN K 434 6.97 -50.71 -11.89
C1 NAG L . 0.31 -5.70 35.46
C2 NAG L . 0.53 -5.27 36.91
C3 NAG L . 1.10 -3.86 36.91
C4 NAG L . 2.30 -3.72 35.98
C5 NAG L . 1.94 -4.29 34.62
C6 NAG L . 3.10 -4.26 33.65
C7 NAG L . -1.24 -6.30 38.33
C8 NAG L . -0.42 -7.56 38.44
N2 NAG L . -0.71 -5.28 37.62
O3 NAG L . 1.43 -3.58 38.24
O4 NAG L . 2.57 -2.35 35.80
O5 NAG L . 1.54 -5.63 34.78
O6 NAG L . 2.60 -4.26 32.34
O7 NAG L . -2.31 -6.21 38.89
C1 NAG L . 3.52 -1.84 36.75
C2 NAG L . 4.30 -0.71 36.09
C3 NAG L . 5.19 -0.05 37.13
C4 NAG L . 4.38 0.39 38.34
C5 NAG L . 3.61 -0.80 38.89
C6 NAG L . 2.67 -0.40 39.99
C7 NAG L . 4.78 -1.17 33.72
C8 NAG L . 5.81 -1.77 32.78
N2 NAG L . 5.11 -1.21 35.02
O3 NAG L . 5.77 1.07 36.53
O4 NAG L . 5.32 0.80 39.29
O5 NAG L . 2.82 -1.36 37.87
O6 NAG L . 1.75 -1.45 40.21
O7 NAG L . 3.76 -0.68 33.29
C1 BMA L . 5.14 2.21 39.56
C2 BMA L . 5.96 2.50 40.81
C3 BMA L . 5.93 4.01 41.08
C4 BMA L . 6.37 4.81 39.84
C5 BMA L . 5.58 4.39 38.61
C6 BMA L . 6.11 5.02 37.33
O2 BMA L . 7.26 2.01 40.60
O3 BMA L . 6.79 4.22 42.17
O4 BMA L . 6.14 6.16 40.14
O5 BMA L . 5.60 2.98 38.47
O6 BMA L . 7.49 4.76 37.30
C1 MAN L . 8.09 5.58 36.27
C2 MAN L . 9.55 5.15 36.14
C3 MAN L . 10.40 5.55 37.34
C4 MAN L . 10.20 7.03 37.68
C5 MAN L . 8.70 7.29 37.83
C6 MAN L . 8.38 8.75 38.10
O2 MAN L . 10.01 5.75 34.95
O3 MAN L . 11.73 5.28 37.00
O4 MAN L . 10.87 7.28 38.89
O5 MAN L . 8.02 6.93 36.64
O6 MAN L . 8.93 9.53 37.08
C1 MAN L . 12.39 4.62 38.09
C2 MAN L . 13.89 4.69 37.84
C3 MAN L . 14.22 3.95 36.57
C4 MAN L . 13.85 2.49 36.80
C5 MAN L . 12.35 2.42 37.09
C6 MAN L . 11.92 1.02 37.47
O2 MAN L . 14.51 4.06 38.92
O3 MAN L . 15.59 4.12 36.32
O4 MAN L . 14.19 1.78 35.63
O5 MAN L . 12.01 3.26 38.18
O6 MAN L . 10.54 1.03 37.69
C1 MAN L . 14.73 5.02 39.96
C2 MAN L . 16.16 4.81 40.46
C3 MAN L . 16.28 3.38 40.99
C4 MAN L . 15.25 3.16 42.09
C5 MAN L . 13.85 3.49 41.55
C6 MAN L . 12.78 3.41 42.61
O2 MAN L . 16.39 5.76 41.47
O3 MAN L . 17.60 3.19 41.42
O4 MAN L . 15.36 1.80 42.48
O5 MAN L . 13.85 4.80 41.03
O6 MAN L . 11.54 3.22 41.96
C1 MAN L . 8.15 10.75 36.98
C2 MAN L . 8.56 11.45 35.68
C3 MAN L . 9.96 12.02 35.78
C4 MAN L . 10.08 12.90 37.00
C5 MAN L . 9.71 12.07 38.23
C6 MAN L . 9.76 12.89 39.50
O2 MAN L . 7.60 12.45 35.45
O3 MAN L . 10.22 12.72 34.59
O4 MAN L . 11.40 13.38 37.07
O5 MAN L . 8.39 11.58 38.08
O6 MAN L . 9.15 12.16 40.53
C1 MAN L . 6.18 3.74 43.38
C2 MAN L . 6.19 4.87 44.40
C3 MAN L . 7.64 5.30 44.59
C4 MAN L . 8.44 4.11 45.10
C5 MAN L . 8.28 2.94 44.15
C6 MAN L . 8.89 1.67 44.71
O2 MAN L . 5.65 4.33 45.57
O3 MAN L . 7.65 6.38 45.49
O4 MAN L . 9.79 4.54 45.19
O5 MAN L . 6.91 2.67 43.91
O6 MAN L . 9.05 0.74 43.67
C1 MAN L . 4.72 5.25 46.19
C2 MAN L . 3.31 4.72 45.94
C3 MAN L . 2.32 5.87 45.76
C4 MAN L . 2.68 7.06 46.64
C5 MAN L . 4.10 7.54 46.32
C6 MAN L . 4.87 7.87 47.58
O2 MAN L . 2.98 3.92 47.04
O3 MAN L . 1.04 5.37 46.06
O4 MAN L . 1.72 8.07 46.39
O5 MAN L . 4.83 6.54 45.64
O6 MAN L . 3.97 8.41 48.54
C1 NAG M . -33.70 -3.28 20.83
C2 NAG M . -34.96 -2.97 21.62
C3 NAG M . -35.13 -1.46 21.72
C4 NAG M . -33.89 -0.90 22.39
C5 NAG M . -32.65 -1.31 21.60
C6 NAG M . -31.37 -0.85 22.25
C7 NAG M . -36.78 -4.58 21.60
C8 NAG M . -37.92 -5.15 20.81
N2 NAG M . -36.09 -3.61 20.99
O3 NAG M . -36.28 -1.20 22.47
O4 NAG M . -34.02 0.50 22.40
O5 NAG M . -32.60 -2.73 21.50
O6 NAG M . -30.28 -1.45 21.60
O7 NAG M . -36.53 -4.98 22.74
C1 NAG M . -34.29 0.98 23.73
C2 NAG M . -33.82 2.44 23.83
C3 NAG M . -34.11 2.94 25.23
C4 NAG M . -35.60 2.80 25.50
C5 NAG M . -35.99 1.33 25.33
C6 NAG M . -37.46 1.09 25.57
C7 NAG M . -31.98 2.89 22.27
C8 NAG M . -30.47 2.97 22.13
N2 NAG M . -32.43 2.56 23.51
O3 NAG M . -33.69 4.28 25.31
O4 NAG M . -35.88 3.26 26.81
O5 NAG M . -35.66 0.92 24.03
O6 NAG M . -38.21 1.83 24.64
O7 NAG M . -32.71 3.13 21.33
C1 BMA M . -36.55 4.54 26.74
C2 BMA M . -37.98 4.33 27.22
C3 BMA M . -38.70 5.70 27.26
C4 BMA M . -37.90 6.69 28.11
C5 BMA M . -36.45 6.78 27.65
C6 BMA M . -35.59 7.66 28.54
O2 BMA M . -37.95 3.73 28.49
O3 BMA M . -39.99 5.48 27.74
O4 BMA M . -38.55 7.95 28.01
O5 BMA M . -35.89 5.48 27.57
O6 BMA M . -35.58 7.07 29.82
C1 NAG N . -34.53 -19.76 -11.66
C2 NAG N . -35.86 -20.24 -12.23
C3 NAG N . -36.50 -19.13 -13.04
C4 NAG N . -36.63 -17.88 -12.20
C5 NAG N . -35.26 -17.50 -11.68
C6 NAG N . -35.29 -16.28 -10.79
C7 NAG N . -35.89 -22.66 -12.77
C8 NAG N . -36.42 -22.89 -11.37
N2 NAG N . -35.67 -21.37 -13.08
O3 NAG N . -37.76 -19.60 -13.44
O4 NAG N . -37.08 -16.87 -13.08
O5 NAG N . -34.73 -18.57 -10.94
O6 NAG N . -34.02 -15.67 -10.78
O7 NAG N . -35.71 -23.57 -13.55
C1 NAG N . -38.46 -16.56 -12.82
C2 NAG N . -38.68 -15.10 -13.18
C3 NAG N . -40.13 -14.74 -12.93
C4 NAG N . -41.00 -15.66 -13.78
C5 NAG N . -40.69 -17.10 -13.40
C6 NAG N . -41.46 -18.11 -14.21
C7 NAG N . -36.71 -13.65 -13.00
C8 NAG N . -36.49 -13.93 -14.46
N2 NAG N . -37.79 -14.23 -12.46
O3 NAG N . -40.29 -13.39 -13.27
O4 NAG N . -42.35 -15.36 -13.51
O5 NAG N . -39.31 -17.36 -13.60
O6 NAG N . -40.98 -18.09 -15.53
O7 NAG N . -35.97 -12.92 -12.38
C1 BMA N . -42.93 -14.62 -14.60
C2 BMA N . -44.38 -14.39 -14.22
C3 BMA N . -45.06 -13.47 -15.26
C4 BMA N . -44.25 -12.17 -15.44
C5 BMA N . -42.78 -12.47 -15.72
C6 BMA N . -41.91 -11.22 -15.69
O2 BMA N . -44.40 -13.83 -12.95
O3 BMA N . -46.34 -13.23 -14.76
O4 BMA N . -44.82 -11.45 -16.51
O5 BMA N . -42.27 -13.39 -14.77
O6 BMA N . -42.49 -10.24 -16.52
C1 MAN N . -41.98 -8.95 -16.11
C2 MAN N . -42.50 -8.66 -14.70
C3 MAN N . -44.01 -8.52 -14.73
C4 MAN N . -44.42 -7.42 -15.69
C5 MAN N . -43.81 -7.72 -17.08
C6 MAN N . -44.05 -6.60 -18.06
O2 MAN N . -41.87 -7.48 -14.26
O3 MAN N . -44.45 -8.28 -13.41
O4 MAN N . -45.83 -7.39 -15.73
O5 MAN N . -42.41 -7.92 -16.97
O6 MAN N . -43.74 -7.05 -19.36
C1 MAN N . -45.17 -9.45 -12.97
C2 MAN N . -46.66 -9.10 -12.99
C3 MAN N . -46.94 -8.03 -11.93
C4 MAN N . -46.46 -8.50 -10.57
C5 MAN N . -44.97 -8.87 -10.66
C6 MAN N . -44.47 -9.48 -9.37
O2 MAN N . -47.36 -10.29 -12.73
O3 MAN N . -48.33 -7.77 -11.95
O4 MAN N . -46.69 -7.45 -9.66
O5 MAN N . -44.77 -9.83 -11.68
O6 MAN N . -45.49 -10.27 -8.79
C1 MAN N . -47.30 -13.98 -15.52
C2 MAN N . -48.64 -13.25 -15.39
C3 MAN N . -49.11 -13.31 -13.94
C4 MAN N . -49.19 -14.75 -13.46
C5 MAN N . -47.84 -15.43 -13.69
C6 MAN N . -47.92 -16.92 -13.39
O2 MAN N . -49.54 -13.88 -16.27
O3 MAN N . -50.36 -12.65 -13.88
O4 MAN N . -49.54 -14.71 -12.09
O5 MAN N . -47.43 -15.29 -15.04
O6 MAN N . -46.64 -17.39 -13.08
C1 NAG O . 31.33 13.96 5.20
C2 NAG O . 32.42 13.01 4.72
C3 NAG O . 33.67 13.20 5.57
C4 NAG O . 34.09 14.66 5.51
C5 NAG O . 32.93 15.54 5.96
C6 NAG O . 33.23 17.02 5.84
C7 NAG O . 31.37 11.01 3.75
C8 NAG O . 30.96 9.58 4.01
N2 NAG O . 31.95 11.64 4.78
O3 NAG O . 34.65 12.34 5.05
O4 NAG O . 35.19 14.82 6.38
O5 NAG O . 31.80 15.29 5.15
O6 NAG O . 33.46 17.35 4.50
O7 NAG O . 31.19 11.52 2.66
C1 NAG O . 36.39 14.95 5.59
C2 NAG O . 37.41 15.78 6.36
C3 NAG O . 38.71 15.88 5.55
C4 NAG O . 39.20 14.48 5.23
C5 NAG O . 38.10 13.69 4.51
C6 NAG O . 38.50 12.26 4.21
C7 NAG O . 36.20 17.43 7.73
C8 NAG O . 35.76 18.87 7.81
N2 NAG O . 36.91 17.11 6.64
O3 NAG O . 39.65 16.59 6.31
O4 NAG O . 40.36 14.60 4.43
O5 NAG O . 36.94 13.67 5.30
O6 NAG O . 38.60 11.54 5.41
O7 NAG O . 35.92 16.63 8.61
C1 NAG P . 20.09 -26.06 9.35
C2 NAG P . 21.36 -26.88 9.49
C3 NAG P . 22.49 -26.24 8.71
C4 NAG P . 22.07 -25.97 7.27
C5 NAG P . 20.79 -25.14 7.26
C6 NAG P . 20.22 -24.91 5.88
C7 NAG P . 21.34 -27.86 11.73
C8 NAG P . 21.85 -27.69 13.13
N2 NAG P . 21.74 -26.91 10.87
O3 NAG P . 23.57 -27.14 8.73
O4 NAG P . 23.15 -25.26 6.70
O5 NAG P . 19.80 -25.80 8.00
O6 NAG P . 19.73 -26.12 5.37
O7 NAG P . 20.63 -28.79 11.43
C1 NAG P . 23.57 -25.90 5.49
C2 NAG P . 24.86 -25.22 5.01
C3 NAG P . 25.33 -25.89 3.74
C4 NAG P . 25.50 -27.39 3.98
C5 NAG P . 24.18 -27.96 4.49
C6 NAG P . 24.28 -29.44 4.79
C7 NAG P . 24.79 -22.88 5.75
C8 NAG P . 24.51 -21.47 5.29
N2 NAG P . 24.65 -23.83 4.80
O3 NAG P . 26.55 -25.29 3.38
O4 NAG P . 25.84 -27.99 2.75
O5 NAG P . 23.80 -27.28 5.67
O6 NAG P . 23.00 -29.97 5.04
O7 NAG P . 25.13 -23.12 6.90
C1 BMA P . 27.24 -28.38 2.73
C2 BMA P . 27.88 -27.74 1.49
C3 BMA P . 29.38 -28.14 1.49
C4 BMA P . 30.03 -27.69 2.80
C5 BMA P . 29.28 -28.25 4.00
C6 BMA P . 29.83 -27.76 5.33
O2 BMA P . 27.61 -26.36 1.63
O3 BMA P . 30.11 -27.73 0.33
O4 BMA P . 31.37 -28.13 2.78
O5 BMA P . 27.90 -27.93 3.90
O6 BMA P . 31.19 -28.11 5.39
C1 MAN P . 29.66 -26.56 -0.38
C2 MAN P . 30.40 -26.50 -1.72
C3 MAN P . 31.88 -26.26 -1.48
C4 MAN P . 32.08 -24.98 -0.68
C5 MAN P . 31.28 -25.09 0.63
C6 MAN P . 31.31 -23.80 1.41
O2 MAN P . 29.81 -25.47 -2.47
O3 MAN P . 32.52 -26.20 -2.74
O4 MAN P . 33.46 -24.84 -0.45
O5 MAN P . 29.93 -25.40 0.36
O6 MAN P . 30.27 -22.97 0.96
C1 NAG Q . 0.80 -33.68 -20.14
C2 NAG Q . 1.37 -34.55 -21.24
C3 NAG Q . 1.92 -33.64 -22.31
C4 NAG Q . 0.83 -32.73 -22.83
C5 NAG Q . 0.26 -31.97 -21.64
C6 NAG Q . -0.88 -31.05 -22.00
C7 NAG Q . 2.32 -36.62 -20.22
C8 NAG Q . 0.95 -37.25 -20.22
N2 NAG Q . 2.43 -35.39 -20.72
O3 NAG Q . 2.45 -34.47 -23.31
O4 NAG Q . 1.40 -31.77 -23.69
O5 NAG Q . -0.22 -32.88 -20.68
O6 NAG Q . -0.47 -29.73 -21.85
O7 NAG Q . 3.29 -37.24 -19.79
C1 NAG Q . 1.41 -32.19 -25.06
C2 NAG Q . 1.37 -30.93 -25.93
C3 NAG Q . 1.57 -31.31 -27.38
C4 NAG Q . 2.81 -32.15 -27.57
C5 NAG Q . 2.76 -33.35 -26.64
C6 NAG Q . 4.03 -34.15 -26.68
C7 NAG Q . -0.19 -29.31 -24.90
C8 NAG Q . -1.60 -28.79 -24.94
N2 NAG Q . 0.09 -30.28 -25.78
O3 NAG Q . 1.68 -30.11 -28.09
O4 NAG Q . 2.78 -32.60 -28.89
O5 NAG Q . 2.58 -32.92 -25.31
O6 NAG Q . 4.11 -34.94 -25.51
O7 NAG Q . 0.64 -28.85 -24.12
C1 BMA Q . 3.83 -32.03 -29.68
C2 BMA Q . 3.80 -32.78 -31.01
C3 BMA Q . 4.88 -32.17 -31.92
C4 BMA Q . 4.63 -30.68 -32.08
C5 BMA Q . 4.56 -29.99 -30.72
C6 BMA Q . 4.20 -28.52 -30.85
O2 BMA Q . 2.52 -32.65 -31.55
O3 BMA Q . 4.82 -32.87 -33.14
O4 BMA Q . 5.68 -30.15 -32.86
O5 BMA Q . 3.61 -30.64 -29.91
O6 BMA Q . 3.06 -28.49 -31.68
C1 MAN Q . 2.73 -27.12 -31.97
C2 MAN Q . 1.35 -27.12 -32.62
C3 MAN Q . 1.39 -27.74 -34.02
C4 MAN Q . 2.48 -27.11 -34.87
C5 MAN Q . 3.81 -27.12 -34.12
C6 MAN Q . 4.84 -26.32 -34.87
O2 MAN Q . 0.93 -25.78 -32.67
O3 MAN Q . 0.11 -27.50 -34.57
O4 MAN Q . 2.60 -27.87 -36.06
O5 MAN Q . 3.66 -26.54 -32.84
O6 MAN Q . 5.96 -26.15 -34.05
C1 MAN Q . -0.33 -28.66 -35.28
C2 MAN Q . -1.32 -28.18 -36.33
C3 MAN Q . -2.51 -27.56 -35.62
C4 MAN Q . -3.15 -28.62 -34.73
C5 MAN Q . -2.10 -29.09 -33.73
C6 MAN Q . -2.61 -30.24 -32.89
O2 MAN Q . -1.71 -29.32 -37.04
O3 MAN Q . -3.38 -27.08 -36.61
O4 MAN Q . -4.24 -28.01 -34.08
O5 MAN Q . -0.95 -29.56 -34.42
O6 MAN Q . -1.57 -30.68 -32.05
C1 MAN Q . -0.94 -29.37 -38.26
C2 MAN Q . -1.88 -29.77 -39.40
C3 MAN Q . -2.35 -31.20 -39.19
C4 MAN Q . -1.13 -32.11 -39.12
C5 MAN Q . -0.29 -31.65 -37.94
C6 MAN Q . 0.97 -32.47 -37.77
O2 MAN Q . -1.16 -29.62 -40.58
O3 MAN Q . -3.21 -31.53 -40.26
O4 MAN Q . -1.60 -33.43 -38.97
O5 MAN Q . 0.10 -30.31 -38.13
O6 MAN Q . 1.65 -32.01 -36.64
C1 MAN Q . 7.13 -26.51 -34.82
C2 MAN Q . 7.94 -27.50 -33.98
C3 MAN Q . 8.41 -26.82 -32.70
C4 MAN Q . 9.24 -25.59 -33.08
C5 MAN Q . 8.37 -24.66 -33.93
C6 MAN Q . 9.13 -23.45 -34.41
O2 MAN Q . 9.02 -27.92 -34.78
O3 MAN Q . 9.15 -27.76 -31.97
O4 MAN Q . 9.66 -24.97 -31.89
O5 MAN Q . 7.90 -25.36 -35.08
O6 MAN Q . 10.44 -23.48 -33.90
C1 MAN Q . 5.38 -34.19 -32.97
C2 MAN Q . 6.45 -34.38 -34.04
C3 MAN Q . 5.81 -34.39 -35.43
C4 MAN Q . 4.59 -35.30 -35.51
C5 MAN Q . 3.66 -35.08 -34.32
C6 MAN Q . 2.59 -36.15 -34.27
O2 MAN Q . 7.11 -35.59 -33.77
O3 MAN Q . 6.82 -34.81 -36.32
O4 MAN Q . 3.93 -35.00 -36.72
O5 MAN Q . 4.40 -35.17 -33.12
O6 MAN Q . 1.91 -36.08 -33.04
C1 NAG R . -2.24 0.35 -46.53
C2 NAG R . -0.79 0.61 -47.01
C3 NAG R . -0.80 0.94 -48.49
C4 NAG R . -1.48 -0.19 -49.25
C5 NAG R . -2.90 -0.39 -48.70
C6 NAG R . -3.61 -1.55 -49.35
C7 NAG R . -0.61 2.91 -45.99
C8 NAG R . 0.37 3.78 -45.25
N2 NAG R . -0.13 1.69 -46.31
O3 NAG R . 0.52 1.11 -48.91
O4 NAG R . -1.50 0.16 -50.62
O5 NAG R . -2.81 -0.66 -47.31
O6 NAG R . -2.94 -2.73 -49.05
O7 NAG R . -1.72 3.33 -46.27
CU CU S . 26.46 11.07 -12.19
#